data_7OGU
#
_entry.id   7OGU
#
_cell.length_a   93.962
_cell.length_b   169.894
_cell.length_c   143.547
_cell.angle_alpha   90.000
_cell.angle_beta   96.744
_cell.angle_gamma   90.000
#
_symmetry.space_group_name_H-M   'P 1 21 1'
#
loop_
_entity.id
_entity.type
_entity.pdbx_description
1 polymer 'Receptor-like protein kinase HSL1'
2 polymer 'Somatic embryogenesis receptor kinase 1'
3 polymer 'CLAVATA3/ESR (CLE)-related protein 9'
4 branched 2-acetamido-2-deoxy-beta-D-glucopyranose-(1-4)-2-acetamido-2-deoxy-beta-D-glucopyranose
5 branched alpha-D-mannopyranose-(1-3)-beta-D-mannopyranose-(1-4)-2-acetamido-2-deoxy-beta-D-glucopyranose-(1-4)-2-acetamido-2-deoxy-beta-D-glucopyranose
6 branched 2-acetamido-2-deoxy-beta-D-glucopyranose-(1-4)-[alpha-L-fucopyranose-(1-6)]2-acetamido-2-deoxy-beta-D-glucopyranose
7 branched beta-D-mannopyranose-(1-4)-2-acetamido-2-deoxy-beta-D-glucopyranose-(1-4)-2-acetamido-2-deoxy-beta-D-glucopyranose
8 branched beta-D-mannopyranose-(1-4)-2-acetamido-2-deoxy-beta-D-glucopyranose-(1-4)-[alpha-L-fucopyranose-(1-6)]2-acetamido-2-deoxy-beta-D-glucopyranose
9 branched alpha-L-fucopyranose-(1-6)-2-acetamido-2-deoxy-beta-D-glucopyranose
10 non-polymer alpha-D-mannopyranose
11 non-polymer 2-acetamido-2-deoxy-beta-D-glucopyranose
12 non-polymer 'SODIUM ION'
13 water water
#
loop_
_entity_poly.entity_id
_entity_poly.type
_entity_poly.pdbx_seq_one_letter_code
_entity_poly.pdbx_strand_id
1 'polypeptide(L)'
;GSSMDNQDGFILQQVKLSLDDPDSYLSSWNSNDASPCRWSGVSCAGDFSSVTSVDLSSANLAGPFPSVICRLSNLAHLSL
YNNSINSTLPLNIAACKSLQTLDLSQNLLTGELPQTLADIPTLVHLDLTGNNFSGDIPASFGKFENLEVLSLVYNLLDGT
IPPFLGNISTLKMLNLSYNPFSPSRIPPEFGNLTNLEVMWLTECHLVGQIPDSLGQLSKLVDLDLALNDLVGHIPPSLGG
LTNVVQIELYNNSLTGEIPPELGNLKSLRLLDASMNQLTGKIPDELCRVPLESLNLYENNLEGELPASIALSPNLYEIRI
FGNRLTGGLPKDLGLNSPLRWLDVSENEFSGDLPADLCAKGELEELLIIHNSFSGVIPESLADCRSLTRIRLAYNRFSGS
VPTGFWGLPHVNLLELVNNSFSGEISKSIGGASNLSLLILSNNEFTGSLPEEIGSLDNLNQLSASGNKFSGSLPDSLMSL
GELGTLDLHGNQFSGELTSGIKSWKKLNELNLADNEFTGKIPDEIGSLSVLNYLDLSGNMFSGKIPVSLQSLKLNQLNLS
YNRLSGDLPPSLAKDMYKNSFIGNPGLCGDIKGLCGSENEAKKRGYVLEGSENLYFQ
;
AAA,DDD,GGG,JJJ
2 'polypeptide(L)'
;GSSMASANLEGDALHTLRVTLVDPNNVLQSWDPTLVNPCTWFHVTCNNENSVIRVDLGNAELSGHLVPELGVLKNLQYLE
LYSNNITGPIPSNLGNLTNLVSLDLYLNSFSGPIPESLGKLSKLRFLRLNNNSLTGSIPMSLTNITTLQVLDLSNNRLSG
SVPDNGSFSLFTPISFANNLDLCGPVTSHPCPLEGSLENLYFQ
;
BBB,EEE,HHH,KKK
3 'polypeptide(L)' RLV(HYP)SG(HYP)NPLHN CCC,FFF,III,LLL
#
# COMPACT_ATOMS: atom_id res chain seq x y z
N SER A 2 -45.87 29.34 -66.87
CA SER A 2 -45.63 27.98 -66.28
C SER A 2 -44.32 27.38 -66.79
N SER A 3 -43.88 27.78 -68.00
CA SER A 3 -42.60 27.36 -68.63
C SER A 3 -41.41 27.84 -67.78
N MET A 4 -41.58 28.93 -67.01
CA MET A 4 -40.53 29.53 -66.15
C MET A 4 -40.67 29.03 -64.69
N ASP A 5 -41.58 28.09 -64.41
CA ASP A 5 -41.78 27.48 -63.07
C ASP A 5 -40.60 26.53 -62.79
N ASN A 6 -40.18 26.41 -61.51
CA ASN A 6 -39.00 25.60 -61.10
C ASN A 6 -39.38 24.71 -59.92
N GLN A 7 -38.66 23.61 -59.73
CA GLN A 7 -38.81 22.69 -58.58
C GLN A 7 -37.59 22.80 -57.68
N ASP A 8 -36.94 23.97 -57.66
CA ASP A 8 -35.57 24.12 -57.08
C ASP A 8 -35.60 23.75 -55.59
N GLY A 9 -36.65 24.13 -54.86
CA GLY A 9 -36.81 23.80 -53.43
C GLY A 9 -36.83 22.29 -53.22
N PHE A 10 -37.57 21.57 -54.05
CA PHE A 10 -37.67 20.09 -54.00
C PHE A 10 -36.28 19.49 -54.24
N ILE A 11 -35.57 20.02 -55.24
CA ILE A 11 -34.24 19.48 -55.65
C ILE A 11 -33.29 19.63 -54.46
N LEU A 12 -33.28 20.80 -53.82
CA LEU A 12 -32.36 21.09 -52.68
C LEU A 12 -32.74 20.25 -51.47
N GLN A 13 -34.02 20.01 -51.25
CA GLN A 13 -34.50 19.13 -50.16
C GLN A 13 -33.96 17.72 -50.41
N GLN A 14 -33.97 17.26 -51.66
CA GLN A 14 -33.39 15.95 -52.06
C GLN A 14 -31.89 15.94 -51.76
N VAL A 15 -31.19 17.04 -52.03
CA VAL A 15 -29.73 17.17 -51.72
C VAL A 15 -29.53 17.00 -50.21
N LYS A 16 -30.38 17.64 -49.40
CA LYS A 16 -30.29 17.62 -47.92
C LYS A 16 -30.44 16.17 -47.43
N LEU A 17 -31.41 15.44 -47.96
CA LEU A 17 -31.69 14.03 -47.60
C LEU A 17 -30.47 13.16 -47.94
N SER A 18 -29.83 13.40 -49.09
CA SER A 18 -28.66 12.62 -49.60
C SER A 18 -27.48 12.73 -48.64
N LEU A 19 -27.26 13.91 -48.05
CA LEU A 19 -26.07 14.15 -47.20
C LEU A 19 -26.46 14.04 -45.73
N ASP A 20 -25.49 13.67 -44.90
CA ASP A 20 -25.61 13.62 -43.42
C ASP A 20 -25.22 14.98 -42.86
N ASP A 21 -26.05 15.52 -41.96
CA ASP A 21 -25.89 16.88 -41.38
C ASP A 21 -25.93 16.80 -39.87
N PRO A 22 -24.87 16.25 -39.24
CA PRO A 22 -24.81 16.07 -37.79
C PRO A 22 -24.98 17.42 -37.06
N ASP A 23 -24.35 18.48 -37.58
CA ASP A 23 -24.29 19.79 -36.89
C ASP A 23 -25.44 20.68 -37.38
N SER A 24 -26.44 20.10 -38.05
CA SER A 24 -27.73 20.75 -38.40
C SER A 24 -27.49 22.10 -39.09
N TYR A 25 -26.59 22.14 -40.08
CA TYR A 25 -26.28 23.36 -40.87
C TYR A 25 -27.37 23.63 -41.93
N LEU A 26 -28.23 22.66 -42.20
CA LEU A 26 -29.28 22.80 -43.24
C LEU A 26 -30.66 22.90 -42.57
N SER A 27 -30.71 23.36 -41.33
CA SER A 27 -31.98 23.53 -40.57
C SER A 27 -32.81 24.66 -41.20
N SER A 28 -32.17 25.71 -41.73
CA SER A 28 -32.85 26.82 -42.44
C SER A 28 -33.66 26.29 -43.62
N TRP A 29 -33.30 25.12 -44.13
CA TRP A 29 -33.93 24.51 -45.34
C TRP A 29 -35.29 23.94 -44.96
N ASN A 30 -36.31 24.79 -44.88
CA ASN A 30 -37.66 24.40 -44.41
C ASN A 30 -38.49 23.94 -45.60
N SER A 31 -38.91 22.67 -45.62
CA SER A 31 -39.72 22.11 -46.73
C SER A 31 -40.93 22.99 -46.97
N ASN A 32 -41.54 23.50 -45.90
CA ASN A 32 -42.79 24.31 -45.97
C ASN A 32 -42.50 25.57 -46.80
N ASP A 33 -41.29 26.13 -46.70
CA ASP A 33 -40.92 27.39 -47.39
C ASP A 33 -41.17 27.19 -48.90
N ALA A 34 -41.88 28.13 -49.51
CA ALA A 34 -42.25 28.12 -50.95
C ALA A 34 -40.97 28.22 -51.80
N SER A 35 -40.08 29.15 -51.45
CA SER A 35 -38.86 29.45 -52.23
C SER A 35 -37.63 29.05 -51.42
N PRO A 36 -36.61 28.44 -52.05
CA PRO A 36 -35.37 28.11 -51.37
C PRO A 36 -34.41 29.29 -51.30
N CYS A 37 -34.79 30.42 -51.88
CA CYS A 37 -33.89 31.57 -52.14
C CYS A 37 -33.30 32.15 -50.85
N ARG A 38 -34.04 32.10 -49.73
CA ARG A 38 -33.61 32.70 -48.43
C ARG A 38 -32.96 31.64 -47.52
N TRP A 39 -32.92 30.39 -47.97
CA TRP A 39 -32.25 29.27 -47.25
C TRP A 39 -30.75 29.58 -47.13
N SER A 40 -30.10 29.07 -46.09
CA SER A 40 -28.66 29.28 -45.82
C SER A 40 -27.82 28.66 -46.94
N GLY A 41 -26.90 29.43 -47.52
CA GLY A 41 -25.99 28.97 -48.57
C GLY A 41 -26.62 29.01 -49.95
N VAL A 42 -27.91 29.36 -50.04
CA VAL A 42 -28.65 29.37 -51.33
C VAL A 42 -28.82 30.81 -51.80
N SER A 43 -28.43 31.09 -53.04
CA SER A 43 -28.59 32.41 -53.68
C SER A 43 -29.37 32.22 -54.98
N CYS A 44 -30.51 32.88 -55.10
CA CYS A 44 -31.27 33.01 -56.36
C CYS A 44 -31.05 34.44 -56.86
N ALA A 45 -30.17 34.67 -57.83
CA ALA A 45 -29.76 36.02 -58.27
C ALA A 45 -30.63 36.52 -59.44
N GLY A 46 -31.48 35.65 -59.98
CA GLY A 46 -32.26 35.91 -61.21
C GLY A 46 -33.64 36.46 -60.91
N ASP A 47 -34.36 36.91 -61.95
CA ASP A 47 -35.74 37.47 -61.88
C ASP A 47 -36.64 36.48 -61.14
N PHE A 48 -36.67 35.21 -61.58
CA PHE A 48 -37.50 34.13 -61.01
C PHE A 48 -36.86 33.59 -59.72
N SER A 49 -37.43 32.52 -59.17
CA SER A 49 -37.00 31.92 -57.88
C SER A 49 -36.05 30.77 -58.19
N SER A 50 -35.09 31.02 -59.08
CA SER A 50 -34.15 29.99 -59.60
C SER A 50 -32.85 30.11 -58.83
N VAL A 51 -32.38 29.00 -58.25
CA VAL A 51 -31.10 28.96 -57.49
C VAL A 51 -29.97 29.12 -58.52
N THR A 52 -29.03 30.02 -58.24
CA THR A 52 -27.88 30.31 -59.12
C THR A 52 -26.57 29.92 -58.43
N SER A 53 -26.53 29.97 -57.10
CA SER A 53 -25.33 29.61 -56.31
C SER A 53 -25.72 28.82 -55.06
N VAL A 54 -24.97 27.76 -54.76
CA VAL A 54 -25.11 26.99 -53.48
C VAL A 54 -23.71 26.86 -52.86
N ASP A 55 -23.53 27.43 -51.68
CA ASP A 55 -22.27 27.32 -50.89
C ASP A 55 -22.58 26.63 -49.57
N LEU A 56 -22.15 25.37 -49.45
CA LEU A 56 -22.34 24.55 -48.24
C LEU A 56 -20.96 24.27 -47.62
N SER A 57 -20.05 25.23 -47.73
CA SER A 57 -18.66 25.09 -47.24
C SER A 57 -18.68 24.97 -45.71
N SER A 58 -17.84 24.10 -45.16
CA SER A 58 -17.57 23.97 -43.71
C SER A 58 -18.87 23.68 -42.94
N ALA A 59 -19.69 22.74 -43.41
CA ALA A 59 -21.00 22.42 -42.79
C ALA A 59 -20.99 21.00 -42.22
N ASN A 60 -19.82 20.36 -42.19
CA ASN A 60 -19.67 18.98 -41.66
C ASN A 60 -20.70 18.07 -42.36
N LEU A 61 -20.91 18.28 -43.66
CA LEU A 61 -21.85 17.44 -44.46
C LEU A 61 -21.11 16.23 -44.98
N ALA A 62 -21.68 15.04 -44.81
CA ALA A 62 -21.05 13.76 -45.17
C ALA A 62 -21.95 12.98 -46.11
N GLY A 63 -21.35 12.34 -47.11
CA GLY A 63 -22.08 11.52 -48.09
C GLY A 63 -21.51 11.71 -49.48
N PRO A 64 -22.05 10.99 -50.49
CA PRO A 64 -21.58 11.13 -51.86
C PRO A 64 -22.06 12.46 -52.47
N PHE A 65 -21.47 12.87 -53.58
CA PHE A 65 -21.87 14.11 -54.30
C PHE A 65 -23.34 14.01 -54.69
N PRO A 66 -24.17 15.02 -54.36
CA PRO A 66 -25.59 15.01 -54.73
C PRO A 66 -25.86 15.36 -56.20
N SER A 67 -25.89 14.36 -57.08
CA SER A 67 -26.09 14.52 -58.54
C SER A 67 -27.48 15.10 -58.85
N VAL A 68 -28.41 15.06 -57.87
CA VAL A 68 -29.76 15.68 -58.01
C VAL A 68 -29.59 17.19 -58.20
N ILE A 69 -28.56 17.79 -57.59
CA ILE A 69 -28.34 19.26 -57.61
C ILE A 69 -28.23 19.74 -59.06
N CYS A 70 -27.78 18.88 -59.98
CA CYS A 70 -27.62 19.19 -61.41
C CYS A 70 -28.97 19.51 -62.05
N ARG A 71 -30.07 19.12 -61.39
CA ARG A 71 -31.46 19.44 -61.85
C ARG A 71 -31.80 20.90 -61.56
N LEU A 72 -31.00 21.60 -60.74
CA LEU A 72 -31.07 23.08 -60.64
C LEU A 72 -30.52 23.63 -61.96
N SER A 73 -31.40 24.09 -62.84
CA SER A 73 -31.07 24.44 -64.24
C SER A 73 -30.12 25.63 -64.31
N ASN A 74 -30.25 26.60 -63.41
CA ASN A 74 -29.49 27.88 -63.49
C ASN A 74 -28.39 27.93 -62.42
N LEU A 75 -28.05 26.80 -61.79
CA LEU A 75 -26.89 26.74 -60.86
C LEU A 75 -25.61 27.00 -61.64
N ALA A 76 -24.87 28.03 -61.26
CA ALA A 76 -23.59 28.43 -61.90
C ALA A 76 -22.44 28.28 -60.91
N HIS A 77 -22.72 28.26 -59.61
CA HIS A 77 -21.66 28.22 -58.56
C HIS A 77 -22.01 27.17 -57.51
N LEU A 78 -21.15 26.18 -57.30
CA LEU A 78 -21.33 25.17 -56.23
C LEU A 78 -20.04 25.05 -55.43
N SER A 79 -20.11 25.27 -54.12
CA SER A 79 -18.98 25.02 -53.18
C SER A 79 -19.42 24.03 -52.11
N LEU A 80 -18.67 22.94 -52.00
CA LEU A 80 -18.83 21.94 -50.92
C LEU A 80 -17.51 21.86 -50.16
N TYR A 81 -16.80 22.99 -50.08
CA TYR A 81 -15.45 23.07 -49.48
C TYR A 81 -15.51 22.60 -48.02
N ASN A 82 -14.47 21.90 -47.55
CA ASN A 82 -14.30 21.57 -46.12
C ASN A 82 -15.50 20.77 -45.61
N ASN A 83 -15.92 19.76 -46.35
CA ASN A 83 -17.00 18.83 -45.93
C ASN A 83 -16.44 17.42 -46.01
N SER A 84 -17.26 16.41 -45.75
CA SER A 84 -16.86 14.97 -45.75
C SER A 84 -17.54 14.25 -46.92
N ILE A 85 -17.67 14.91 -48.07
CA ILE A 85 -18.16 14.25 -49.32
C ILE A 85 -17.24 13.09 -49.65
N ASN A 86 -17.79 11.89 -49.84
CA ASN A 86 -17.01 10.65 -50.02
C ASN A 86 -17.43 9.97 -51.32
N SER A 87 -16.78 8.85 -51.63
CA SER A 87 -17.04 8.01 -52.82
C SER A 87 -16.48 8.68 -54.07
N THR A 88 -16.70 8.08 -55.24
CA THR A 88 -16.21 8.59 -56.54
C THR A 88 -17.03 9.84 -56.93
N LEU A 89 -16.44 10.75 -57.70
CA LEU A 89 -17.19 11.86 -58.32
C LEU A 89 -17.99 11.28 -59.48
N PRO A 90 -19.33 11.43 -59.49
CA PRO A 90 -20.15 10.78 -60.51
C PRO A 90 -19.92 11.40 -61.89
N LEU A 91 -19.98 10.57 -62.94
CA LEU A 91 -19.82 11.02 -64.34
C LEU A 91 -21.03 11.85 -64.75
N ASN A 92 -22.13 11.72 -64.00
CA ASN A 92 -23.41 12.43 -64.31
C ASN A 92 -23.31 13.89 -63.81
N ILE A 93 -22.15 14.30 -63.27
CA ILE A 93 -21.93 15.70 -62.82
C ILE A 93 -22.02 16.63 -64.04
N ALA A 94 -21.76 16.09 -65.24
CA ALA A 94 -21.85 16.82 -66.53
C ALA A 94 -23.25 17.43 -66.74
N ALA A 95 -24.27 16.83 -66.12
CA ALA A 95 -25.66 17.34 -66.15
C ALA A 95 -25.72 18.77 -65.59
N CYS A 96 -24.79 19.16 -64.74
CA CYS A 96 -24.67 20.54 -64.20
C CYS A 96 -24.07 21.43 -65.30
N LYS A 97 -24.78 21.59 -66.41
CA LYS A 97 -24.24 22.17 -67.67
C LYS A 97 -24.09 23.69 -67.56
N SER A 98 -24.64 24.30 -66.50
CA SER A 98 -24.61 25.77 -66.31
C SER A 98 -23.55 26.16 -65.28
N LEU A 99 -22.88 25.19 -64.65
CA LEU A 99 -21.84 25.43 -63.61
C LEU A 99 -20.66 26.20 -64.19
N GLN A 100 -20.30 27.32 -63.55
CA GLN A 100 -19.09 28.10 -63.87
C GLN A 100 -18.04 27.83 -62.81
N THR A 101 -18.47 27.63 -61.57
CA THR A 101 -17.57 27.39 -60.42
C THR A 101 -17.92 26.07 -59.72
N LEU A 102 -16.94 25.19 -59.54
CA LEU A 102 -17.09 23.95 -58.75
C LEU A 102 -15.95 23.86 -57.74
N ASP A 103 -16.25 24.07 -56.46
CA ASP A 103 -15.27 23.88 -55.36
C ASP A 103 -15.68 22.64 -54.56
N LEU A 104 -14.95 21.54 -54.74
CA LEU A 104 -15.16 20.29 -53.98
C LEU A 104 -13.90 20.03 -53.18
N SER A 105 -13.16 21.09 -52.84
CA SER A 105 -11.83 20.99 -52.18
C SER A 105 -12.02 20.60 -50.72
N GLN A 106 -10.98 19.98 -50.13
CA GLN A 106 -10.94 19.58 -48.71
C GLN A 106 -12.15 18.69 -48.40
N ASN A 107 -12.35 17.66 -49.22
CA ASN A 107 -13.39 16.63 -49.02
C ASN A 107 -12.69 15.28 -49.07
N LEU A 108 -13.43 14.17 -49.01
CA LEU A 108 -12.84 12.81 -48.95
C LEU A 108 -13.12 12.06 -50.26
N LEU A 109 -13.30 12.79 -51.37
CA LEU A 109 -13.61 12.16 -52.69
C LEU A 109 -12.40 11.32 -53.14
N THR A 110 -12.67 10.16 -53.72
CA THR A 110 -11.63 9.16 -54.07
C THR A 110 -11.89 8.63 -55.49
N GLY A 111 -10.90 7.95 -56.07
CA GLY A 111 -11.01 7.27 -57.37
C GLY A 111 -10.50 8.13 -58.51
N GLU A 112 -10.80 7.73 -59.73
CA GLU A 112 -10.31 8.42 -60.96
C GLU A 112 -11.15 9.68 -61.17
N LEU A 113 -10.55 10.71 -61.75
CA LEU A 113 -11.28 11.96 -62.08
C LEU A 113 -12.32 11.63 -63.15
N PRO A 114 -13.57 12.11 -63.00
CA PRO A 114 -14.56 11.97 -64.05
C PRO A 114 -14.13 12.77 -65.29
N GLN A 115 -14.17 12.14 -66.46
CA GLN A 115 -13.79 12.79 -67.73
C GLN A 115 -14.90 13.76 -68.15
N THR A 116 -16.11 13.50 -67.66
CA THR A 116 -17.34 14.24 -68.03
C THR A 116 -17.29 15.68 -67.51
N LEU A 117 -16.32 16.00 -66.65
CA LEU A 117 -16.13 17.38 -66.14
C LEU A 117 -15.87 18.34 -67.31
N ALA A 118 -15.13 17.88 -68.32
CA ALA A 118 -14.78 18.68 -69.52
C ALA A 118 -16.02 18.88 -70.41
N ASP A 119 -17.05 18.05 -70.20
CA ASP A 119 -18.33 18.11 -70.95
C ASP A 119 -19.22 19.20 -70.34
N ILE A 120 -18.79 19.85 -69.26
CA ILE A 120 -19.46 21.06 -68.74
C ILE A 120 -18.84 22.25 -69.46
N PRO A 121 -19.55 22.87 -70.44
CA PRO A 121 -18.98 23.94 -71.27
C PRO A 121 -18.72 25.25 -70.52
N THR A 122 -19.55 25.57 -69.54
CA THR A 122 -19.56 26.84 -68.77
C THR A 122 -18.46 26.88 -67.70
N LEU A 123 -17.79 25.76 -67.40
CA LEU A 123 -16.88 25.68 -66.22
C LEU A 123 -15.71 26.64 -66.41
N VAL A 124 -15.45 27.48 -65.41
CA VAL A 124 -14.35 28.46 -65.39
C VAL A 124 -13.35 28.06 -64.31
N HIS A 125 -13.85 27.58 -63.17
CA HIS A 125 -13.06 27.31 -61.95
C HIS A 125 -13.30 25.87 -61.50
N LEU A 126 -12.27 25.03 -61.46
CA LEU A 126 -12.38 23.68 -60.86
C LEU A 126 -11.32 23.56 -59.77
N ASP A 127 -11.77 23.42 -58.52
CA ASP A 127 -10.89 23.15 -57.36
C ASP A 127 -11.29 21.81 -56.78
N LEU A 128 -10.41 20.81 -56.93
CA LEU A 128 -10.59 19.46 -56.35
C LEU A 128 -9.43 19.19 -55.38
N THR A 129 -8.88 20.24 -54.75
CA THR A 129 -7.70 20.15 -53.86
C THR A 129 -8.08 19.39 -52.59
N GLY A 130 -7.10 18.74 -51.94
CA GLY A 130 -7.30 18.06 -50.65
C GLY A 130 -8.31 16.95 -50.76
N ASN A 131 -8.21 16.14 -51.82
CA ASN A 131 -9.06 14.94 -52.01
C ASN A 131 -8.10 13.79 -52.30
N ASN A 132 -8.61 12.59 -52.51
CA ASN A 132 -7.77 11.37 -52.72
C ASN A 132 -7.97 10.86 -54.15
N PHE A 133 -8.19 11.76 -55.10
CA PHE A 133 -8.32 11.39 -56.53
C PHE A 133 -7.03 10.71 -56.96
N SER A 134 -7.14 9.70 -57.80
CA SER A 134 -6.00 8.83 -58.21
C SER A 134 -6.06 8.61 -59.71
N GLY A 135 -4.98 8.07 -60.27
CA GLY A 135 -4.93 7.62 -61.67
C GLY A 135 -4.42 8.71 -62.58
N ASP A 136 -4.71 8.57 -63.87
CA ASP A 136 -4.29 9.55 -64.90
C ASP A 136 -5.29 10.70 -64.92
N ILE A 137 -4.79 11.91 -65.19
CA ILE A 137 -5.67 13.06 -65.52
C ILE A 137 -6.34 12.72 -66.85
N PRO A 138 -7.68 12.74 -66.93
CA PRO A 138 -8.41 12.35 -68.14
C PRO A 138 -8.04 13.22 -69.34
N ALA A 139 -8.01 12.64 -70.55
CA ALA A 139 -7.63 13.32 -71.80
C ALA A 139 -8.70 14.33 -72.21
N SER A 140 -9.91 14.17 -71.69
CA SER A 140 -11.04 15.11 -71.87
C SER A 140 -10.61 16.49 -71.38
N PHE A 141 -9.68 16.55 -70.42
CA PHE A 141 -9.27 17.80 -69.73
C PHE A 141 -8.58 18.75 -70.72
N GLY A 142 -8.00 18.23 -71.81
CA GLY A 142 -7.45 19.05 -72.91
C GLY A 142 -8.54 19.79 -73.68
N LYS A 143 -9.79 19.35 -73.59
CA LYS A 143 -10.92 19.91 -74.40
C LYS A 143 -11.77 20.88 -73.57
N PHE A 144 -11.33 21.28 -72.39
CA PHE A 144 -12.03 22.32 -71.58
C PHE A 144 -12.14 23.59 -72.44
N GLU A 145 -13.34 24.16 -72.52
CA GLU A 145 -13.66 25.26 -73.46
C GLU A 145 -13.39 26.63 -72.85
N ASN A 146 -13.66 26.77 -71.55
CA ASN A 146 -13.68 28.10 -70.88
C ASN A 146 -12.99 28.08 -69.52
N LEU A 147 -12.30 27.00 -69.17
CA LEU A 147 -11.71 26.85 -67.81
C LEU A 147 -10.51 27.79 -67.68
N GLU A 148 -10.46 28.51 -66.57
CA GLU A 148 -9.35 29.45 -66.27
C GLU A 148 -8.51 28.91 -65.11
N VAL A 149 -9.11 28.12 -64.22
CA VAL A 149 -8.43 27.59 -63.01
C VAL A 149 -8.60 26.07 -62.97
N LEU A 150 -7.50 25.32 -62.92
CA LEU A 150 -7.52 23.87 -62.66
C LEU A 150 -6.66 23.60 -61.44
N SER A 151 -7.27 23.25 -60.31
CA SER A 151 -6.51 22.89 -59.09
C SER A 151 -6.77 21.42 -58.75
N LEU A 152 -5.72 20.60 -58.84
CA LEU A 152 -5.75 19.18 -58.47
C LEU A 152 -4.68 18.94 -57.40
N VAL A 153 -4.43 19.95 -56.57
CA VAL A 153 -3.33 19.96 -55.57
C VAL A 153 -3.70 18.98 -54.45
N TYR A 154 -2.68 18.38 -53.83
CA TYR A 154 -2.82 17.48 -52.67
C TYR A 154 -3.88 16.42 -52.95
N ASN A 155 -3.74 15.76 -54.11
CA ASN A 155 -4.53 14.55 -54.45
C ASN A 155 -3.53 13.41 -54.58
N LEU A 156 -3.96 12.25 -55.07
CA LEU A 156 -3.10 11.05 -55.12
C LEU A 156 -2.85 10.64 -56.57
N LEU A 157 -2.81 11.60 -57.50
CA LEU A 157 -2.67 11.30 -58.94
C LEU A 157 -1.31 10.68 -59.21
N ASP A 158 -1.28 9.51 -59.86
CA ASP A 158 -0.08 8.66 -60.00
C ASP A 158 0.41 8.65 -61.46
N GLY A 159 -0.25 9.43 -62.33
CA GLY A 159 0.06 9.46 -63.77
C GLY A 159 1.22 10.40 -64.09
N THR A 160 1.56 10.48 -65.36
CA THR A 160 2.56 11.44 -65.88
C THR A 160 1.83 12.76 -66.05
N ILE A 161 2.53 13.88 -65.91
CA ILE A 161 1.93 15.23 -66.13
C ILE A 161 1.52 15.27 -67.61
N PRO A 162 0.23 15.52 -67.94
CA PRO A 162 -0.24 15.43 -69.32
C PRO A 162 0.06 16.63 -70.21
N PRO A 163 0.66 16.42 -71.41
CA PRO A 163 0.92 17.51 -72.35
C PRO A 163 -0.33 18.19 -72.92
N PHE A 164 -1.46 17.50 -72.93
CA PHE A 164 -2.74 18.01 -73.49
C PHE A 164 -3.30 19.13 -72.61
N LEU A 165 -2.83 19.25 -71.37
CA LEU A 165 -3.29 20.33 -70.47
C LEU A 165 -2.80 21.68 -70.98
N GLY A 166 -1.75 21.70 -71.82
CA GLY A 166 -1.24 22.93 -72.47
C GLY A 166 -2.20 23.46 -73.52
N ASN A 167 -3.22 22.67 -73.88
CA ASN A 167 -4.20 22.98 -74.96
C ASN A 167 -5.37 23.78 -74.40
N ILE A 168 -5.42 24.03 -73.08
CA ILE A 168 -6.49 24.88 -72.49
C ILE A 168 -6.04 26.33 -72.59
N SER A 169 -6.37 27.00 -73.69
CA SER A 169 -5.96 28.39 -74.02
C SER A 169 -6.46 29.37 -72.95
N THR A 170 -7.67 29.14 -72.45
CA THR A 170 -8.34 30.01 -71.46
C THR A 170 -7.68 29.90 -70.08
N LEU A 171 -6.86 28.88 -69.83
CA LEU A 171 -6.29 28.60 -68.49
C LEU A 171 -5.39 29.76 -68.04
N LYS A 172 -5.61 30.21 -66.80
CA LYS A 172 -4.85 31.28 -66.13
C LYS A 172 -4.04 30.71 -64.97
N MET A 173 -4.51 29.61 -64.38
CA MET A 173 -3.79 28.96 -63.26
C MET A 173 -3.77 27.44 -63.45
N LEU A 174 -2.58 26.83 -63.49
CA LEU A 174 -2.41 25.36 -63.48
C LEU A 174 -1.75 24.96 -62.17
N ASN A 175 -2.55 24.42 -61.24
CA ASN A 175 -2.12 24.07 -59.88
C ASN A 175 -2.22 22.56 -59.72
N LEU A 176 -1.10 21.86 -59.85
CA LEU A 176 -1.05 20.37 -59.80
C LEU A 176 -0.08 19.93 -58.70
N SER A 177 0.21 20.79 -57.74
CA SER A 177 1.27 20.60 -56.73
C SER A 177 0.95 19.45 -55.77
N TYR A 178 2.00 18.91 -55.14
CA TYR A 178 1.91 17.91 -54.03
C TYR A 178 1.05 16.73 -54.50
N ASN A 179 1.37 16.17 -55.66
CA ASN A 179 0.71 14.96 -56.20
C ASN A 179 1.78 13.92 -56.48
N PRO A 180 1.51 12.63 -56.17
CA PRO A 180 2.49 11.56 -56.35
C PRO A 180 2.58 11.09 -57.82
N PHE A 181 2.93 11.99 -58.73
CA PHE A 181 2.93 11.71 -60.19
C PHE A 181 4.09 10.77 -60.53
N SER A 182 3.91 9.99 -61.59
CA SER A 182 5.01 9.23 -62.21
C SER A 182 6.06 10.26 -62.61
N PRO A 183 7.36 9.96 -62.41
CA PRO A 183 8.41 10.90 -62.79
C PRO A 183 8.13 11.35 -64.23
N SER A 184 7.96 12.65 -64.43
CA SER A 184 7.52 13.24 -65.73
C SER A 184 8.30 14.51 -66.03
N ARG A 185 8.58 14.75 -67.31
CA ARG A 185 9.22 16.00 -67.78
C ARG A 185 8.14 17.06 -67.92
N ILE A 186 8.52 18.33 -67.75
CA ILE A 186 7.56 19.46 -67.93
C ILE A 186 7.22 19.47 -69.41
N PRO A 187 5.93 19.27 -69.77
CA PRO A 187 5.51 19.26 -71.17
C PRO A 187 5.92 20.58 -71.82
N PRO A 188 6.63 20.56 -72.96
CA PRO A 188 6.98 21.79 -73.68
C PRO A 188 5.72 22.52 -74.19
N GLU A 189 4.62 21.79 -74.34
CA GLU A 189 3.34 22.33 -74.85
C GLU A 189 2.69 23.24 -73.80
N PHE A 190 3.20 23.23 -72.57
CA PHE A 190 2.74 24.13 -71.48
C PHE A 190 3.11 25.57 -71.80
N GLY A 191 4.07 25.77 -72.71
CA GLY A 191 4.51 27.09 -73.20
C GLY A 191 3.44 27.78 -74.01
N ASN A 192 2.41 27.05 -74.41
CA ASN A 192 1.34 27.53 -75.32
C ASN A 192 0.16 28.03 -74.47
N LEU A 193 0.24 27.93 -73.14
CA LEU A 193 -0.81 28.48 -72.24
C LEU A 193 -0.61 29.99 -72.15
N THR A 194 -1.02 30.73 -73.17
CA THR A 194 -0.66 32.16 -73.34
C THR A 194 -1.23 33.01 -72.21
N ASN A 195 -2.40 32.66 -71.67
CA ASN A 195 -3.10 33.50 -70.66
C ASN A 195 -2.70 33.06 -69.25
N LEU A 196 -1.82 32.06 -69.12
CA LEU A 196 -1.47 31.47 -67.80
C LEU A 196 -0.75 32.53 -66.97
N GLU A 197 -1.20 32.71 -65.74
CA GLU A 197 -0.61 33.64 -64.75
C GLU A 197 0.10 32.84 -63.65
N VAL A 198 -0.34 31.61 -63.37
CA VAL A 198 0.26 30.77 -62.30
C VAL A 198 0.51 29.35 -62.81
N MET A 199 1.75 28.88 -62.67
CA MET A 199 2.15 27.47 -62.90
C MET A 199 2.73 26.97 -61.57
N TRP A 200 1.98 26.14 -60.86
CA TRP A 200 2.35 25.65 -59.51
C TRP A 200 2.53 24.14 -59.60
N LEU A 201 3.78 23.69 -59.77
CA LEU A 201 4.13 22.26 -59.94
C LEU A 201 5.20 21.90 -58.91
N THR A 202 4.99 22.26 -57.65
CA THR A 202 5.91 21.90 -56.53
C THR A 202 5.61 20.46 -56.11
N GLU A 203 6.65 19.66 -55.91
CA GLU A 203 6.50 18.25 -55.46
C GLU A 203 5.60 17.50 -56.44
N CYS A 204 5.88 17.63 -57.73
CA CYS A 204 5.16 16.91 -58.81
C CYS A 204 6.08 15.86 -59.42
N HIS A 205 7.17 15.53 -58.74
CA HIS A 205 8.14 14.49 -59.20
C HIS A 205 8.58 14.82 -60.62
N LEU A 206 8.81 16.11 -60.90
CA LEU A 206 9.23 16.59 -62.23
C LEU A 206 10.70 16.22 -62.43
N VAL A 207 11.03 15.69 -63.59
CA VAL A 207 12.40 15.30 -63.99
C VAL A 207 12.71 16.01 -65.30
N GLY A 208 13.98 16.06 -65.68
CA GLY A 208 14.39 16.58 -67.01
C GLY A 208 14.71 18.06 -66.96
N GLN A 209 14.83 18.69 -68.12
CA GLN A 209 15.25 20.12 -68.21
C GLN A 209 14.01 20.99 -68.16
N ILE A 210 14.16 22.25 -67.77
CA ILE A 210 13.07 23.24 -67.89
C ILE A 210 12.96 23.57 -69.37
N PRO A 211 11.78 23.40 -70.01
CA PRO A 211 11.64 23.68 -71.43
C PRO A 211 11.80 25.18 -71.73
N ASP A 212 12.45 25.49 -72.85
CA ASP A 212 12.65 26.90 -73.29
C ASP A 212 11.29 27.50 -73.66
N SER A 213 10.30 26.67 -73.97
CA SER A 213 8.93 27.11 -74.35
C SER A 213 8.32 27.94 -73.21
N LEU A 214 8.69 27.68 -71.96
CA LEU A 214 8.08 28.36 -70.79
C LEU A 214 8.33 29.86 -70.87
N GLY A 215 9.36 30.29 -71.60
CA GLY A 215 9.67 31.72 -71.77
C GLY A 215 8.59 32.48 -72.52
N GLN A 216 7.74 31.78 -73.27
CA GLN A 216 6.67 32.39 -74.10
C GLN A 216 5.48 32.83 -73.23
N LEU A 217 5.47 32.47 -71.95
CA LEU A 217 4.34 32.82 -71.04
C LEU A 217 4.50 34.26 -70.54
N SER A 218 4.18 35.22 -71.40
CA SER A 218 4.31 36.67 -71.11
C SER A 218 3.47 37.04 -69.89
N LYS A 219 2.31 36.41 -69.69
CA LYS A 219 1.34 36.84 -68.65
C LYS A 219 1.62 36.13 -67.32
N LEU A 220 2.60 35.22 -67.28
CA LEU A 220 2.89 34.44 -66.05
C LEU A 220 3.38 35.38 -64.95
N VAL A 221 2.86 35.20 -63.74
CA VAL A 221 3.18 35.99 -62.52
C VAL A 221 3.96 35.10 -61.55
N ASP A 222 3.61 33.82 -61.45
CA ASP A 222 4.27 32.87 -60.53
C ASP A 222 4.68 31.61 -61.29
N LEU A 223 5.97 31.26 -61.23
CA LEU A 223 6.51 29.98 -61.73
C LEU A 223 7.06 29.22 -60.54
N ASP A 224 6.37 28.16 -60.09
CA ASP A 224 6.86 27.30 -58.99
C ASP A 224 7.12 25.91 -59.54
N LEU A 225 8.40 25.57 -59.69
CA LEU A 225 8.84 24.23 -60.17
C LEU A 225 9.73 23.64 -59.08
N ALA A 226 9.49 24.02 -57.83
CA ALA A 226 10.38 23.72 -56.70
C ALA A 226 10.13 22.29 -56.19
N LEU A 227 11.06 21.79 -55.37
CA LEU A 227 10.94 20.46 -54.71
C LEU A 227 10.64 19.41 -55.78
N ASN A 228 11.40 19.45 -56.86
CA ASN A 228 11.34 18.47 -57.97
C ASN A 228 12.78 18.05 -58.24
N ASP A 229 13.01 17.18 -59.23
CA ASP A 229 14.35 16.65 -59.53
C ASP A 229 14.76 17.14 -60.92
N LEU A 230 14.48 18.40 -61.23
CA LEU A 230 14.80 18.99 -62.56
C LEU A 230 16.31 19.14 -62.68
N VAL A 231 16.82 18.90 -63.88
CA VAL A 231 18.27 18.95 -64.19
C VAL A 231 18.47 19.95 -65.33
N GLY A 232 19.69 20.42 -65.52
CA GLY A 232 20.03 21.29 -66.65
C GLY A 232 20.16 22.72 -66.19
N HIS A 233 20.27 23.65 -67.13
CA HIS A 233 20.50 25.08 -66.85
C HIS A 233 19.15 25.76 -66.63
N ILE A 234 19.15 26.88 -65.90
CA ILE A 234 17.97 27.78 -65.90
C ILE A 234 17.89 28.34 -67.32
N PRO A 235 16.80 28.08 -68.09
CA PRO A 235 16.73 28.54 -69.47
C PRO A 235 16.89 30.04 -69.59
N PRO A 236 17.75 30.52 -70.51
CA PRO A 236 17.89 31.96 -70.78
C PRO A 236 16.61 32.60 -71.33
N SER A 237 15.74 31.79 -71.95
CA SER A 237 14.46 32.23 -72.56
C SER A 237 13.52 32.79 -71.48
N LEU A 238 13.78 32.47 -70.21
CA LEU A 238 12.90 32.87 -69.08
C LEU A 238 12.92 34.39 -68.90
N GLY A 239 13.82 35.09 -69.61
CA GLY A 239 13.82 36.56 -69.68
C GLY A 239 12.59 37.08 -70.41
N GLY A 240 11.86 36.18 -71.06
CA GLY A 240 10.65 36.50 -71.83
C GLY A 240 9.40 36.48 -70.96
N LEU A 241 9.53 36.09 -69.69
CA LEU A 241 8.38 36.13 -68.73
C LEU A 241 8.20 37.58 -68.30
N THR A 242 7.60 38.40 -69.16
CA THR A 242 7.57 39.87 -68.99
C THR A 242 6.85 40.25 -67.68
N ASN A 243 5.81 39.52 -67.29
CA ASN A 243 4.95 39.94 -66.15
C ASN A 243 5.26 39.12 -64.89
N VAL A 244 6.31 38.29 -64.89
CA VAL A 244 6.64 37.37 -63.76
C VAL A 244 7.02 38.21 -62.54
N VAL A 245 6.54 37.81 -61.36
CA VAL A 245 6.87 38.47 -60.07
C VAL A 245 7.66 37.49 -59.19
N GLN A 246 7.31 36.21 -59.25
CA GLN A 246 7.88 35.16 -58.38
C GLN A 246 8.36 33.98 -59.23
N ILE A 247 9.61 33.56 -59.05
CA ILE A 247 10.16 32.33 -59.68
C ILE A 247 10.71 31.45 -58.55
N GLU A 248 10.18 30.24 -58.40
CA GLU A 248 10.59 29.28 -57.34
C GLU A 248 11.15 28.04 -58.03
N LEU A 249 12.46 27.82 -57.94
CA LEU A 249 13.16 26.70 -58.61
C LEU A 249 14.01 25.97 -57.58
N TYR A 250 13.66 26.08 -56.29
CA TYR A 250 14.52 25.62 -55.18
C TYR A 250 14.44 24.10 -55.03
N ASN A 251 15.53 23.53 -54.51
CA ASN A 251 15.70 22.09 -54.19
C ASN A 251 15.45 21.23 -55.44
N ASN A 252 16.02 21.65 -56.57
CA ASN A 252 16.08 20.84 -57.81
C ASN A 252 17.54 20.40 -57.96
N SER A 253 17.88 19.74 -59.07
CA SER A 253 19.26 19.32 -59.41
C SER A 253 19.79 20.21 -60.54
N LEU A 254 19.31 21.45 -60.61
CA LEU A 254 19.68 22.40 -61.69
C LEU A 254 21.16 22.75 -61.53
N THR A 255 21.85 22.84 -62.67
CA THR A 255 23.28 23.17 -62.77
C THR A 255 23.39 24.39 -63.67
N GLY A 256 24.58 24.96 -63.81
CA GLY A 256 24.81 26.03 -64.79
C GLY A 256 24.78 27.39 -64.12
N GLU A 257 24.77 28.45 -64.91
CA GLU A 257 24.87 29.82 -64.36
C GLU A 257 23.49 30.45 -64.33
N ILE A 258 23.29 31.39 -63.40
CA ILE A 258 22.05 32.19 -63.36
C ILE A 258 22.07 33.07 -64.61
N PRO A 259 21.07 32.97 -65.49
CA PRO A 259 21.07 33.71 -66.75
C PRO A 259 20.95 35.22 -66.54
N PRO A 260 21.81 36.03 -67.21
CA PRO A 260 21.75 37.48 -67.10
C PRO A 260 20.45 38.06 -67.69
N GLU A 261 19.74 37.25 -68.47
CA GLU A 261 18.48 37.65 -69.14
C GLU A 261 17.37 37.80 -68.10
N LEU A 262 17.53 37.23 -66.89
CA LEU A 262 16.55 37.43 -65.80
C LEU A 262 16.50 38.91 -65.42
N GLY A 263 17.51 39.69 -65.79
CA GLY A 263 17.52 41.14 -65.59
C GLY A 263 16.44 41.83 -66.40
N ASN A 264 15.99 41.19 -67.48
CA ASN A 264 14.94 41.74 -68.38
C ASN A 264 13.58 41.63 -67.71
N LEU A 265 13.46 40.87 -66.62
CA LEU A 265 12.17 40.66 -65.91
C LEU A 265 11.94 41.84 -64.96
N LYS A 266 11.30 42.90 -65.45
CA LYS A 266 11.12 44.16 -64.68
C LYS A 266 10.22 43.95 -63.46
N SER A 267 9.21 43.09 -63.56
CA SER A 267 8.19 42.88 -62.50
C SER A 267 8.64 41.85 -61.46
N LEU A 268 9.77 41.16 -61.70
CA LEU A 268 10.32 40.12 -60.77
C LEU A 268 10.69 40.77 -59.43
N ARG A 269 10.20 40.19 -58.33
CA ARG A 269 10.51 40.65 -56.96
C ARG A 269 11.08 39.50 -56.12
N LEU A 270 10.68 38.26 -56.41
CA LEU A 270 11.06 37.08 -55.57
C LEU A 270 11.69 36.00 -56.45
N LEU A 271 12.94 35.66 -56.14
CA LEU A 271 13.63 34.50 -56.77
C LEU A 271 14.16 33.59 -55.65
N ASP A 272 13.90 32.29 -55.75
CA ASP A 272 14.54 31.26 -54.89
C ASP A 272 14.99 30.12 -55.81
N ALA A 273 16.30 30.01 -56.04
CA ALA A 273 16.92 28.88 -56.77
C ALA A 273 17.92 28.20 -55.84
N SER A 274 17.61 28.16 -54.54
N SER A 274 17.61 28.16 -54.54
CA SER A 274 18.47 27.61 -53.48
CA SER A 274 18.49 27.61 -53.48
C SER A 274 18.56 26.08 -53.61
C SER A 274 18.56 26.09 -53.62
N MET A 275 19.50 25.46 -52.90
CA MET A 275 19.67 23.98 -52.86
C MET A 275 19.66 23.44 -54.29
N ASN A 276 20.45 24.05 -55.16
CA ASN A 276 20.71 23.59 -56.54
C ASN A 276 22.23 23.48 -56.69
N GLN A 277 22.73 23.05 -57.85
CA GLN A 277 24.19 22.96 -58.11
C GLN A 277 24.60 24.11 -59.03
N LEU A 278 23.92 25.26 -58.93
CA LEU A 278 24.20 26.43 -59.80
C LEU A 278 25.63 26.90 -59.54
N THR A 279 26.34 27.29 -60.60
CA THR A 279 27.77 27.68 -60.58
C THR A 279 27.90 29.06 -61.22
N GLY A 280 29.09 29.65 -61.14
CA GLY A 280 29.36 30.94 -61.79
C GLY A 280 29.06 32.07 -60.85
N LYS A 281 28.93 33.29 -61.39
CA LYS A 281 28.75 34.54 -60.60
C LYS A 281 27.27 34.91 -60.59
N ILE A 282 26.83 35.64 -59.57
CA ILE A 282 25.46 36.25 -59.55
C ILE A 282 25.48 37.41 -60.54
N PRO A 283 24.61 37.42 -61.58
CA PRO A 283 24.62 38.49 -62.58
C PRO A 283 24.22 39.86 -62.01
N ASP A 284 24.92 40.91 -62.44
CA ASP A 284 24.65 42.31 -62.00
C ASP A 284 23.25 42.70 -62.47
N GLU A 285 22.88 42.26 -63.66
CA GLU A 285 21.62 42.66 -64.34
C GLU A 285 20.42 42.21 -63.51
N LEU A 286 20.48 41.02 -62.93
CA LEU A 286 19.44 40.51 -61.98
C LEU A 286 19.42 41.43 -60.76
N CYS A 287 20.60 41.74 -60.22
CA CYS A 287 20.75 42.54 -58.98
C CYS A 287 20.27 43.98 -59.23
N ARG A 288 20.31 44.43 -60.48
CA ARG A 288 19.77 45.76 -60.88
C ARG A 288 18.24 45.78 -60.75
N VAL A 289 17.58 44.64 -60.90
CA VAL A 289 16.11 44.52 -60.73
C VAL A 289 15.77 44.85 -59.28
N PRO A 290 14.70 45.63 -59.02
CA PRO A 290 14.31 45.99 -57.65
C PRO A 290 13.68 44.83 -56.86
N LEU A 291 14.48 43.81 -56.51
CA LEU A 291 14.02 42.54 -55.90
C LEU A 291 13.56 42.77 -54.45
N GLU A 292 12.66 41.91 -53.97
CA GLU A 292 12.18 41.88 -52.56
C GLU A 292 12.91 40.78 -51.78
N SER A 293 13.00 39.59 -52.39
CA SER A 293 13.70 38.40 -51.84
C SER A 293 14.63 37.82 -52.90
N LEU A 294 15.92 37.70 -52.60
CA LEU A 294 16.86 36.94 -53.44
C LEU A 294 17.48 35.83 -52.59
N ASN A 295 17.08 34.58 -52.86
CA ASN A 295 17.58 33.39 -52.13
C ASN A 295 18.26 32.48 -53.14
N LEU A 296 19.58 32.38 -53.05
CA LEU A 296 20.40 31.52 -53.92
C LEU A 296 21.30 30.67 -53.03
N TYR A 297 20.80 30.25 -51.87
CA TYR A 297 21.63 29.57 -50.83
C TYR A 297 21.94 28.13 -51.24
N GLU A 298 23.04 27.61 -50.70
CA GLU A 298 23.46 26.19 -50.87
C GLU A 298 23.62 25.87 -52.36
N ASN A 299 24.34 26.72 -53.09
CA ASN A 299 24.72 26.45 -54.50
C ASN A 299 26.25 26.41 -54.57
N ASN A 300 26.82 26.31 -55.76
CA ASN A 300 28.30 26.39 -55.96
C ASN A 300 28.66 27.69 -56.66
N LEU A 301 27.94 28.77 -56.34
CA LEU A 301 28.16 30.10 -56.95
C LEU A 301 29.44 30.69 -56.38
N GLU A 302 30.08 31.57 -57.14
CA GLU A 302 31.39 32.17 -56.77
C GLU A 302 31.35 33.62 -57.19
N GLY A 303 32.39 34.38 -56.83
CA GLY A 303 32.53 35.78 -57.28
C GLY A 303 31.84 36.75 -56.34
N GLU A 304 31.96 38.03 -56.63
CA GLU A 304 31.44 39.10 -55.74
C GLU A 304 29.92 39.15 -55.87
N LEU A 305 29.23 39.53 -54.81
CA LEU A 305 27.80 39.90 -54.86
C LEU A 305 27.73 41.29 -55.48
N PRO A 306 27.04 41.47 -56.63
CA PRO A 306 26.95 42.78 -57.26
C PRO A 306 26.34 43.83 -56.31
N ALA A 307 26.87 45.05 -56.35
CA ALA A 307 26.48 46.19 -55.47
C ALA A 307 25.10 46.71 -55.85
N SER A 308 24.66 46.41 -57.09
CA SER A 308 23.35 46.84 -57.63
C SER A 308 22.21 46.41 -56.69
N ILE A 309 22.42 45.35 -55.91
CA ILE A 309 21.36 44.77 -55.02
C ILE A 309 20.98 45.81 -53.96
N ALA A 310 21.92 46.65 -53.51
CA ALA A 310 21.67 47.66 -52.46
C ALA A 310 20.72 48.72 -52.98
N LEU A 311 20.68 48.92 -54.30
CA LEU A 311 19.85 49.95 -54.98
C LEU A 311 18.37 49.63 -54.75
N SER A 312 18.00 48.35 -54.76
CA SER A 312 16.57 47.94 -54.65
C SER A 312 15.95 48.57 -53.42
N PRO A 313 14.80 49.25 -53.58
CA PRO A 313 14.08 49.82 -52.45
C PRO A 313 13.11 48.85 -51.76
N ASN A 314 13.02 47.60 -52.26
CA ASN A 314 11.99 46.62 -51.80
C ASN A 314 12.64 45.43 -51.09
N LEU A 315 13.96 45.38 -50.96
CA LEU A 315 14.69 44.16 -50.54
C LEU A 315 14.57 43.99 -49.02
N TYR A 316 13.92 42.90 -48.60
CA TYR A 316 13.79 42.52 -47.17
C TYR A 316 14.51 41.19 -46.90
N GLU A 317 14.85 40.43 -47.94
CA GLU A 317 15.39 39.06 -47.77
C GLU A 317 16.55 38.82 -48.73
N ILE A 318 17.73 38.55 -48.20
CA ILE A 318 18.91 38.10 -48.97
C ILE A 318 19.47 36.87 -48.26
N ARG A 319 19.30 35.68 -48.82
CA ARG A 319 19.85 34.43 -48.27
C ARG A 319 20.73 33.78 -49.35
N ILE A 320 22.05 33.95 -49.25
CA ILE A 320 23.02 33.47 -50.27
C ILE A 320 24.07 32.60 -49.58
N PHE A 321 23.71 31.97 -48.46
CA PHE A 321 24.65 31.18 -47.62
C PHE A 321 25.01 29.87 -48.34
N GLY A 322 26.13 29.24 -47.95
CA GLY A 322 26.56 27.95 -48.50
C GLY A 322 27.10 28.08 -49.92
N ASN A 323 27.72 29.22 -50.23
CA ASN A 323 28.31 29.47 -51.57
C ASN A 323 29.78 29.85 -51.38
N ARG A 324 30.52 29.98 -52.47
CA ARG A 324 31.95 30.34 -52.47
C ARG A 324 32.11 31.83 -52.79
N LEU A 325 31.08 32.63 -52.51
CA LEU A 325 31.08 34.06 -52.90
C LEU A 325 32.19 34.79 -52.13
N THR A 326 32.84 35.74 -52.81
CA THR A 326 34.05 36.46 -52.35
C THR A 326 33.77 37.95 -52.35
N GLY A 327 34.72 38.72 -51.81
CA GLY A 327 34.71 40.19 -51.85
C GLY A 327 33.94 40.75 -50.67
N GLY A 328 33.47 41.99 -50.78
CA GLY A 328 32.79 42.72 -49.71
C GLY A 328 31.31 42.82 -49.97
N LEU A 329 30.53 42.99 -48.90
CA LEU A 329 29.08 43.27 -48.99
C LEU A 329 28.90 44.69 -49.50
N PRO A 330 27.84 44.98 -50.29
CA PRO A 330 27.63 46.33 -50.81
C PRO A 330 27.64 47.37 -49.68
N LYS A 331 28.40 48.45 -49.84
CA LYS A 331 28.58 49.52 -48.81
C LYS A 331 27.21 50.10 -48.40
N ASP A 332 26.30 50.21 -49.38
CA ASP A 332 25.00 50.89 -49.20
C ASP A 332 23.90 49.87 -48.84
N LEU A 333 24.25 48.63 -48.50
CA LEU A 333 23.26 47.56 -48.25
C LEU A 333 22.47 47.90 -46.99
N GLY A 334 21.13 47.89 -47.08
CA GLY A 334 20.23 48.19 -45.95
C GLY A 334 19.88 49.65 -45.88
N LEU A 335 20.62 50.50 -46.60
CA LEU A 335 20.41 51.97 -46.58
C LEU A 335 19.11 52.30 -47.29
N ASN A 336 18.83 51.65 -48.42
CA ASN A 336 17.71 52.01 -49.33
C ASN A 336 16.56 51.02 -49.22
N SER A 337 16.72 49.92 -48.47
CA SER A 337 15.76 48.79 -48.45
C SER A 337 15.37 48.47 -47.01
N PRO A 338 14.13 48.00 -46.78
CA PRO A 338 13.71 47.56 -45.45
C PRO A 338 14.22 46.15 -45.12
N LEU A 339 15.53 45.99 -44.99
CA LEU A 339 16.18 44.67 -44.81
C LEU A 339 15.69 44.06 -43.50
N ARG A 340 15.28 42.79 -43.56
CA ARG A 340 14.78 42.04 -42.39
C ARG A 340 15.67 40.82 -42.13
N TRP A 341 16.02 40.09 -43.19
CA TRP A 341 16.80 38.83 -43.05
C TRP A 341 18.02 38.88 -43.97
N LEU A 342 19.22 38.83 -43.39
CA LEU A 342 20.49 38.74 -44.15
C LEU A 342 21.22 37.47 -43.73
N ASP A 343 21.46 36.55 -44.67
CA ASP A 343 22.24 35.31 -44.41
C ASP A 343 23.30 35.17 -45.49
N VAL A 344 24.54 35.53 -45.16
CA VAL A 344 25.71 35.42 -46.08
C VAL A 344 26.67 34.40 -45.49
N SER A 345 26.17 33.52 -44.62
CA SER A 345 26.98 32.56 -43.84
C SER A 345 27.66 31.53 -44.75
N GLU A 346 28.79 30.97 -44.30
CA GLU A 346 29.56 29.90 -44.99
C GLU A 346 29.87 30.34 -46.43
N ASN A 347 30.38 31.57 -46.56
CA ASN A 347 30.93 32.17 -47.82
C ASN A 347 32.34 32.67 -47.51
N GLU A 348 33.04 33.19 -48.53
CA GLU A 348 34.42 33.71 -48.39
C GLU A 348 34.39 35.24 -48.40
N PHE A 349 33.32 35.87 -47.91
CA PHE A 349 33.17 37.35 -47.87
C PHE A 349 34.19 37.95 -46.91
N SER A 350 34.68 39.14 -47.24
CA SER A 350 35.75 39.84 -46.49
C SER A 350 35.40 41.32 -46.31
N GLY A 351 36.20 42.01 -45.50
CA GLY A 351 36.11 43.47 -45.32
C GLY A 351 35.19 43.86 -44.19
N ASP A 352 34.93 45.16 -44.03
CA ASP A 352 34.04 45.66 -42.95
C ASP A 352 32.60 45.30 -43.32
N LEU A 353 31.76 45.14 -42.31
CA LEU A 353 30.30 45.06 -42.48
C LEU A 353 29.81 46.39 -43.04
N PRO A 354 28.78 46.41 -43.91
CA PRO A 354 28.15 47.66 -44.29
C PRO A 354 27.62 48.42 -43.06
N ALA A 355 27.74 49.75 -43.08
CA ALA A 355 27.53 50.61 -41.91
C ALA A 355 26.05 50.69 -41.51
N ASP A 356 25.14 50.72 -42.49
CA ASP A 356 23.71 51.00 -42.23
C ASP A 356 22.86 49.86 -42.78
N LEU A 357 22.98 48.67 -42.18
CA LEU A 357 22.14 47.49 -42.53
C LEU A 357 20.75 47.67 -41.93
N CYS A 358 20.67 48.24 -40.73
CA CYS A 358 19.40 48.43 -39.99
C CYS A 358 18.91 49.87 -40.13
N ALA A 359 19.20 50.50 -41.27
CA ALA A 359 18.84 51.91 -41.52
C ALA A 359 17.34 52.08 -41.43
N LYS A 360 16.58 51.14 -42.00
CA LYS A 360 15.10 51.24 -42.08
C LYS A 360 14.46 50.68 -40.82
N GLY A 361 15.25 50.09 -39.93
CA GLY A 361 14.82 49.66 -38.58
C GLY A 361 14.05 48.35 -38.60
N GLU A 362 14.29 47.49 -39.60
CA GLU A 362 13.48 46.26 -39.79
C GLU A 362 14.32 44.99 -39.68
N LEU A 363 15.65 45.11 -39.51
CA LEU A 363 16.56 43.93 -39.52
C LEU A 363 16.25 43.07 -38.30
N GLU A 364 15.92 41.80 -38.52
CA GLU A 364 15.60 40.81 -37.46
C GLU A 364 16.74 39.81 -37.34
N GLU A 365 17.25 39.31 -38.47
CA GLU A 365 18.28 38.25 -38.45
C GLU A 365 19.52 38.71 -39.24
N LEU A 366 20.65 38.79 -38.54
CA LEU A 366 21.96 39.09 -39.12
C LEU A 366 22.83 37.85 -39.00
N LEU A 367 23.05 37.13 -40.09
CA LEU A 367 23.78 35.84 -40.03
C LEU A 367 24.94 35.90 -41.04
N ILE A 368 26.16 36.01 -40.54
CA ILE A 368 27.37 36.19 -41.39
C ILE A 368 28.42 35.14 -41.01
N ILE A 369 28.03 34.03 -40.38
CA ILE A 369 28.98 33.07 -39.76
C ILE A 369 29.86 32.44 -40.85
N HIS A 370 31.08 32.07 -40.49
CA HIS A 370 32.04 31.34 -41.36
C HIS A 370 32.40 32.17 -42.58
N ASN A 371 32.68 33.45 -42.38
CA ASN A 371 33.22 34.38 -43.41
C ASN A 371 34.50 35.00 -42.84
N SER A 372 35.13 35.93 -43.55
CA SER A 372 36.41 36.56 -43.16
C SER A 372 36.21 38.05 -42.89
N PHE A 373 35.02 38.43 -42.41
CA PHE A 373 34.67 39.85 -42.12
C PHE A 373 35.56 40.39 -41.01
N SER A 374 36.02 41.62 -41.18
CA SER A 374 37.01 42.26 -40.30
C SER A 374 36.46 43.58 -39.77
N GLY A 375 37.14 44.15 -38.80
CA GLY A 375 36.81 45.49 -38.29
C GLY A 375 35.90 45.41 -37.08
N VAL A 376 35.24 46.51 -36.76
CA VAL A 376 34.37 46.60 -35.56
C VAL A 376 32.91 46.39 -35.99
N ILE A 377 32.04 46.09 -35.02
CA ILE A 377 30.57 46.08 -35.23
C ILE A 377 30.17 47.52 -35.49
N PRO A 378 29.47 47.80 -36.62
CA PRO A 378 28.97 49.13 -36.90
C PRO A 378 28.10 49.63 -35.74
N GLU A 379 28.33 50.86 -35.31
CA GLU A 379 27.69 51.44 -34.09
C GLU A 379 26.19 51.59 -34.33
N SER A 380 25.76 51.71 -35.59
CA SER A 380 24.34 51.84 -35.99
C SER A 380 23.54 50.68 -35.40
N LEU A 381 24.15 49.48 -35.40
CA LEU A 381 23.50 48.22 -34.97
C LEU A 381 23.15 48.28 -33.48
N ALA A 382 23.74 49.21 -32.72
CA ALA A 382 23.42 49.42 -31.30
C ALA A 382 21.97 49.89 -31.15
N ASP A 383 21.42 50.53 -32.19
CA ASP A 383 20.03 51.04 -32.15
C ASP A 383 19.11 50.14 -32.97
N CYS A 384 19.58 48.99 -33.45
CA CYS A 384 18.74 48.02 -34.20
C CYS A 384 17.99 47.12 -33.23
N ARG A 385 16.91 47.63 -32.65
CA ARG A 385 16.11 46.94 -31.62
C ARG A 385 15.27 45.85 -32.29
N SER A 386 15.12 45.93 -33.62
CA SER A 386 14.39 44.96 -34.47
C SER A 386 15.07 43.59 -34.44
N LEU A 387 16.37 43.53 -34.16
CA LEU A 387 17.19 42.30 -34.26
C LEU A 387 16.71 41.26 -33.23
N THR A 388 16.58 40.00 -33.67
CA THR A 388 16.17 38.85 -32.82
C THR A 388 17.28 37.80 -32.82
N ARG A 389 18.04 37.69 -33.91
CA ARG A 389 19.11 36.67 -34.05
C ARG A 389 20.37 37.31 -34.63
N ILE A 390 21.47 37.28 -33.87
CA ILE A 390 22.78 37.81 -34.30
C ILE A 390 23.77 36.65 -34.27
N ARG A 391 24.27 36.25 -35.44
CA ARG A 391 25.31 35.20 -35.59
C ARG A 391 26.45 35.80 -36.42
N LEU A 392 27.44 36.38 -35.73
CA LEU A 392 28.63 37.05 -36.35
C LEU A 392 29.85 36.15 -36.13
N ALA A 393 29.64 34.90 -35.71
CA ALA A 393 30.70 33.98 -35.25
C ALA A 393 31.58 33.53 -36.43
N TYR A 394 32.78 33.04 -36.11
CA TYR A 394 33.76 32.46 -37.07
C TYR A 394 34.08 33.50 -38.15
N ASN A 395 34.38 34.73 -37.72
CA ASN A 395 34.85 35.84 -38.59
C ASN A 395 36.12 36.43 -37.96
N ARG A 396 36.68 37.49 -38.54
CA ARG A 396 37.98 38.09 -38.13
C ARG A 396 37.73 39.45 -37.47
N PHE A 397 36.55 39.62 -36.83
CA PHE A 397 36.14 40.90 -36.22
C PHE A 397 37.02 41.21 -35.00
N SER A 398 37.18 42.49 -34.71
CA SER A 398 38.03 43.00 -33.60
C SER A 398 37.30 44.15 -32.91
N GLY A 399 37.87 44.64 -31.81
CA GLY A 399 37.41 45.88 -31.16
C GLY A 399 36.32 45.61 -30.15
N SER A 400 36.02 46.59 -29.31
CA SER A 400 34.96 46.47 -28.28
C SER A 400 33.61 46.29 -28.99
N VAL A 401 32.69 45.62 -28.34
CA VAL A 401 31.28 45.53 -28.81
C VAL A 401 30.60 46.85 -28.46
N PRO A 402 29.88 47.48 -29.41
CA PRO A 402 29.09 48.68 -29.12
C PRO A 402 28.22 48.48 -27.87
N THR A 403 28.12 49.49 -27.02
CA THR A 403 27.48 49.39 -25.69
C THR A 403 26.00 48.95 -25.83
N GLY A 404 25.25 49.56 -26.73
CA GLY A 404 23.81 49.27 -26.93
C GLY A 404 23.57 47.87 -27.48
N PHE A 405 24.50 47.36 -28.30
CA PHE A 405 24.40 46.04 -28.98
C PHE A 405 24.16 44.93 -27.94
N TRP A 406 24.80 45.07 -26.76
CA TRP A 406 24.64 44.13 -25.62
C TRP A 406 23.18 44.12 -25.15
N GLY A 407 22.51 45.28 -25.15
CA GLY A 407 21.21 45.46 -24.49
C GLY A 407 20.04 45.47 -25.45
N LEU A 408 20.22 45.05 -26.71
CA LEU A 408 19.11 45.01 -27.69
C LEU A 408 17.99 44.13 -27.14
N PRO A 409 16.75 44.63 -27.07
CA PRO A 409 15.67 43.98 -26.31
C PRO A 409 15.13 42.65 -26.85
N HIS A 410 15.06 42.47 -28.17
CA HIS A 410 14.37 41.33 -28.81
C HIS A 410 15.38 40.23 -29.22
N VAL A 411 16.67 40.43 -28.96
CA VAL A 411 17.71 39.44 -29.32
C VAL A 411 17.53 38.22 -28.42
N ASN A 412 17.48 37.04 -29.03
CA ASN A 412 17.34 35.72 -28.35
C ASN A 412 18.69 35.02 -28.36
N LEU A 413 19.40 35.12 -29.49
CA LEU A 413 20.75 34.53 -29.65
C LEU A 413 21.74 35.64 -30.00
N LEU A 414 22.82 35.75 -29.22
CA LEU A 414 23.98 36.61 -29.55
C LEU A 414 25.20 35.71 -29.68
N GLU A 415 25.66 35.44 -30.90
CA GLU A 415 26.88 34.63 -31.14
C GLU A 415 27.99 35.49 -31.73
N LEU A 416 29.07 35.68 -30.98
CA LEU A 416 30.26 36.48 -31.39
C LEU A 416 31.49 35.56 -31.33
N VAL A 417 31.25 34.25 -31.32
CA VAL A 417 32.27 33.20 -31.07
C VAL A 417 33.34 33.21 -32.17
N ASN A 418 34.56 32.85 -31.80
CA ASN A 418 35.73 32.70 -32.72
C ASN A 418 35.96 34.01 -33.48
N ASN A 419 35.98 35.13 -32.75
CA ASN A 419 36.44 36.44 -33.28
C ASN A 419 37.51 36.95 -32.33
N SER A 420 38.03 38.16 -32.58
CA SER A 420 39.07 38.82 -31.75
C SER A 420 38.46 40.00 -31.00
N PHE A 421 37.15 39.93 -30.70
CA PHE A 421 36.44 41.02 -29.98
C PHE A 421 37.12 41.24 -28.63
N SER A 422 37.24 42.51 -28.23
CA SER A 422 37.94 42.91 -26.99
C SER A 422 36.96 43.68 -26.11
N GLY A 423 37.41 44.05 -24.92
CA GLY A 423 36.63 44.93 -24.03
C GLY A 423 35.79 44.11 -23.07
N GLU A 424 34.72 44.68 -22.56
CA GLU A 424 33.93 44.09 -21.45
C GLU A 424 32.48 43.94 -21.91
N ILE A 425 31.73 43.09 -21.22
CA ILE A 425 30.25 43.05 -21.36
C ILE A 425 29.73 44.29 -20.61
N SER A 426 28.95 45.12 -21.28
CA SER A 426 28.43 46.38 -20.69
C SER A 426 27.31 46.05 -19.70
N LYS A 427 26.99 47.01 -18.82
CA LYS A 427 25.86 46.89 -17.85
C LYS A 427 24.55 46.91 -18.64
N SER A 428 24.61 47.37 -19.90
CA SER A 428 23.44 47.46 -20.82
C SER A 428 22.86 46.07 -21.09
N ILE A 429 23.62 44.99 -20.83
CA ILE A 429 23.16 43.59 -21.05
C ILE A 429 21.84 43.39 -20.31
N GLY A 430 21.63 44.11 -19.19
CA GLY A 430 20.42 43.98 -18.37
C GLY A 430 19.15 44.20 -19.15
N GLY A 431 19.21 45.01 -20.20
CA GLY A 431 18.07 45.38 -21.06
C GLY A 431 17.75 44.31 -22.09
N ALA A 432 18.62 43.33 -22.28
CA ALA A 432 18.42 42.20 -23.21
C ALA A 432 17.41 41.23 -22.60
N SER A 433 16.14 41.64 -22.58
CA SER A 433 15.04 40.89 -21.94
C SER A 433 14.89 39.51 -22.59
N ASN A 434 15.04 39.43 -23.91
CA ASN A 434 14.71 38.19 -24.65
C ASN A 434 15.95 37.33 -24.87
N LEU A 435 17.12 37.75 -24.38
CA LEU A 435 18.35 36.95 -24.55
C LEU A 435 18.14 35.60 -23.84
N SER A 436 18.28 34.51 -24.58
CA SER A 436 18.24 33.14 -24.03
C SER A 436 19.64 32.53 -24.13
N LEU A 437 20.30 32.71 -25.27
CA LEU A 437 21.59 32.06 -25.54
C LEU A 437 22.66 33.14 -25.78
N LEU A 438 23.70 33.17 -24.94
CA LEU A 438 24.84 34.09 -25.08
C LEU A 438 26.11 33.26 -25.30
N ILE A 439 26.69 33.34 -26.49
CA ILE A 439 27.92 32.56 -26.84
C ILE A 439 28.99 33.55 -27.28
N LEU A 440 30.01 33.75 -26.44
CA LEU A 440 31.10 34.76 -26.64
C LEU A 440 32.44 34.03 -26.59
N SER A 441 32.43 32.73 -26.84
CA SER A 441 33.60 31.85 -26.65
C SER A 441 34.69 32.18 -27.68
N ASN A 442 35.95 31.94 -27.31
CA ASN A 442 37.16 32.10 -28.15
C ASN A 442 37.24 33.54 -28.68
N ASN A 443 37.22 34.52 -27.78
CA ASN A 443 37.46 35.94 -28.10
C ASN A 443 38.53 36.45 -27.13
N GLU A 444 38.79 37.76 -27.16
CA GLU A 444 39.80 38.45 -26.32
C GLU A 444 39.06 39.31 -25.28
N PHE A 445 37.83 38.96 -24.91
CA PHE A 445 37.01 39.72 -23.94
C PHE A 445 37.71 39.73 -22.57
N THR A 446 37.58 40.84 -21.87
CA THR A 446 38.26 41.06 -20.57
C THR A 446 37.24 41.59 -19.57
N GLY A 447 37.63 41.63 -18.30
CA GLY A 447 36.88 42.29 -17.22
C GLY A 447 36.04 41.29 -16.46
N SER A 448 35.34 41.76 -15.42
CA SER A 448 34.40 40.94 -14.63
C SER A 448 33.10 40.78 -15.42
N LEU A 449 32.37 39.71 -15.17
CA LEU A 449 30.99 39.58 -15.69
C LEU A 449 30.13 40.60 -14.95
N PRO A 450 29.34 41.41 -15.68
CA PRO A 450 28.50 42.42 -15.03
C PRO A 450 27.41 41.79 -14.15
N GLU A 451 27.08 42.47 -13.06
CA GLU A 451 26.03 42.00 -12.12
C GLU A 451 24.70 41.92 -12.85
N GLU A 452 24.51 42.78 -13.85
CA GLU A 452 23.23 42.92 -14.60
C GLU A 452 22.97 41.68 -15.46
N ILE A 453 23.95 40.79 -15.64
CA ILE A 453 23.76 39.49 -16.38
C ILE A 453 22.75 38.64 -15.60
N GLY A 454 22.67 38.82 -14.27
CA GLY A 454 21.72 38.10 -13.39
C GLY A 454 20.30 38.59 -13.61
N SER A 455 20.10 39.80 -14.14
CA SER A 455 18.76 40.36 -14.42
C SER A 455 18.10 39.58 -15.56
N LEU A 456 18.91 38.94 -16.43
CA LEU A 456 18.44 38.11 -17.57
C LEU A 456 17.96 36.76 -17.03
N ASP A 457 16.77 36.72 -16.42
CA ASP A 457 16.22 35.48 -15.80
C ASP A 457 16.04 34.41 -16.90
N ASN A 458 15.64 34.81 -18.10
CA ASN A 458 15.33 33.87 -19.22
C ASN A 458 16.60 33.45 -19.94
N LEU A 459 17.79 33.79 -19.43
CA LEU A 459 19.07 33.29 -20.00
C LEU A 459 19.14 31.79 -19.75
N ASN A 460 19.41 31.03 -20.81
CA ASN A 460 19.42 29.55 -20.78
C ASN A 460 20.84 29.06 -21.00
N GLN A 461 21.66 29.82 -21.72
CA GLN A 461 23.07 29.44 -21.97
C GLN A 461 23.99 30.65 -21.82
N LEU A 462 25.06 30.47 -21.04
CA LEU A 462 26.20 31.40 -21.00
C LEU A 462 27.46 30.62 -21.34
N SER A 463 28.01 30.83 -22.52
CA SER A 463 29.26 30.16 -22.98
C SER A 463 30.29 31.23 -23.34
N ALA A 464 31.33 31.37 -22.54
CA ALA A 464 32.36 32.43 -22.68
C ALA A 464 33.74 31.82 -22.56
N SER A 465 33.92 30.60 -23.08
CA SER A 465 35.20 29.86 -23.02
C SER A 465 36.26 30.60 -23.81
N GLY A 466 37.54 30.40 -23.49
CA GLY A 466 38.67 30.95 -24.25
C GLY A 466 38.66 32.47 -24.32
N ASN A 467 38.46 33.13 -23.17
CA ASN A 467 38.48 34.60 -23.06
C ASN A 467 39.41 34.98 -21.91
N LYS A 468 39.62 36.28 -21.69
CA LYS A 468 40.49 36.82 -20.62
C LYS A 468 39.60 37.34 -19.48
N PHE A 469 38.37 36.84 -19.34
CA PHE A 469 37.42 37.30 -18.30
C PHE A 469 38.06 37.03 -16.93
N SER A 470 37.76 37.87 -15.94
CA SER A 470 38.44 37.80 -14.62
C SER A 470 37.46 38.12 -13.49
N GLY A 471 37.96 37.98 -12.28
CA GLY A 471 37.25 38.40 -11.06
C GLY A 471 36.39 37.30 -10.53
N SER A 472 35.69 37.59 -9.43
CA SER A 472 34.72 36.67 -8.81
C SER A 472 33.49 36.63 -9.73
N LEU A 473 32.76 35.52 -9.70
CA LEU A 473 31.46 35.43 -10.37
C LEU A 473 30.51 36.40 -9.65
N PRO A 474 29.70 37.18 -10.40
CA PRO A 474 28.67 38.00 -9.78
C PRO A 474 27.70 37.13 -8.99
N ASP A 475 27.22 37.62 -7.85
CA ASP A 475 26.26 36.87 -7.00
C ASP A 475 24.95 36.72 -7.78
N SER A 476 24.61 37.69 -8.61
CA SER A 476 23.36 37.69 -9.41
C SER A 476 23.33 36.47 -10.34
N LEU A 477 24.51 36.00 -10.79
CA LEU A 477 24.62 34.87 -11.75
C LEU A 477 23.89 33.65 -11.21
N MET A 478 23.86 33.47 -9.89
CA MET A 478 23.23 32.31 -9.20
C MET A 478 21.71 32.50 -9.09
N SER A 479 21.19 33.66 -9.49
CA SER A 479 19.72 33.95 -9.52
C SER A 479 19.12 33.41 -10.81
N LEU A 480 19.94 32.97 -11.76
CA LEU A 480 19.52 32.50 -13.10
C LEU A 480 19.11 31.03 -12.99
N GLY A 481 17.82 30.75 -12.82
CA GLY A 481 17.32 29.39 -12.54
C GLY A 481 16.78 28.75 -13.80
N GLU A 482 16.90 29.42 -14.95
CA GLU A 482 16.53 28.85 -16.27
C GLU A 482 17.83 28.50 -17.00
N LEU A 483 18.95 28.65 -16.33
CA LEU A 483 20.28 28.45 -16.95
C LEU A 483 20.57 26.96 -17.01
N GLY A 484 20.83 26.46 -18.22
CA GLY A 484 21.07 25.04 -18.50
C GLY A 484 22.51 24.75 -18.82
N THR A 485 23.25 25.74 -19.35
CA THR A 485 24.69 25.60 -19.64
C THR A 485 25.45 26.82 -19.13
N LEU A 486 26.44 26.62 -18.25
CA LEU A 486 27.42 27.65 -17.85
C LEU A 486 28.81 27.12 -18.19
N ASP A 487 29.42 27.61 -19.26
CA ASP A 487 30.78 27.21 -19.69
C ASP A 487 31.66 28.46 -19.65
N LEU A 488 32.49 28.58 -18.62
CA LEU A 488 33.42 29.72 -18.41
C LEU A 488 34.85 29.20 -18.46
N HIS A 489 35.07 28.05 -19.10
CA HIS A 489 36.39 27.37 -19.11
C HIS A 489 37.38 28.22 -19.91
N GLY A 490 38.65 28.16 -19.56
CA GLY A 490 39.73 28.85 -20.29
C GLY A 490 39.69 30.35 -20.06
N ASN A 491 39.37 30.78 -18.84
CA ASN A 491 39.35 32.22 -18.46
C ASN A 491 40.32 32.43 -17.31
N GLN A 492 40.23 33.58 -16.63
CA GLN A 492 41.04 33.95 -15.46
C GLN A 492 40.10 34.26 -14.29
N PHE A 493 38.93 33.61 -14.27
CA PHE A 493 37.94 33.79 -13.19
C PHE A 493 38.57 33.31 -11.89
N SER A 494 38.34 34.09 -10.84
CA SER A 494 38.92 33.87 -9.50
C SER A 494 37.79 33.86 -8.49
N GLY A 495 38.12 33.57 -7.23
CA GLY A 495 37.16 33.65 -6.11
C GLY A 495 36.60 32.28 -5.79
N GLU A 496 35.56 32.24 -4.97
CA GLU A 496 34.97 30.99 -4.44
C GLU A 496 33.57 30.81 -5.00
N LEU A 497 33.13 29.56 -5.10
CA LEU A 497 31.70 29.25 -5.41
C LEU A 497 30.93 29.35 -4.09
N THR A 498 29.66 29.74 -4.16
CA THR A 498 28.82 29.99 -2.97
C THR A 498 27.70 28.96 -2.90
N SER A 499 26.94 28.96 -1.80
CA SER A 499 25.80 28.06 -1.57
C SER A 499 24.66 28.39 -2.53
N GLY A 500 24.70 29.59 -3.14
CA GLY A 500 23.67 30.07 -4.06
C GLY A 500 23.59 29.23 -5.32
N ILE A 501 24.60 28.40 -5.58
CA ILE A 501 24.62 27.49 -6.75
C ILE A 501 23.41 26.55 -6.66
N LYS A 502 22.81 26.44 -5.47
CA LYS A 502 21.59 25.64 -5.22
C LYS A 502 20.47 26.10 -6.15
N SER A 503 20.43 27.39 -6.50
CA SER A 503 19.37 28.00 -7.34
C SER A 503 19.51 27.58 -8.80
N TRP A 504 20.65 27.00 -9.19
CA TRP A 504 20.84 26.50 -10.58
C TRP A 504 20.16 25.13 -10.72
N LYS A 505 18.85 25.09 -10.48
CA LYS A 505 18.03 23.85 -10.45
C LYS A 505 17.86 23.28 -11.86
N LYS A 506 18.05 24.06 -12.92
CA LYS A 506 17.84 23.60 -14.33
C LYS A 506 19.20 23.50 -15.06
N LEU A 507 20.31 23.54 -14.33
CA LEU A 507 21.67 23.51 -14.94
C LEU A 507 22.06 22.06 -15.26
N ASN A 508 22.35 21.79 -16.53
CA ASN A 508 22.79 20.46 -17.02
C ASN A 508 24.31 20.40 -17.03
N GLU A 509 24.96 21.50 -17.40
CA GLU A 509 26.44 21.55 -17.56
C GLU A 509 27.02 22.74 -16.80
N LEU A 510 28.05 22.47 -15.99
CA LEU A 510 28.87 23.51 -15.32
C LEU A 510 30.32 23.25 -15.67
N ASN A 511 30.93 24.09 -16.51
CA ASN A 511 32.37 23.97 -16.85
C ASN A 511 33.07 25.25 -16.38
N LEU A 512 33.85 25.14 -15.30
CA LEU A 512 34.61 26.28 -14.73
C LEU A 512 36.09 25.95 -14.81
N ALA A 513 36.48 25.13 -15.79
CA ALA A 513 37.86 24.58 -15.87
C ALA A 513 38.85 25.66 -16.33
N ASP A 514 40.13 25.43 -16.08
CA ASP A 514 41.24 26.31 -16.54
C ASP A 514 40.89 27.74 -16.10
N ASN A 515 40.60 27.91 -14.82
CA ASN A 515 40.37 29.23 -14.19
C ASN A 515 41.26 29.32 -12.95
N GLU A 516 41.10 30.35 -12.15
CA GLU A 516 41.88 30.54 -10.90
C GLU A 516 40.89 30.51 -9.73
N PHE A 517 39.86 29.66 -9.81
CA PHE A 517 38.84 29.51 -8.74
C PHE A 517 39.52 28.88 -7.52
N THR A 518 39.20 29.41 -6.35
CA THR A 518 39.74 28.94 -5.05
C THR A 518 38.56 28.59 -4.17
N GLY A 519 38.80 27.85 -3.09
CA GLY A 519 37.76 27.60 -2.09
C GLY A 519 37.28 26.17 -2.17
N LYS A 520 36.22 25.86 -1.41
CA LYS A 520 35.68 24.49 -1.31
C LYS A 520 34.53 24.36 -2.31
N ILE A 521 34.37 23.18 -2.88
CA ILE A 521 33.19 22.83 -3.72
C ILE A 521 32.00 22.87 -2.78
N PRO A 522 31.00 23.73 -3.05
CA PRO A 522 29.87 23.89 -2.13
C PRO A 522 29.20 22.53 -1.97
N ASP A 523 28.67 22.23 -0.78
CA ASP A 523 27.95 20.96 -0.50
C ASP A 523 26.63 20.97 -1.28
N GLU A 524 26.23 22.14 -1.79
CA GLU A 524 24.95 22.35 -2.49
C GLU A 524 25.07 21.91 -3.95
N ILE A 525 26.25 21.43 -4.39
CA ILE A 525 26.46 20.91 -5.76
C ILE A 525 25.48 19.76 -6.04
N GLY A 526 25.21 18.92 -5.04
CA GLY A 526 24.32 17.75 -5.15
C GLY A 526 22.86 18.15 -5.27
N SER A 527 22.50 19.37 -4.89
CA SER A 527 21.11 19.88 -4.98
C SER A 527 20.74 20.20 -6.44
N LEU A 528 21.70 20.19 -7.37
CA LEU A 528 21.45 20.47 -8.81
C LEU A 528 20.86 19.21 -9.46
N SER A 529 19.54 19.18 -9.58
CA SER A 529 18.73 18.01 -10.02
C SER A 529 19.19 17.51 -11.39
N VAL A 530 19.43 18.41 -12.34
CA VAL A 530 19.62 18.01 -13.76
C VAL A 530 21.11 18.10 -14.15
N LEU A 531 22.02 18.30 -13.19
CA LEU A 531 23.47 18.34 -13.50
C LEU A 531 23.95 16.95 -13.89
N ASN A 532 24.41 16.80 -15.14
CA ASN A 532 24.95 15.52 -15.67
C ASN A 532 26.41 15.71 -16.07
N TYR A 533 26.88 16.95 -16.18
CA TYR A 533 28.26 17.24 -16.63
C TYR A 533 28.90 18.32 -15.74
N LEU A 534 29.99 17.96 -15.06
CA LEU A 534 30.75 18.87 -14.15
C LEU A 534 32.23 18.82 -14.48
N ASP A 535 32.83 19.97 -14.81
CA ASP A 535 34.29 20.12 -14.97
C ASP A 535 34.73 21.30 -14.12
N LEU A 536 35.44 21.03 -13.03
CA LEU A 536 36.06 22.07 -12.17
C LEU A 536 37.56 21.84 -12.19
N SER A 537 38.04 21.15 -13.23
CA SER A 537 39.48 20.81 -13.39
C SER A 537 40.28 22.08 -13.64
N GLY A 538 41.58 22.06 -13.37
CA GLY A 538 42.47 23.20 -13.67
C GLY A 538 42.07 24.42 -12.88
N ASN A 539 41.93 24.26 -11.57
CA ASN A 539 41.59 25.35 -10.63
C ASN A 539 42.37 25.10 -9.33
N MET A 540 42.06 25.84 -8.28
CA MET A 540 42.74 25.70 -6.98
C MET A 540 41.71 25.39 -5.91
N PHE A 541 40.69 24.61 -6.29
CA PHE A 541 39.61 24.16 -5.37
C PHE A 541 40.23 23.28 -4.29
N SER A 542 39.87 23.53 -3.04
CA SER A 542 40.51 22.89 -1.86
C SER A 542 39.44 22.25 -0.98
N GLY A 543 39.85 21.32 -0.14
CA GLY A 543 38.97 20.71 0.87
C GLY A 543 38.59 19.30 0.48
N LYS A 544 37.64 18.71 1.19
CA LYS A 544 37.13 17.34 0.90
C LYS A 544 36.06 17.46 -0.18
N ILE A 545 36.00 16.49 -1.09
CA ILE A 545 34.95 16.40 -2.13
C ILE A 545 33.62 16.18 -1.42
N PRO A 546 32.59 17.01 -1.68
CA PRO A 546 31.31 16.89 -0.96
C PRO A 546 30.68 15.51 -1.15
N VAL A 547 30.04 14.98 -0.10
CA VAL A 547 29.29 13.68 -0.13
C VAL A 547 28.04 13.84 -1.01
N SER A 548 27.57 15.09 -1.20
CA SER A 548 26.42 15.46 -2.05
C SER A 548 26.63 14.97 -3.49
N LEU A 549 27.87 14.95 -3.96
CA LEU A 549 28.21 14.58 -5.36
C LEU A 549 27.72 13.17 -5.66
N GLN A 550 27.64 12.31 -4.64
CA GLN A 550 27.16 10.90 -4.76
C GLN A 550 25.70 10.90 -5.20
N SER A 551 24.91 11.86 -4.70
CA SER A 551 23.47 12.01 -5.02
C SER A 551 23.25 12.32 -6.51
N LEU A 552 24.22 12.91 -7.19
CA LEU A 552 24.10 13.28 -8.63
C LEU A 552 24.44 12.08 -9.50
N LYS A 553 23.71 11.89 -10.59
CA LYS A 553 24.06 10.90 -11.65
C LYS A 553 24.81 11.64 -12.75
N LEU A 554 26.15 11.63 -12.72
CA LEU A 554 27.00 12.47 -13.60
C LEU A 554 27.64 11.60 -14.68
N ASN A 555 27.37 11.93 -15.94
CA ASN A 555 27.95 11.22 -17.12
C ASN A 555 29.37 11.71 -17.36
N GLN A 556 29.70 12.93 -16.93
CA GLN A 556 31.08 13.51 -16.99
C GLN A 556 31.42 14.19 -15.66
N LEU A 557 32.55 13.81 -15.06
CA LEU A 557 33.10 14.49 -13.84
C LEU A 557 34.60 14.66 -13.98
N ASN A 558 35.11 15.88 -13.81
CA ASN A 558 36.57 16.17 -13.70
C ASN A 558 36.80 17.17 -12.57
N LEU A 559 37.44 16.72 -11.49
CA LEU A 559 37.88 17.57 -10.37
C LEU A 559 39.41 17.52 -10.33
N SER A 560 40.00 17.15 -11.46
CA SER A 560 41.47 16.95 -11.59
C SER A 560 42.21 18.27 -11.54
N TYR A 561 43.49 18.21 -11.19
CA TYR A 561 44.41 19.38 -11.17
C TYR A 561 43.77 20.48 -10.32
N ASN A 562 43.49 20.14 -9.05
CA ASN A 562 43.00 21.07 -8.01
C ASN A 562 43.79 20.81 -6.73
N ARG A 563 43.39 21.44 -5.62
CA ARG A 563 44.05 21.29 -4.30
C ARG A 563 43.16 20.45 -3.38
N LEU A 564 42.29 19.61 -3.94
CA LEU A 564 41.32 18.81 -3.14
C LEU A 564 42.10 17.82 -2.28
N SER A 565 41.60 17.54 -1.08
CA SER A 565 42.28 16.69 -0.07
C SER A 565 41.29 15.69 0.52
N GLY A 566 41.81 14.62 1.14
CA GLY A 566 40.99 13.65 1.90
C GLY A 566 40.83 12.33 1.16
N ASP A 567 39.74 11.60 1.45
CA ASP A 567 39.39 10.30 0.83
C ASP A 567 38.16 10.51 -0.07
N LEU A 568 38.11 9.83 -1.21
CA LEU A 568 36.98 9.93 -2.17
C LEU A 568 35.74 9.32 -1.52
N PRO A 569 34.55 9.96 -1.58
CA PRO A 569 33.30 9.29 -1.27
C PRO A 569 33.26 7.95 -2.01
N PRO A 570 32.87 6.84 -1.34
CA PRO A 570 33.10 5.50 -1.87
C PRO A 570 32.47 5.27 -3.26
N SER A 571 31.32 5.90 -3.53
CA SER A 571 30.63 5.83 -4.85
C SER A 571 31.58 6.25 -5.98
N LEU A 572 32.51 7.17 -5.71
CA LEU A 572 33.41 7.81 -6.70
C LEU A 572 34.73 7.06 -6.80
N ALA A 573 34.85 5.92 -6.11
CA ALA A 573 36.12 5.15 -6.02
C ALA A 573 36.25 4.18 -7.21
N LYS A 574 35.32 4.23 -8.17
CA LYS A 574 35.23 3.26 -9.29
C LYS A 574 36.26 3.61 -10.37
N ASP A 575 36.50 2.68 -11.30
CA ASP A 575 37.49 2.82 -12.40
C ASP A 575 37.01 3.86 -13.42
N MET A 576 35.70 4.08 -13.52
CA MET A 576 35.12 5.12 -14.43
C MET A 576 35.64 6.51 -14.00
N TYR A 577 35.85 6.71 -12.69
CA TYR A 577 36.29 8.00 -12.11
C TYR A 577 37.83 8.01 -11.95
N LYS A 578 38.52 7.13 -12.68
CA LYS A 578 40.01 6.99 -12.65
C LYS A 578 40.69 8.32 -12.97
N ASN A 579 40.27 8.99 -14.04
CA ASN A 579 40.93 10.22 -14.53
C ASN A 579 40.25 11.47 -13.97
N SER A 580 39.22 11.32 -13.13
CA SER A 580 38.43 12.45 -12.60
C SER A 580 39.17 13.17 -11.45
N PHE A 581 40.08 12.50 -10.74
CA PHE A 581 40.68 13.08 -9.50
C PHE A 581 42.21 13.17 -9.58
N ILE A 582 42.81 13.01 -10.76
CA ILE A 582 44.29 13.08 -10.93
C ILE A 582 44.74 14.51 -10.62
N GLY A 583 45.97 14.68 -10.14
CA GLY A 583 46.57 16.01 -9.91
C GLY A 583 46.08 16.66 -8.64
N ASN A 584 45.31 15.94 -7.81
CA ASN A 584 44.96 16.37 -6.45
C ASN A 584 45.80 15.57 -5.46
N PRO A 585 46.91 16.15 -4.94
CA PRO A 585 47.87 15.40 -4.12
C PRO A 585 47.28 14.86 -2.79
N GLY A 586 46.53 15.69 -2.07
CA GLY A 586 45.89 15.32 -0.79
C GLY A 586 45.02 14.08 -0.92
N LEU A 587 44.56 13.79 -2.15
CA LEU A 587 43.41 12.90 -2.44
C LEU A 587 43.90 11.46 -2.61
N CYS A 588 43.31 10.56 -1.81
CA CYS A 588 43.57 9.09 -1.80
C CYS A 588 42.24 8.34 -1.87
N GLY A 589 42.13 7.38 -2.79
CA GLY A 589 41.02 6.40 -2.84
C GLY A 589 41.48 5.07 -3.40
N ASP A 590 40.57 4.10 -3.51
CA ASP A 590 40.82 2.74 -4.05
C ASP A 590 40.85 2.79 -5.58
N ILE A 591 41.71 3.64 -6.14
CA ILE A 591 41.97 3.80 -7.61
C ILE A 591 43.49 3.65 -7.83
N LYS A 592 43.90 2.95 -8.90
CA LYS A 592 45.28 2.41 -9.07
C LYS A 592 46.33 3.51 -9.24
N GLY A 593 45.96 4.74 -9.64
CA GLY A 593 46.89 5.90 -9.75
C GLY A 593 46.86 6.79 -8.51
N LEU A 594 45.74 6.76 -7.78
CA LEU A 594 45.44 7.63 -6.62
C LEU A 594 46.23 7.15 -5.39
N CYS A 595 47.27 7.91 -5.00
CA CYS A 595 48.04 7.74 -3.74
C CYS A 595 48.73 6.37 -3.72
N ASN B 8 18.47 19.83 -41.50
CA ASN B 8 19.19 18.60 -41.97
C ASN B 8 18.47 17.36 -41.42
N LEU B 9 19.01 16.18 -41.68
CA LEU B 9 18.38 14.89 -41.26
C LEU B 9 18.22 14.88 -39.75
N GLU B 10 19.26 15.29 -39.02
CA GLU B 10 19.27 15.25 -37.53
C GLU B 10 18.17 16.17 -36.99
N GLY B 11 18.07 17.39 -37.53
CA GLY B 11 17.04 18.36 -37.12
C GLY B 11 15.65 17.83 -37.38
N ASP B 12 15.44 17.21 -38.55
CA ASP B 12 14.14 16.62 -38.95
C ASP B 12 13.75 15.53 -37.93
N ALA B 13 14.69 14.63 -37.62
CA ALA B 13 14.49 13.53 -36.65
C ALA B 13 14.07 14.12 -35.29
N LEU B 14 14.77 15.15 -34.80
CA LEU B 14 14.45 15.74 -33.48
C LEU B 14 13.10 16.45 -33.55
N HIS B 15 12.78 17.05 -34.70
CA HIS B 15 11.49 17.74 -34.86
C HIS B 15 10.37 16.71 -34.78
N THR B 16 10.54 15.58 -35.45
CA THR B 16 9.59 14.43 -35.40
C THR B 16 9.34 14.08 -33.93
N LEU B 17 10.40 14.01 -33.11
CA LEU B 17 10.27 13.70 -31.66
C LEU B 17 9.41 14.80 -31.03
N ARG B 18 9.67 16.05 -31.37
CA ARG B 18 8.94 17.20 -30.78
C ARG B 18 7.44 17.04 -31.05
N VAL B 19 7.09 16.63 -32.27
CA VAL B 19 5.67 16.55 -32.70
C VAL B 19 4.93 15.46 -31.92
N THR B 20 5.59 14.37 -31.54
CA THR B 20 4.97 13.22 -30.81
C THR B 20 5.08 13.40 -29.29
N LEU B 21 5.86 14.39 -28.83
CA LEU B 21 5.97 14.69 -27.37
C LEU B 21 4.92 15.76 -27.04
N VAL B 22 4.40 15.72 -25.82
CA VAL B 22 3.52 16.78 -25.25
C VAL B 22 4.41 17.65 -24.35
N ASP B 23 4.40 18.96 -24.58
CA ASP B 23 5.42 19.90 -24.05
C ASP B 23 4.71 21.07 -23.37
N PRO B 24 4.09 20.87 -22.18
CA PRO B 24 3.33 21.93 -21.52
C PRO B 24 4.16 23.17 -21.14
N ASN B 25 5.46 23.01 -20.85
CA ASN B 25 6.34 24.13 -20.44
C ASN B 25 7.05 24.75 -21.65
N ASN B 26 6.83 24.21 -22.85
CA ASN B 26 7.39 24.76 -24.12
C ASN B 26 8.92 24.74 -24.08
N VAL B 27 9.49 23.67 -23.53
CA VAL B 27 10.97 23.51 -23.45
C VAL B 27 11.52 23.33 -24.86
N LEU B 28 10.69 22.96 -25.85
CA LEU B 28 11.16 22.64 -27.22
C LEU B 28 10.86 23.80 -28.17
N GLN B 29 10.54 24.99 -27.65
CA GLN B 29 10.12 26.13 -28.51
C GLN B 29 11.27 26.55 -29.43
N SER B 30 12.52 26.37 -29.00
CA SER B 30 13.75 26.72 -29.76
C SER B 30 13.94 25.80 -30.96
N TRP B 31 13.20 24.69 -31.02
CA TRP B 31 13.40 23.63 -32.03
C TRP B 31 12.76 24.05 -33.35
N ASP B 32 13.37 25.02 -34.03
CA ASP B 32 12.90 25.55 -35.33
C ASP B 32 13.37 24.62 -36.45
N PRO B 33 12.46 23.90 -37.15
CA PRO B 33 12.88 22.96 -38.20
C PRO B 33 13.50 23.67 -39.40
N THR B 34 13.27 24.99 -39.54
CA THR B 34 13.76 25.81 -40.68
C THR B 34 15.24 26.15 -40.49
N LEU B 35 15.82 25.90 -39.31
CA LEU B 35 17.27 26.04 -39.08
C LEU B 35 17.98 24.88 -39.80
N VAL B 36 19.13 25.17 -40.39
CA VAL B 36 19.92 24.20 -41.21
C VAL B 36 20.35 23.02 -40.31
N ASN B 37 20.77 23.31 -39.08
CA ASN B 37 21.23 22.30 -38.09
C ASN B 37 20.48 22.54 -36.78
N PRO B 38 20.31 21.50 -35.94
CA PRO B 38 19.64 21.65 -34.66
C PRO B 38 20.57 22.13 -33.53
N CYS B 39 21.80 22.51 -33.87
CA CYS B 39 22.88 22.81 -32.91
C CYS B 39 22.55 24.04 -32.09
N THR B 40 21.93 25.05 -32.70
CA THR B 40 21.56 26.34 -32.04
C THR B 40 20.34 26.14 -31.14
N TRP B 41 19.64 25.01 -31.29
CA TRP B 41 18.47 24.66 -30.45
C TRP B 41 18.93 24.53 -29.00
N PHE B 42 18.10 24.98 -28.05
CA PHE B 42 18.37 24.73 -26.61
C PHE B 42 18.06 23.26 -26.35
N HIS B 43 18.78 22.66 -25.39
CA HIS B 43 18.63 21.25 -24.96
C HIS B 43 19.33 20.33 -25.96
N VAL B 44 19.93 20.87 -27.00
CA VAL B 44 20.68 20.09 -28.03
C VAL B 44 22.10 20.62 -28.06
N THR B 45 23.10 19.73 -28.00
CA THR B 45 24.53 20.07 -28.12
C THR B 45 25.13 19.33 -29.32
N CYS B 46 25.90 20.04 -30.15
CA CYS B 46 26.54 19.46 -31.36
C CYS B 46 28.06 19.42 -31.20
N ASN B 47 28.73 18.60 -32.00
CA ASN B 47 30.22 18.51 -32.03
C ASN B 47 30.76 19.60 -32.95
N ASN B 48 32.08 19.63 -33.17
CA ASN B 48 32.75 20.64 -34.02
C ASN B 48 32.37 20.43 -35.48
N GLU B 49 31.85 19.25 -35.82
CA GLU B 49 31.38 18.92 -37.20
C GLU B 49 29.87 19.18 -37.28
N ASN B 50 29.30 19.80 -36.23
CA ASN B 50 27.87 20.23 -36.12
C ASN B 50 26.94 19.04 -36.21
N SER B 51 27.30 17.92 -35.59
CA SER B 51 26.45 16.71 -35.44
C SER B 51 26.03 16.60 -33.98
N VAL B 52 24.77 16.23 -33.71
CA VAL B 52 24.23 16.18 -32.33
C VAL B 52 25.04 15.14 -31.55
N ILE B 53 25.55 15.53 -30.38
CA ILE B 53 26.26 14.61 -29.45
C ILE B 53 25.45 14.47 -28.15
N ARG B 54 24.62 15.46 -27.81
CA ARG B 54 23.83 15.45 -26.55
C ARG B 54 22.42 15.98 -26.78
N VAL B 55 21.42 15.30 -26.20
CA VAL B 55 20.03 15.81 -26.06
C VAL B 55 19.70 15.80 -24.57
N ASP B 56 19.48 16.96 -23.97
CA ASP B 56 19.33 17.10 -22.49
C ASP B 56 17.93 17.62 -22.18
N LEU B 57 16.98 16.71 -21.93
CA LEU B 57 15.55 17.05 -21.75
C LEU B 57 15.00 16.42 -20.46
N GLY B 58 15.83 16.23 -19.43
CA GLY B 58 15.37 15.68 -18.13
C GLY B 58 14.62 16.71 -17.30
N ASN B 59 13.65 16.26 -16.52
CA ASN B 59 12.82 17.10 -15.61
C ASN B 59 12.15 18.23 -16.41
N ALA B 60 11.54 17.90 -17.55
CA ALA B 60 10.93 18.88 -18.48
C ALA B 60 9.40 18.78 -18.48
N GLU B 61 8.82 17.92 -17.65
CA GLU B 61 7.36 17.67 -17.60
C GLU B 61 6.87 17.22 -18.98
N LEU B 62 7.73 16.55 -19.74
CA LEU B 62 7.40 16.04 -21.09
C LEU B 62 6.54 14.78 -20.96
N SER B 63 5.48 14.71 -21.76
CA SER B 63 4.59 13.52 -21.89
C SER B 63 4.65 13.09 -23.35
N GLY B 64 4.11 11.92 -23.68
CA GLY B 64 4.02 11.48 -25.09
C GLY B 64 4.86 10.24 -25.31
N HIS B 65 5.24 9.99 -26.56
CA HIS B 65 5.99 8.76 -26.92
C HIS B 65 7.23 9.14 -27.71
N LEU B 66 8.26 8.32 -27.61
CA LEU B 66 9.50 8.50 -28.40
C LEU B 66 9.23 8.02 -29.82
N VAL B 67 10.12 8.35 -30.72
CA VAL B 67 10.00 8.03 -32.17
C VAL B 67 11.20 7.17 -32.56
N PRO B 68 11.07 6.27 -33.53
CA PRO B 68 12.20 5.50 -34.04
C PRO B 68 13.27 6.38 -34.70
N GLU B 69 12.92 7.63 -35.05
CA GLU B 69 13.80 8.52 -35.85
C GLU B 69 14.96 9.05 -35.01
N LEU B 70 14.96 8.79 -33.70
CA LEU B 70 16.11 9.15 -32.83
C LEU B 70 17.35 8.37 -33.26
N GLY B 71 17.17 7.22 -33.92
CA GLY B 71 18.25 6.34 -34.40
C GLY B 71 19.14 6.99 -35.44
N VAL B 72 18.64 8.01 -36.15
CA VAL B 72 19.38 8.77 -37.20
C VAL B 72 20.59 9.51 -36.58
N LEU B 73 20.51 9.88 -35.30
CA LEU B 73 21.56 10.69 -34.62
C LEU B 73 22.74 9.78 -34.30
N LYS B 74 23.54 9.42 -35.31
CA LYS B 74 24.65 8.43 -35.21
C LYS B 74 25.69 8.88 -34.18
N ASN B 75 26.04 10.17 -34.16
CA ASN B 75 27.14 10.70 -33.31
C ASN B 75 26.61 11.05 -31.91
N LEU B 76 25.33 10.78 -31.63
CA LEU B 76 24.74 11.04 -30.29
C LEU B 76 25.52 10.22 -29.25
N GLN B 77 25.93 10.87 -28.15
CA GLN B 77 26.67 10.24 -27.02
CA GLN B 77 26.67 10.24 -27.02
C GLN B 77 25.80 10.22 -25.76
N TYR B 78 25.00 11.25 -25.55
CA TYR B 78 24.19 11.33 -24.30
C TYR B 78 22.73 11.62 -24.66
N LEU B 79 21.84 10.70 -24.32
CA LEU B 79 20.37 10.90 -24.46
C LEU B 79 19.77 10.99 -23.06
N GLU B 80 19.34 12.18 -22.65
CA GLU B 80 18.85 12.44 -21.29
C GLU B 80 17.38 12.83 -21.34
N LEU B 81 16.47 11.86 -21.11
CA LEU B 81 15.01 12.06 -21.20
C LEU B 81 14.37 11.66 -19.86
N TYR B 82 15.14 11.71 -18.78
CA TYR B 82 14.73 11.20 -17.44
C TYR B 82 13.80 12.19 -16.73
N SER B 83 13.21 11.76 -15.61
CA SER B 83 12.28 12.57 -14.77
C SER B 83 11.22 13.25 -15.63
N ASN B 84 10.55 12.49 -16.51
CA ASN B 84 9.41 12.97 -17.33
C ASN B 84 8.28 11.93 -17.23
N ASN B 85 7.18 12.12 -17.96
CA ASN B 85 6.07 11.13 -18.01
C ASN B 85 5.98 10.54 -19.42
N ILE B 86 7.10 10.39 -20.12
CA ILE B 86 7.10 9.81 -21.49
C ILE B 86 6.64 8.37 -21.39
N THR B 87 5.69 7.97 -22.23
CA THR B 87 5.01 6.65 -22.14
C THR B 87 5.31 5.85 -23.41
N GLY B 88 4.89 4.59 -23.41
CA GLY B 88 5.00 3.72 -24.60
C GLY B 88 6.33 2.99 -24.63
N PRO B 89 6.64 2.33 -25.77
CA PRO B 89 7.84 1.49 -25.88
C PRO B 89 9.16 2.27 -26.00
N ILE B 90 10.27 1.61 -25.66
CA ILE B 90 11.64 2.11 -25.97
C ILE B 90 11.92 1.67 -27.40
N PRO B 91 12.12 2.61 -28.34
CA PRO B 91 12.31 2.24 -29.74
C PRO B 91 13.53 1.33 -29.96
N SER B 92 13.35 0.31 -30.79
CA SER B 92 14.44 -0.61 -31.20
C SER B 92 15.54 0.16 -31.91
N ASN B 93 15.20 1.27 -32.59
CA ASN B 93 16.17 1.99 -33.44
C ASN B 93 17.20 2.72 -32.57
N LEU B 94 16.94 2.83 -31.27
CA LEU B 94 17.93 3.40 -30.31
C LEU B 94 19.20 2.55 -30.33
N GLY B 95 19.11 1.31 -30.80
CA GLY B 95 20.26 0.42 -30.99
C GLY B 95 21.16 0.90 -32.10
N ASN B 96 20.65 1.74 -33.00
CA ASN B 96 21.43 2.28 -34.15
C ASN B 96 22.29 3.47 -33.69
N LEU B 97 22.11 3.94 -32.45
CA LEU B 97 22.95 5.02 -31.86
C LEU B 97 24.28 4.42 -31.42
N THR B 98 25.20 4.18 -32.36
CA THR B 98 26.47 3.44 -32.13
C THR B 98 27.34 4.17 -31.09
N ASN B 99 27.41 5.50 -31.16
CA ASN B 99 28.37 6.27 -30.33
C ASN B 99 27.74 6.61 -28.98
N LEU B 100 26.54 6.09 -28.68
CA LEU B 100 25.83 6.42 -27.43
C LEU B 100 26.66 5.94 -26.24
N VAL B 101 26.80 6.82 -25.24
CA VAL B 101 27.55 6.54 -23.99
C VAL B 101 26.55 6.48 -22.83
N SER B 102 25.48 7.26 -22.89
CA SER B 102 24.45 7.31 -21.82
C SER B 102 23.03 7.18 -22.40
N LEU B 103 22.24 6.24 -21.85
CA LEU B 103 20.80 6.12 -22.15
C LEU B 103 20.06 6.28 -20.82
N ASP B 104 19.68 7.51 -20.49
CA ASP B 104 18.98 7.83 -19.22
C ASP B 104 17.50 8.07 -19.50
N LEU B 105 16.69 7.02 -19.40
CA LEU B 105 15.22 7.08 -19.64
C LEU B 105 14.50 6.85 -18.32
N TYR B 106 15.21 7.01 -17.21
CA TYR B 106 14.68 6.66 -15.87
C TYR B 106 13.61 7.66 -15.44
N LEU B 107 12.86 7.31 -14.41
CA LEU B 107 11.79 8.13 -13.82
C LEU B 107 10.82 8.59 -14.92
N ASN B 108 10.37 7.63 -15.73
CA ASN B 108 9.36 7.84 -16.80
C ASN B 108 8.34 6.70 -16.71
N SER B 109 7.35 6.67 -17.58
CA SER B 109 6.30 5.62 -17.60
C SER B 109 6.46 4.72 -18.82
N PHE B 110 7.69 4.51 -19.30
CA PHE B 110 7.97 3.61 -20.45
C PHE B 110 7.46 2.22 -20.11
N SER B 111 6.85 1.56 -21.10
CA SER B 111 6.29 0.19 -20.94
C SER B 111 6.87 -0.69 -22.04
N GLY B 112 6.58 -1.99 -21.98
CA GLY B 112 7.03 -2.96 -23.00
C GLY B 112 8.44 -3.46 -22.71
N PRO B 113 9.03 -4.18 -23.68
CA PRO B 113 10.34 -4.82 -23.47
C PRO B 113 11.53 -3.85 -23.58
N ILE B 114 12.63 -4.25 -22.95
CA ILE B 114 13.96 -3.64 -23.20
C ILE B 114 14.44 -4.20 -24.54
N PRO B 115 14.63 -3.38 -25.58
CA PRO B 115 15.02 -3.90 -26.89
C PRO B 115 16.35 -4.67 -26.85
N GLU B 116 16.44 -5.77 -27.58
CA GLU B 116 17.69 -6.56 -27.71
C GLU B 116 18.72 -5.74 -28.48
N SER B 117 18.24 -4.78 -29.28
CA SER B 117 19.07 -3.88 -30.10
C SER B 117 20.04 -3.08 -29.22
N LEU B 118 19.68 -2.83 -27.95
CA LEU B 118 20.51 -2.01 -27.02
C LEU B 118 21.85 -2.70 -26.78
N GLY B 119 21.95 -4.00 -27.07
CA GLY B 119 23.22 -4.74 -27.01
C GLY B 119 24.22 -4.21 -28.02
N LYS B 120 23.74 -3.67 -29.14
CA LYS B 120 24.59 -3.18 -30.24
C LYS B 120 25.25 -1.84 -29.86
N LEU B 121 24.89 -1.26 -28.71
CA LEU B 121 25.50 -0.01 -28.19
C LEU B 121 26.88 -0.32 -27.58
N SER B 122 27.90 -0.45 -28.43
CA SER B 122 29.28 -0.88 -28.09
C SER B 122 29.93 0.05 -27.06
N LYS B 123 29.67 1.37 -27.09
CA LYS B 123 30.41 2.35 -26.25
C LYS B 123 29.59 2.75 -25.02
N LEU B 124 28.44 2.11 -24.77
CA LEU B 124 27.53 2.54 -23.69
C LEU B 124 28.24 2.32 -22.35
N ARG B 125 28.19 3.33 -21.48
CA ARG B 125 28.77 3.27 -20.12
C ARG B 125 27.64 3.38 -19.10
N PHE B 126 26.55 4.05 -19.44
CA PHE B 126 25.40 4.25 -18.52
C PHE B 126 24.11 3.77 -19.16
N LEU B 127 23.40 2.88 -18.47
CA LEU B 127 22.04 2.46 -18.85
C LEU B 127 21.15 2.55 -17.61
N ARG B 128 20.42 3.66 -17.49
CA ARG B 128 19.49 3.86 -16.36
C ARG B 128 18.06 3.87 -16.89
N LEU B 129 17.35 2.74 -16.76
CA LEU B 129 15.94 2.56 -17.21
C LEU B 129 15.08 2.36 -15.98
N ASN B 130 15.58 2.77 -14.81
CA ASN B 130 14.91 2.53 -13.51
C ASN B 130 13.65 3.37 -13.40
N ASN B 131 12.79 3.03 -12.43
CA ASN B 131 11.53 3.75 -12.10
C ASN B 131 10.71 3.93 -13.38
N ASN B 132 10.53 2.84 -14.12
CA ASN B 132 9.64 2.75 -15.31
C ASN B 132 8.71 1.54 -15.10
N SER B 133 7.84 1.29 -16.07
CA SER B 133 6.89 0.15 -16.08
C SER B 133 7.33 -0.90 -17.10
N LEU B 134 8.64 -1.02 -17.37
CA LEU B 134 9.16 -1.95 -18.40
C LEU B 134 8.86 -3.38 -17.95
N THR B 135 8.47 -4.24 -18.89
CA THR B 135 8.08 -5.65 -18.65
C THR B 135 8.95 -6.54 -19.53
N GLY B 136 8.98 -7.83 -19.25
CA GLY B 136 9.73 -8.80 -20.06
C GLY B 136 11.03 -9.18 -19.39
N SER B 137 11.91 -9.86 -20.12
CA SER B 137 13.23 -10.33 -19.61
C SER B 137 14.31 -9.32 -19.98
N ILE B 138 15.42 -9.35 -19.26
CA ILE B 138 16.60 -8.49 -19.52
C ILE B 138 17.39 -9.15 -20.65
N PRO B 139 17.58 -8.47 -21.81
CA PRO B 139 18.31 -9.07 -22.92
C PRO B 139 19.73 -9.51 -22.52
N MET B 140 20.16 -10.67 -23.02
CA MET B 140 21.51 -11.20 -22.73
C MET B 140 22.55 -10.40 -23.54
N SER B 141 22.11 -9.72 -24.60
CA SER B 141 22.97 -8.89 -25.48
C SER B 141 23.70 -7.82 -24.67
N LEU B 142 23.08 -7.33 -23.60
CA LEU B 142 23.61 -6.24 -22.75
C LEU B 142 24.93 -6.68 -22.11
N THR B 143 25.16 -7.99 -22.00
CA THR B 143 26.41 -8.56 -21.44
C THR B 143 27.57 -8.32 -22.42
N ASN B 144 27.27 -8.18 -23.72
CA ASN B 144 28.30 -7.96 -24.78
C ASN B 144 28.73 -6.50 -24.80
N ILE B 145 28.11 -5.62 -24.02
CA ILE B 145 28.56 -4.20 -23.89
C ILE B 145 29.68 -4.14 -22.86
N THR B 146 30.92 -4.18 -23.32
CA THR B 146 32.15 -4.25 -22.48
C THR B 146 32.29 -2.96 -21.67
N THR B 147 31.92 -1.82 -22.26
CA THR B 147 32.12 -0.47 -21.70
C THR B 147 31.14 -0.18 -20.55
N LEU B 148 30.11 -1.00 -20.37
CA LEU B 148 29.02 -0.70 -19.42
C LEU B 148 29.61 -0.62 -18.01
N GLN B 149 29.34 0.47 -17.29
CA GLN B 149 29.85 0.71 -15.92
C GLN B 149 28.72 0.99 -14.94
N VAL B 150 27.60 1.57 -15.41
CA VAL B 150 26.40 1.86 -14.57
C VAL B 150 25.19 1.21 -15.22
N LEU B 151 24.46 0.39 -14.45
CA LEU B 151 23.16 -0.22 -14.85
C LEU B 151 22.17 -0.05 -13.71
N ASP B 152 20.97 0.46 -14.02
CA ASP B 152 19.86 0.51 -13.03
C ASP B 152 18.57 0.14 -13.75
N LEU B 153 18.12 -1.11 -13.58
CA LEU B 153 16.84 -1.61 -14.13
C LEU B 153 15.85 -1.77 -12.97
N SER B 154 16.13 -1.12 -11.84
CA SER B 154 15.33 -1.24 -10.60
C SER B 154 13.95 -0.59 -10.78
N ASN B 155 13.00 -0.93 -9.90
CA ASN B 155 11.66 -0.31 -9.84
C ASN B 155 11.02 -0.40 -11.23
N ASN B 156 11.05 -1.61 -11.80
CA ASN B 156 10.37 -1.96 -13.08
C ASN B 156 9.53 -3.21 -12.82
N ARG B 157 8.84 -3.69 -13.85
CA ARG B 157 8.01 -4.92 -13.80
C ARG B 157 8.68 -6.02 -14.63
N LEU B 158 10.02 -6.06 -14.68
CA LEU B 158 10.76 -7.05 -15.50
C LEU B 158 10.66 -8.42 -14.83
N SER B 159 10.85 -9.48 -15.61
CA SER B 159 10.70 -10.89 -15.17
C SER B 159 11.76 -11.75 -15.85
N GLY B 160 12.18 -12.84 -15.20
CA GLY B 160 13.04 -13.87 -15.82
C GLY B 160 14.46 -13.84 -15.30
N SER B 161 15.36 -14.49 -16.02
CA SER B 161 16.77 -14.67 -15.61
C SER B 161 17.51 -13.32 -15.64
N VAL B 162 18.37 -13.08 -14.67
CA VAL B 162 19.29 -11.90 -14.63
C VAL B 162 20.67 -12.39 -15.07
N PRO B 163 21.26 -11.87 -16.15
CA PRO B 163 22.57 -12.33 -16.60
C PRO B 163 23.65 -12.01 -15.55
N ASP B 164 24.63 -12.90 -15.43
CA ASP B 164 25.74 -12.77 -14.44
C ASP B 164 27.08 -12.73 -15.19
N ASN B 165 27.06 -12.71 -16.52
CA ASN B 165 28.32 -12.77 -17.32
C ASN B 165 28.58 -11.42 -18.03
N GLY B 166 29.82 -11.24 -18.50
CA GLY B 166 30.29 -10.01 -19.15
C GLY B 166 30.18 -8.81 -18.23
N SER B 167 29.62 -7.70 -18.71
CA SER B 167 29.45 -6.43 -17.95
C SER B 167 28.65 -6.70 -16.67
N PHE B 168 27.68 -7.60 -16.74
CA PHE B 168 26.76 -7.91 -15.62
C PHE B 168 27.51 -8.61 -14.49
N SER B 169 28.70 -9.13 -14.75
CA SER B 169 29.54 -9.84 -13.75
C SER B 169 29.76 -8.93 -12.53
N LEU B 170 29.96 -7.63 -12.77
CA LEU B 170 30.33 -6.66 -11.72
C LEU B 170 29.08 -6.10 -11.03
N PHE B 171 27.87 -6.33 -11.57
CA PHE B 171 26.67 -5.56 -11.14
C PHE B 171 26.11 -6.15 -9.85
N THR B 172 25.74 -5.26 -8.94
CA THR B 172 25.17 -5.57 -7.60
C THR B 172 23.67 -5.80 -7.72
N PRO B 173 23.02 -6.32 -6.65
CA PRO B 173 21.56 -6.46 -6.63
C PRO B 173 20.76 -5.15 -6.73
N ILE B 174 21.33 -4.02 -6.32
CA ILE B 174 20.60 -2.70 -6.29
C ILE B 174 20.14 -2.35 -7.71
N SER B 175 20.88 -2.81 -8.73
CA SER B 175 20.59 -2.57 -10.16
C SER B 175 19.26 -3.23 -10.55
N PHE B 176 18.96 -4.42 -10.03
CA PHE B 176 17.81 -5.23 -10.50
C PHE B 176 16.68 -5.28 -9.46
N ALA B 177 16.68 -4.38 -8.48
CA ALA B 177 15.75 -4.40 -7.33
C ALA B 177 14.31 -4.07 -7.76
N ASN B 178 13.35 -4.51 -6.96
CA ASN B 178 11.90 -4.19 -7.06
C ASN B 178 11.39 -4.48 -8.47
N ASN B 179 11.52 -5.72 -8.92
CA ASN B 179 11.00 -6.20 -10.22
C ASN B 179 10.05 -7.37 -9.96
N LEU B 180 9.19 -7.68 -10.93
CA LEU B 180 8.02 -8.59 -10.74
C LEU B 180 8.50 -9.99 -10.34
N ASP B 181 9.32 -10.62 -11.17
CA ASP B 181 9.74 -12.03 -10.99
C ASP B 181 11.12 -12.22 -11.61
N LEU B 182 12.12 -11.50 -11.10
CA LEU B 182 13.52 -11.66 -11.56
C LEU B 182 14.12 -12.86 -10.81
N CYS B 183 14.61 -13.85 -11.55
CA CYS B 183 15.28 -15.05 -11.01
C CYS B 183 16.76 -14.95 -11.37
N GLY B 184 17.65 -15.33 -10.47
CA GLY B 184 19.08 -15.41 -10.80
C GLY B 184 19.94 -15.34 -9.55
N PRO B 185 21.27 -15.47 -9.68
CA PRO B 185 22.17 -15.33 -8.55
C PRO B 185 22.11 -13.98 -7.79
N VAL B 186 21.92 -12.87 -8.51
CA VAL B 186 21.85 -11.51 -7.90
C VAL B 186 20.58 -11.45 -7.05
N THR B 187 19.52 -12.13 -7.46
CA THR B 187 18.21 -12.15 -6.77
C THR B 187 18.23 -13.24 -5.70
N SER B 188 17.36 -13.12 -4.70
CA SER B 188 17.08 -14.18 -3.70
C SER B 188 16.68 -15.47 -4.43
N HIS B 189 15.64 -15.39 -5.28
CA HIS B 189 15.00 -16.57 -5.91
C HIS B 189 15.91 -17.14 -6.98
N PRO B 190 16.38 -18.40 -6.88
CA PRO B 190 17.11 -19.03 -7.98
C PRO B 190 16.14 -19.37 -9.13
N CYS B 191 16.66 -19.55 -10.33
CA CYS B 191 15.84 -19.76 -11.55
C CYS B 191 15.32 -21.19 -11.59
N PRO B 192 14.13 -21.43 -12.17
CA PRO B 192 13.66 -22.77 -12.47
C PRO B 192 14.80 -23.70 -12.86
N ARG C 1 4.16 20.25 -45.07
CA ARG C 1 4.58 19.85 -46.44
C ARG C 1 3.88 20.74 -47.47
N LEU C 2 2.54 20.86 -47.38
CA LEU C 2 1.71 21.68 -48.30
C LEU C 2 1.86 23.15 -47.90
N VAL C 3 3.01 23.74 -48.22
CA VAL C 3 3.23 25.21 -48.09
C VAL C 3 2.73 25.88 -49.38
N SER C 5 2.84 28.56 -52.55
CA SER C 5 3.96 28.87 -53.43
C SER C 5 4.69 30.11 -52.92
N GLY C 6 6.03 30.05 -52.88
CA GLY C 6 6.91 31.14 -52.41
C GLY C 6 8.25 30.61 -51.91
N ASN C 8 11.74 29.31 -49.96
CA ASN C 8 12.05 28.46 -48.81
C ASN C 8 12.89 29.25 -47.81
N PRO C 9 12.38 29.48 -46.57
CA PRO C 9 13.02 30.39 -45.63
C PRO C 9 14.02 29.69 -44.71
N LEU C 10 14.93 28.90 -45.27
CA LEU C 10 15.96 28.21 -44.47
C LEU C 10 16.99 29.21 -43.97
N HIS C 11 17.44 29.07 -42.73
CA HIS C 11 18.33 30.08 -42.08
C HIS C 11 19.26 29.39 -41.08
N ASN C 12 20.35 30.07 -40.73
CA ASN C 12 21.37 29.59 -39.77
C ASN C 12 21.05 30.18 -38.39
N SER D 2 -60.99 50.23 -29.38
CA SER D 2 -60.83 48.97 -28.62
C SER D 2 -59.59 48.21 -29.10
N SER D 3 -59.16 48.41 -30.35
CA SER D 3 -57.94 47.78 -30.95
C SER D 3 -56.68 48.27 -30.23
N MET D 4 -56.72 49.45 -29.61
CA MET D 4 -55.61 50.07 -28.84
C MET D 4 -55.72 49.77 -27.34
N ASP D 5 -56.68 48.94 -26.92
CA ASP D 5 -56.87 48.49 -25.51
C ASP D 5 -55.77 47.49 -25.17
N ASN D 6 -55.34 47.44 -23.90
CA ASN D 6 -54.21 46.59 -23.42
C ASN D 6 -54.63 45.87 -22.13
N GLN D 7 -53.98 44.75 -21.83
CA GLN D 7 -54.20 44.00 -20.57
C GLN D 7 -52.89 44.05 -19.78
N ASP D 8 -52.18 45.18 -19.88
CA ASP D 8 -50.80 45.32 -19.32
C ASP D 8 -50.82 45.10 -17.81
N GLY D 9 -51.87 45.58 -17.11
CA GLY D 9 -52.03 45.37 -15.67
C GLY D 9 -52.10 43.89 -15.32
N PHE D 10 -52.88 43.13 -16.08
CA PHE D 10 -53.01 41.66 -15.90
C PHE D 10 -51.65 41.00 -16.10
N ILE D 11 -50.92 41.41 -17.14
CA ILE D 11 -49.61 40.80 -17.48
C ILE D 11 -48.65 41.02 -16.32
N LEU D 12 -48.60 42.24 -15.77
CA LEU D 12 -47.67 42.59 -14.68
C LEU D 12 -48.08 41.88 -13.39
N GLN D 13 -49.38 41.70 -13.16
CA GLN D 13 -49.88 40.94 -11.98
C GLN D 13 -49.40 39.49 -12.11
N GLN D 14 -49.42 38.92 -13.32
CA GLN D 14 -48.90 37.56 -13.59
C GLN D 14 -47.39 37.52 -13.30
N VAL D 15 -46.65 38.57 -13.66
CA VAL D 15 -45.19 38.67 -13.37
C VAL D 15 -44.99 38.62 -11.86
N LYS D 16 -45.80 39.36 -11.12
CA LYS D 16 -45.70 39.45 -9.64
C LYS D 16 -45.89 38.07 -9.02
N LEU D 17 -46.90 37.33 -9.49
CA LEU D 17 -47.21 35.96 -9.00
C LEU D 17 -46.03 35.03 -9.27
N SER D 18 -45.39 35.15 -10.44
CA SER D 18 -44.26 34.28 -10.89
C SER D 18 -43.05 34.44 -9.96
N LEU D 19 -42.78 35.65 -9.47
CA LEU D 19 -41.56 35.92 -8.67
C LEU D 19 -41.94 35.94 -7.18
N ASP D 20 -40.96 35.63 -6.33
CA ASP D 20 -41.08 35.72 -4.85
C ASP D 20 -40.66 37.12 -4.41
N ASP D 21 -41.48 37.74 -3.56
CA ASP D 21 -41.30 39.15 -3.11
C ASP D 21 -41.35 39.21 -1.59
N PRO D 22 -40.30 38.69 -0.91
CA PRO D 22 -40.26 38.64 0.55
C PRO D 22 -40.40 40.04 1.15
N ASP D 23 -39.75 41.04 0.55
CA ASP D 23 -39.64 42.40 1.11
C ASP D 23 -40.78 43.28 0.55
N SER D 24 -41.78 42.66 -0.08
CA SER D 24 -43.06 43.32 -0.49
C SER D 24 -42.77 44.59 -1.29
N TYR D 25 -41.89 44.53 -2.28
CA TYR D 25 -41.54 45.67 -3.19
C TYR D 25 -42.61 45.87 -4.27
N LEU D 26 -43.50 44.90 -4.45
CA LEU D 26 -44.55 44.96 -5.49
C LEU D 26 -45.92 45.18 -4.83
N SER D 27 -45.95 45.73 -3.63
CA SER D 27 -47.20 46.03 -2.88
C SER D 27 -47.99 47.14 -3.60
N SER D 28 -47.30 48.10 -4.21
CA SER D 28 -47.91 49.19 -5.03
C SER D 28 -48.77 48.60 -6.15
N TRP D 29 -48.48 47.37 -6.55
CA TRP D 29 -49.12 46.70 -7.71
C TRP D 29 -50.51 46.23 -7.27
N ASN D 30 -51.49 47.12 -7.25
CA ASN D 30 -52.86 46.84 -6.74
C ASN D 30 -53.71 46.32 -7.89
N SER D 31 -54.19 45.08 -7.81
CA SER D 31 -55.03 44.46 -8.86
C SER D 31 -56.21 45.38 -9.15
N ASN D 32 -56.78 46.00 -8.11
CA ASN D 32 -57.99 46.87 -8.24
C ASN D 32 -57.66 48.03 -9.17
N ASP D 33 -56.42 48.55 -9.14
CA ASP D 33 -56.00 49.72 -9.95
C ASP D 33 -56.28 49.40 -11.42
N ALA D 34 -56.96 50.31 -12.12
CA ALA D 34 -57.32 50.18 -13.54
C ALA D 34 -56.07 50.13 -14.41
N SER D 35 -55.14 51.06 -14.16
CA SER D 35 -53.90 51.22 -14.96
C SER D 35 -52.69 50.85 -14.13
N PRO D 36 -51.71 50.15 -14.72
CA PRO D 36 -50.47 49.83 -14.02
C PRO D 36 -49.47 50.98 -14.05
N CYS D 37 -49.80 52.07 -14.74
CA CYS D 37 -48.86 53.15 -15.09
C CYS D 37 -48.25 53.83 -13.86
N ARG D 38 -48.98 53.91 -12.73
CA ARG D 38 -48.51 54.61 -11.51
C ARG D 38 -47.91 53.61 -10.51
N TRP D 39 -47.92 52.31 -10.83
CA TRP D 39 -47.28 51.24 -10.03
C TRP D 39 -45.78 51.51 -9.92
N SER D 40 -45.14 51.06 -8.85
CA SER D 40 -43.70 51.25 -8.60
C SER D 40 -42.88 50.49 -9.66
N GLY D 41 -41.93 51.19 -10.29
CA GLY D 41 -41.04 50.60 -11.31
C GLY D 41 -41.69 50.58 -12.68
N VAL D 42 -42.96 50.94 -12.80
CA VAL D 42 -43.70 50.87 -14.09
C VAL D 42 -43.83 52.27 -14.67
N SER D 43 -43.45 52.44 -15.94
CA SER D 43 -43.56 53.71 -16.70
C SER D 43 -44.33 53.44 -17.98
N CYS D 44 -45.46 54.12 -18.17
CA CYS D 44 -46.22 54.14 -19.44
C CYS D 44 -45.95 55.50 -20.10
N ALA D 45 -45.06 55.60 -21.08
CA ALA D 45 -44.61 56.87 -21.68
C ALA D 45 -45.45 57.24 -22.92
N GLY D 46 -46.33 56.34 -23.36
CA GLY D 46 -47.05 56.44 -24.64
C GLY D 46 -48.43 57.07 -24.49
N ASP D 47 -49.10 57.33 -25.61
CA ASP D 47 -50.46 57.94 -25.69
C ASP D 47 -51.42 57.12 -24.80
N PHE D 48 -51.47 55.80 -25.02
CA PHE D 48 -52.35 54.86 -24.29
C PHE D 48 -51.76 54.55 -22.91
N SER D 49 -52.38 53.60 -22.20
CA SER D 49 -51.94 53.14 -20.85
C SER D 49 -51.05 51.92 -21.05
N SER D 50 -50.09 52.03 -21.97
CA SER D 50 -49.20 50.91 -22.37
C SER D 50 -47.89 51.05 -21.61
N VAL D 51 -47.46 50.00 -20.91
CA VAL D 51 -46.19 49.98 -20.15
C VAL D 51 -45.07 50.00 -21.18
N THR D 52 -44.09 50.89 -20.99
CA THR D 52 -42.93 51.06 -21.90
C THR D 52 -41.65 50.69 -21.17
N SER D 53 -41.59 50.89 -19.86
CA SER D 53 -40.39 50.58 -19.04
C SER D 53 -40.81 49.92 -17.72
N VAL D 54 -40.11 48.85 -17.32
CA VAL D 54 -40.26 48.21 -15.99
C VAL D 54 -38.87 48.09 -15.37
N ASP D 55 -38.66 48.75 -14.23
CA ASP D 55 -37.41 48.68 -13.44
C ASP D 55 -37.74 48.11 -12.06
N LEU D 56 -37.35 46.86 -11.83
CA LEU D 56 -37.56 46.14 -10.55
C LEU D 56 -36.20 45.87 -9.92
N SER D 57 -35.26 46.80 -10.09
CA SER D 57 -33.88 46.68 -9.58
C SER D 57 -33.91 46.69 -8.04
N SER D 58 -33.10 45.85 -7.42
CA SER D 58 -32.85 45.84 -5.95
C SER D 58 -34.16 45.64 -5.18
N ALA D 59 -34.99 44.69 -5.58
CA ALA D 59 -36.30 44.44 -4.95
C ALA D 59 -36.33 43.07 -4.26
N ASN D 60 -35.18 42.41 -4.16
CA ASN D 60 -35.05 41.08 -3.54
C ASN D 60 -36.08 40.12 -4.16
N LEU D 61 -36.29 40.22 -5.47
CA LEU D 61 -37.24 39.34 -6.21
C LEU D 61 -36.53 38.07 -6.64
N ALA D 62 -37.13 36.91 -6.37
CA ALA D 62 -36.51 35.60 -6.60
C ALA D 62 -37.42 34.75 -7.48
N GLY D 63 -36.84 34.00 -8.40
CA GLY D 63 -37.57 33.10 -9.31
C GLY D 63 -36.99 33.16 -10.71
N PRO D 64 -37.52 32.37 -11.66
CA PRO D 64 -37.02 32.38 -13.03
C PRO D 64 -37.50 33.65 -13.75
N PHE D 65 -36.90 33.96 -14.89
CA PHE D 65 -37.29 35.13 -15.71
C PHE D 65 -38.77 35.02 -16.10
N PRO D 66 -39.59 36.05 -15.85
CA PRO D 66 -41.00 36.03 -16.21
C PRO D 66 -41.27 36.27 -17.71
N SER D 67 -41.34 35.20 -18.51
CA SER D 67 -41.54 35.24 -19.97
C SER D 67 -42.91 35.87 -20.31
N VAL D 68 -43.83 35.94 -19.35
CA VAL D 68 -45.17 36.57 -19.53
C VAL D 68 -44.97 38.06 -19.82
N ILE D 69 -43.93 38.67 -19.28
CA ILE D 69 -43.67 40.14 -19.43
C ILE D 69 -43.56 40.49 -20.92
N CYS D 70 -43.12 39.55 -21.74
CA CYS D 70 -42.97 39.74 -23.20
C CYS D 70 -44.33 40.04 -23.86
N ARG D 71 -45.43 39.73 -23.17
CA ARG D 71 -46.81 40.06 -23.63
C ARG D 71 -47.11 41.55 -23.47
N LEU D 72 -46.28 42.28 -22.72
CA LEU D 72 -46.32 43.78 -22.74
C LEU D 72 -45.77 44.19 -24.10
N SER D 73 -46.65 44.61 -25.01
CA SER D 73 -46.32 44.81 -26.45
C SER D 73 -45.34 45.96 -26.63
N ASN D 74 -45.45 47.01 -25.81
CA ASN D 74 -44.65 48.25 -26.00
C ASN D 74 -43.54 48.37 -24.95
N LEU D 75 -43.23 47.30 -24.22
CA LEU D 75 -42.07 47.30 -23.29
C LEU D 75 -40.79 47.43 -24.10
N ALA D 76 -40.02 48.49 -23.83
CA ALA D 76 -38.75 48.81 -24.50
C ALA D 76 -37.61 48.74 -23.50
N HIS D 77 -37.87 48.83 -22.20
CA HIS D 77 -36.82 48.86 -21.16
C HIS D 77 -37.19 47.92 -20.02
N LEU D 78 -36.36 46.92 -19.72
CA LEU D 78 -36.56 46.00 -18.57
C LEU D 78 -35.26 45.94 -17.75
N SER D 79 -35.33 46.27 -16.46
CA SER D 79 -34.21 46.10 -15.51
C SER D 79 -34.66 45.22 -14.35
N LEU D 80 -33.94 44.12 -14.14
CA LEU D 80 -34.12 43.21 -12.98
C LEU D 80 -32.81 43.18 -12.22
N TYR D 81 -32.07 44.29 -12.23
CA TYR D 81 -30.72 44.41 -11.62
C TYR D 81 -30.80 44.07 -10.13
N ASN D 82 -29.79 43.39 -9.60
CA ASN D 82 -29.62 43.17 -8.13
C ASN D 82 -30.84 42.44 -7.58
N ASN D 83 -31.28 41.37 -8.24
CA ASN D 83 -32.38 40.51 -7.73
C ASN D 83 -31.83 39.08 -7.69
N SER D 84 -32.66 38.10 -7.33
CA SER D 84 -32.29 36.68 -7.22
C SER D 84 -32.98 35.87 -8.33
N ILE D 85 -33.09 36.42 -9.53
CA ILE D 85 -33.61 35.67 -10.72
C ILE D 85 -32.69 34.48 -10.96
N ASN D 86 -33.26 33.27 -11.05
CA ASN D 86 -32.48 32.01 -11.12
C ASN D 86 -32.89 31.23 -12.37
N SER D 87 -32.24 30.08 -12.59
CA SER D 87 -32.51 29.16 -13.71
C SER D 87 -31.94 29.71 -15.02
N THR D 88 -32.14 29.00 -16.13
CA THR D 88 -31.64 29.38 -17.48
C THR D 88 -32.45 30.58 -17.99
N LEU D 89 -31.85 31.42 -18.83
CA LEU D 89 -32.58 32.49 -19.53
C LEU D 89 -33.39 31.83 -20.65
N PRO D 90 -34.73 32.01 -20.67
CA PRO D 90 -35.56 31.29 -21.64
C PRO D 90 -35.32 31.79 -23.06
N LEU D 91 -35.38 30.88 -24.05
CA LEU D 91 -35.19 31.25 -25.47
C LEU D 91 -36.40 32.05 -25.95
N ASN D 92 -37.51 31.98 -25.20
CA ASN D 92 -38.77 32.68 -25.56
C ASN D 92 -38.66 34.17 -25.18
N ILE D 93 -37.51 34.60 -24.66
CA ILE D 93 -37.27 36.04 -24.33
C ILE D 93 -37.36 36.87 -25.61
N ALA D 94 -37.10 36.23 -26.77
CA ALA D 94 -37.17 36.86 -28.11
C ALA D 94 -38.57 37.44 -28.36
N ALA D 95 -39.60 36.91 -27.70
CA ALA D 95 -40.99 37.43 -27.77
C ALA D 95 -41.04 38.90 -27.34
N CYS D 96 -40.10 39.35 -26.51
CA CYS D 96 -39.96 40.79 -26.11
C CYS D 96 -39.36 41.56 -27.28
N LYS D 97 -40.08 41.65 -28.39
CA LYS D 97 -39.53 42.09 -29.71
C LYS D 97 -39.34 43.61 -29.73
N SER D 98 -39.88 44.32 -28.73
CA SER D 98 -39.83 45.80 -28.66
C SER D 98 -38.76 46.26 -27.66
N LEU D 99 -38.10 45.33 -26.97
CA LEU D 99 -37.06 45.65 -25.94
C LEU D 99 -35.87 46.36 -26.58
N GLN D 100 -35.50 47.51 -26.04
CA GLN D 100 -34.28 48.26 -26.43
C GLN D 100 -33.24 48.08 -25.33
N THR D 101 -33.67 47.97 -24.08
CA THR D 101 -32.77 47.81 -22.91
C THR D 101 -33.16 46.55 -22.11
N LEU D 102 -32.18 45.68 -21.85
CA LEU D 102 -32.35 44.51 -20.96
C LEU D 102 -31.21 44.50 -19.94
N ASP D 103 -31.50 44.83 -18.68
CA ASP D 103 -30.54 44.71 -17.56
C ASP D 103 -30.97 43.56 -16.67
N LEU D 104 -30.26 42.43 -16.75
CA LEU D 104 -30.50 41.26 -15.88
C LEU D 104 -29.24 41.04 -15.04
N SER D 105 -28.49 42.11 -14.79
CA SER D 105 -27.18 42.06 -14.11
C SER D 105 -27.36 41.80 -12.61
N GLN D 106 -26.34 41.21 -11.98
CA GLN D 106 -26.30 40.91 -10.54
C GLN D 106 -27.53 40.08 -10.17
N ASN D 107 -27.74 38.98 -10.89
CA ASN D 107 -28.79 37.98 -10.61
C ASN D 107 -28.10 36.62 -10.56
N LEU D 108 -28.86 35.53 -10.42
CA LEU D 108 -28.29 34.18 -10.26
C LEU D 108 -28.58 33.34 -11.51
N LEU D 109 -28.74 33.98 -12.67
CA LEU D 109 -29.04 33.25 -13.93
C LEU D 109 -27.83 32.38 -14.31
N THR D 110 -28.11 31.18 -14.81
CA THR D 110 -27.09 30.13 -15.09
C THR D 110 -27.34 29.52 -16.46
N GLY D 111 -26.35 28.78 -16.98
CA GLY D 111 -26.47 28.02 -18.23
C GLY D 111 -25.91 28.77 -19.42
N GLU D 112 -26.18 28.27 -20.62
CA GLU D 112 -25.69 28.87 -21.89
C GLU D 112 -26.52 30.12 -22.19
N LEU D 113 -25.91 31.11 -22.85
CA LEU D 113 -26.62 32.33 -23.27
C LEU D 113 -27.65 31.94 -24.32
N PRO D 114 -28.91 32.41 -24.21
CA PRO D 114 -29.90 32.19 -25.25
C PRO D 114 -29.45 32.88 -26.55
N GLN D 115 -29.47 32.16 -27.66
CA GLN D 115 -29.06 32.72 -28.98
C GLN D 115 -30.19 33.62 -29.49
N THR D 116 -31.40 33.41 -28.99
CA THR D 116 -32.64 34.11 -29.40
C THR D 116 -32.58 35.59 -29.00
N LEU D 117 -31.61 35.99 -28.18
CA LEU D 117 -31.41 37.40 -27.79
C LEU D 117 -31.15 38.26 -29.03
N ALA D 118 -30.41 37.73 -30.00
CA ALA D 118 -30.07 38.43 -31.27
C ALA D 118 -31.31 38.54 -32.17
N ASP D 119 -32.33 37.74 -31.90
CA ASP D 119 -33.61 37.72 -32.64
C ASP D 119 -34.51 38.86 -32.12
N ILE D 120 -34.07 39.58 -31.09
CA ILE D 120 -34.75 40.85 -30.68
C ILE D 120 -34.10 41.97 -31.49
N PRO D 121 -34.78 42.49 -32.53
CA PRO D 121 -34.19 43.48 -33.43
C PRO D 121 -33.92 44.86 -32.82
N THR D 122 -34.77 45.27 -31.86
CA THR D 122 -34.76 46.60 -31.20
C THR D 122 -33.66 46.72 -30.14
N LEU D 123 -33.01 45.63 -29.73
CA LEU D 123 -32.09 45.63 -28.55
C LEU D 123 -30.91 46.57 -28.81
N VAL D 124 -30.66 47.48 -27.88
CA VAL D 124 -29.55 48.47 -27.92
C VAL D 124 -28.57 48.16 -26.80
N HIS D 125 -29.08 47.76 -25.64
CA HIS D 125 -28.29 47.59 -24.39
C HIS D 125 -28.54 46.19 -23.83
N LEU D 126 -27.51 45.36 -23.71
CA LEU D 126 -27.64 44.05 -23.02
C LEU D 126 -26.60 44.03 -21.90
N ASP D 127 -27.06 43.97 -20.65
CA ASP D 127 -26.20 43.81 -19.46
C ASP D 127 -26.60 42.50 -18.77
N LEU D 128 -25.73 41.50 -18.83
CA LEU D 128 -25.92 40.21 -18.14
C LEU D 128 -24.77 40.00 -17.15
N THR D 129 -24.22 41.09 -16.60
CA THR D 129 -23.05 41.08 -15.69
C THR D 129 -23.44 40.40 -14.36
N GLY D 130 -22.48 39.82 -13.66
CA GLY D 130 -22.68 39.22 -12.33
C GLY D 130 -23.70 38.11 -12.36
N ASN D 131 -23.61 37.23 -13.35
CA ASN D 131 -24.46 36.03 -13.45
C ASN D 131 -23.51 34.85 -13.64
N ASN D 132 -24.02 33.63 -13.76
CA ASN D 132 -23.19 32.41 -13.87
C ASN D 132 -23.39 31.79 -15.25
N PHE D 133 -23.58 32.61 -16.27
CA PHE D 133 -23.71 32.14 -17.67
C PHE D 133 -22.41 31.41 -18.04
N SER D 134 -22.53 30.34 -18.80
CA SER D 134 -21.40 29.44 -19.14
C SER D 134 -21.44 29.12 -20.63
N GLY D 135 -20.34 28.55 -21.13
CA GLY D 135 -20.29 28.01 -22.51
C GLY D 135 -19.77 29.03 -23.49
N ASP D 136 -20.00 28.79 -24.77
CA ASP D 136 -19.53 29.69 -25.87
C ASP D 136 -20.54 30.83 -26.01
N ILE D 137 -20.05 32.01 -26.37
CA ILE D 137 -20.92 33.12 -26.81
C ILE D 137 -21.59 32.68 -28.10
N PRO D 138 -22.94 32.69 -28.19
CA PRO D 138 -23.65 32.22 -29.37
C PRO D 138 -23.27 33.01 -30.62
N ALA D 139 -23.22 32.36 -31.79
CA ALA D 139 -22.84 32.96 -33.08
C ALA D 139 -23.94 33.92 -33.56
N SER D 140 -25.14 33.79 -33.02
CA SER D 140 -26.27 34.71 -33.27
C SER D 140 -25.84 36.12 -32.90
N PHE D 141 -24.92 36.24 -31.93
CA PHE D 141 -24.51 37.54 -31.33
C PHE D 141 -23.80 38.42 -32.37
N GLY D 142 -23.20 37.82 -33.40
CA GLY D 142 -22.62 38.57 -34.54
C GLY D 142 -23.67 39.22 -35.41
N LYS D 143 -24.94 38.78 -35.31
CA LYS D 143 -26.04 39.24 -36.19
C LYS D 143 -26.91 40.28 -35.49
N PHE D 144 -26.50 40.79 -34.32
CA PHE D 144 -27.22 41.88 -33.62
C PHE D 144 -27.30 43.08 -34.57
N GLU D 145 -28.49 43.63 -34.71
CA GLU D 145 -28.81 44.65 -35.74
C GLU D 145 -28.54 46.06 -35.21
N ASN D 146 -28.83 46.31 -33.93
CA ASN D 146 -28.87 47.69 -33.38
C ASN D 146 -28.18 47.76 -32.00
N LEU D 147 -27.50 46.71 -31.56
CA LEU D 147 -26.92 46.67 -30.20
C LEU D 147 -25.72 47.62 -30.13
N GLU D 148 -25.68 48.43 -29.08
CA GLU D 148 -24.58 49.39 -28.83
C GLU D 148 -23.75 48.94 -27.62
N VAL D 149 -24.36 48.22 -26.68
CA VAL D 149 -23.68 47.77 -25.43
C VAL D 149 -23.86 46.26 -25.28
N LEU D 150 -22.76 45.53 -25.16
CA LEU D 150 -22.78 44.09 -24.79
C LEU D 150 -21.95 43.92 -23.53
N SER D 151 -22.56 43.66 -22.39
CA SER D 151 -21.83 43.39 -21.14
C SER D 151 -22.09 41.96 -20.67
N LEU D 152 -21.04 41.15 -20.68
CA LEU D 152 -21.07 39.75 -20.20
C LEU D 152 -20.03 39.60 -19.10
N VAL D 153 -19.79 40.67 -18.34
CA VAL D 153 -18.70 40.74 -17.33
C VAL D 153 -19.07 39.85 -16.15
N TYR D 154 -18.07 39.31 -15.48
CA TYR D 154 -18.21 38.48 -14.25
C TYR D 154 -19.27 37.41 -14.47
N ASN D 155 -19.13 36.67 -15.57
CA ASN D 155 -19.92 35.45 -15.83
C ASN D 155 -18.93 34.29 -15.86
N LEU D 156 -19.35 33.11 -16.26
CA LEU D 156 -18.49 31.90 -16.21
C LEU D 156 -18.23 31.38 -17.63
N LEU D 157 -18.17 32.27 -18.62
CA LEU D 157 -18.04 31.88 -20.04
C LEU D 157 -16.67 31.23 -20.26
N ASP D 158 -16.64 30.02 -20.83
CA ASP D 158 -15.43 29.17 -20.90
C ASP D 158 -14.91 29.07 -22.34
N GLY D 159 -15.56 29.78 -23.28
CA GLY D 159 -15.22 29.71 -24.71
C GLY D 159 -14.08 30.66 -25.08
N THR D 160 -13.72 30.68 -26.35
CA THR D 160 -12.71 31.60 -26.91
C THR D 160 -13.43 32.92 -27.16
N ILE D 161 -12.74 34.06 -27.07
CA ILE D 161 -13.35 35.38 -27.41
C ILE D 161 -13.69 35.31 -28.90
N PRO D 162 -14.97 35.48 -29.31
CA PRO D 162 -15.40 35.27 -30.69
C PRO D 162 -15.07 36.42 -31.65
N PRO D 163 -14.45 36.13 -32.82
CA PRO D 163 -14.18 37.15 -33.84
C PRO D 163 -15.43 37.75 -34.49
N PHE D 164 -16.56 37.03 -34.46
CA PHE D 164 -17.83 37.47 -35.08
C PHE D 164 -18.41 38.67 -34.31
N LEU D 165 -17.97 38.90 -33.08
CA LEU D 165 -18.44 40.04 -32.27
C LEU D 165 -17.97 41.36 -32.89
N GLY D 166 -16.91 41.32 -33.71
CA GLY D 166 -16.39 42.50 -34.44
C GLY D 166 -17.35 42.95 -35.55
N ASN D 167 -18.36 42.11 -35.85
CA ASN D 167 -19.34 42.32 -36.95
C ASN D 167 -20.52 43.15 -36.46
N ILE D 168 -20.58 43.50 -35.17
CA ILE D 168 -21.68 44.37 -34.65
C ILE D 168 -21.24 45.82 -34.86
N SER D 169 -21.58 46.41 -36.01
CA SER D 169 -21.17 47.78 -36.44
C SER D 169 -21.64 48.84 -35.44
N THR D 170 -22.85 48.65 -34.93
CA THR D 170 -23.53 49.60 -34.01
C THR D 170 -22.87 49.58 -32.63
N LEU D 171 -22.04 48.58 -32.30
CA LEU D 171 -21.49 48.40 -30.94
C LEU D 171 -20.60 49.59 -30.56
N LYS D 172 -20.84 50.12 -29.36
CA LYS D 172 -20.10 51.26 -28.76
C LYS D 172 -19.32 50.78 -27.54
N MET D 173 -19.78 49.72 -26.88
CA MET D 173 -19.10 49.16 -25.69
C MET D 173 -19.07 47.63 -25.77
N LEU D 174 -17.86 47.04 -25.75
CA LEU D 174 -17.68 45.57 -25.62
C LEU D 174 -17.06 45.29 -24.25
N ASN D 175 -17.86 44.81 -23.32
CA ASN D 175 -17.46 44.57 -21.92
C ASN D 175 -17.55 43.06 -21.65
N LEU D 176 -16.43 42.36 -21.72
CA LEU D 176 -16.37 40.88 -21.56
C LEU D 176 -15.42 40.51 -20.40
N SER D 177 -15.17 41.45 -19.51
CA SER D 177 -14.11 41.32 -18.47
C SER D 177 -14.44 40.24 -17.44
N TYR D 178 -13.41 39.75 -16.75
CA TYR D 178 -13.49 38.83 -15.59
C TYR D 178 -14.34 37.62 -15.97
N ASN D 179 -14.02 36.98 -17.09
CA ASN D 179 -14.67 35.73 -17.56
C ASN D 179 -13.60 34.66 -17.74
N PRO D 180 -13.88 33.40 -17.36
CA PRO D 180 -12.90 32.31 -17.45
C PRO D 180 -12.79 31.76 -18.88
N PHE D 181 -12.43 32.60 -19.85
CA PHE D 181 -12.41 32.23 -21.28
C PHE D 181 -11.23 31.30 -21.56
N SER D 182 -11.39 30.44 -22.56
CA SER D 182 -10.28 29.67 -23.13
C SER D 182 -9.24 30.68 -23.60
N PRO D 183 -7.94 30.42 -23.36
CA PRO D 183 -6.90 31.35 -23.80
C PRO D 183 -7.16 31.70 -25.27
N SER D 184 -7.33 32.97 -25.57
CA SER D 184 -7.75 33.48 -26.90
C SER D 184 -6.95 34.72 -27.27
N ARG D 185 -6.66 34.89 -28.55
CA ARG D 185 -6.01 36.09 -29.09
C ARG D 185 -7.07 37.17 -29.30
N ILE D 186 -6.70 38.43 -29.21
CA ILE D 186 -7.65 39.54 -29.49
C ILE D 186 -7.97 39.46 -30.98
N PRO D 187 -9.25 39.21 -31.35
CA PRO D 187 -9.62 39.12 -32.75
C PRO D 187 -9.22 40.40 -33.48
N PRO D 188 -8.50 40.31 -34.61
CA PRO D 188 -8.15 41.51 -35.39
C PRO D 188 -9.40 42.19 -35.99
N GLU D 189 -10.49 41.43 -36.11
CA GLU D 189 -11.77 41.92 -36.68
C GLU D 189 -12.43 42.90 -35.71
N PHE D 190 -11.95 42.99 -34.47
CA PHE D 190 -12.44 43.95 -33.45
C PHE D 190 -12.07 45.37 -33.87
N GLY D 191 -11.10 45.53 -34.76
CA GLY D 191 -10.67 46.82 -35.33
C GLY D 191 -11.73 47.45 -36.22
N ASN D 192 -12.72 46.65 -36.62
CA ASN D 192 -13.79 47.06 -37.54
C ASN D 192 -15.02 47.52 -36.76
N LEU D 193 -14.97 47.49 -35.43
CA LEU D 193 -15.99 48.12 -34.57
C LEU D 193 -15.71 49.62 -34.56
N THR D 194 -16.04 50.32 -35.63
CA THR D 194 -15.65 51.74 -35.85
C THR D 194 -16.29 52.64 -34.80
N ASN D 195 -17.50 52.30 -34.32
CA ASN D 195 -18.26 53.18 -33.38
C ASN D 195 -17.91 52.84 -31.94
N LEU D 196 -17.01 51.87 -31.70
CA LEU D 196 -16.69 51.38 -30.34
C LEU D 196 -16.00 52.51 -29.57
N GLU D 197 -16.49 52.78 -28.36
CA GLU D 197 -15.95 53.78 -27.43
C GLU D 197 -15.25 53.07 -26.26
N VAL D 198 -15.68 51.87 -25.91
CA VAL D 198 -15.11 51.11 -24.76
C VAL D 198 -14.82 49.66 -25.18
N MET D 199 -13.58 49.22 -24.96
CA MET D 199 -13.17 47.80 -25.07
C MET D 199 -12.61 47.41 -23.70
N TRP D 200 -13.38 46.62 -22.94
CA TRP D 200 -13.04 46.20 -21.56
C TRP D 200 -12.85 44.69 -21.56
N LEU D 201 -11.60 44.25 -21.66
CA LEU D 201 -11.23 42.81 -21.75
C LEU D 201 -10.17 42.51 -20.68
N THR D 202 -10.40 42.96 -19.45
CA THR D 202 -9.51 42.68 -18.30
C THR D 202 -9.80 41.25 -17.80
N GLU D 203 -8.76 40.47 -17.52
CA GLU D 203 -8.91 39.10 -16.97
C GLU D 203 -9.79 38.28 -17.93
N CYS D 204 -9.48 38.33 -19.22
CA CYS D 204 -10.20 37.53 -20.24
C CYS D 204 -9.26 36.44 -20.77
N HIS D 205 -8.17 36.17 -20.07
CA HIS D 205 -7.20 35.12 -20.47
C HIS D 205 -6.73 35.38 -21.90
N LEU D 206 -6.51 36.65 -22.24
CA LEU D 206 -6.07 37.05 -23.59
C LEU D 206 -4.59 36.70 -23.75
N VAL D 207 -4.26 36.09 -24.89
CA VAL D 207 -2.86 35.70 -25.23
C VAL D 207 -2.52 36.33 -26.57
N GLY D 208 -1.24 36.39 -26.92
CA GLY D 208 -0.79 36.85 -28.25
C GLY D 208 -0.50 38.34 -28.29
N GLN D 209 -0.37 38.90 -29.48
CA GLN D 209 0.03 40.32 -29.66
C GLN D 209 -1.22 41.18 -29.68
N ILE D 210 -1.08 42.46 -29.37
CA ILE D 210 -2.19 43.43 -29.56
C ILE D 210 -2.27 43.69 -31.06
N PRO D 211 -3.44 43.45 -31.69
CA PRO D 211 -3.57 43.66 -33.13
C PRO D 211 -3.41 45.14 -33.52
N ASP D 212 -2.72 45.41 -34.64
CA ASP D 212 -2.51 46.79 -35.15
C ASP D 212 -3.86 47.35 -35.60
N SER D 213 -4.83 46.49 -35.91
CA SER D 213 -6.19 46.89 -36.35
C SER D 213 -6.85 47.78 -35.29
N LEU D 214 -6.52 47.59 -34.00
CA LEU D 214 -7.18 48.33 -32.91
C LEU D 214 -6.93 49.84 -33.05
N GLY D 215 -5.86 50.23 -33.76
CA GLY D 215 -5.53 51.64 -34.00
C GLY D 215 -6.60 52.36 -34.82
N GLN D 216 -7.43 51.62 -35.55
CA GLN D 216 -8.47 52.20 -36.45
C GLN D 216 -9.67 52.69 -35.64
N LEU D 217 -9.72 52.41 -34.34
CA LEU D 217 -10.89 52.76 -33.48
C LEU D 217 -10.73 54.22 -33.05
N SER D 218 -11.01 55.15 -33.96
CA SER D 218 -10.91 56.61 -33.73
C SER D 218 -11.81 57.03 -32.57
N LYS D 219 -12.96 56.39 -32.38
CA LYS D 219 -13.99 56.81 -31.40
C LYS D 219 -13.72 56.19 -30.03
N LEU D 220 -12.72 55.30 -29.91
CA LEU D 220 -12.43 54.60 -28.63
C LEU D 220 -11.99 55.61 -27.58
N VAL D 221 -12.55 55.49 -26.37
CA VAL D 221 -12.28 56.35 -25.19
C VAL D 221 -11.50 55.53 -24.15
N ASP D 222 -11.85 54.25 -23.99
CA ASP D 222 -11.20 53.36 -22.99
C ASP D 222 -10.74 52.06 -23.66
N LEU D 223 -9.45 51.75 -23.55
CA LEU D 223 -8.88 50.45 -23.96
C LEU D 223 -8.36 49.77 -22.70
N ASP D 224 -9.05 48.73 -22.21
CA ASP D 224 -8.58 47.93 -21.04
C ASP D 224 -8.30 46.51 -21.51
N LEU D 225 -7.02 46.19 -21.61
CA LEU D 225 -6.56 44.83 -22.00
C LEU D 225 -5.68 44.30 -20.87
N ALA D 226 -5.95 44.76 -19.64
CA ALA D 226 -5.08 44.52 -18.47
C ALA D 226 -5.32 43.11 -17.91
N LEU D 227 -4.41 42.67 -17.05
CA LEU D 227 -4.52 41.40 -16.30
C LEU D 227 -4.78 40.27 -17.31
N ASN D 228 -4.00 40.26 -18.38
CA ASN D 228 -4.04 39.21 -19.43
C ASN D 228 -2.59 38.80 -19.65
N ASP D 229 -2.33 37.88 -20.58
CA ASP D 229 -0.96 37.37 -20.84
C ASP D 229 -0.54 37.78 -22.25
N LEU D 230 -0.83 39.03 -22.63
CA LEU D 230 -0.50 39.55 -23.98
C LEU D 230 1.01 39.73 -24.07
N VAL D 231 1.56 39.43 -25.25
CA VAL D 231 3.01 39.49 -25.53
C VAL D 231 3.20 40.42 -26.73
N GLY D 232 4.41 40.89 -26.93
CA GLY D 232 4.75 41.73 -28.09
C GLY D 232 4.94 43.16 -27.65
N HIS D 233 5.04 44.08 -28.60
CA HIS D 233 5.24 45.51 -28.30
C HIS D 233 3.88 46.18 -28.18
N ILE D 234 3.84 47.33 -27.53
CA ILE D 234 2.64 48.21 -27.62
C ILE D 234 2.61 48.68 -29.08
N PRO D 235 1.55 48.36 -29.86
CA PRO D 235 1.53 48.72 -31.28
C PRO D 235 1.66 50.23 -31.46
N PRO D 236 2.55 50.69 -32.38
CA PRO D 236 2.68 52.11 -32.70
C PRO D 236 1.41 52.69 -33.36
N SER D 237 0.58 51.83 -33.96
CA SER D 237 -0.70 52.20 -34.62
C SER D 237 -1.68 52.81 -33.61
N LEU D 238 -1.46 52.57 -32.32
CA LEU D 238 -2.37 53.03 -31.23
C LEU D 238 -2.34 54.56 -31.14
N GLY D 239 -1.44 55.23 -31.86
CA GLY D 239 -1.45 56.70 -32.01
C GLY D 239 -2.65 57.16 -32.81
N GLY D 240 -3.36 56.22 -33.44
CA GLY D 240 -4.56 56.47 -34.26
C GLY D 240 -5.82 56.49 -33.43
N LEU D 241 -5.74 56.17 -32.14
CA LEU D 241 -6.91 56.24 -31.22
C LEU D 241 -7.11 57.71 -30.88
N THR D 242 -7.71 58.47 -31.79
CA THR D 242 -7.77 59.95 -31.71
C THR D 242 -8.50 60.38 -30.43
N ASN D 243 -9.55 59.67 -30.02
CA ASN D 243 -10.45 60.14 -28.93
C ASN D 243 -10.18 59.38 -27.63
N VAL D 244 -9.11 58.57 -27.57
CA VAL D 244 -8.81 57.72 -26.38
C VAL D 244 -8.47 58.62 -25.18
N VAL D 245 -8.99 58.28 -24.00
CA VAL D 245 -8.70 59.02 -22.74
C VAL D 245 -7.92 58.10 -21.80
N GLN D 246 -8.25 56.81 -21.80
CA GLN D 246 -7.68 55.83 -20.85
C GLN D 246 -7.17 54.61 -21.62
N ILE D 247 -5.92 54.22 -21.38
CA ILE D 247 -5.34 52.96 -21.93
C ILE D 247 -4.81 52.16 -20.74
N GLU D 248 -5.32 50.96 -20.53
CA GLU D 248 -4.93 50.06 -19.41
C GLU D 248 -4.34 48.79 -20.01
N LEU D 249 -3.03 48.60 -19.88
CA LEU D 249 -2.31 47.45 -20.48
C LEU D 249 -1.47 46.79 -19.39
N TYR D 250 -1.85 46.96 -18.13
CA TYR D 250 -1.00 46.58 -16.97
C TYR D 250 -1.08 45.06 -16.74
N ASN D 251 0.00 44.53 -16.17
CA ASN D 251 0.17 43.11 -15.78
C ASN D 251 -0.02 42.18 -16.98
N ASN D 252 0.56 42.56 -18.12
CA ASN D 252 0.68 41.69 -19.32
C ASN D 252 2.15 41.26 -19.42
N SER D 253 2.51 40.56 -20.49
CA SER D 253 3.91 40.14 -20.78
C SER D 253 4.45 40.98 -21.93
N LEU D 254 3.96 42.20 -22.08
CA LEU D 254 4.35 43.11 -23.18
C LEU D 254 5.81 43.49 -23.00
N THR D 255 6.53 43.56 -24.11
CA THR D 255 7.96 43.89 -24.19
C THR D 255 8.10 45.06 -25.15
N GLY D 256 9.29 45.63 -25.27
CA GLY D 256 9.55 46.67 -26.28
C GLY D 256 9.53 48.04 -25.66
N GLU D 257 9.51 49.08 -26.48
CA GLU D 257 9.57 50.49 -26.00
C GLU D 257 8.17 51.07 -26.03
N ILE D 258 7.92 52.06 -25.17
CA ILE D 258 6.66 52.82 -25.20
C ILE D 258 6.68 53.64 -26.48
N PRO D 259 5.70 53.46 -27.39
CA PRO D 259 5.73 54.13 -28.68
C PRO D 259 5.58 55.65 -28.56
N PRO D 260 6.45 56.44 -29.24
CA PRO D 260 6.37 57.90 -29.20
C PRO D 260 5.09 58.41 -29.87
N GLU D 261 4.41 57.55 -30.63
CA GLU D 261 3.16 57.91 -31.35
C GLU D 261 2.02 58.10 -30.35
N LEU D 262 2.15 57.60 -29.12
CA LEU D 262 1.14 57.83 -28.07
C LEU D 262 1.06 59.33 -27.76
N GLY D 263 2.09 60.10 -28.14
CA GLY D 263 2.10 61.58 -28.01
C GLY D 263 1.02 62.20 -28.90
N ASN D 264 0.62 61.50 -29.96
CA ASN D 264 -0.40 61.98 -30.93
C ASN D 264 -1.80 61.88 -30.30
N LEU D 265 -1.94 61.18 -29.18
CA LEU D 265 -3.26 61.00 -28.51
C LEU D 265 -3.53 62.24 -27.64
N LYS D 266 -4.17 63.26 -28.22
CA LYS D 266 -4.44 64.55 -27.55
C LYS D 266 -5.35 64.37 -26.32
N SER D 267 -6.33 63.48 -26.39
CA SER D 267 -7.39 63.32 -25.36
C SER D 267 -6.93 62.34 -24.26
N LEU D 268 -5.78 61.66 -24.43
CA LEU D 268 -5.25 60.69 -23.45
C LEU D 268 -4.92 61.41 -22.13
N ARG D 269 -5.43 60.89 -21.02
CA ARG D 269 -5.17 61.43 -19.66
C ARG D 269 -4.61 60.34 -18.74
N LEU D 270 -4.98 59.08 -18.98
CA LEU D 270 -4.62 57.95 -18.07
C LEU D 270 -3.94 56.84 -18.85
N LEU D 271 -2.70 56.52 -18.49
CA LEU D 271 -1.97 55.36 -19.03
C LEU D 271 -1.46 54.52 -17.86
N ASP D 272 -1.69 53.20 -17.91
CA ASP D 272 -1.06 52.23 -16.97
C ASP D 272 -0.57 51.05 -17.81
N ALA D 273 0.75 50.94 -18.00
CA ALA D 273 1.40 49.80 -18.66
C ALA D 273 2.38 49.17 -17.67
N SER D 274 2.02 49.20 -16.38
N SER D 274 2.03 49.20 -16.38
CA SER D 274 2.86 48.70 -15.25
CA SER D 274 2.87 48.70 -15.26
C SER D 274 2.96 47.18 -15.32
C SER D 274 2.96 47.18 -15.32
N MET D 275 3.89 46.60 -14.55
CA MET D 275 4.08 45.13 -14.43
C MET D 275 4.11 44.51 -15.84
N ASN D 276 4.93 45.09 -16.71
CA ASN D 276 5.22 44.57 -18.07
C ASN D 276 6.74 44.48 -18.16
N GLN D 277 7.27 43.99 -19.29
CA GLN D 277 8.75 43.90 -19.51
C GLN D 277 9.17 45.01 -20.46
N LEU D 278 8.48 46.16 -20.42
CA LEU D 278 8.78 47.30 -21.32
C LEU D 278 10.20 47.80 -21.03
N THR D 279 10.93 48.15 -22.08
CA THR D 279 12.36 48.56 -22.04
C THR D 279 12.49 49.91 -22.75
N GLY D 280 13.67 50.51 -22.70
CA GLY D 280 13.95 51.78 -23.37
C GLY D 280 13.64 52.94 -22.45
N LYS D 281 13.54 54.14 -23.02
CA LYS D 281 13.32 55.41 -22.29
C LYS D 281 11.83 55.76 -22.35
N ILE D 282 11.33 56.54 -21.39
CA ILE D 282 9.96 57.12 -21.45
C ILE D 282 9.99 58.22 -22.51
N PRO D 283 9.16 58.16 -23.56
CA PRO D 283 9.18 59.16 -24.63
C PRO D 283 8.74 60.56 -24.15
N ASP D 284 9.45 61.60 -24.61
CA ASP D 284 9.14 63.02 -24.26
C ASP D 284 7.76 63.36 -24.80
N GLU D 285 7.43 62.83 -25.97
CA GLU D 285 6.19 63.18 -26.71
C GLU D 285 4.96 62.77 -25.90
N LEU D 286 5.02 61.61 -25.24
CA LEU D 286 3.96 61.15 -24.31
C LEU D 286 3.89 62.12 -23.13
N CYS D 287 5.05 62.47 -22.58
CA CYS D 287 5.15 63.33 -21.38
C CYS D 287 4.67 64.75 -21.72
N ARG D 288 4.74 65.14 -22.99
CA ARG D 288 4.21 66.44 -23.47
C ARG D 288 2.67 66.45 -23.40
N VAL D 289 2.03 65.28 -23.51
CA VAL D 289 0.55 65.16 -23.39
C VAL D 289 0.16 65.57 -21.97
N PRO D 290 -0.93 66.36 -21.80
CA PRO D 290 -1.37 66.78 -20.48
C PRO D 290 -2.04 65.65 -19.66
N LEU D 291 -1.23 64.67 -19.22
CA LEU D 291 -1.71 63.42 -18.57
C LEU D 291 -2.23 63.72 -17.15
N GLU D 292 -3.15 62.88 -16.67
CA GLU D 292 -3.67 62.91 -15.28
C GLU D 292 -2.97 61.85 -14.42
N SER D 293 -2.84 60.63 -14.96
CA SER D 293 -2.13 59.49 -14.33
C SER D 293 -1.14 58.88 -15.33
N LEU D 294 0.13 58.80 -14.97
CA LEU D 294 1.13 58.00 -15.74
C LEU D 294 1.71 56.94 -14.81
N ASN D 295 1.33 55.68 -15.02
CA ASN D 295 1.84 54.54 -14.22
C ASN D 295 2.58 53.59 -15.17
N LEU D 296 3.90 53.51 -15.01
CA LEU D 296 4.76 52.63 -15.80
C LEU D 296 5.63 51.83 -14.83
N TYR D 297 5.09 51.45 -13.67
CA TYR D 297 5.89 50.84 -12.58
C TYR D 297 6.23 49.37 -12.92
N GLU D 298 7.31 48.89 -12.32
CA GLU D 298 7.75 47.47 -12.42
C GLU D 298 7.95 47.09 -13.89
N ASN D 299 8.69 47.91 -14.64
CA ASN D 299 9.13 47.58 -16.02
C ASN D 299 10.65 47.55 -16.01
N ASN D 300 11.25 47.41 -17.19
CA ASN D 300 12.73 47.47 -17.33
C ASN D 300 13.12 48.75 -18.07
N LEU D 301 12.39 49.84 -17.82
CA LEU D 301 12.63 51.15 -18.49
C LEU D 301 13.91 51.76 -17.91
N GLU D 302 14.56 52.61 -18.69
CA GLU D 302 15.83 53.27 -18.32
C GLU D 302 15.75 54.72 -18.76
N GLY D 303 16.75 55.52 -18.40
CA GLY D 303 16.89 56.89 -18.90
C GLY D 303 16.19 57.87 -17.98
N GLU D 304 16.31 59.16 -18.30
CA GLU D 304 15.74 60.24 -17.47
C GLU D 304 14.23 60.27 -17.71
N LEU D 305 13.47 60.67 -16.69
CA LEU D 305 12.05 61.04 -16.85
C LEU D 305 12.01 62.38 -17.55
N PRO D 306 11.36 62.49 -18.74
CA PRO D 306 11.29 63.77 -19.45
C PRO D 306 10.63 64.86 -18.59
N ALA D 307 11.15 66.08 -18.67
CA ALA D 307 10.72 67.25 -17.88
C ALA D 307 9.34 67.73 -18.34
N SER D 308 8.95 67.38 -19.56
CA SER D 308 7.65 67.76 -20.17
C SER D 308 6.49 67.35 -19.25
N ILE D 309 6.68 66.33 -18.41
CA ILE D 309 5.61 65.78 -17.54
C ILE D 309 5.16 66.86 -16.54
N ALA D 310 6.07 67.73 -16.11
CA ALA D 310 5.78 68.80 -15.11
C ALA D 310 4.84 69.83 -15.73
N LEU D 311 4.86 69.95 -17.05
CA LEU D 311 4.03 70.92 -17.82
C LEU D 311 2.55 70.59 -17.63
N SER D 312 2.18 69.31 -17.58
CA SER D 312 0.76 68.89 -17.50
C SER D 312 0.08 69.58 -16.33
N PRO D 313 -1.07 70.24 -16.56
CA PRO D 313 -1.83 70.86 -15.49
C PRO D 313 -2.82 69.92 -14.79
N ASN D 314 -2.88 68.65 -15.22
CA ASN D 314 -3.91 67.69 -14.75
C ASN D 314 -3.29 66.52 -13.97
N LEU D 315 -1.97 66.50 -13.80
CA LEU D 315 -1.25 65.30 -13.28
C LEU D 315 -1.43 65.21 -11.76
N TYR D 316 -2.09 64.14 -11.31
CA TYR D 316 -2.28 63.83 -9.87
C TYR D 316 -1.55 62.52 -9.50
N GLU D 317 -1.17 61.71 -10.49
CA GLU D 317 -0.62 60.35 -10.22
C GLU D 317 0.57 60.08 -11.14
N ILE D 318 1.75 59.87 -10.54
CA ILE D 318 2.94 59.39 -11.30
C ILE D 318 3.54 58.25 -10.48
N ARG D 319 3.41 57.02 -10.98
CA ARG D 319 3.96 55.81 -10.34
C ARG D 319 4.88 55.11 -11.34
N ILE D 320 6.19 55.29 -11.19
CA ILE D 320 7.20 54.77 -12.16
C ILE D 320 8.24 53.94 -11.37
N PHE D 321 7.83 53.36 -10.25
CA PHE D 321 8.75 52.62 -9.33
C PHE D 321 9.15 51.28 -9.97
N GLY D 322 10.26 50.68 -9.51
CA GLY D 322 10.72 49.37 -10.00
C GLY D 322 11.31 49.44 -11.40
N ASN D 323 11.94 50.57 -11.74
CA ASN D 323 12.58 50.77 -13.06
C ASN D 323 14.05 51.16 -12.83
N ARG D 324 14.82 51.26 -13.91
CA ARG D 324 16.25 51.62 -13.89
C ARG D 324 16.39 53.10 -14.28
N LEU D 325 15.36 53.91 -14.04
CA LEU D 325 15.34 55.33 -14.47
C LEU D 325 16.42 56.08 -13.69
N THR D 326 17.08 57.01 -14.37
CA THR D 326 18.28 57.75 -13.89
C THR D 326 18.00 59.25 -13.97
N GLY D 327 18.92 60.04 -13.43
CA GLY D 327 18.91 61.51 -13.53
C GLY D 327 18.08 62.12 -12.42
N GLY D 328 17.60 63.34 -12.62
CA GLY D 328 16.86 64.10 -11.60
C GLY D 328 15.38 64.17 -11.94
N LEU D 329 14.56 64.43 -10.94
CA LEU D 329 13.11 64.66 -11.12
C LEU D 329 12.95 66.05 -11.73
N PRO D 330 11.93 66.28 -12.59
CA PRO D 330 11.72 67.60 -13.19
C PRO D 330 11.67 68.69 -12.11
N LYS D 331 12.43 69.79 -12.29
CA LYS D 331 12.55 70.90 -11.31
C LYS D 331 11.17 71.51 -11.01
N ASP D 332 10.30 71.54 -12.02
CA ASP D 332 8.97 72.20 -11.93
C ASP D 332 7.89 71.20 -11.55
N LEU D 333 8.24 69.98 -11.12
CA LEU D 333 7.24 68.91 -10.86
C LEU D 333 6.39 69.31 -9.65
N GLY D 334 5.07 69.29 -9.79
CA GLY D 334 4.11 69.62 -8.72
C GLY D 334 3.74 71.09 -8.74
N LEU D 335 4.50 71.91 -9.47
CA LEU D 335 4.28 73.37 -9.55
C LEU D 335 3.00 73.65 -10.32
N ASN D 336 2.77 72.93 -11.42
CA ASN D 336 1.67 73.24 -12.38
C ASN D 336 0.51 72.24 -12.25
N SER D 337 0.66 71.19 -11.45
CA SER D 337 -0.28 70.05 -11.39
C SER D 337 -0.72 69.79 -9.96
N PRO D 338 -1.97 69.33 -9.75
CA PRO D 338 -2.44 68.96 -8.41
C PRO D 338 -1.92 67.56 -8.00
N LEU D 339 -0.61 67.43 -7.83
CA LEU D 339 0.04 66.12 -7.56
C LEU D 339 -0.50 65.58 -6.24
N ARG D 340 -0.91 64.30 -6.25
CA ARG D 340 -1.46 63.60 -5.06
C ARG D 340 -0.57 62.42 -4.71
N TRP D 341 -0.17 61.63 -5.71
CA TRP D 341 0.62 60.39 -5.47
C TRP D 341 1.88 60.40 -6.35
N LEU D 342 3.06 60.40 -5.72
CA LEU D 342 4.36 60.29 -6.42
C LEU D 342 5.08 59.05 -5.90
N ASP D 343 5.39 58.10 -6.79
CA ASP D 343 6.16 56.88 -6.43
C ASP D 343 7.27 56.70 -7.46
N VAL D 344 8.50 57.09 -7.09
CA VAL D 344 9.71 56.96 -7.94
C VAL D 344 10.64 55.96 -7.28
N SER D 345 10.10 55.11 -6.38
CA SER D 345 10.89 54.20 -5.52
C SER D 345 11.61 53.12 -6.35
N GLU D 346 12.72 52.60 -5.82
CA GLU D 346 13.52 51.50 -6.44
C GLU D 346 13.90 51.89 -7.88
N ASN D 347 14.40 53.11 -8.05
CA ASN D 347 15.00 53.64 -9.31
C ASN D 347 16.38 54.19 -8.96
N GLU D 348 17.13 54.66 -9.96
CA GLU D 348 18.50 55.21 -9.78
C GLU D 348 18.46 56.73 -9.87
N PHE D 349 17.34 57.37 -9.48
CA PHE D 349 17.19 58.85 -9.51
C PHE D 349 18.15 59.51 -8.51
N SER D 350 18.65 60.68 -8.89
CA SER D 350 19.70 61.41 -8.13
C SER D 350 19.33 62.90 -8.03
N GLY D 351 20.10 63.63 -7.22
CA GLY D 351 19.99 65.10 -7.13
C GLY D 351 19.01 65.54 -6.05
N ASP D 352 18.75 66.84 -5.97
CA ASP D 352 17.81 67.38 -4.96
C ASP D 352 16.39 67.00 -5.39
N LEU D 353 15.50 66.90 -4.41
CA LEU D 353 14.04 66.80 -4.67
C LEU D 353 13.58 68.10 -5.31
N PRO D 354 12.59 68.06 -6.23
CA PRO D 354 11.96 69.29 -6.72
C PRO D 354 11.38 70.10 -5.54
N ALA D 355 11.49 71.42 -5.61
CA ALA D 355 11.22 72.36 -4.50
C ALA D 355 9.72 72.43 -4.18
N ASP D 356 8.85 72.40 -5.18
CA ASP D 356 7.40 72.67 -4.99
C ASP D 356 6.59 71.50 -5.53
N LEU D 357 6.69 70.34 -4.87
CA LEU D 357 5.89 69.14 -5.21
C LEU D 357 4.46 69.32 -4.67
N CYS D 358 4.32 69.96 -3.51
CA CYS D 358 3.02 70.17 -2.83
C CYS D 358 2.53 71.60 -3.06
N ALA D 359 2.86 72.18 -4.22
CA ALA D 359 2.51 73.57 -4.55
C ALA D 359 0.99 73.72 -4.54
N LYS D 360 0.26 72.75 -5.08
CA LYS D 360 -1.21 72.83 -5.22
C LYS D 360 -1.90 72.33 -3.96
N GLY D 361 -1.14 71.79 -3.01
CA GLY D 361 -1.61 71.42 -1.66
C GLY D 361 -2.39 70.12 -1.66
N GLU D 362 -2.10 69.21 -2.59
CA GLU D 362 -2.89 67.96 -2.75
C GLU D 362 -2.04 66.71 -2.56
N LEU D 363 -0.73 66.84 -2.33
CA LEU D 363 0.18 65.67 -2.24
C LEU D 363 -0.16 64.87 -0.99
N GLU D 364 -0.47 63.59 -1.16
CA GLU D 364 -0.84 62.67 -0.07
C GLU D 364 0.31 61.67 0.15
N GLU D 365 0.87 61.12 -0.92
CA GLU D 365 1.92 60.07 -0.80
C GLU D 365 3.17 60.49 -1.55
N LEU D 366 4.28 60.63 -0.82
CA LEU D 366 5.61 60.92 -1.38
C LEU D 366 6.49 59.69 -1.14
N LEU D 367 6.76 58.91 -2.18
CA LEU D 367 7.50 57.64 -2.02
C LEU D 367 8.69 57.65 -2.97
N ILE D 368 9.89 57.79 -2.41
CA ILE D 368 11.14 57.94 -3.20
C ILE D 368 12.18 56.93 -2.74
N ILE D 369 11.76 55.84 -2.08
CA ILE D 369 12.69 54.91 -1.36
C ILE D 369 13.62 54.24 -2.39
N HIS D 370 14.82 53.89 -1.96
CA HIS D 370 15.83 53.14 -2.74
C HIS D 370 16.22 53.91 -4.01
N ASN D 371 16.49 55.21 -3.85
CA ASN D 371 17.06 56.08 -4.90
C ASN D 371 18.31 56.72 -4.31
N SER D 372 18.96 57.62 -5.06
CA SER D 372 20.23 58.27 -4.66
C SER D 372 20.01 59.78 -4.44
N PHE D 373 18.82 60.17 -4.03
CA PHE D 373 18.44 61.59 -3.84
C PHE D 373 19.28 62.20 -2.71
N SER D 374 19.73 63.42 -2.93
CA SER D 374 20.69 64.11 -2.04
C SER D 374 20.11 65.46 -1.61
N GLY D 375 20.74 66.08 -0.62
CA GLY D 375 20.39 67.44 -0.21
C GLY D 375 19.44 67.42 0.97
N VAL D 376 18.75 68.53 1.19
CA VAL D 376 17.82 68.68 2.35
C VAL D 376 16.39 68.45 1.85
N ILE D 377 15.49 68.19 2.79
CA ILE D 377 14.03 68.16 2.52
C ILE D 377 13.63 69.58 2.16
N PRO D 378 12.98 69.80 1.00
CA PRO D 378 12.48 71.13 0.64
C PRO D 378 11.58 71.68 1.75
N GLU D 379 11.81 72.94 2.14
CA GLU D 379 11.10 73.55 3.29
C GLU D 379 9.61 73.69 2.97
N SER D 380 9.26 73.77 1.69
CA SER D 380 7.85 73.87 1.21
C SER D 380 7.03 72.73 1.80
N LEU D 381 7.63 71.54 1.89
CA LEU D 381 6.94 70.30 2.33
C LEU D 381 6.53 70.43 3.80
N ALA D 382 7.08 71.39 4.53
CA ALA D 382 6.69 71.67 5.93
C ALA D 382 5.24 72.14 5.99
N ASP D 383 4.73 72.73 4.91
CA ASP D 383 3.33 73.24 4.83
C ASP D 383 2.46 72.27 4.02
N CYS D 384 2.97 71.11 3.64
CA CYS D 384 2.16 70.09 2.91
C CYS D 384 1.36 69.24 3.90
N ARG D 385 0.26 69.79 4.39
CA ARG D 385 -0.59 69.14 5.42
C ARG D 385 -1.39 68.00 4.80
N SER D 386 -1.49 68.00 3.46
CA SER D 386 -2.17 66.98 2.64
C SER D 386 -1.50 65.61 2.78
N LEU D 387 -0.20 65.59 3.12
CA LEU D 387 0.63 64.34 3.11
C LEU D 387 0.10 63.36 4.16
N THR D 388 -0.01 62.08 3.79
CA THR D 388 -0.44 60.97 4.67
C THR D 388 0.67 59.93 4.77
N ARG D 389 1.48 59.76 3.72
CA ARG D 389 2.58 58.76 3.69
C ARG D 389 3.86 59.39 3.14
N ILE D 390 4.91 59.41 3.94
CA ILE D 390 6.25 59.93 3.56
C ILE D 390 7.24 58.78 3.69
N ARG D 391 7.79 58.33 2.56
CA ARG D 391 8.83 57.27 2.53
C ARG D 391 10.01 57.81 1.72
N LEU D 392 10.97 58.44 2.42
CA LEU D 392 12.18 59.07 1.83
C LEU D 392 13.39 58.19 2.16
N ALA D 393 13.15 56.96 2.64
CA ALA D 393 14.20 56.08 3.18
C ALA D 393 15.13 55.57 2.06
N TYR D 394 16.32 55.10 2.46
CA TYR D 394 17.34 54.48 1.57
C TYR D 394 17.70 55.46 0.44
N ASN D 395 17.98 56.71 0.83
CA ASN D 395 18.49 57.79 -0.07
C ASN D 395 19.72 58.41 0.58
N ARG D 396 20.30 59.44 -0.04
CA ARG D 396 21.57 60.08 0.40
C ARG D 396 21.29 61.47 0.97
N PHE D 397 20.10 61.66 1.55
CA PHE D 397 19.64 62.96 2.09
C PHE D 397 20.47 63.34 3.31
N SER D 398 20.61 64.64 3.54
CA SER D 398 21.40 65.21 4.65
C SER D 398 20.64 66.39 5.26
N GLY D 399 21.15 66.93 6.36
CA GLY D 399 20.67 68.20 6.92
C GLY D 399 19.53 68.00 7.89
N SER D 400 19.20 69.03 8.65
CA SER D 400 18.09 68.99 9.64
C SER D 400 16.78 68.77 8.88
N VAL D 401 15.83 68.12 9.53
CA VAL D 401 14.44 67.98 9.01
C VAL D 401 13.74 69.31 9.25
N PRO D 402 13.06 69.88 8.22
CA PRO D 402 12.27 71.10 8.41
C PRO D 402 11.33 70.96 9.62
N THR D 403 11.18 72.01 10.41
CA THR D 403 10.47 71.97 11.72
C THR D 403 9.02 71.51 11.53
N GLY D 404 8.30 72.07 10.57
CA GLY D 404 6.88 71.76 10.31
C GLY D 404 6.67 70.34 9.83
N PHE D 405 7.64 69.79 9.08
CA PHE D 405 7.57 68.44 8.47
C PHE D 405 7.30 67.37 9.55
N TRP D 406 7.89 67.58 10.74
CA TRP D 406 7.67 66.71 11.92
C TRP D 406 6.19 66.71 12.32
N GLY D 407 5.52 67.86 12.23
CA GLY D 407 4.18 68.06 12.81
C GLY D 407 3.06 68.01 11.80
N LEU D 408 3.30 67.51 10.58
CA LEU D 408 2.23 67.41 9.55
C LEU D 408 1.08 66.57 10.11
N PRO D 409 -0.17 67.09 10.08
CA PRO D 409 -1.28 66.47 10.81
C PRO D 409 -1.79 65.11 10.33
N HIS D 410 -1.80 64.86 9.02
CA HIS D 410 -2.45 63.66 8.43
C HIS D 410 -1.44 62.56 8.14
N VAL D 411 -0.15 62.77 8.44
CA VAL D 411 0.91 61.77 8.19
C VAL D 411 0.69 60.60 9.14
N ASN D 412 0.67 59.39 8.58
CA ASN D 412 0.51 58.11 9.30
C ASN D 412 1.87 57.41 9.39
N LEU D 413 2.64 57.47 8.30
CA LEU D 413 4.00 56.88 8.25
C LEU D 413 5.01 57.99 7.90
N LEU D 414 6.05 58.16 8.73
CA LEU D 414 7.22 59.01 8.41
C LEU D 414 8.46 58.12 8.39
N GLU D 415 8.97 57.79 7.21
CA GLU D 415 10.19 56.96 7.09
C GLU D 415 11.33 57.79 6.50
N LEU D 416 12.38 58.01 7.29
CA LEU D 416 13.58 58.79 6.89
C LEU D 416 14.80 57.88 7.04
N VAL D 417 14.57 56.57 7.11
CA VAL D 417 15.58 55.53 7.48
C VAL D 417 16.71 55.49 6.43
N ASN D 418 17.91 55.15 6.88
CA ASN D 418 19.12 54.96 6.02
C ASN D 418 19.38 56.24 5.20
N ASN D 419 19.36 57.39 5.87
CA ASN D 419 19.83 58.67 5.28
C ASN D 419 20.87 59.24 6.25
N SER D 420 21.40 60.44 5.97
CA SER D 420 22.38 61.15 6.82
C SER D 420 21.72 62.37 7.46
N PHE D 421 20.41 62.31 7.71
CA PHE D 421 19.66 63.43 8.33
C PHE D 421 20.27 63.73 9.69
N SER D 422 20.37 65.02 10.02
CA SER D 422 20.98 65.51 11.28
C SER D 422 19.95 66.33 12.04
N GLY D 423 20.31 66.80 13.23
CA GLY D 423 19.47 67.71 14.01
C GLY D 423 18.64 66.93 15.02
N GLU D 424 17.55 67.52 15.49
CA GLU D 424 16.72 66.94 16.57
C GLU D 424 15.30 66.75 16.04
N ILE D 425 14.52 65.93 16.72
CA ILE D 425 13.05 65.89 16.52
C ILE D 425 12.49 67.15 17.18
N SER D 426 11.74 67.95 16.42
CA SER D 426 11.21 69.24 16.90
C SER D 426 10.03 68.98 17.84
N LYS D 427 9.67 69.97 18.66
CA LYS D 427 8.51 69.92 19.56
C LYS D 427 7.23 69.90 18.71
N SER D 428 7.36 70.29 17.44
CA SER D 428 6.25 70.32 16.45
C SER D 428 5.67 68.92 16.24
N ILE D 429 6.41 67.86 16.58
CA ILE D 429 5.97 66.45 16.43
C ILE D 429 4.60 66.29 17.11
N GLY D 430 4.33 67.06 18.16
CA GLY D 430 3.09 66.98 18.94
C GLY D 430 1.85 67.15 18.07
N GLY D 431 1.98 67.90 16.98
CA GLY D 431 0.87 68.19 16.05
C GLY D 431 0.61 67.07 15.07
N ALA D 432 1.50 66.08 14.99
CA ALA D 432 1.37 64.90 14.11
C ALA D 432 0.32 63.95 14.70
N SER D 433 -0.94 64.36 14.66
CA SER D 433 -2.06 63.64 15.33
C SER D 433 -2.19 62.22 14.75
N ASN D 434 -2.00 62.06 13.45
CA ASN D 434 -2.30 60.78 12.76
C ASN D 434 -1.06 59.90 12.64
N LEU D 435 0.09 60.35 13.15
CA LEU D 435 1.33 59.53 13.08
C LEU D 435 1.09 58.23 13.83
N SER D 436 1.27 57.11 13.15
CA SER D 436 1.22 55.75 13.75
C SER D 436 2.61 55.15 13.76
N LEU D 437 3.33 55.28 12.65
CA LEU D 437 4.66 54.63 12.48
C LEU D 437 5.73 55.70 12.25
N LEU D 438 6.73 55.77 13.13
CA LEU D 438 7.87 56.72 13.03
C LEU D 438 9.15 55.91 12.94
N ILE D 439 9.79 55.89 11.77
CA ILE D 439 11.03 55.10 11.53
C ILE D 439 12.13 56.07 11.08
N LEU D 440 13.10 56.32 11.96
CA LEU D 440 14.19 57.31 11.77
C LEU D 440 15.52 56.61 11.93
N SER D 441 15.54 55.29 11.75
CA SER D 441 16.71 54.44 12.07
C SER D 441 17.84 54.72 11.06
N ASN D 442 19.08 54.52 11.52
CA ASN D 442 20.33 54.64 10.71
C ASN D 442 20.42 56.04 10.10
N ASN D 443 20.37 57.06 10.94
CA ASN D 443 20.61 58.47 10.55
C ASN D 443 21.62 59.05 11.55
N GLU D 444 21.90 60.35 11.45
CA GLU D 444 22.85 61.09 12.31
C GLU D 444 22.07 62.01 13.25
N PHE D 445 20.82 61.68 13.58
CA PHE D 445 19.95 62.49 14.47
C PHE D 445 20.58 62.57 15.84
N THR D 446 20.42 63.72 16.48
CA THR D 446 21.01 64.01 17.81
C THR D 446 19.93 64.60 18.72
N GLY D 447 20.24 64.75 19.99
CA GLY D 447 19.40 65.46 20.97
C GLY D 447 18.54 64.51 21.75
N SER D 448 17.78 65.04 22.72
CA SER D 448 16.80 64.27 23.51
C SER D 448 15.55 64.05 22.67
N LEU D 449 14.81 62.98 22.95
CA LEU D 449 13.46 62.78 22.39
C LEU D 449 12.56 63.84 23.02
N PRO D 450 11.80 64.61 22.22
CA PRO D 450 10.93 65.65 22.76
C PRO D 450 9.82 65.09 23.65
N GLU D 451 9.43 65.83 24.68
CA GLU D 451 8.33 65.42 25.59
C GLU D 451 7.03 65.28 24.80
N GLU D 452 6.90 66.09 23.74
CA GLU D 452 5.67 66.17 22.90
C GLU D 452 5.47 64.88 22.09
N ILE D 453 6.46 64.00 22.02
CA ILE D 453 6.33 62.67 21.34
C ILE D 453 5.28 61.85 22.10
N GLY D 454 5.12 62.09 23.40
CA GLY D 454 4.11 61.43 24.25
C GLY D 454 2.70 61.88 23.92
N SER D 455 2.53 63.05 23.31
CA SER D 455 1.18 63.56 22.91
C SER D 455 0.62 62.71 21.77
N LEU D 456 1.48 62.03 21.00
CA LEU D 456 1.08 61.15 19.88
C LEU D 456 0.54 59.82 20.43
N ASP D 457 -0.68 59.81 20.97
CA ASP D 457 -1.27 58.62 21.63
C ASP D 457 -1.38 57.48 20.61
N ASN D 458 -1.71 57.80 19.35
CA ASN D 458 -1.97 56.79 18.30
C ASN D 458 -0.65 56.28 17.69
N LEU D 459 0.50 56.66 18.25
CA LEU D 459 1.81 56.13 17.79
C LEU D 459 1.88 54.64 18.13
N ASN D 460 2.21 53.83 17.13
CA ASN D 460 2.22 52.35 17.22
C ASN D 460 3.66 51.85 17.11
N GLN D 461 4.51 52.59 16.40
CA GLN D 461 5.94 52.21 16.26
C GLN D 461 6.84 53.43 16.40
N LEU D 462 7.86 53.30 17.25
CA LEU D 462 9.00 54.24 17.31
C LEU D 462 10.28 53.45 17.09
N SER D 463 10.91 53.62 15.92
CA SER D 463 12.17 52.93 15.58
C SER D 463 13.22 53.99 15.21
N ALA D 464 14.22 54.20 16.07
CA ALA D 464 15.25 55.24 15.91
C ALA D 464 16.63 54.64 16.15
N SER D 465 16.84 53.40 15.72
CA SER D 465 18.12 52.67 15.90
C SER D 465 19.23 53.38 15.12
N GLY D 466 20.48 53.22 15.54
CA GLY D 466 21.65 53.71 14.79
C GLY D 466 21.63 55.23 14.62
N ASN D 467 21.37 55.94 15.72
CA ASN D 467 21.38 57.44 15.74
C ASN D 467 22.24 57.88 16.92
N LYS D 468 22.42 59.18 17.09
CA LYS D 468 23.22 59.78 18.19
C LYS D 468 22.27 60.39 19.22
N PHE D 469 21.04 59.88 19.32
CA PHE D 469 20.04 60.41 20.28
C PHE D 469 20.58 60.24 21.69
N SER D 470 20.23 61.14 22.60
CA SER D 470 20.81 61.16 23.96
C SER D 470 19.77 61.54 25.00
N GLY D 471 20.20 61.49 26.26
CA GLY D 471 19.41 62.00 27.40
C GLY D 471 18.51 60.92 27.95
N SER D 472 17.77 61.27 28.98
CA SER D 472 16.76 60.39 29.60
C SER D 472 15.59 60.26 28.61
N LEU D 473 14.87 59.15 28.67
CA LEU D 473 13.60 59.00 27.94
C LEU D 473 12.61 59.99 28.54
N PRO D 474 11.84 60.72 27.71
CA PRO D 474 10.77 61.57 28.24
C PRO D 474 9.75 60.71 29.00
N ASP D 475 9.21 61.24 30.09
CA ASP D 475 8.23 60.50 30.92
C ASP D 475 6.96 60.29 30.10
N SER D 476 6.66 61.23 29.20
CA SER D 476 5.47 61.19 28.32
C SER D 476 5.50 59.94 27.45
N LEU D 477 6.69 59.44 27.09
CA LEU D 477 6.87 58.28 26.18
C LEU D 477 6.11 57.07 26.73
N MET D 478 6.00 56.97 28.06
CA MET D 478 5.34 55.84 28.77
C MET D 478 3.81 56.02 28.77
N SER D 479 3.31 57.16 28.31
CA SER D 479 1.85 57.44 28.17
C SER D 479 1.32 56.84 26.87
N LEU D 480 2.22 56.35 26.00
CA LEU D 480 1.89 55.81 24.66
C LEU D 480 1.48 54.35 24.81
N GLY D 481 0.19 54.06 24.93
CA GLY D 481 -0.31 52.72 25.28
C GLY D 481 -0.78 51.96 24.06
N GLU D 482 -0.61 52.55 22.89
CA GLU D 482 -0.90 51.91 21.59
C GLU D 482 0.42 51.50 20.94
N LEU D 483 1.52 51.70 21.67
CA LEU D 483 2.88 51.46 21.13
C LEU D 483 3.17 49.97 21.16
N GLY D 484 3.50 49.39 20.00
CA GLY D 484 3.77 47.95 19.82
C GLY D 484 5.24 47.67 19.60
N THR D 485 5.99 48.64 19.07
CA THR D 485 7.45 48.50 18.88
C THR D 485 8.16 49.76 19.37
N LEU D 486 9.10 49.61 20.31
CA LEU D 486 10.05 50.67 20.70
C LEU D 486 11.47 50.13 20.47
N ASP D 487 12.12 50.58 19.42
CA ASP D 487 13.53 50.18 19.11
C ASP D 487 14.38 51.45 19.12
N LEU D 488 15.14 51.64 20.20
CA LEU D 488 16.05 52.79 20.39
C LEU D 488 17.49 52.28 20.47
N HIS D 489 17.76 51.11 19.92
CA HIS D 489 19.08 50.44 20.05
C HIS D 489 20.11 51.25 19.24
N GLY D 490 21.36 51.22 19.69
CA GLY D 490 22.48 51.87 18.97
C GLY D 490 22.42 53.38 19.09
N ASN D 491 22.03 53.89 20.26
CA ASN D 491 21.97 55.34 20.54
C ASN D 491 22.86 55.62 21.76
N GLN D 492 22.71 56.82 22.34
CA GLN D 492 23.48 57.27 23.53
C GLN D 492 22.47 57.64 24.62
N PHE D 493 21.31 57.00 24.62
CA PHE D 493 20.25 57.25 25.62
C PHE D 493 20.79 56.87 26.99
N SER D 494 20.49 57.70 27.97
CA SER D 494 20.98 57.54 29.36
C SER D 494 19.77 57.61 30.30
N GLY D 495 20.00 57.41 31.59
CA GLY D 495 18.95 57.55 32.62
C GLY D 495 18.37 56.20 32.98
N GLU D 496 17.25 56.20 33.71
CA GLU D 496 16.65 54.97 34.29
C GLU D 496 15.30 54.71 33.63
N LEU D 497 14.87 53.46 33.61
CA LEU D 497 13.48 53.09 33.24
C LEU D 497 12.63 53.27 34.51
N THR D 498 11.36 53.65 34.34
CA THR D 498 10.44 53.95 35.47
C THR D 498 9.33 52.91 35.50
N SER D 499 8.50 52.95 36.53
CA SER D 499 7.35 52.04 36.74
C SER D 499 6.28 52.32 35.69
N GLY D 500 6.35 53.47 35.02
CA GLY D 500 5.40 53.89 33.98
C GLY D 500 5.42 52.97 32.78
N ILE D 501 6.45 52.13 32.65
CA ILE D 501 6.55 51.14 31.53
C ILE D 501 5.34 50.22 31.62
N LYS D 502 4.67 50.16 32.77
CA LYS D 502 3.43 49.38 33.00
C LYS D 502 2.37 49.79 31.97
N SER D 503 2.35 51.05 31.55
CA SER D 503 1.35 51.61 30.61
C SER D 503 1.61 51.11 29.19
N TRP D 504 2.76 50.52 28.91
CA TRP D 504 3.05 49.92 27.58
C TRP D 504 2.39 48.54 27.50
N LYS D 505 1.07 48.49 27.65
CA LYS D 505 0.27 47.24 27.72
C LYS D 505 0.18 46.57 26.34
N LYS D 506 0.42 47.29 25.25
CA LYS D 506 0.30 46.76 23.85
C LYS D 506 1.69 46.61 23.22
N LEU D 507 2.76 46.70 24.01
CA LEU D 507 4.16 46.64 23.48
C LEU D 507 4.58 45.19 23.28
N ASN D 508 4.95 44.84 22.06
CA ASN D 508 5.43 43.48 21.68
C ASN D 508 6.96 43.45 21.77
N GLU D 509 7.62 44.53 21.38
CA GLU D 509 9.10 44.60 21.31
C GLU D 509 9.63 45.83 22.03
N LEU D 510 10.60 45.63 22.92
CA LEU D 510 11.36 46.73 23.57
C LEU D 510 12.84 46.45 23.33
N ASN D 511 13.49 47.24 22.48
CA ASN D 511 14.95 47.13 22.25
C ASN D 511 15.61 48.44 22.69
N LEU D 512 16.32 48.42 23.81
CA LEU D 512 17.03 49.60 24.35
C LEU D 512 18.51 49.29 24.40
N ALA D 513 18.98 48.41 23.51
CA ALA D 513 20.36 47.88 23.55
C ALA D 513 21.36 48.93 23.09
N ASP D 514 22.64 48.74 23.45
CA ASP D 514 23.76 49.59 23.00
C ASP D 514 23.38 51.04 23.31
N ASN D 515 23.01 51.30 24.56
CA ASN D 515 22.73 52.65 25.08
C ASN D 515 23.53 52.83 26.37
N GLU D 516 23.32 53.92 27.10
CA GLU D 516 24.00 54.17 28.39
C GLU D 516 22.94 54.20 29.49
N PHE D 517 21.92 53.35 29.38
CA PHE D 517 20.84 53.27 30.39
C PHE D 517 21.41 52.73 31.70
N THR D 518 21.01 53.33 32.81
CA THR D 518 21.45 52.94 34.17
C THR D 518 20.21 52.64 34.99
N GLY D 519 20.37 51.97 36.13
CA GLY D 519 19.28 51.78 37.09
C GLY D 519 18.80 50.35 37.07
N LYS D 520 17.71 50.06 37.78
CA LYS D 520 17.19 48.69 37.95
C LYS D 520 16.10 48.47 36.89
N ILE D 521 16.00 47.25 36.39
CA ILE D 521 14.90 46.84 35.48
C ILE D 521 13.62 46.91 36.32
N PRO D 522 12.64 47.74 35.93
CA PRO D 522 11.44 47.93 36.74
C PRO D 522 10.77 46.58 36.93
N ASP D 523 10.18 46.35 38.10
CA ASP D 523 9.45 45.09 38.43
C ASP D 523 8.19 45.01 37.56
N GLU D 524 7.81 46.14 36.95
CA GLU D 524 6.57 46.28 36.15
C GLU D 524 6.78 45.72 34.74
N ILE D 525 7.98 45.24 34.41
CA ILE D 525 8.29 44.63 33.09
C ILE D 525 7.35 43.46 32.82
N GLY D 526 7.02 42.66 33.85
CA GLY D 526 6.14 41.48 33.73
C GLY D 526 4.69 41.86 33.49
N SER D 527 4.30 43.11 33.79
CA SER D 527 2.93 43.62 33.57
C SER D 527 2.66 43.82 32.07
N LEU D 528 3.68 43.79 31.21
CA LEU D 528 3.52 43.96 29.75
C LEU D 528 3.01 42.66 29.15
N SER D 529 1.70 42.58 28.93
CA SER D 529 0.96 41.36 28.53
C SER D 529 1.51 40.79 27.22
N VAL D 530 1.78 41.65 26.24
CA VAL D 530 2.09 41.19 24.86
C VAL D 530 3.59 41.27 24.57
N LEU D 531 4.44 41.54 25.57
CA LEU D 531 5.90 41.60 25.36
C LEU D 531 6.43 40.18 25.07
N ASN D 532 6.98 39.98 23.88
CA ASN D 532 7.56 38.68 23.46
C ASN D 532 9.03 38.86 23.14
N TYR D 533 9.50 40.10 23.00
CA TYR D 533 10.91 40.39 22.62
C TYR D 533 11.46 41.51 23.49
N LEU D 534 12.51 41.22 24.27
CA LEU D 534 13.19 42.20 25.16
C LEU D 534 14.70 42.14 24.94
N ASP D 535 15.31 43.28 24.58
CA ASP D 535 16.78 43.43 24.50
C ASP D 535 17.15 44.67 25.30
N LEU D 536 17.78 44.48 26.46
CA LEU D 536 18.33 45.58 27.28
C LEU D 536 19.84 45.37 27.37
N SER D 537 20.39 44.63 26.42
CA SER D 537 21.84 44.29 26.38
C SER D 537 22.63 45.56 26.11
N GLY D 538 23.93 45.56 26.46
CA GLY D 538 24.83 46.68 26.16
C GLY D 538 24.37 47.96 26.84
N ASN D 539 24.12 47.88 28.14
CA ASN D 539 23.73 49.03 28.99
C ASN D 539 24.41 48.87 30.35
N MET D 540 24.02 49.66 31.33
CA MET D 540 24.61 49.61 32.68
C MET D 540 23.50 49.36 33.69
N PHE D 541 22.52 48.55 33.30
CA PHE D 541 21.38 48.14 34.16
C PHE D 541 21.93 47.34 35.34
N SER D 542 21.49 47.67 36.54
CA SER D 542 22.05 47.11 37.80
C SER D 542 20.94 46.55 38.66
N GLY D 543 21.29 45.66 39.59
CA GLY D 543 20.34 45.12 40.56
C GLY D 543 19.99 43.68 40.23
N LYS D 544 18.98 43.14 40.91
CA LYS D 544 18.51 41.74 40.68
C LYS D 544 17.52 41.77 39.51
N ILE D 545 17.55 40.73 38.67
CA ILE D 545 16.57 40.56 37.56
C ILE D 545 15.20 40.36 38.20
N PRO D 546 14.16 41.15 37.81
CA PRO D 546 12.85 41.03 38.44
C PRO D 546 12.25 39.63 38.27
N VAL D 547 11.56 39.13 39.30
CA VAL D 547 10.87 37.81 39.28
C VAL D 547 9.67 37.89 38.31
N SER D 548 9.18 39.10 38.02
CA SER D 548 8.05 39.38 37.09
C SER D 548 8.38 38.82 35.70
N LEU D 549 9.66 38.84 35.31
CA LEU D 549 10.10 38.42 33.96
C LEU D 549 9.69 36.96 33.71
N GLN D 550 9.56 36.17 34.77
CA GLN D 550 9.15 34.73 34.69
C GLN D 550 7.72 34.64 34.14
N SER D 551 6.86 35.58 34.52
CA SER D 551 5.44 35.63 34.10
C SER D 551 5.32 35.88 32.59
N LEU D 552 6.31 36.49 31.95
CA LEU D 552 6.28 36.80 30.50
C LEU D 552 6.73 35.58 29.71
N LYS D 553 6.07 35.30 28.58
CA LYS D 553 6.50 34.26 27.62
C LYS D 553 7.32 34.95 26.53
N LEU D 554 8.65 34.95 26.65
CA LEU D 554 9.55 35.77 25.80
C LEU D 554 10.27 34.85 24.81
N ASN D 555 10.08 35.10 23.52
CA ASN D 555 10.72 34.34 22.42
C ASN D 555 12.15 34.85 22.22
N GLN D 556 12.45 36.10 22.61
CA GLN D 556 13.81 36.69 22.62
C GLN D 556 14.04 37.45 23.93
N LEU D 557 15.10 37.12 24.67
CA LEU D 557 15.54 37.90 25.86
C LEU D 557 17.07 38.05 25.85
N ASN D 558 17.56 39.29 25.97
CA ASN D 558 19.00 39.59 26.16
C ASN D 558 19.13 40.68 27.23
N LEU D 559 19.69 40.30 28.38
CA LEU D 559 20.07 41.24 29.47
C LEU D 559 21.57 41.20 29.62
N SER D 560 22.25 40.78 28.56
CA SER D 560 23.73 40.57 28.55
C SER D 560 24.46 41.91 28.57
N TYR D 561 25.71 41.88 29.02
CA TYR D 561 26.61 43.06 29.04
C TYR D 561 25.91 44.21 29.77
N ASN D 562 25.53 43.94 31.02
CA ASN D 562 24.97 44.93 31.97
C ASN D 562 25.67 44.74 33.33
N ARG D 563 25.19 45.44 34.36
CA ARG D 563 25.74 45.38 35.73
C ARG D 563 24.79 44.60 36.63
N LEU D 564 23.96 43.71 36.07
CA LEU D 564 22.95 42.97 36.84
C LEU D 564 23.66 42.02 37.81
N SER D 565 23.08 41.82 38.99
CA SER D 565 23.70 41.05 40.10
C SER D 565 22.67 40.09 40.72
N GLY D 566 23.15 39.09 41.45
CA GLY D 566 22.31 38.19 42.25
C GLY D 566 22.21 36.81 41.62
N ASP D 567 21.12 36.09 41.94
CA ASP D 567 20.81 34.73 41.40
C ASP D 567 19.65 34.84 40.41
N LEU D 568 19.71 34.11 39.30
CA LEU D 568 18.69 34.13 38.21
C LEU D 568 17.41 33.55 38.78
N PRO D 569 16.22 34.18 38.56
CA PRO D 569 14.94 33.51 38.80
C PRO D 569 14.96 32.14 38.14
N PRO D 570 14.53 31.08 38.85
CA PRO D 570 14.79 29.70 38.42
C PRO D 570 14.26 29.39 37.01
N SER D 571 13.13 30.01 36.62
CA SER D 571 12.53 29.83 35.27
C SER D 571 13.56 30.18 34.18
N LEU D 572 14.46 31.13 34.45
CA LEU D 572 15.42 31.71 33.47
C LEU D 572 16.75 30.96 33.52
N ALA D 573 16.83 29.88 34.29
CA ALA D 573 18.09 29.13 34.55
C ALA D 573 18.31 28.08 33.46
N LYS D 574 17.46 28.04 32.43
CA LYS D 574 17.49 26.98 31.38
C LYS D 574 18.60 27.28 30.37
N ASP D 575 18.96 26.28 29.56
CA ASP D 575 20.04 26.35 28.53
C ASP D 575 19.62 27.28 27.41
N MET D 576 18.31 27.46 27.16
CA MET D 576 17.80 28.38 26.12
C MET D 576 18.24 29.82 26.46
N TYR D 577 18.33 30.15 27.75
CA TYR D 577 18.71 31.50 28.25
C TYR D 577 20.21 31.58 28.52
N LYS D 578 20.99 30.66 27.95
CA LYS D 578 22.46 30.57 28.12
C LYS D 578 23.14 31.88 27.74
N ASN D 579 22.79 32.44 26.58
CA ASN D 579 23.47 33.65 26.04
C ASN D 579 22.73 34.93 26.44
N SER D 580 21.65 34.82 27.21
CA SER D 580 20.80 35.98 27.62
C SER D 580 21.46 36.78 28.75
N PHE D 581 22.32 36.18 29.57
CA PHE D 581 22.82 36.82 30.81
C PHE D 581 24.35 36.93 30.84
N ILE D 582 25.04 36.71 29.71
CA ILE D 582 26.53 36.79 29.64
C ILE D 582 26.95 38.24 29.91
N GLY D 583 28.13 38.46 30.46
CA GLY D 583 28.69 39.80 30.67
C GLY D 583 28.08 40.51 31.86
N ASN D 584 27.27 39.82 32.66
CA ASN D 584 26.80 40.33 33.99
C ASN D 584 27.57 39.59 35.07
N PRO D 585 28.64 40.21 35.63
CA PRO D 585 29.54 39.51 36.55
C PRO D 585 28.88 39.08 37.87
N GLY D 586 28.07 39.95 38.48
CA GLY D 586 27.37 39.68 39.74
C GLY D 586 26.51 38.44 39.65
N LEU D 587 26.12 38.04 38.42
CA LEU D 587 25.01 37.11 38.14
C LEU D 587 25.53 35.66 38.14
N CYS D 588 24.90 34.83 38.98
CA CYS D 588 25.17 33.39 39.19
C CYS D 588 23.87 32.61 39.07
N GLY D 589 23.84 31.59 38.22
CA GLY D 589 22.68 30.69 38.01
C GLY D 589 23.16 29.29 37.63
N ASP D 590 22.23 28.33 37.50
CA ASP D 590 22.53 26.93 37.13
C ASP D 590 22.71 26.84 35.60
N ILE D 591 23.61 27.67 35.05
CA ILE D 591 24.00 27.70 33.60
C ILE D 591 25.54 27.62 33.53
N LYS D 592 26.10 26.84 32.60
CA LYS D 592 27.57 26.75 32.35
C LYS D 592 28.05 28.11 31.82
N GLY D 593 28.83 28.83 32.63
CA GLY D 593 29.28 30.21 32.36
C GLY D 593 28.78 31.19 33.41
N LEU D 594 27.56 30.96 33.94
CA LEU D 594 26.96 31.78 35.02
C LEU D 594 27.69 31.51 36.33
N CYS D 595 28.18 30.28 36.54
CA CYS D 595 29.00 29.85 37.69
C CYS D 595 29.50 28.41 37.50
N ASN E 8 2.64 41.54 -2.91
CA ASN E 8 3.40 40.30 -3.27
C ASN E 8 2.66 39.08 -2.71
N LEU E 9 3.23 37.88 -2.88
CA LEU E 9 2.60 36.62 -2.43
C LEU E 9 2.36 36.67 -0.93
N GLU E 10 3.35 37.13 -0.16
CA GLU E 10 3.27 37.16 1.32
C GLU E 10 2.12 38.08 1.74
N GLY E 11 2.02 39.27 1.16
CA GLY E 11 0.96 40.24 1.45
C GLY E 11 -0.42 39.66 1.12
N ASP E 12 -0.53 38.99 -0.02
CA ASP E 12 -1.80 38.34 -0.46
C ASP E 12 -2.21 37.29 0.58
N ALA E 13 -1.27 36.43 0.99
CA ALA E 13 -1.51 35.37 1.99
C ALA E 13 -2.02 36.01 3.29
N LEU E 14 -1.39 37.07 3.77
CA LEU E 14 -1.79 37.71 5.06
C LEU E 14 -3.14 38.38 4.87
N HIS E 15 -3.42 38.92 3.68
CA HIS E 15 -4.72 39.57 3.40
C HIS E 15 -5.81 38.51 3.46
N THR E 16 -5.56 37.35 2.86
CA THR E 16 -6.49 36.19 2.91
C THR E 16 -6.81 35.89 4.38
N LEU E 17 -5.81 35.89 5.26
CA LEU E 17 -6.00 35.65 6.71
C LEU E 17 -6.94 36.75 7.24
N ARG E 18 -6.68 37.99 6.85
CA ARG E 18 -7.49 39.15 7.34
C ARG E 18 -8.96 38.93 6.98
N VAL E 19 -9.24 38.45 5.77
CA VAL E 19 -10.62 38.29 5.24
C VAL E 19 -11.37 37.24 6.07
N THR E 20 -10.71 36.17 6.52
CA THR E 20 -11.33 35.04 7.27
C THR E 20 -11.31 35.31 8.78
N LEU E 21 -10.59 36.33 9.25
CA LEU E 21 -10.57 36.72 10.68
C LEU E 21 -11.66 37.76 10.91
N VAL E 22 -12.25 37.77 12.09
CA VAL E 22 -13.18 38.82 12.56
C VAL E 22 -12.38 39.77 13.46
N ASP E 23 -12.41 41.06 13.17
CA ASP E 23 -11.46 42.06 13.73
C ASP E 23 -12.23 43.24 14.30
N PRO E 24 -12.91 43.07 15.47
CA PRO E 24 -13.73 44.14 16.04
C PRO E 24 -12.95 45.41 16.41
N ASN E 25 -11.67 45.29 16.78
CA ASN E 25 -10.83 46.46 17.20
C ASN E 25 -10.07 47.04 16.01
N ASN E 26 -10.20 46.45 14.82
CA ASN E 26 -9.59 46.96 13.56
C ASN E 26 -8.07 46.97 13.69
N VAL E 27 -7.50 45.95 14.32
CA VAL E 27 -6.02 45.83 14.48
C VAL E 27 -5.38 45.60 13.11
N LEU E 28 -6.16 45.17 12.11
CA LEU E 28 -5.61 44.80 10.77
C LEU E 28 -5.89 45.90 9.76
N GLN E 29 -6.25 47.11 10.20
CA GLN E 29 -6.66 48.19 9.27
C GLN E 29 -5.48 48.59 8.39
N SER E 30 -4.25 48.47 8.89
CA SER E 30 -2.99 48.82 8.19
C SER E 30 -2.70 47.84 7.04
N TRP E 31 -3.42 46.73 6.99
CA TRP E 31 -3.13 45.62 6.05
C TRP E 31 -3.70 45.96 4.68
N ASP E 32 -3.07 46.91 3.99
CA ASP E 32 -3.47 47.36 2.62
C ASP E 32 -2.90 46.39 1.59
N PRO E 33 -3.74 45.60 0.88
CA PRO E 33 -3.23 44.63 -0.10
C PRO E 33 -2.56 45.30 -1.31
N THR E 34 -2.81 46.60 -1.51
CA THR E 34 -2.27 47.39 -2.67
C THR E 34 -0.81 47.79 -2.38
N LEU E 35 -0.31 47.61 -1.16
CA LEU E 35 1.13 47.79 -0.86
C LEU E 35 1.92 46.63 -1.47
N VAL E 36 3.09 46.92 -2.00
CA VAL E 36 3.95 45.94 -2.71
C VAL E 36 4.36 44.81 -1.75
N ASN E 37 4.69 45.17 -0.51
CA ASN E 37 5.10 44.22 0.56
C ASN E 37 4.26 44.51 1.80
N PRO E 38 4.06 43.51 2.68
CA PRO E 38 3.30 43.70 3.90
C PRO E 38 4.14 44.25 5.05
N CYS E 39 5.39 44.65 4.77
CA CYS E 39 6.40 45.02 5.79
C CYS E 39 5.99 46.30 6.52
N THR E 40 5.37 47.25 5.81
CA THR E 40 4.93 48.56 6.37
C THR E 40 3.67 48.37 7.22
N TRP E 41 3.01 47.22 7.11
CA TRP E 41 1.80 46.86 7.89
C TRP E 41 2.19 46.82 9.37
N PHE E 42 1.31 47.30 10.25
CA PHE E 42 1.47 47.13 11.71
C PHE E 42 1.21 45.65 12.03
N HIS E 43 1.88 45.13 13.05
CA HIS E 43 1.75 43.74 13.55
C HIS E 43 2.51 42.78 12.64
N VAL E 44 3.16 43.29 11.59
CA VAL E 44 3.99 42.48 10.66
C VAL E 44 5.41 43.04 10.67
N THR E 45 6.40 42.17 10.85
CA THR E 45 7.84 42.54 10.81
C THR E 45 8.52 41.77 9.68
N CYS E 46 9.32 42.45 8.87
CA CYS E 46 10.06 41.84 7.72
C CYS E 46 11.57 41.85 7.99
N ASN E 47 12.31 41.02 7.25
CA ASN E 47 13.79 40.97 7.32
C ASN E 47 14.35 42.03 6.37
N ASN E 48 15.67 42.06 6.22
CA ASN E 48 16.39 43.07 5.37
C ASN E 48 16.07 42.79 3.90
N GLU E 49 15.60 41.58 3.58
CA GLU E 49 15.22 41.19 2.21
C GLU E 49 13.71 41.39 2.03
N ASN E 50 13.06 42.05 3.01
CA ASN E 50 11.62 42.43 3.02
C ASN E 50 10.72 41.21 2.94
N SER E 51 11.09 40.14 3.63
CA SER E 51 10.26 38.91 3.78
C SER E 51 9.76 38.86 5.22
N VAL E 52 8.51 38.46 5.43
CA VAL E 52 7.89 38.46 6.78
C VAL E 52 8.67 37.48 7.66
N ILE E 53 9.10 37.93 8.84
CA ILE E 53 9.78 37.08 9.85
C ILE E 53 8.90 36.99 11.10
N ARG E 54 8.03 37.96 11.35
CA ARG E 54 7.17 37.98 12.55
C ARG E 54 5.76 38.46 12.23
N VAL E 55 4.75 37.78 12.77
CA VAL E 55 3.33 38.28 12.81
C VAL E 55 2.92 38.32 14.28
N ASP E 56 2.65 39.51 14.82
CA ASP E 56 2.41 39.71 16.27
C ASP E 56 0.99 40.21 16.48
N LEU E 57 0.04 39.30 16.72
CA LEU E 57 -1.41 39.60 16.80
C LEU E 57 -2.03 39.01 18.07
N GLY E 58 -1.27 38.87 19.16
CA GLY E 58 -1.79 38.37 20.45
C GLY E 58 -2.62 39.41 21.19
N ASN E 59 -3.63 38.98 21.93
CA ASN E 59 -4.54 39.83 22.73
C ASN E 59 -5.17 40.90 21.83
N ALA E 60 -5.70 40.51 20.67
CA ALA E 60 -6.28 41.43 19.66
C ALA E 60 -7.80 41.28 19.57
N GLU E 61 -8.40 40.43 20.42
CA GLU E 61 -9.87 40.15 20.39
C GLU E 61 -10.26 39.63 19.00
N LEU E 62 -9.33 38.95 18.32
CA LEU E 62 -9.55 38.38 16.97
C LEU E 62 -10.39 37.10 17.10
N SER E 63 -11.39 36.96 16.24
CA SER E 63 -12.24 35.75 16.10
C SER E 63 -12.07 35.26 14.68
N GLY E 64 -12.56 34.06 14.37
CA GLY E 64 -12.55 33.56 12.99
C GLY E 64 -11.66 32.33 12.87
N HIS E 65 -11.21 32.03 11.67
CA HIS E 65 -10.41 30.81 11.40
C HIS E 65 -9.13 31.19 10.67
N LEU E 66 -8.10 30.40 10.87
CA LEU E 66 -6.82 30.57 10.15
C LEU E 66 -7.00 30.03 8.74
N VAL E 67 -6.05 30.35 7.88
CA VAL E 67 -6.08 29.96 6.44
C VAL E 67 -4.84 29.11 6.17
N PRO E 68 -4.90 28.16 5.22
CA PRO E 68 -3.72 27.39 4.82
C PRO E 68 -2.64 28.27 4.19
N GLU E 69 -2.99 29.49 3.75
CA GLU E 69 -2.09 30.36 2.96
C GLU E 69 -1.00 30.96 3.85
N LEU E 70 -1.06 30.77 5.16
CA LEU E 70 0.01 31.20 6.10
C LEU E 70 1.30 30.42 5.78
N GLY E 71 1.18 29.24 5.16
CA GLY E 71 2.31 28.38 4.78
C GLY E 71 3.24 29.01 3.76
N VAL E 72 2.76 29.99 3.00
CA VAL E 72 3.55 30.73 1.96
C VAL E 72 4.69 31.51 2.61
N LEU E 73 4.52 31.94 3.87
CA LEU E 73 5.50 32.82 4.58
C LEU E 73 6.68 31.95 5.02
N LYS E 74 7.55 31.56 4.08
CA LYS E 74 8.67 30.60 4.31
C LYS E 74 9.63 31.14 5.37
N ASN E 75 9.95 32.42 5.35
CA ASN E 75 10.97 33.04 6.22
C ASN E 75 10.36 33.42 7.57
N LEU E 76 9.07 33.13 7.80
CA LEU E 76 8.40 33.43 9.08
C LEU E 76 9.13 32.69 10.20
N GLN E 77 9.45 33.39 11.29
CA GLN E 77 10.14 32.83 12.50
CA GLN E 77 10.14 32.83 12.50
C GLN E 77 9.20 32.84 13.71
N TYR E 78 8.36 33.85 13.82
CA TYR E 78 7.47 33.96 15.00
C TYR E 78 6.05 34.21 14.55
N LEU E 79 5.15 33.28 14.87
CA LEU E 79 3.69 33.43 14.65
C LEU E 79 3.00 33.58 16.00
N GLU E 80 2.53 34.77 16.33
CA GLU E 80 1.95 35.07 17.65
C GLU E 80 0.47 35.43 17.50
N LEU E 81 -0.41 34.45 17.70
CA LEU E 81 -1.87 34.60 17.53
C LEU E 81 -2.58 34.24 18.83
N TYR E 82 -1.88 34.37 19.96
CA TYR E 82 -2.37 33.90 21.29
C TYR E 82 -3.37 34.90 21.90
N SER E 83 -4.02 34.50 22.99
CA SER E 83 -5.02 35.32 23.73
C SER E 83 -6.04 35.93 22.77
N ASN E 84 -6.63 35.11 21.89
CA ASN E 84 -7.72 35.53 20.97
C ASN E 84 -8.82 34.47 21.06
N ASN E 85 -9.86 34.59 20.24
CA ASN E 85 -10.95 33.58 20.17
C ASN E 85 -10.95 32.91 18.79
N ILE E 86 -9.78 32.77 18.17
CA ILE E 86 -9.67 32.13 16.82
C ILE E 86 -10.11 30.68 16.96
N THR E 87 -10.99 30.22 16.09
CA THR E 87 -11.65 28.89 16.18
C THR E 87 -11.24 28.05 14.97
N GLY E 88 -11.64 26.78 14.97
CA GLY E 88 -11.43 25.87 13.85
C GLY E 88 -10.08 25.17 13.92
N PRO E 89 -9.68 24.46 12.86
CA PRO E 89 -8.47 23.65 12.86
C PRO E 89 -7.16 24.45 12.78
N ILE E 90 -6.06 23.83 13.21
CA ILE E 90 -4.69 24.34 12.97
C ILE E 90 -4.30 23.84 11.59
N PRO E 91 -4.06 24.74 10.61
CA PRO E 91 -3.79 24.32 9.25
C PRO E 91 -2.54 23.43 9.14
N SER E 92 -2.63 22.37 8.35
CA SER E 92 -1.50 21.46 8.05
C SER E 92 -0.37 22.25 7.38
N ASN E 93 -0.71 23.31 6.64
CA ASN E 93 0.30 24.03 5.82
C ASN E 93 1.24 24.83 6.72
N LEU E 94 0.90 24.99 8.00
CA LEU E 94 1.82 25.62 8.98
C LEU E 94 3.10 24.80 9.08
N GLY E 95 3.07 23.53 8.67
CA GLY E 95 4.26 22.67 8.59
C GLY E 95 5.20 23.12 7.51
N ASN E 96 4.74 23.91 6.54
CA ASN E 96 5.57 24.41 5.41
C ASN E 96 6.37 25.64 5.87
N LEU E 97 6.11 26.16 7.07
CA LEU E 97 6.87 27.28 7.67
C LEU E 97 8.20 26.75 8.21
N THR E 98 9.18 26.49 7.33
CA THR E 98 10.45 25.82 7.66
C THR E 98 11.22 26.60 8.74
N ASN E 99 11.26 27.93 8.62
CA ASN E 99 12.14 28.77 9.48
C ASN E 99 11.41 29.15 10.76
N LEU E 100 10.21 28.60 11.01
CA LEU E 100 9.41 28.97 12.21
C LEU E 100 10.18 28.56 13.46
N VAL E 101 10.25 29.48 14.44
CA VAL E 101 10.93 29.29 15.74
C VAL E 101 9.86 29.25 16.84
N SER E 102 8.77 30.00 16.68
CA SER E 102 7.68 30.08 17.69
C SER E 102 6.32 29.88 17.03
N LEU E 103 5.52 28.95 17.58
CA LEU E 103 4.10 28.78 17.20
C LEU E 103 3.28 28.98 18.48
N ASP E 104 2.85 30.21 18.73
CA ASP E 104 2.06 30.56 19.93
C ASP E 104 0.60 30.75 19.54
N LEU E 105 -0.19 29.69 19.64
CA LEU E 105 -1.64 29.70 19.31
C LEU E 105 -2.43 29.50 20.59
N TYR E 106 -1.80 29.74 21.74
CA TYR E 106 -2.41 29.43 23.05
C TYR E 106 -3.53 30.42 23.37
N LEU E 107 -4.34 30.08 24.36
CA LEU E 107 -5.48 30.90 24.84
C LEU E 107 -6.36 31.28 23.66
N ASN E 108 -6.75 30.28 22.87
CA ASN E 108 -7.68 30.41 21.73
C ASN E 108 -8.68 29.25 21.80
N SER E 109 -9.60 29.16 20.87
CA SER E 109 -10.63 28.08 20.82
C SER E 109 -10.36 27.13 19.65
N PHE E 110 -9.10 26.93 19.27
CA PHE E 110 -8.72 26.00 18.17
C PHE E 110 -9.23 24.61 18.53
N SER E 111 -9.75 23.89 17.54
CA SER E 111 -10.29 22.52 17.71
C SER E 111 -9.61 21.60 16.69
N GLY E 112 -9.87 20.30 16.80
CA GLY E 112 -9.33 19.29 15.86
C GLY E 112 -7.93 18.85 16.25
N PRO E 113 -7.24 18.13 15.35
CA PRO E 113 -5.95 17.53 15.65
C PRO E 113 -4.79 18.54 15.62
N ILE E 114 -3.70 18.18 16.33
CA ILE E 114 -2.37 18.81 16.15
C ILE E 114 -1.80 18.19 14.88
N PRO E 115 -1.57 18.96 13.80
CA PRO E 115 -1.11 18.39 12.54
C PRO E 115 0.23 17.65 12.71
N GLU E 116 0.39 16.51 12.04
CA GLU E 116 1.66 15.74 12.01
C GLU E 116 2.72 16.57 11.28
N SER E 117 2.27 17.48 10.41
CA SER E 117 3.13 18.38 9.60
C SER E 117 4.02 19.23 10.51
N LEU E 118 3.58 19.52 11.74
CA LEU E 118 4.33 20.40 12.68
C LEU E 118 5.68 19.77 13.02
N GLY E 119 5.81 18.46 12.80
CA GLY E 119 7.11 17.76 12.97
C GLY E 119 8.15 18.26 12.00
N LYS E 120 7.72 18.74 10.82
CA LYS E 120 8.63 19.21 9.75
C LYS E 120 9.24 20.57 10.12
N LEU E 121 8.79 21.19 11.21
CA LEU E 121 9.33 22.48 11.71
C LEU E 121 10.67 22.22 12.44
N SER E 122 11.74 22.10 11.66
CA SER E 122 13.11 21.72 12.11
C SER E 122 13.66 22.73 13.13
N LYS E 123 13.37 24.03 13.01
CA LYS E 123 14.02 25.08 13.84
C LYS E 123 13.12 25.50 15.00
N LEU E 124 11.98 24.84 15.21
CA LEU E 124 10.99 25.30 16.22
C LEU E 124 11.61 25.15 17.62
N ARG E 125 11.49 26.20 18.43
CA ARG E 125 11.99 26.23 19.83
C ARG E 125 10.81 26.36 20.78
N PHE E 126 9.72 26.98 20.35
CA PHE E 126 8.52 27.21 21.19
C PHE E 126 7.28 26.66 20.49
N LEU E 127 6.55 25.78 21.18
CA LEU E 127 5.23 25.30 20.74
C LEU E 127 4.25 25.43 21.92
N ARG E 128 3.49 26.51 21.94
CA ARG E 128 2.48 26.75 23.00
C ARG E 128 1.08 26.69 22.37
N LEU E 129 0.40 25.55 22.49
CA LEU E 129 -0.95 25.31 21.96
C LEU E 129 -1.90 25.14 23.14
N ASN E 130 -1.49 25.61 24.32
CA ASN E 130 -2.23 25.41 25.59
C ASN E 130 -3.53 26.21 25.58
N ASN E 131 -4.44 25.89 26.50
CA ASN E 131 -5.73 26.58 26.72
C ASN E 131 -6.48 26.69 25.38
N ASN E 132 -6.57 25.56 24.67
CA ASN E 132 -7.38 25.39 23.43
C ASN E 132 -8.28 24.17 23.63
N SER E 133 -9.09 23.84 22.62
CA SER E 133 -10.00 22.67 22.61
C SER E 133 -9.46 21.60 21.65
N LEU E 134 -8.14 21.51 21.48
CA LEU E 134 -7.53 20.55 20.53
C LEU E 134 -7.82 19.13 21.02
N THR E 135 -8.12 18.22 20.10
CA THR E 135 -8.48 16.81 20.37
C THR E 135 -7.53 15.91 19.59
N GLY E 136 -7.50 14.63 19.94
CA GLY E 136 -6.67 13.63 19.24
C GLY E 136 -5.42 13.32 20.01
N SER E 137 -4.47 12.63 19.38
CA SER E 137 -3.19 12.23 20.00
C SER E 137 -2.11 13.25 19.64
N ILE E 138 -1.04 13.29 20.44
CA ILE E 138 0.13 14.17 20.21
C ILE E 138 1.01 13.49 19.16
N PRO E 139 1.25 14.11 17.99
CA PRO E 139 2.06 13.50 16.95
C PRO E 139 3.47 13.12 17.46
N MET E 140 3.96 11.94 17.04
CA MET E 140 5.30 11.45 17.42
C MET E 140 6.36 12.25 16.65
N SER E 141 5.98 12.87 15.55
CA SER E 141 6.88 13.68 14.68
C SER E 141 7.53 14.81 15.50
N LEU E 142 6.82 15.33 16.50
CA LEU E 142 7.27 16.46 17.33
C LEU E 142 8.55 16.09 18.09
N THR E 143 8.80 14.78 18.28
CA THR E 143 10.02 14.27 18.95
C THR E 143 11.23 14.51 18.04
N ASN E 144 11.04 14.57 16.72
CA ASN E 144 12.12 14.77 15.72
C ASN E 144 12.52 16.25 15.63
N ILE E 145 11.82 17.14 16.34
CA ILE E 145 12.21 18.59 16.42
C ILE E 145 13.27 18.72 17.50
N THR E 146 14.55 18.70 17.12
CA THR E 146 15.72 18.71 18.03
C THR E 146 15.79 20.06 18.78
N THR E 147 15.41 21.15 18.12
CA THR E 147 15.54 22.54 18.63
C THR E 147 14.48 22.83 19.71
N LEU E 148 13.45 21.98 19.86
CA LEU E 148 12.30 22.30 20.74
C LEU E 148 12.80 22.46 22.16
N GLN E 149 12.46 23.58 22.82
CA GLN E 149 12.89 23.89 24.20
C GLN E 149 11.68 24.20 25.09
N VAL E 150 10.58 24.72 24.53
CA VAL E 150 9.34 25.02 25.29
C VAL E 150 8.16 24.30 24.61
N LEU E 151 7.41 23.50 25.37
CA LEU E 151 6.16 22.83 24.91
C LEU E 151 5.07 23.02 25.97
N ASP E 152 3.89 23.48 25.58
CA ASP E 152 2.72 23.55 26.47
C ASP E 152 1.49 23.10 25.68
N LEU E 153 1.06 21.87 25.89
CA LEU E 153 -0.17 21.29 25.29
C LEU E 153 -1.23 21.16 26.38
N SER E 154 -1.06 21.88 27.49
CA SER E 154 -1.93 21.79 28.68
C SER E 154 -3.30 22.39 28.37
N ASN E 155 -4.30 22.05 29.20
CA ASN E 155 -5.66 22.64 29.14
C ASN E 155 -6.20 22.45 27.72
N ASN E 156 -6.09 21.23 27.21
CA ASN E 156 -6.67 20.81 25.92
C ASN E 156 -7.49 19.54 26.17
N ARG E 157 -8.10 18.99 25.11
CA ARG E 157 -8.91 17.76 25.17
C ARG E 157 -8.16 16.63 24.45
N LEU E 158 -6.82 16.63 24.48
CA LEU E 158 -6.00 15.63 23.77
C LEU E 158 -6.10 14.29 24.51
N SER E 159 -5.84 13.19 23.79
CA SER E 159 -5.97 11.80 24.30
C SER E 159 -4.85 10.94 23.73
N GLY E 160 -4.45 9.90 24.46
CA GLY E 160 -3.54 8.86 23.96
C GLY E 160 -2.16 8.95 24.58
N SER E 161 -1.18 8.28 23.97
CA SER E 161 0.21 8.18 24.48
C SER E 161 0.90 9.55 24.41
N VAL E 162 1.68 9.88 25.44
CA VAL E 162 2.55 11.08 25.46
C VAL E 162 3.97 10.63 25.17
N PRO E 163 4.62 11.12 24.09
CA PRO E 163 5.97 10.67 23.77
C PRO E 163 6.96 11.08 24.85
N ASP E 164 7.96 10.23 25.11
CA ASP E 164 9.00 10.46 26.14
C ASP E 164 10.38 10.49 25.48
N ASN E 165 10.46 10.44 24.14
CA ASN E 165 11.75 10.36 23.42
C ASN E 165 12.02 11.67 22.65
N GLY E 166 13.28 11.85 22.24
CA GLY E 166 13.76 13.06 21.54
C GLY E 166 13.58 14.30 22.40
N SER E 167 13.04 15.36 21.83
CA SER E 167 12.79 16.66 22.51
C SER E 167 11.93 16.44 23.76
N PHE E 168 10.97 15.51 23.68
CA PHE E 168 9.99 15.23 24.76
C PHE E 168 10.70 14.62 25.97
N SER E 169 11.92 14.12 25.80
CA SER E 169 12.71 13.51 26.89
C SER E 169 12.84 14.47 28.07
N LEU E 170 13.00 15.76 27.78
CA LEU E 170 13.27 16.80 28.80
C LEU E 170 11.95 17.35 29.38
N PHE E 171 10.80 17.04 28.79
CA PHE E 171 9.55 17.79 29.09
C PHE E 171 8.92 17.26 30.37
N THR E 172 8.45 18.19 31.21
CA THR E 172 7.83 17.93 32.53
C THR E 172 6.34 17.66 32.34
N PRO E 173 5.63 17.19 33.39
CA PRO E 173 4.18 17.00 33.33
C PRO E 173 3.34 18.27 33.11
N ILE E 174 3.84 19.46 33.50
CA ILE E 174 3.07 20.73 33.41
C ILE E 174 2.68 20.99 31.94
N SER E 175 3.50 20.51 31.01
CA SER E 175 3.31 20.67 29.55
C SER E 175 2.04 19.94 29.10
N PHE E 176 1.74 18.76 29.65
CA PHE E 176 0.66 17.89 29.15
C PHE E 176 -0.55 17.86 30.11
N ALA E 177 -0.64 18.80 31.05
CA ALA E 177 -1.66 18.80 32.12
C ALA E 177 -3.07 19.06 31.59
N ASN E 178 -4.07 18.63 32.35
CA ASN E 178 -5.52 18.89 32.13
C ASN E 178 -5.92 18.53 30.68
N ASN E 179 -5.72 17.28 30.30
CA ASN E 179 -6.13 16.72 29.00
C ASN E 179 -7.07 15.53 29.26
N LEU E 180 -7.86 15.15 28.26
CA LEU E 180 -9.01 14.22 28.42
C LEU E 180 -8.51 12.86 28.90
N ASP E 181 -7.63 12.21 28.14
CA ASP E 181 -7.23 10.80 28.39
C ASP E 181 -5.80 10.59 27.92
N LEU E 182 -4.86 11.34 28.51
CA LEU E 182 -3.44 11.22 28.15
C LEU E 182 -2.83 10.09 28.99
N CYS E 183 -2.27 9.09 28.32
CA CYS E 183 -1.58 7.94 28.97
C CYS E 183 -0.09 8.08 28.69
N GLY E 184 0.75 7.79 29.68
CA GLY E 184 2.20 7.71 29.47
C GLY E 184 2.96 7.88 30.77
N PRO E 185 4.31 7.76 30.73
CA PRO E 185 5.14 8.00 31.92
CA PRO E 185 5.14 8.00 31.92
C PRO E 185 4.99 9.39 32.58
N VAL E 186 4.81 10.45 31.78
CA VAL E 186 4.67 11.84 32.29
C VAL E 186 3.35 11.94 33.04
N THR E 187 2.33 11.20 32.60
CA THR E 187 0.97 11.19 33.20
C THR E 187 0.94 10.18 34.33
N SER E 188 -0.01 10.34 35.27
CA SER E 188 -0.35 9.33 36.31
C SER E 188 -0.66 7.99 35.64
N HIS E 189 -1.64 7.98 34.72
CA HIS E 189 -2.20 6.75 34.12
C HIS E 189 -1.19 6.14 33.15
N PRO E 190 -0.69 4.90 33.37
CA PRO E 190 0.14 4.24 32.36
C PRO E 190 -0.72 3.81 31.17
N CYS E 191 -0.10 3.58 30.01
CA CYS E 191 -0.82 3.26 28.75
C CYS E 191 -1.26 1.80 28.78
N PRO E 192 -2.41 1.47 28.13
CA PRO E 192 -2.87 0.08 28.00
C PRO E 192 -1.72 -0.93 27.95
N ARG F 1 -10.89 39.79 -9.05
CA ARG F 1 -10.57 41.23 -8.84
C ARG F 1 -11.86 42.05 -8.88
N LEU F 2 -12.65 41.89 -9.95
CA LEU F 2 -13.95 42.57 -10.24
C LEU F 2 -13.88 44.08 -9.94
N VAL F 3 -12.83 44.77 -10.41
CA VAL F 3 -12.62 46.24 -10.24
C VAL F 3 -12.99 46.94 -11.54
N SER F 5 -12.91 49.62 -14.73
CA SER F 5 -11.78 49.91 -15.60
C SER F 5 -11.06 51.18 -15.14
N GLY F 6 -9.73 51.14 -15.09
CA GLY F 6 -8.84 52.27 -14.74
C GLY F 6 -7.50 51.79 -14.19
N ASN F 8 -4.08 50.63 -12.04
CA ASN F 8 -3.82 49.79 -10.88
C ASN F 8 -3.04 50.60 -9.84
N PRO F 9 -3.59 50.83 -8.64
CA PRO F 9 -3.06 51.82 -7.70
C PRO F 9 -2.05 51.23 -6.71
N LEU F 10 -1.14 50.39 -7.21
CA LEU F 10 -0.12 49.74 -6.35
C LEU F 10 0.90 50.80 -5.91
N HIS F 11 1.35 50.72 -4.67
CA HIS F 11 2.27 51.73 -4.07
C HIS F 11 3.17 51.07 -3.03
N ASN F 12 4.25 51.76 -2.67
CA ASN F 12 5.20 51.35 -1.61
C ASN F 12 4.79 52.03 -0.31
N SER G 2 46.22 -38.47 47.56
CA SER G 2 46.29 -37.31 46.63
C SER G 2 46.68 -37.75 45.22
N SER G 3 47.40 -38.88 45.08
CA SER G 3 47.82 -39.46 43.78
C SER G 3 46.59 -39.90 42.95
N MET G 4 45.47 -40.19 43.63
CA MET G 4 44.19 -40.62 43.00
C MET G 4 43.24 -39.43 42.80
N ASP G 5 43.67 -38.19 43.09
CA ASP G 5 42.87 -36.95 42.94
C ASP G 5 42.77 -36.62 41.44
N ASN G 6 41.66 -36.00 41.04
CA ASN G 6 41.27 -35.77 39.61
C ASN G 6 40.81 -34.30 39.43
N GLN G 7 40.89 -33.78 38.23
CA GLN G 7 40.34 -32.43 37.89
C GLN G 7 39.22 -32.64 36.87
N ASP G 8 38.45 -33.72 37.05
CA ASP G 8 37.42 -34.16 36.07
C ASP G 8 36.38 -33.05 35.89
N GLY G 9 36.00 -32.36 36.97
CA GLY G 9 35.06 -31.22 36.94
C GLY G 9 35.55 -30.12 36.02
N PHE G 10 36.82 -29.76 36.13
CA PHE G 10 37.48 -28.72 35.30
C PHE G 10 37.41 -29.16 33.83
N ILE G 11 37.73 -30.44 33.57
CA ILE G 11 37.79 -30.97 32.18
C ILE G 11 36.40 -30.84 31.56
N LEU G 12 35.35 -31.24 32.30
CA LEU G 12 33.95 -31.24 31.78
C LEU G 12 33.48 -29.80 31.60
N GLN G 13 33.89 -28.87 32.47
CA GLN G 13 33.56 -27.44 32.33
C GLN G 13 34.18 -26.92 31.03
N GLN G 14 35.41 -27.34 30.73
CA GLN G 14 36.09 -26.97 29.45
C GLN G 14 35.30 -27.53 28.26
N VAL G 15 34.78 -28.76 28.37
CA VAL G 15 33.93 -29.39 27.32
C VAL G 15 32.69 -28.51 27.09
N LYS G 16 32.07 -28.06 28.18
CA LYS G 16 30.83 -27.23 28.12
C LYS G 16 31.11 -25.93 27.36
N LEU G 17 32.22 -25.28 27.67
CA LEU G 17 32.66 -24.01 27.03
C LEU G 17 32.86 -24.24 25.52
N SER G 18 33.46 -25.37 25.13
CA SER G 18 33.80 -25.73 23.73
C SER G 18 32.53 -25.84 22.88
N LEU G 19 31.44 -26.38 23.44
CA LEU G 19 30.20 -26.65 22.67
C LEU G 19 29.19 -25.54 22.93
N ASP G 20 28.31 -25.32 21.96
CA ASP G 20 27.18 -24.36 22.07
C ASP G 20 25.98 -25.11 22.64
N ASP G 21 25.32 -24.51 23.63
CA ASP G 21 24.19 -25.13 24.38
C ASP G 21 23.02 -24.18 24.40
N PRO G 22 22.35 -23.97 23.25
CA PRO G 22 21.23 -23.04 23.14
C PRO G 22 20.11 -23.40 24.14
N ASP G 23 19.82 -24.68 24.29
CA ASP G 23 18.65 -25.16 25.08
C ASP G 23 19.09 -25.45 26.52
N SER G 24 20.28 -24.98 26.92
CA SER G 24 20.78 -24.96 28.32
C SER G 24 20.64 -26.36 28.96
N TYR G 25 21.08 -27.41 28.26
CA TYR G 25 21.06 -28.82 28.75
C TYR G 25 22.20 -29.08 29.74
N LEU G 26 23.19 -28.18 29.81
CA LEU G 26 24.36 -28.36 30.69
C LEU G 26 24.30 -27.38 31.86
N SER G 27 23.10 -26.92 32.22
CA SER G 27 22.88 -25.99 33.34
C SER G 27 23.23 -26.67 34.67
N SER G 28 22.94 -27.98 34.80
CA SER G 28 23.27 -28.78 36.01
C SER G 28 24.77 -28.75 36.28
N TRP G 29 25.58 -28.44 35.25
CA TRP G 29 27.06 -28.44 35.34
C TRP G 29 27.52 -27.18 36.07
N ASN G 30 27.44 -27.18 37.40
CA ASN G 30 27.73 -26.00 38.25
C ASN G 30 29.21 -25.99 38.58
N SER G 31 29.95 -24.97 38.14
CA SER G 31 31.40 -24.84 38.40
C SER G 31 31.65 -24.95 39.91
N ASN G 32 30.78 -24.36 40.73
CA ASN G 32 30.92 -24.32 42.20
C ASN G 32 30.93 -25.76 42.73
N ASP G 33 30.15 -26.67 42.12
CA ASP G 33 30.04 -28.07 42.58
C ASP G 33 31.44 -28.68 42.62
N ALA G 34 31.79 -29.29 43.75
CA ALA G 34 33.10 -29.94 43.99
C ALA G 34 33.30 -31.12 43.04
N SER G 35 32.27 -31.96 42.91
CA SER G 35 32.33 -33.20 42.10
C SER G 35 31.39 -33.08 40.90
N PRO G 36 31.81 -33.55 39.71
CA PRO G 36 30.94 -33.55 38.54
C PRO G 36 30.00 -34.77 38.51
N CYS G 37 30.11 -35.65 39.50
CA CYS G 37 29.48 -36.98 39.49
C CYS G 37 27.95 -36.91 39.43
N ARG G 38 27.33 -35.86 40.00
CA ARG G 38 25.84 -35.74 40.05
C ARG G 38 25.33 -34.82 38.94
N TRP G 39 26.24 -34.28 38.11
CA TRP G 39 25.89 -33.48 36.92
C TRP G 39 25.09 -34.34 35.94
N SER G 40 24.22 -33.72 35.15
CA SER G 40 23.36 -34.41 34.14
C SER G 40 24.24 -35.06 33.07
N GLY G 41 24.01 -36.35 32.81
CA GLY G 41 24.75 -37.11 31.78
C GLY G 41 26.08 -37.63 32.28
N VAL G 42 26.48 -37.27 33.50
CA VAL G 42 27.81 -37.65 34.06
C VAL G 42 27.62 -38.77 35.07
N SER G 43 28.37 -39.88 34.92
CA SER G 43 28.35 -41.03 35.84
C SER G 43 29.78 -41.29 36.31
N CYS G 44 30.03 -41.23 37.61
CA CYS G 44 31.29 -41.67 38.24
C CYS G 44 31.02 -43.00 38.93
N ALA G 45 31.36 -44.14 38.34
CA ALA G 45 30.97 -45.48 38.83
C ALA G 45 32.04 -46.08 39.76
N GLY G 46 33.19 -45.41 39.89
CA GLY G 46 34.38 -45.93 40.60
C GLY G 46 34.42 -45.46 42.05
N ASP G 47 35.36 -46.01 42.83
CA ASP G 47 35.62 -45.66 44.25
C ASP G 47 35.78 -44.15 44.38
N PHE G 48 36.68 -43.56 43.58
CA PHE G 48 37.01 -42.11 43.57
C PHE G 48 35.91 -41.32 42.84
N SER G 49 36.12 -40.00 42.67
CA SER G 49 35.14 -39.09 42.02
C SER G 49 35.55 -38.96 40.55
N SER G 50 35.83 -40.10 39.90
CA SER G 50 36.35 -40.15 38.52
C SER G 50 35.19 -40.42 37.58
N VAL G 51 35.00 -39.58 36.56
CA VAL G 51 33.92 -39.75 35.55
C VAL G 51 34.26 -41.00 34.74
N THR G 52 33.28 -41.87 34.56
CA THR G 52 33.43 -43.15 33.82
C THR G 52 32.55 -43.13 32.57
N SER G 53 31.42 -42.43 32.62
CA SER G 53 30.48 -42.35 31.48
C SER G 53 29.95 -40.93 31.33
N VAL G 54 29.91 -40.41 30.10
CA VAL G 54 29.26 -39.10 29.77
C VAL G 54 28.30 -39.34 28.60
N ASP G 55 27.01 -39.12 28.84
CA ASP G 55 25.94 -39.21 27.82
C ASP G 55 25.28 -37.84 27.66
N LEU G 56 25.58 -37.17 26.55
CA LEU G 56 25.02 -35.83 26.22
C LEU G 56 24.13 -35.97 25.00
N SER G 57 23.44 -37.11 24.88
CA SER G 57 22.57 -37.41 23.73
C SER G 57 21.39 -36.44 23.73
N SER G 58 21.00 -35.97 22.53
CA SER G 58 19.78 -35.16 22.30
C SER G 58 19.78 -33.89 23.15
N ALA G 59 20.88 -33.16 23.18
CA ALA G 59 21.03 -31.94 24.01
C ALA G 59 21.20 -30.70 23.13
N ASN G 60 21.00 -30.84 21.82
CA ASN G 60 21.13 -29.72 20.85
C ASN G 60 22.49 -29.05 21.06
N LEU G 61 23.54 -29.82 21.31
CA LEU G 61 24.91 -29.29 21.50
C LEU G 61 25.60 -29.18 20.15
N ALA G 62 26.20 -28.03 19.86
CA ALA G 62 26.81 -27.74 18.54
C ALA G 62 28.27 -27.34 18.74
N GLY G 63 29.14 -27.81 17.84
CA GLY G 63 30.58 -27.48 17.86
C GLY G 63 31.41 -28.70 17.50
N PRO G 64 32.74 -28.58 17.45
CA PRO G 64 33.62 -29.69 17.11
C PRO G 64 33.71 -30.66 18.29
N PHE G 65 34.21 -31.87 18.05
CA PHE G 65 34.41 -32.89 19.12
C PHE G 65 35.35 -32.32 20.18
N PRO G 66 34.97 -32.35 21.48
CA PRO G 66 35.82 -31.84 22.55
C PRO G 66 36.96 -32.81 22.94
N SER G 67 38.14 -32.65 22.31
CA SER G 67 39.33 -33.51 22.55
C SER G 67 39.82 -33.39 24.00
N VAL G 68 39.41 -32.35 24.72
CA VAL G 68 39.74 -32.13 26.15
C VAL G 68 39.15 -33.28 26.98
N ILE G 69 38.01 -33.84 26.56
CA ILE G 69 37.29 -34.90 27.32
C ILE G 69 38.22 -36.11 27.51
N CYS G 70 39.16 -36.32 26.59
CA CYS G 70 40.12 -37.44 26.63
C CYS G 70 41.02 -37.33 27.86
N ARG G 71 41.08 -36.15 28.50
CA ARG G 71 41.83 -35.93 29.77
C ARG G 71 41.09 -36.56 30.96
N LEU G 72 39.80 -36.90 30.79
CA LEU G 72 39.10 -37.77 31.78
C LEU G 72 39.70 -39.15 31.65
N SER G 73 40.55 -39.54 32.60
CA SER G 73 41.42 -40.74 32.50
C SER G 73 40.59 -42.02 32.51
N ASN G 74 39.47 -42.05 33.24
CA ASN G 74 38.68 -43.28 33.44
C ASN G 74 37.37 -43.24 32.64
N LEU G 75 37.22 -42.32 31.70
CA LEU G 75 36.05 -42.32 30.77
C LEU G 75 36.10 -43.57 29.91
N ALA G 76 35.05 -44.39 30.00
CA ALA G 76 34.91 -45.65 29.24
C ALA G 76 33.73 -45.56 28.29
N HIS G 77 32.78 -44.65 28.53
CA HIS G 77 31.56 -44.55 27.70
C HIS G 77 31.28 -43.08 27.35
N LEU G 78 31.24 -42.74 26.06
CA LEU G 78 30.89 -41.37 25.60
C LEU G 78 29.79 -41.47 24.54
N SER G 79 28.66 -40.81 24.76
CA SER G 79 27.56 -40.67 23.76
C SER G 79 27.28 -39.20 23.52
N LEU G 80 27.39 -38.79 22.25
CA LEU G 80 27.02 -37.44 21.78
C LEU G 80 25.93 -37.61 20.73
N TYR G 81 25.10 -38.63 20.89
CA TYR G 81 24.04 -39.01 19.91
C TYR G 81 23.09 -37.82 19.71
N ASN G 82 22.62 -37.61 18.48
CA ASN G 82 21.54 -36.64 18.18
C ASN G 82 21.94 -35.24 18.63
N ASN G 83 23.15 -34.81 18.29
CA ASN G 83 23.63 -33.44 18.57
C ASN G 83 24.11 -32.86 17.24
N SER G 84 24.65 -31.63 17.24
CA SER G 84 25.15 -30.93 16.04
C SER G 84 26.67 -30.81 16.07
N ILE G 85 27.36 -31.84 16.56
CA ILE G 85 28.86 -31.90 16.50
C ILE G 85 29.28 -31.81 15.03
N ASN G 86 30.18 -30.87 14.71
CA ASN G 86 30.58 -30.57 13.32
C ASN G 86 32.10 -30.69 13.17
N SER G 87 32.59 -30.49 11.95
CA SER G 87 34.04 -30.53 11.61
C SER G 87 34.52 -31.98 11.54
N THR G 88 35.82 -32.17 11.27
CA THR G 88 36.46 -33.52 11.16
C THR G 88 36.56 -34.12 12.56
N LEU G 89 36.55 -35.45 12.66
CA LEU G 89 36.86 -36.15 13.93
C LEU G 89 38.36 -36.06 14.15
N PRO G 90 38.82 -35.50 15.29
CA PRO G 90 40.24 -35.27 15.49
C PRO G 90 41.00 -36.60 15.67
N LEU G 91 42.23 -36.66 15.16
CA LEU G 91 43.09 -37.86 15.29
C LEU G 91 43.52 -38.02 16.74
N ASN G 92 43.42 -36.95 17.53
CA ASN G 92 43.83 -36.94 18.96
C ASN G 92 42.74 -37.62 19.81
N ILE G 93 41.68 -38.13 19.19
CA ILE G 93 40.61 -38.88 19.92
C ILE G 93 41.22 -40.13 20.55
N ALA G 94 42.33 -40.62 19.98
CA ALA G 94 43.08 -41.80 20.47
C ALA G 94 43.53 -41.60 21.92
N ALA G 95 43.69 -40.35 22.36
CA ALA G 95 44.03 -40.00 23.76
C ALA G 95 42.98 -40.56 24.72
N CYS G 96 41.74 -40.77 24.26
CA CYS G 96 40.66 -41.41 25.06
C CYS G 96 40.93 -42.92 25.12
N LYS G 97 42.04 -43.31 25.76
CA LYS G 97 42.60 -44.68 25.67
C LYS G 97 41.78 -45.67 26.51
N SER G 98 40.87 -45.17 27.35
CA SER G 98 40.05 -46.01 28.24
C SER G 98 38.63 -46.19 27.70
N LEU G 99 38.31 -45.53 26.59
CA LEU G 99 36.95 -45.60 25.96
C LEU G 99 36.62 -47.02 25.51
N GLN G 100 35.48 -47.54 25.96
CA GLN G 100 34.92 -48.83 25.52
C GLN G 100 33.77 -48.56 24.56
N THR G 101 33.02 -47.49 24.79
CA THR G 101 31.84 -47.11 23.97
C THR G 101 31.99 -45.68 23.44
N LEU G 102 31.86 -45.50 22.13
CA LEU G 102 31.84 -44.16 21.48
C LEU G 102 30.62 -44.09 20.56
N ASP G 103 29.59 -43.33 20.96
CA ASP G 103 28.41 -43.05 20.12
C ASP G 103 28.47 -41.58 19.69
N LEU G 104 28.82 -41.34 18.43
CA LEU G 104 28.83 -39.99 17.82
C LEU G 104 27.80 -39.98 16.69
N SER G 105 26.77 -40.82 16.80
CA SER G 105 25.76 -41.04 15.75
C SER G 105 24.81 -39.84 15.68
N GLN G 106 24.20 -39.61 14.51
CA GLN G 106 23.22 -38.54 14.25
C GLN G 106 23.83 -37.20 14.64
N ASN G 107 25.02 -36.91 14.12
CA ASN G 107 25.72 -35.61 14.28
C ASN G 107 26.08 -35.13 12.89
N LEU G 108 26.82 -34.03 12.77
CA LEU G 108 27.14 -33.40 11.46
C LEU G 108 28.63 -33.56 11.17
N LEU G 109 29.28 -34.59 11.72
CA LEU G 109 30.74 -34.80 11.52
C LEU G 109 31.01 -35.14 10.05
N THR G 110 32.10 -34.60 9.50
CA THR G 110 32.43 -34.69 8.06
C THR G 110 33.89 -35.09 7.89
N GLY G 111 34.27 -35.51 6.68
CA GLY G 111 35.68 -35.79 6.33
C GLY G 111 36.00 -37.27 6.43
N GLU G 112 37.30 -37.59 6.38
CA GLU G 112 37.79 -38.99 6.38
C GLU G 112 37.73 -39.50 7.81
N LEU G 113 37.51 -40.80 7.99
CA LEU G 113 37.51 -41.44 9.33
C LEU G 113 38.92 -41.35 9.90
N PRO G 114 39.08 -40.93 11.16
CA PRO G 114 40.38 -40.96 11.81
C PRO G 114 40.86 -42.41 11.96
N GLN G 115 42.09 -42.69 11.54
CA GLN G 115 42.67 -44.05 11.63
C GLN G 115 43.06 -44.34 13.08
N THR G 116 43.24 -43.28 13.86
CA THR G 116 43.68 -43.32 15.28
C THR G 116 42.61 -43.96 16.17
N LEU G 117 41.40 -44.16 15.64
CA LEU G 117 40.31 -44.84 16.38
C LEU G 117 40.73 -46.25 16.77
N ALA G 118 41.45 -46.94 15.89
CA ALA G 118 41.94 -48.32 16.11
C ALA G 118 43.04 -48.33 17.18
N ASP G 119 43.64 -47.17 17.44
CA ASP G 119 44.73 -46.99 18.43
C ASP G 119 44.12 -46.86 19.82
N ILE G 120 42.78 -46.85 19.93
CA ILE G 120 42.10 -46.98 21.25
C ILE G 120 41.91 -48.47 21.50
N PRO G 121 42.72 -49.10 22.38
CA PRO G 121 42.70 -50.55 22.57
C PRO G 121 41.42 -51.09 23.24
N THR G 122 40.81 -50.30 24.12
CA THR G 122 39.63 -50.66 24.94
C THR G 122 38.32 -50.61 24.15
N LEU G 123 38.30 -50.05 22.94
CA LEU G 123 37.03 -49.77 22.20
C LEU G 123 36.30 -51.09 21.91
N VAL G 124 35.02 -51.15 22.28
CA VAL G 124 34.13 -52.32 22.05
C VAL G 124 33.04 -51.91 21.06
N HIS G 125 32.54 -50.70 21.17
CA HIS G 125 31.36 -50.19 20.41
C HIS G 125 31.73 -48.89 19.70
N LEU G 126 31.66 -48.86 18.37
CA LEU G 126 31.82 -47.59 17.61
C LEU G 126 30.57 -47.39 16.77
N ASP G 127 29.82 -46.34 17.05
CA ASP G 127 28.64 -45.93 16.25
C ASP G 127 28.91 -44.52 15.71
N LEU G 128 29.12 -44.42 14.40
CA LEU G 128 29.32 -43.14 13.70
C LEU G 128 28.20 -42.97 12.66
N THR G 129 27.02 -43.55 12.92
CA THR G 129 25.86 -43.54 11.99
C THR G 129 25.32 -42.12 11.82
N GLY G 130 24.69 -41.83 10.70
CA GLY G 130 24.04 -40.53 10.43
C GLY G 130 25.02 -39.38 10.52
N ASN G 131 26.18 -39.53 9.89
CA ASN G 131 27.19 -38.46 9.78
C ASN G 131 27.56 -38.38 8.30
N ASN G 132 28.45 -37.48 7.92
CA ASN G 132 28.84 -37.26 6.50
C ASN G 132 30.29 -37.66 6.30
N PHE G 133 30.75 -38.70 7.00
CA PHE G 133 32.12 -39.24 6.83
C PHE G 133 32.27 -39.71 5.39
N SER G 134 33.44 -39.51 4.80
CA SER G 134 33.71 -39.78 3.39
C SER G 134 35.04 -40.53 3.26
N GLY G 135 35.30 -41.07 2.07
CA GLY G 135 36.60 -41.67 1.72
C GLY G 135 36.64 -43.15 1.98
N ASP G 136 37.84 -43.70 2.03
CA ASP G 136 38.08 -45.15 2.28
C ASP G 136 38.00 -45.40 3.79
N ILE G 137 37.50 -46.57 4.17
CA ILE G 137 37.62 -47.06 5.57
C ILE G 137 39.10 -47.27 5.83
N PRO G 138 39.68 -46.65 6.89
CA PRO G 138 41.11 -46.76 7.17
C PRO G 138 41.53 -48.21 7.42
N ALA G 139 42.75 -48.59 7.01
CA ALA G 139 43.28 -49.97 7.12
C ALA G 139 43.60 -50.28 8.59
N SER G 140 43.73 -49.25 9.42
CA SER G 140 43.89 -49.37 10.88
C SER G 140 42.72 -50.17 11.45
N PHE G 141 41.56 -50.09 10.80
CA PHE G 141 40.28 -50.68 11.29
C PHE G 141 40.37 -52.20 11.34
N GLY G 142 41.24 -52.82 10.52
CA GLY G 142 41.49 -54.27 10.58
C GLY G 142 42.26 -54.67 11.84
N LYS G 143 42.89 -53.71 12.51
CA LYS G 143 43.78 -53.97 13.68
C LYS G 143 43.06 -53.70 15.00
N PHE G 144 41.75 -53.45 14.98
CA PHE G 144 40.95 -53.27 16.21
C PHE G 144 41.11 -54.54 17.06
N GLU G 145 41.41 -54.34 18.34
CA GLU G 145 41.80 -55.44 19.27
C GLU G 145 40.58 -56.05 19.95
N ASN G 146 39.59 -55.24 20.29
CA ASN G 146 38.47 -55.66 21.19
C ASN G 146 37.10 -55.19 20.67
N LEU G 147 37.02 -54.64 19.46
CA LEU G 147 35.76 -54.04 18.94
C LEU G 147 34.78 -55.16 18.63
N GLU G 148 33.54 -54.99 19.07
CA GLU G 148 32.44 -55.95 18.84
C GLU G 148 31.41 -55.34 17.87
N VAL G 149 31.29 -54.02 17.85
CA VAL G 149 30.29 -53.31 17.01
C VAL G 149 30.99 -52.23 16.18
N LEU G 150 30.85 -52.29 14.86
CA LEU G 150 31.29 -51.20 13.96
C LEU G 150 30.08 -50.74 13.17
N SER G 151 29.57 -49.54 13.44
CA SER G 151 28.44 -48.97 12.68
C SER G 151 28.89 -47.71 11.96
N LEU G 152 28.90 -47.76 10.62
CA LEU G 152 29.25 -46.63 9.75
C LEU G 152 28.06 -46.38 8.82
N VAL G 153 26.85 -46.64 9.30
CA VAL G 153 25.61 -46.59 8.48
C VAL G 153 25.28 -45.14 8.17
N TYR G 154 24.64 -44.90 7.02
CA TYR G 154 24.15 -43.57 6.57
C TYR G 154 25.27 -42.54 6.71
N ASN G 155 26.44 -42.89 6.16
CA ASN G 155 27.57 -41.93 5.99
C ASN G 155 27.78 -41.78 4.49
N LEU G 156 28.85 -41.12 4.06
CA LEU G 156 29.08 -40.83 2.63
C LEU G 156 30.35 -41.55 2.15
N LEU G 157 30.64 -42.73 2.69
CA LEU G 157 31.89 -43.46 2.38
C LEU G 157 31.85 -43.92 0.92
N ASP G 158 32.89 -43.59 0.15
CA ASP G 158 32.92 -43.75 -1.33
C ASP G 158 33.88 -44.86 -1.74
N GLY G 159 34.49 -45.55 -0.77
CA GLY G 159 35.50 -46.60 -1.03
C GLY G 159 34.89 -47.95 -1.32
N THR G 160 35.73 -48.95 -1.56
CA THR G 160 35.31 -50.36 -1.74
C THR G 160 35.14 -50.93 -0.34
N ILE G 161 34.24 -51.90 -0.17
CA ILE G 161 34.07 -52.62 1.13
C ILE G 161 35.39 -53.32 1.42
N PRO G 162 36.07 -53.03 2.56
CA PRO G 162 37.41 -53.55 2.82
C PRO G 162 37.45 -54.99 3.33
N PRO G 163 38.26 -55.89 2.69
CA PRO G 163 38.42 -57.26 3.17
C PRO G 163 39.11 -57.39 4.54
N PHE G 164 39.88 -56.38 4.94
CA PHE G 164 40.63 -56.38 6.23
C PHE G 164 39.67 -56.31 7.41
N LEU G 165 38.42 -55.88 7.18
CA LEU G 165 37.40 -55.80 8.26
C LEU G 165 37.05 -57.20 8.74
N GLY G 166 37.28 -58.23 7.91
CA GLY G 166 37.07 -59.65 8.29
C GLY G 166 38.08 -60.13 9.32
N ASN G 167 39.12 -59.32 9.60
CA ASN G 167 40.25 -59.64 10.50
C ASN G 167 39.90 -59.23 11.94
N ILE G 168 38.76 -58.58 12.18
CA ILE G 168 38.34 -58.21 13.57
C ILE G 168 37.60 -59.41 14.16
N SER G 169 38.33 -60.32 14.83
CA SER G 169 37.80 -61.59 15.40
C SER G 169 36.70 -61.32 16.42
N THR G 170 36.86 -60.27 17.22
CA THR G 170 35.94 -59.88 18.30
C THR G 170 34.61 -59.34 17.75
N LEU G 171 34.56 -58.96 16.46
CA LEU G 171 33.38 -58.27 15.88
C LEU G 171 32.14 -59.19 15.95
N LYS G 172 31.04 -58.61 16.43
CA LYS G 172 29.72 -59.28 16.55
C LYS G 172 28.72 -58.62 15.61
N MET G 173 28.92 -57.35 15.28
CA MET G 173 28.02 -56.62 14.36
C MET G 173 28.84 -55.79 13.37
N LEU G 174 28.65 -56.03 12.07
CA LEU G 174 29.21 -55.19 11.00
C LEU G 174 28.06 -54.47 10.30
N ASN G 175 27.90 -53.19 10.59
CA ASN G 175 26.77 -52.37 10.07
C ASN G 175 27.36 -51.27 9.18
N LEU G 176 27.32 -51.47 7.87
CA LEU G 176 27.92 -50.52 6.88
C LEU G 176 26.85 -50.06 5.89
N SER G 177 25.58 -50.18 6.26
CA SER G 177 24.43 -49.98 5.34
C SER G 177 24.30 -48.52 4.87
N TYR G 178 23.60 -48.33 3.76
CA TYR G 178 23.21 -47.01 3.21
C TYR G 178 24.44 -46.11 3.09
N ASN G 179 25.49 -46.61 2.46
CA ASN G 179 26.74 -45.84 2.17
C ASN G 179 27.00 -45.89 0.68
N PRO G 180 27.43 -44.77 0.07
CA PRO G 180 27.68 -44.69 -1.37
C PRO G 180 29.02 -45.32 -1.78
N PHE G 181 29.21 -46.59 -1.48
CA PHE G 181 30.50 -47.30 -1.69
C PHE G 181 30.73 -47.51 -3.19
N SER G 182 32.00 -47.56 -3.58
CA SER G 182 32.40 -48.02 -4.92
C SER G 182 31.86 -49.43 -5.08
N PRO G 183 31.29 -49.79 -6.25
CA PRO G 183 30.75 -51.12 -6.43
C PRO G 183 31.81 -52.14 -5.99
N SER G 184 31.46 -52.98 -5.02
CA SER G 184 32.40 -53.92 -4.35
C SER G 184 31.75 -55.29 -4.16
N ARG G 185 32.55 -56.35 -4.23
CA ARG G 185 32.10 -57.72 -3.94
C ARG G 185 32.13 -57.94 -2.43
N ILE G 186 31.28 -58.82 -1.92
CA ILE G 186 31.31 -59.16 -0.47
C ILE G 186 32.62 -59.89 -0.24
N PRO G 187 33.52 -59.36 0.60
CA PRO G 187 34.80 -60.01 0.87
C PRO G 187 34.55 -61.42 1.39
N PRO G 188 35.18 -62.47 0.80
CA PRO G 188 35.06 -63.82 1.31
C PRO G 188 35.67 -63.97 2.72
N GLU G 189 36.57 -63.05 3.08
CA GLU G 189 37.28 -63.05 4.38
C GLU G 189 36.30 -62.67 5.51
N PHE G 190 35.10 -62.19 5.16
CA PHE G 190 34.04 -61.85 6.14
C PHE G 190 33.50 -63.14 6.77
N GLY G 191 33.74 -64.29 6.13
CA GLY G 191 33.35 -65.62 6.65
C GLY G 191 34.16 -66.02 7.87
N ASN G 192 35.25 -65.30 8.13
CA ASN G 192 36.20 -65.58 9.24
C ASN G 192 35.82 -64.77 10.47
N LEU G 193 34.79 -63.93 10.39
CA LEU G 193 34.23 -63.22 11.57
C LEU G 193 33.36 -64.23 12.32
N THR G 194 33.97 -65.15 13.06
CA THR G 194 33.28 -66.31 13.67
C THR G 194 32.25 -65.85 14.70
N ASN G 195 32.50 -64.73 15.39
CA ASN G 195 31.62 -64.26 16.50
C ASN G 195 30.53 -63.32 15.97
N LEU G 196 30.51 -63.07 14.65
CA LEU G 196 29.57 -62.09 14.05
C LEU G 196 28.14 -62.61 14.22
N GLU G 197 27.27 -61.75 14.72
CA GLU G 197 25.83 -62.03 14.92
C GLU G 197 25.01 -61.22 13.90
N VAL G 198 25.52 -60.07 13.45
CA VAL G 198 24.79 -59.19 12.49
C VAL G 198 25.72 -58.75 11.37
N MET G 199 25.30 -58.99 10.13
CA MET G 199 25.93 -58.43 8.91
C MET G 199 24.86 -57.61 8.20
N TRP G 200 24.95 -56.29 8.27
CA TRP G 200 23.97 -55.34 7.70
C TRP G 200 24.64 -54.54 6.59
N LEU G 201 24.47 -54.99 5.34
CA LEU G 201 25.11 -54.38 4.16
C LEU G 201 24.03 -54.07 3.13
N THR G 202 22.93 -53.45 3.55
CA THR G 202 21.84 -52.99 2.65
C THR G 202 22.27 -51.69 1.96
N GLU G 203 22.05 -51.58 0.65
CA GLU G 203 22.38 -50.35 -0.12
C GLU G 203 23.86 -50.04 0.06
N CYS G 204 24.72 -51.03 -0.10
CA CYS G 204 26.20 -50.88 -0.04
C CYS G 204 26.79 -51.05 -1.44
N HIS G 205 25.95 -50.99 -2.47
CA HIS G 205 26.39 -51.09 -3.89
C HIS G 205 27.19 -52.39 -4.06
N LEU G 206 26.73 -53.46 -3.42
CA LEU G 206 27.41 -54.79 -3.48
C LEU G 206 27.14 -55.41 -4.84
N VAL G 207 28.19 -55.94 -5.46
CA VAL G 207 28.11 -56.63 -6.78
C VAL G 207 28.70 -58.03 -6.59
N GLY G 208 28.43 -58.94 -7.53
CA GLY G 208 29.07 -60.27 -7.54
C GLY G 208 28.23 -61.31 -6.83
N GLN G 209 28.81 -62.48 -6.55
CA GLN G 209 28.06 -63.61 -5.94
C GLN G 209 28.16 -63.50 -4.43
N ILE G 210 27.22 -64.12 -3.72
CA ILE G 210 27.31 -64.25 -2.25
C ILE G 210 28.37 -65.32 -1.98
N PRO G 211 29.43 -65.00 -1.21
CA PRO G 211 30.49 -65.97 -0.93
C PRO G 211 29.97 -67.15 -0.09
N ASP G 212 30.42 -68.36 -0.41
CA ASP G 212 30.06 -69.59 0.33
C ASP G 212 30.64 -69.52 1.74
N SER G 213 31.69 -68.73 1.94
CA SER G 213 32.35 -68.53 3.25
C SER G 213 31.35 -68.05 4.30
N LEU G 214 30.33 -67.29 3.89
CA LEU G 214 29.35 -66.69 4.83
C LEU G 214 28.62 -67.79 5.61
N GLY G 215 28.55 -69.01 5.06
CA GLY G 215 27.91 -70.16 5.71
C GLY G 215 28.61 -70.58 6.99
N GLN G 216 29.88 -70.19 7.16
CA GLN G 216 30.69 -70.59 8.36
C GLN G 216 30.29 -69.77 9.58
N LEU G 217 29.45 -68.74 9.42
CA LEU G 217 29.07 -67.83 10.53
C LEU G 217 27.94 -68.47 11.32
N SER G 218 28.29 -69.46 12.15
CA SER G 218 27.34 -70.23 12.99
C SER G 218 26.58 -69.28 13.93
N LYS G 219 27.20 -68.20 14.40
CA LYS G 219 26.61 -67.31 15.43
C LYS G 219 25.76 -66.21 14.79
N LEU G 220 25.73 -66.12 13.45
CA LEU G 220 24.98 -65.04 12.74
C LEU G 220 23.48 -65.18 13.04
N VAL G 221 22.84 -64.06 13.36
CA VAL G 221 21.39 -63.95 13.67
C VAL G 221 20.69 -63.20 12.53
N ASP G 222 21.35 -62.18 11.97
CA ASP G 222 20.78 -61.36 10.86
C ASP G 222 21.78 -61.28 9.71
N LEU G 223 21.34 -61.67 8.51
CA LEU G 223 22.09 -61.45 7.25
C LEU G 223 21.26 -60.52 6.38
N ASP G 224 21.67 -59.26 6.22
CA ASP G 224 20.97 -58.29 5.34
C ASP G 224 21.93 -57.89 4.23
N LEU G 225 21.68 -58.41 3.03
CA LEU G 225 22.48 -58.10 1.83
C LEU G 225 21.52 -57.51 0.79
N ALA G 226 20.46 -56.86 1.26
CA ALA G 226 19.33 -56.41 0.42
C ALA G 226 19.69 -55.12 -0.31
N LEU G 227 18.90 -54.76 -1.31
CA LEU G 227 19.00 -53.47 -2.05
C LEU G 227 20.44 -53.32 -2.54
N ASN G 228 20.97 -54.39 -3.13
CA ASN G 228 22.31 -54.42 -3.74
C ASN G 228 22.13 -55.04 -5.12
N ASP G 229 23.21 -55.24 -5.88
CA ASP G 229 23.12 -55.76 -7.27
C ASP G 229 23.84 -57.11 -7.30
N LEU G 230 23.64 -57.94 -6.27
CA LEU G 230 24.29 -59.26 -6.17
C LEU G 230 23.69 -60.20 -7.22
N VAL G 231 24.53 -61.04 -7.80
CA VAL G 231 24.14 -61.98 -8.88
C VAL G 231 24.52 -63.38 -8.40
N GLY G 232 23.96 -64.40 -9.04
CA GLY G 232 24.33 -65.79 -8.74
C GLY G 232 23.21 -66.44 -7.96
N HIS G 233 23.49 -67.64 -7.45
CA HIS G 233 22.50 -68.46 -6.70
C HIS G 233 22.58 -68.09 -5.23
N ILE G 234 21.51 -68.32 -4.49
CA ILE G 234 21.59 -68.29 -3.00
C ILE G 234 22.48 -69.46 -2.62
N PRO G 235 23.65 -69.23 -1.98
CA PRO G 235 24.56 -70.33 -1.67
C PRO G 235 23.88 -71.40 -0.81
N PRO G 236 24.02 -72.70 -1.18
CA PRO G 236 23.53 -73.80 -0.35
C PRO G 236 24.21 -73.89 1.01
N SER G 237 25.43 -73.34 1.13
CA SER G 237 26.26 -73.33 2.37
C SER G 237 25.54 -72.54 3.47
N LEU G 238 24.57 -71.71 3.12
CA LEU G 238 23.84 -70.83 4.07
C LEU G 238 23.01 -71.68 5.04
N GLY G 239 22.88 -72.98 4.78
CA GLY G 239 22.26 -73.94 5.73
C GLY G 239 23.12 -74.11 6.96
N GLY G 240 24.35 -73.60 6.92
CA GLY G 240 25.32 -73.67 8.03
C GLY G 240 25.18 -72.52 9.00
N LEU G 241 24.30 -71.55 8.70
CA LEU G 241 24.01 -70.43 9.63
C LEU G 241 23.09 -70.97 10.71
N THR G 242 23.64 -71.70 11.67
CA THR G 242 22.85 -72.48 12.67
C THR G 242 21.94 -71.54 13.49
N ASN G 243 22.39 -70.34 13.82
CA ASN G 243 21.67 -69.46 14.77
C ASN G 243 20.92 -68.33 14.04
N VAL G 244 20.87 -68.36 12.70
CA VAL G 244 20.26 -67.27 11.90
C VAL G 244 18.75 -67.21 12.18
N VAL G 245 18.21 -66.00 12.32
CA VAL G 245 16.76 -65.77 12.55
C VAL G 245 16.19 -65.03 11.33
N GLN G 246 16.97 -64.11 10.76
CA GLN G 246 16.52 -63.22 9.68
C GLN G 246 17.52 -63.27 8.53
N ILE G 247 17.05 -63.52 7.32
CA ILE G 247 17.87 -63.42 6.07
C ILE G 247 17.15 -62.47 5.12
N GLU G 248 17.78 -61.36 4.75
CA GLU G 248 17.21 -60.34 3.85
C GLU G 248 18.10 -60.27 2.60
N LEU G 249 17.58 -60.74 1.46
CA LEU G 249 18.34 -60.80 0.19
C LEU G 249 17.50 -60.14 -0.91
N TYR G 250 16.59 -59.25 -0.53
CA TYR G 250 15.56 -58.71 -1.46
C TYR G 250 16.17 -57.64 -2.37
N ASN G 251 15.57 -57.50 -3.55
CA ASN G 251 15.91 -56.50 -4.60
C ASN G 251 17.37 -56.63 -5.01
N ASN G 252 17.83 -57.86 -5.19
CA ASN G 252 19.15 -58.16 -5.82
C ASN G 252 18.87 -58.71 -7.21
N SER G 253 19.90 -59.15 -7.92
CA SER G 253 19.79 -59.79 -9.25
C SER G 253 20.05 -61.29 -9.13
N LEU G 254 19.75 -61.85 -7.95
CA LEU G 254 20.02 -63.28 -7.67
C LEU G 254 19.11 -64.14 -8.55
N THR G 255 19.67 -65.23 -9.06
CA THR G 255 18.99 -66.22 -9.93
C THR G 255 19.10 -67.57 -9.23
N GLY G 256 18.43 -68.59 -9.78
CA GLY G 256 18.59 -69.97 -9.29
C GLY G 256 17.44 -70.35 -8.41
N GLU G 257 17.56 -71.49 -7.72
CA GLU G 257 16.45 -72.05 -6.90
C GLU G 257 16.74 -71.74 -5.45
N ILE G 258 15.68 -71.65 -4.65
CA ILE G 258 15.82 -71.47 -3.18
C ILE G 258 16.39 -72.78 -2.66
N PRO G 259 17.57 -72.74 -1.98
CA PRO G 259 18.22 -73.97 -1.55
C PRO G 259 17.44 -74.71 -0.46
N PRO G 260 17.25 -76.04 -0.62
CA PRO G 260 16.50 -76.83 0.36
C PRO G 260 17.23 -76.91 1.71
N GLU G 261 18.52 -76.56 1.72
CA GLU G 261 19.38 -76.59 2.92
C GLU G 261 18.96 -75.50 3.91
N LEU G 262 18.20 -74.50 3.45
CA LEU G 262 17.66 -73.45 4.35
C LEU G 262 16.71 -74.10 5.36
N GLY G 263 16.22 -75.32 5.07
CA GLY G 263 15.38 -76.10 6.00
C GLY G 263 16.16 -76.47 7.25
N ASN G 264 17.49 -76.53 7.15
CA ASN G 264 18.39 -76.90 8.28
C ASN G 264 18.50 -75.74 9.27
N LEU G 265 18.05 -74.54 8.90
CA LEU G 265 18.12 -73.34 9.76
C LEU G 265 16.95 -73.37 10.74
N LYS G 266 17.14 -74.00 11.90
CA LYS G 266 16.08 -74.20 12.93
C LYS G 266 15.56 -72.86 13.47
N SER G 267 16.43 -71.87 13.66
CA SER G 267 16.10 -70.59 14.34
C SER G 267 15.56 -69.56 13.34
N LEU G 268 15.59 -69.87 12.03
CA LEU G 268 15.12 -68.94 10.97
C LEU G 268 13.62 -68.68 11.14
N ARG G 269 13.23 -67.42 11.16
CA ARG G 269 11.81 -66.99 11.27
C ARG G 269 11.43 -66.05 10.12
N LEU G 270 12.39 -65.28 9.60
CA LEU G 270 12.13 -64.23 8.59
C LEU G 270 13.02 -64.43 7.37
N LEU G 271 12.43 -64.65 6.20
CA LEU G 271 13.15 -64.67 4.91
C LEU G 271 12.45 -63.70 3.96
N ASP G 272 13.22 -62.83 3.31
CA ASP G 272 12.75 -61.98 2.18
C ASP G 272 13.80 -62.07 1.07
N ALA G 273 13.48 -62.78 -0.01
CA ALA G 273 14.31 -62.86 -1.22
C ALA G 273 13.48 -62.37 -2.40
N SER G 274 12.61 -61.39 -2.15
CA SER G 274 11.66 -60.82 -3.13
C SER G 274 12.43 -60.01 -4.18
N MET G 275 11.77 -59.65 -5.28
CA MET G 275 12.34 -58.79 -6.35
C MET G 275 13.71 -59.35 -6.75
N ASN G 276 13.78 -60.66 -6.99
CA ASN G 276 14.97 -61.35 -7.52
C ASN G 276 14.51 -62.13 -8.74
N GLN G 277 15.41 -62.82 -9.43
CA GLN G 277 15.06 -63.64 -10.63
C GLN G 277 15.07 -65.12 -10.23
N LEU G 278 14.74 -65.42 -8.97
CA LEU G 278 14.75 -66.81 -8.44
C LEU G 278 13.73 -67.64 -9.22
N THR G 279 14.08 -68.88 -9.54
CA THR G 279 13.29 -69.81 -10.39
C THR G 279 13.08 -71.11 -9.63
N GLY G 280 12.25 -72.00 -10.15
CA GLY G 280 12.05 -73.33 -9.54
C GLY G 280 10.88 -73.29 -8.58
N LYS G 281 10.80 -74.31 -7.71
CA LYS G 281 9.68 -74.48 -6.75
C LYS G 281 10.14 -73.99 -5.38
N ILE G 282 9.21 -73.57 -4.52
CA ILE G 282 9.50 -73.25 -3.09
C ILE G 282 9.74 -74.58 -2.38
N PRO G 283 10.92 -74.80 -1.75
CA PRO G 283 11.23 -76.07 -1.09
C PRO G 283 10.32 -76.35 0.12
N ASP G 284 9.89 -77.61 0.26
CA ASP G 284 9.02 -78.06 1.38
C ASP G 284 9.80 -77.90 2.68
N GLU G 285 11.10 -78.17 2.64
CA GLU G 285 11.97 -78.24 3.84
C GLU G 285 12.02 -76.86 4.50
N LEU G 286 12.09 -75.79 3.70
CA LEU G 286 12.02 -74.39 4.20
C LEU G 286 10.65 -74.17 4.83
N CYS G 287 9.59 -74.61 4.14
CA CYS G 287 8.19 -74.41 4.59
C CYS G 287 7.93 -75.20 5.87
N ARG G 288 8.67 -76.27 6.10
CA ARG G 288 8.59 -77.06 7.35
C ARG G 288 9.13 -76.25 8.53
N VAL G 289 10.06 -75.33 8.30
CA VAL G 289 10.61 -74.42 9.36
C VAL G 289 9.47 -73.56 9.88
N PRO G 290 9.37 -73.37 11.21
CA PRO G 290 8.30 -72.54 11.78
C PRO G 290 8.48 -71.03 11.55
N LEU G 291 8.33 -70.58 10.30
CA LEU G 291 8.64 -69.20 9.84
C LEU G 291 7.59 -68.22 10.39
N GLU G 292 7.99 -66.96 10.55
CA GLU G 292 7.10 -65.83 10.94
C GLU G 292 6.69 -65.02 9.70
N SER G 293 7.67 -64.71 8.84
CA SER G 293 7.48 -63.99 7.56
C SER G 293 8.18 -64.76 6.45
N LEU G 294 7.45 -65.16 5.41
CA LEU G 294 8.06 -65.68 4.16
C LEU G 294 7.64 -64.78 3.00
N ASN G 295 8.58 -63.98 2.49
CA ASN G 295 8.34 -63.06 1.36
C ASN G 295 9.26 -63.48 0.20
N LEU G 296 8.66 -64.00 -0.86
CA LEU G 296 9.40 -64.41 -2.08
C LEU G 296 8.70 -63.78 -3.28
N TYR G 297 8.20 -62.55 -3.13
CA TYR G 297 7.36 -61.90 -4.16
C TYR G 297 8.22 -61.43 -5.35
N GLU G 298 7.58 -61.30 -6.50
CA GLU G 298 8.20 -60.76 -7.73
C GLU G 298 9.44 -61.57 -8.12
N ASN G 299 9.31 -62.89 -8.15
CA ASN G 299 10.37 -63.80 -8.66
C ASN G 299 9.79 -64.55 -9.86
N ASN G 300 10.53 -65.52 -10.40
CA ASN G 300 10.04 -66.40 -11.48
C ASN G 300 9.82 -67.81 -10.93
N LEU G 301 9.36 -67.91 -9.69
CA LEU G 301 9.13 -69.22 -9.02
C LEU G 301 7.88 -69.85 -9.62
N GLU G 302 7.79 -71.18 -9.56
CA GLU G 302 6.68 -71.96 -10.14
C GLU G 302 6.34 -73.07 -9.16
N GLY G 303 5.26 -73.81 -9.44
CA GLY G 303 4.91 -75.00 -8.66
C GLY G 303 3.98 -74.67 -7.52
N GLU G 304 3.52 -75.69 -6.80
CA GLU G 304 2.56 -75.51 -5.67
C GLU G 304 3.34 -74.93 -4.49
N LEU G 305 2.66 -74.13 -3.68
CA LEU G 305 3.15 -73.70 -2.35
C LEU G 305 3.05 -74.90 -1.43
N PRO G 306 4.15 -75.39 -0.83
CA PRO G 306 4.10 -76.54 0.06
C PRO G 306 3.13 -76.30 1.24
N ALA G 307 2.37 -77.32 1.63
CA ALA G 307 1.33 -77.27 2.68
C ALA G 307 1.98 -77.14 4.06
N SER G 308 3.26 -77.51 4.16
CA SER G 308 4.05 -77.46 5.42
C SER G 308 4.00 -76.05 6.02
N ILE G 309 3.78 -75.02 5.21
CA ILE G 309 3.81 -73.59 5.66
C ILE G 309 2.67 -73.37 6.67
N ALA G 310 1.54 -74.07 6.52
CA ALA G 310 0.35 -73.92 7.39
C ALA G 310 0.68 -74.44 8.79
N LEU G 311 1.63 -75.36 8.89
CA LEU G 311 2.04 -76.01 10.17
C LEU G 311 2.65 -74.95 11.09
N SER G 312 3.41 -73.99 10.56
CA SER G 312 4.12 -72.98 11.39
C SER G 312 3.13 -72.30 12.32
N PRO G 313 3.43 -72.26 13.63
CA PRO G 313 2.58 -71.56 14.59
C PRO G 313 2.89 -70.07 14.73
N ASN G 314 3.88 -69.56 13.99
CA ASN G 314 4.40 -68.17 14.16
C ASN G 314 4.14 -67.31 12.92
N LEU G 315 3.50 -67.86 11.88
CA LEU G 315 3.42 -67.19 10.55
C LEU G 315 2.36 -66.09 10.60
N TYR G 316 2.80 -64.85 10.41
CA TYR G 316 1.90 -63.67 10.33
C TYR G 316 2.00 -63.03 8.93
N GLU G 317 3.02 -63.37 8.13
CA GLU G 317 3.27 -62.69 6.84
C GLU G 317 3.66 -63.72 5.78
N ILE G 318 2.85 -63.84 4.73
CA ILE G 318 3.21 -64.62 3.51
C ILE G 318 2.91 -63.74 2.30
N ARG G 319 3.97 -63.27 1.65
CA ARG G 319 3.88 -62.43 0.42
C ARG G 319 4.65 -63.11 -0.70
N ILE G 320 3.94 -63.80 -1.60
CA ILE G 320 4.55 -64.60 -2.70
C ILE G 320 3.96 -64.13 -4.03
N PHE G 321 3.53 -62.88 -4.12
CA PHE G 321 2.85 -62.31 -5.31
C PHE G 321 3.85 -62.15 -6.47
N GLY G 322 3.38 -62.06 -7.71
CA GLY G 322 4.23 -61.82 -8.89
C GLY G 322 5.04 -63.05 -9.28
N ASN G 323 4.48 -64.24 -9.03
CA ASN G 323 5.16 -65.53 -9.37
C ASN G 323 4.21 -66.34 -10.26
N ARG G 324 4.70 -67.47 -10.76
CA ARG G 324 3.92 -68.39 -11.63
C ARG G 324 3.43 -69.58 -10.80
N LEU G 325 3.26 -69.39 -9.49
CA LEU G 325 2.88 -70.49 -8.57
C LEU G 325 1.48 -70.97 -8.92
N THR G 326 1.28 -72.29 -8.83
CA THR G 326 0.08 -73.02 -9.29
C THR G 326 -0.50 -73.81 -8.14
N GLY G 327 -1.68 -74.39 -8.36
CA GLY G 327 -2.32 -75.31 -7.42
C GLY G 327 -3.17 -74.55 -6.41
N GLY G 328 -3.44 -75.17 -5.25
CA GLY G 328 -4.31 -74.61 -4.21
C GLY G 328 -3.50 -74.11 -3.04
N LEU G 329 -4.08 -73.18 -2.27
CA LEU G 329 -3.50 -72.71 -0.99
C LEU G 329 -3.68 -73.83 0.03
N PRO G 330 -2.74 -73.99 0.99
CA PRO G 330 -2.87 -75.03 2.02
C PRO G 330 -4.23 -74.97 2.71
N LYS G 331 -4.94 -76.10 2.82
CA LYS G 331 -6.30 -76.19 3.41
C LYS G 331 -6.29 -75.66 4.84
N ASP G 332 -5.20 -75.89 5.57
CA ASP G 332 -5.08 -75.56 7.01
C ASP G 332 -4.43 -74.18 7.21
N LEU G 333 -4.29 -73.37 6.15
CA LEU G 333 -3.58 -72.07 6.24
C LEU G 333 -4.38 -71.12 7.11
N GLY G 334 -3.73 -70.53 8.12
CA GLY G 334 -4.37 -69.56 9.04
C GLY G 334 -4.95 -70.24 10.26
N LEU G 335 -5.06 -71.57 10.22
CA LEU G 335 -5.66 -72.36 11.31
C LEU G 335 -4.72 -72.37 12.51
N ASN G 336 -3.42 -72.53 12.26
CA ASN G 336 -2.40 -72.76 13.33
C ASN G 336 -1.54 -71.52 13.57
N SER G 337 -1.70 -70.46 12.76
CA SER G 337 -0.80 -69.28 12.77
C SER G 337 -1.61 -68.01 12.92
N PRO G 338 -1.08 -66.96 13.58
CA PRO G 338 -1.76 -65.67 13.66
C PRO G 338 -1.56 -64.85 12.38
N LEU G 339 -2.13 -65.33 11.26
CA LEU G 339 -1.93 -64.72 9.92
C LEU G 339 -2.47 -63.30 9.96
N ARG G 340 -1.67 -62.35 9.47
CA ARG G 340 -2.03 -60.91 9.42
C ARG G 340 -2.05 -60.44 7.97
N TRP G 341 -1.04 -60.81 7.19
CA TRP G 341 -0.89 -60.34 5.78
C TRP G 341 -0.71 -61.53 4.85
N LEU G 342 -1.65 -61.73 3.92
CA LEU G 342 -1.55 -62.77 2.86
C LEU G 342 -1.61 -62.07 1.50
N ASP G 343 -0.56 -62.22 0.69
CA ASP G 343 -0.53 -61.67 -0.68
C ASP G 343 -0.07 -62.78 -1.63
N VAL G 344 -1.02 -63.39 -2.34
CA VAL G 344 -0.75 -64.46 -3.34
C VAL G 344 -1.13 -63.93 -4.72
N SER G 345 -1.20 -62.60 -4.85
CA SER G 345 -1.73 -61.91 -6.07
C SER G 345 -0.83 -62.16 -7.28
N GLU G 346 -1.40 -62.08 -8.49
CA GLU G 346 -0.69 -62.23 -9.79
C GLU G 346 0.09 -63.57 -9.80
N ASN G 347 -0.59 -64.64 -9.40
CA ASN G 347 -0.13 -66.05 -9.49
C ASN G 347 -1.20 -66.85 -10.23
N GLU G 348 -0.96 -68.14 -10.47
CA GLU G 348 -1.91 -69.03 -11.20
C GLU G 348 -2.59 -69.97 -10.19
N PHE G 349 -2.78 -69.54 -8.93
CA PHE G 349 -3.43 -70.34 -7.88
C PHE G 349 -4.89 -70.60 -8.22
N SER G 350 -5.40 -71.76 -7.85
CA SER G 350 -6.76 -72.23 -8.21
C SER G 350 -7.44 -72.86 -6.99
N GLY G 351 -8.73 -73.14 -7.13
CA GLY G 351 -9.50 -73.90 -6.12
C GLY G 351 -10.17 -72.99 -5.12
N ASP G 352 -10.80 -73.57 -4.09
CA ASP G 352 -11.47 -72.78 -3.04
C ASP G 352 -10.41 -72.13 -2.18
N LEU G 353 -10.76 -70.99 -1.58
CA LEU G 353 -9.94 -70.36 -0.52
C LEU G 353 -9.92 -71.30 0.68
N PRO G 354 -8.80 -71.37 1.44
CA PRO G 354 -8.80 -72.06 2.72
C PRO G 354 -9.89 -71.49 3.65
N ALA G 355 -10.54 -72.37 4.42
CA ALA G 355 -11.76 -72.06 5.19
C ALA G 355 -11.47 -71.14 6.38
N ASP G 356 -10.34 -71.34 7.06
CA ASP G 356 -10.06 -70.65 8.34
C ASP G 356 -8.74 -69.89 8.24
N LEU G 357 -8.71 -68.84 7.42
CA LEU G 357 -7.53 -67.95 7.27
C LEU G 357 -7.49 -67.00 8.46
N CYS G 358 -8.65 -66.56 8.96
CA CYS G 358 -8.79 -65.60 10.07
C CYS G 358 -9.13 -66.35 11.37
N ALA G 359 -8.66 -67.59 11.51
CA ALA G 359 -8.96 -68.44 12.66
C ALA G 359 -8.46 -67.75 13.94
N LYS G 360 -7.26 -67.17 13.89
CA LYS G 360 -6.61 -66.57 15.08
C LYS G 360 -7.08 -65.13 15.27
N GLY G 361 -7.83 -64.59 14.31
CA GLY G 361 -8.49 -63.27 14.42
C GLY G 361 -7.55 -62.12 14.18
N GLU G 362 -6.48 -62.32 13.39
CA GLU G 362 -5.43 -61.29 13.22
C GLU G 362 -5.30 -60.85 11.75
N LEU G 363 -6.04 -61.45 10.83
CA LEU G 363 -5.89 -61.17 9.37
C LEU G 363 -6.33 -59.74 9.10
N GLU G 364 -5.43 -58.93 8.54
CA GLU G 364 -5.66 -57.51 8.19
C GLU G 364 -5.77 -57.37 6.68
N GLU G 365 -4.88 -58.00 5.93
CA GLU G 365 -4.84 -57.83 4.45
C GLU G 365 -4.96 -59.19 3.77
N LEU G 366 -6.02 -59.35 2.98
CA LEU G 366 -6.27 -60.56 2.17
C LEU G 366 -6.18 -60.15 0.70
N LEU G 367 -5.08 -60.50 0.03
CA LEU G 367 -4.84 -60.01 -1.35
C LEU G 367 -4.57 -61.22 -2.25
N ILE G 368 -5.54 -61.56 -3.09
CA ILE G 368 -5.50 -62.78 -3.94
C ILE G 368 -5.75 -62.41 -5.40
N ILE G 369 -5.55 -61.14 -5.78
CA ILE G 369 -5.99 -60.62 -7.11
C ILE G 369 -5.22 -61.33 -8.23
N HIS G 370 -5.86 -61.45 -9.40
CA HIS G 370 -5.25 -62.02 -10.63
C HIS G 370 -4.81 -63.47 -10.41
N ASN G 371 -5.70 -64.26 -9.79
CA ASN G 371 -5.54 -65.73 -9.67
C ASN G 371 -6.80 -66.37 -10.23
N SER G 372 -6.94 -67.70 -10.14
CA SER G 372 -8.07 -68.47 -10.72
C SER G 372 -8.90 -69.10 -9.60
N PHE G 373 -8.96 -68.46 -8.43
CA PHE G 373 -9.67 -68.99 -7.24
C PHE G 373 -11.17 -69.05 -7.53
N SER G 374 -11.79 -70.13 -7.10
CA SER G 374 -13.21 -70.45 -7.41
C SER G 374 -13.98 -70.66 -6.12
N GLY G 375 -15.30 -70.72 -6.24
CA GLY G 375 -16.18 -71.07 -5.12
C GLY G 375 -16.70 -69.84 -4.43
N VAL G 376 -17.18 -70.00 -3.20
CA VAL G 376 -17.79 -68.91 -2.40
C VAL G 376 -16.72 -68.37 -1.44
N ILE G 377 -16.96 -67.16 -0.94
CA ILE G 377 -16.16 -66.57 0.18
C ILE G 377 -16.46 -67.42 1.40
N PRO G 378 -15.43 -67.97 2.07
CA PRO G 378 -15.62 -68.72 3.30
C PRO G 378 -16.40 -67.88 4.32
N GLU G 379 -17.43 -68.46 4.94
CA GLU G 379 -18.35 -67.74 5.85
C GLU G 379 -17.58 -67.29 7.10
N SER G 380 -16.48 -67.96 7.44
CA SER G 380 -15.62 -67.62 8.60
C SER G 380 -15.18 -66.15 8.50
N LEU G 381 -14.89 -65.71 7.28
CA LEU G 381 -14.36 -64.35 7.00
C LEU G 381 -15.39 -63.29 7.36
N ALA G 382 -16.66 -63.67 7.52
CA ALA G 382 -17.73 -62.74 7.96
C ALA G 382 -17.46 -62.26 9.38
N ASP G 383 -16.72 -63.04 10.18
CA ASP G 383 -16.40 -62.66 11.57
C ASP G 383 -14.95 -62.18 11.67
N CYS G 384 -14.25 -61.99 10.55
CA CYS G 384 -12.86 -61.46 10.56
C CYS G 384 -12.88 -59.94 10.60
N ARG G 385 -13.11 -59.38 11.79
CA ARG G 385 -13.25 -57.92 12.00
C ARG G 385 -11.87 -57.25 11.91
N SER G 386 -10.81 -58.05 12.02
CA SER G 386 -9.39 -57.63 11.91
C SER G 386 -9.07 -57.09 10.52
N LEU G 387 -9.82 -57.51 9.50
CA LEU G 387 -9.52 -57.21 8.07
C LEU G 387 -9.62 -55.70 7.82
N THR G 388 -8.65 -55.13 7.11
CA THR G 388 -8.61 -53.70 6.70
C THR G 388 -8.59 -53.58 5.19
N ARG G 389 -8.01 -54.56 4.47
CA ARG G 389 -7.90 -54.54 2.99
C ARG G 389 -8.29 -55.91 2.42
N ILE G 390 -9.31 -55.92 1.57
CA ILE G 390 -9.78 -57.16 0.89
C ILE G 390 -9.70 -56.90 -0.60
N ARG G 391 -8.83 -57.64 -1.28
CA ARG G 391 -8.68 -57.57 -2.76
C ARG G 391 -8.79 -59.00 -3.29
N LEU G 392 -10.01 -59.41 -3.64
CA LEU G 392 -10.37 -60.75 -4.17
C LEU G 392 -10.63 -60.64 -5.67
N ALA G 393 -10.28 -59.51 -6.28
CA ALA G 393 -10.66 -59.17 -7.67
C ALA G 393 -9.91 -60.04 -8.68
N TYR G 394 -10.44 -60.12 -9.90
CA TYR G 394 -9.85 -60.83 -11.06
C TYR G 394 -9.61 -62.31 -10.69
N ASN G 395 -10.64 -62.94 -10.12
CA ASN G 395 -10.68 -64.39 -9.80
C ASN G 395 -11.98 -64.97 -10.37
N ARG G 396 -12.24 -66.25 -10.15
CA ARG G 396 -13.40 -66.98 -10.73
C ARG G 396 -14.42 -67.28 -9.63
N PHE G 397 -14.49 -66.43 -8.62
CA PHE G 397 -15.39 -66.63 -7.44
C PHE G 397 -16.85 -66.47 -7.88
N SER G 398 -17.73 -67.15 -7.17
CA SER G 398 -19.19 -67.19 -7.46
C SER G 398 -19.96 -67.12 -6.15
N GLY G 399 -21.28 -66.98 -6.25
CA GLY G 399 -22.18 -67.12 -5.09
C GLY G 399 -22.37 -65.81 -4.36
N SER G 400 -23.33 -65.76 -3.45
CA SER G 400 -23.63 -64.54 -2.65
C SER G 400 -22.40 -64.22 -1.79
N VAL G 401 -22.20 -62.95 -1.48
CA VAL G 401 -21.21 -62.51 -0.46
C VAL G 401 -21.82 -62.80 0.91
N PRO G 402 -21.06 -63.44 1.83
CA PRO G 402 -21.52 -63.66 3.20
C PRO G 402 -22.02 -62.34 3.80
N THR G 403 -23.11 -62.39 4.57
CA THR G 403 -23.83 -61.19 5.06
C THR G 403 -22.89 -60.30 5.89
N GLY G 404 -22.14 -60.87 6.83
CA GLY G 404 -21.25 -60.13 7.74
C GLY G 404 -20.08 -59.49 7.01
N PHE G 405 -19.59 -60.12 5.94
CA PHE G 405 -18.41 -59.69 5.14
C PHE G 405 -18.61 -58.25 4.65
N TRP G 406 -19.85 -57.90 4.30
CA TRP G 406 -20.24 -56.54 3.87
C TRP G 406 -19.96 -55.54 5.01
N GLY G 407 -20.22 -55.93 6.26
CA GLY G 407 -20.26 -55.01 7.40
C GLY G 407 -19.02 -55.05 8.28
N LEU G 408 -17.92 -55.66 7.82
CA LEU G 408 -16.67 -55.72 8.62
C LEU G 408 -16.24 -54.29 8.95
N PRO G 409 -15.98 -53.97 10.24
CA PRO G 409 -15.81 -52.59 10.68
C PRO G 409 -14.55 -51.85 10.22
N HIS G 410 -13.41 -52.52 10.11
CA HIS G 410 -12.09 -51.87 9.86
C HIS G 410 -11.70 -51.92 8.38
N VAL G 411 -12.55 -52.50 7.53
CA VAL G 411 -12.26 -52.61 6.08
C VAL G 411 -12.30 -51.21 5.48
N ASN G 412 -11.25 -50.85 4.73
CA ASN G 412 -11.10 -49.56 4.02
C ASN G 412 -11.35 -49.79 2.53
N LEU G 413 -10.83 -50.91 2.00
CA LEU G 413 -11.02 -51.29 0.59
C LEU G 413 -11.70 -52.65 0.53
N LEU G 414 -12.82 -52.76 -0.20
CA LEU G 414 -13.45 -54.05 -0.55
C LEU G 414 -13.48 -54.16 -2.07
N GLU G 415 -12.61 -54.98 -2.66
CA GLU G 415 -12.54 -55.16 -4.13
C GLU G 415 -12.94 -56.59 -4.48
N LEU G 416 -14.07 -56.75 -5.17
CA LEU G 416 -14.64 -58.07 -5.58
C LEU G 416 -14.77 -58.05 -7.11
N VAL G 417 -14.06 -57.13 -7.76
CA VAL G 417 -14.22 -56.80 -9.20
C VAL G 417 -13.83 -58.01 -10.07
N ASN G 418 -14.48 -58.14 -11.23
CA ASN G 418 -14.19 -59.18 -12.25
C ASN G 418 -14.29 -60.58 -11.63
N ASN G 419 -15.38 -60.82 -10.89
CA ASN G 419 -15.76 -62.17 -10.44
C ASN G 419 -17.20 -62.41 -10.89
N SER G 420 -17.78 -63.56 -10.52
CA SER G 420 -19.17 -63.94 -10.86
C SER G 420 -20.03 -63.91 -9.60
N PHE G 421 -19.69 -63.06 -8.64
CA PHE G 421 -20.45 -62.93 -7.37
C PHE G 421 -21.89 -62.55 -7.69
N SER G 422 -22.83 -63.14 -6.96
CA SER G 422 -24.28 -62.94 -7.16
C SER G 422 -24.89 -62.41 -5.87
N GLY G 423 -26.18 -62.12 -5.91
CA GLY G 423 -26.94 -61.73 -4.71
C GLY G 423 -26.98 -60.22 -4.60
N GLU G 424 -27.21 -59.72 -3.39
CA GLU G 424 -27.45 -58.28 -3.13
C GLU G 424 -26.40 -57.79 -2.14
N ILE G 425 -26.21 -56.49 -2.07
CA ILE G 425 -25.47 -55.85 -0.95
C ILE G 425 -26.40 -55.90 0.26
N SER G 426 -25.93 -56.46 1.36
CA SER G 426 -26.75 -56.64 2.58
C SER G 426 -26.89 -55.30 3.30
N LYS G 427 -27.88 -55.18 4.19
CA LYS G 427 -28.10 -53.99 5.04
C LYS G 427 -26.94 -53.89 6.04
N SER G 428 -26.20 -54.99 6.21
CA SER G 428 -25.03 -55.07 7.12
C SER G 428 -23.93 -54.09 6.69
N ILE G 429 -23.95 -53.63 5.43
CA ILE G 429 -22.94 -52.68 4.89
C ILE G 429 -22.86 -51.46 5.81
N GLY G 430 -23.96 -51.11 6.49
CA GLY G 430 -24.04 -49.94 7.37
C GLY G 430 -22.99 -49.97 8.46
N GLY G 431 -22.56 -51.16 8.87
CA GLY G 431 -21.57 -51.37 9.94
C GLY G 431 -20.13 -51.17 9.46
N ALA G 432 -19.92 -51.10 8.14
CA ALA G 432 -18.58 -50.92 7.53
C ALA G 432 -18.14 -49.46 7.72
N SER G 433 -17.85 -49.08 8.96
CA SER G 433 -17.55 -47.68 9.35
C SER G 433 -16.35 -47.14 8.56
N ASN G 434 -15.33 -47.97 8.35
CA ASN G 434 -14.03 -47.50 7.80
C ASN G 434 -13.97 -47.70 6.28
N LEU G 435 -15.04 -48.20 5.66
CA LEU G 435 -15.05 -48.40 4.20
C LEU G 435 -14.87 -47.04 3.53
N SER G 436 -13.84 -46.90 2.69
CA SER G 436 -13.61 -45.69 1.86
C SER G 436 -13.85 -46.05 0.40
N LEU G 437 -13.35 -47.20 -0.05
CA LEU G 437 -13.42 -47.59 -1.48
C LEU G 437 -14.20 -48.90 -1.61
N LEU G 438 -15.30 -48.89 -2.35
CA LEU G 438 -16.13 -50.10 -2.64
C LEU G 438 -16.13 -50.31 -4.14
N ILE G 439 -15.47 -51.37 -4.62
CA ILE G 439 -15.36 -51.67 -6.07
C ILE G 439 -15.93 -53.08 -6.29
N LEU G 440 -17.12 -53.16 -6.92
CA LEU G 440 -17.90 -54.42 -7.12
C LEU G 440 -18.18 -54.58 -8.61
N SER G 441 -17.37 -53.93 -9.44
CA SER G 441 -17.63 -53.83 -10.89
C SER G 441 -17.44 -55.19 -11.57
N ASN G 442 -18.17 -55.41 -12.67
CA ASN G 442 -18.08 -56.63 -13.54
C ASN G 442 -18.36 -57.89 -12.71
N ASN G 443 -19.51 -57.91 -12.04
CA ASN G 443 -20.02 -59.11 -11.33
C ASN G 443 -21.46 -59.32 -11.78
N GLU G 444 -22.15 -60.27 -11.16
CA GLU G 444 -23.56 -60.65 -11.46
C GLU G 444 -24.44 -60.20 -10.30
N PHE G 445 -24.05 -59.16 -9.55
CA PHE G 445 -24.81 -58.64 -8.39
C PHE G 445 -26.16 -58.13 -8.87
N THR G 446 -27.18 -58.31 -8.04
CA THR G 446 -28.57 -57.94 -8.35
C THR G 446 -29.16 -57.17 -7.17
N GLY G 447 -30.34 -56.60 -7.37
CA GLY G 447 -31.13 -55.98 -6.30
C GLY G 447 -30.91 -54.49 -6.25
N SER G 448 -31.64 -53.81 -5.35
CA SER G 448 -31.50 -52.36 -5.11
C SER G 448 -30.26 -52.14 -4.25
N LEU G 449 -29.64 -50.97 -4.37
CA LEU G 449 -28.59 -50.54 -3.42
C LEU G 449 -29.26 -50.30 -2.07
N PRO G 450 -28.73 -50.86 -0.97
CA PRO G 450 -29.34 -50.69 0.34
C PRO G 450 -29.31 -49.23 0.82
N GLU G 451 -30.33 -48.82 1.57
CA GLU G 451 -30.41 -47.45 2.15
C GLU G 451 -29.22 -47.23 3.08
N GLU G 452 -28.76 -48.30 3.71
CA GLU G 452 -27.68 -48.26 4.75
C GLU G 452 -26.33 -47.93 4.11
N ILE G 453 -26.21 -47.94 2.78
CA ILE G 453 -24.96 -47.53 2.05
C ILE G 453 -24.72 -46.04 2.32
N GLY G 454 -25.80 -45.27 2.56
CA GLY G 454 -25.73 -43.84 2.90
C GLY G 454 -25.16 -43.60 4.29
N SER G 455 -25.23 -44.59 5.18
CA SER G 455 -24.66 -44.47 6.55
C SER G 455 -23.13 -44.41 6.49
N LEU G 456 -22.53 -44.93 5.42
CA LEU G 456 -21.06 -44.92 5.21
C LEU G 456 -20.61 -43.52 4.77
N ASP G 457 -20.55 -42.56 5.70
CA ASP G 457 -20.24 -41.14 5.37
C ASP G 457 -18.83 -41.06 4.76
N ASN G 458 -17.89 -41.87 5.26
CA ASN G 458 -16.47 -41.81 4.84
C ASN G 458 -16.24 -42.57 3.53
N LEU G 459 -17.31 -43.02 2.86
CA LEU G 459 -17.19 -43.68 1.54
C LEU G 459 -16.73 -42.62 0.53
N ASN G 460 -15.67 -42.94 -0.22
CA ASN G 460 -15.01 -42.01 -1.17
C ASN G 460 -15.23 -42.52 -2.59
N GLN G 461 -15.37 -43.84 -2.77
CA GLN G 461 -15.63 -44.43 -4.09
C GLN G 461 -16.71 -45.50 -4.02
N LEU G 462 -17.69 -45.42 -4.92
CA LEU G 462 -18.65 -46.51 -5.19
C LEU G 462 -18.57 -46.83 -6.68
N SER G 463 -17.99 -47.98 -7.03
CA SER G 463 -17.85 -48.43 -8.43
C SER G 463 -18.50 -49.80 -8.57
N ALA G 464 -19.64 -49.89 -9.25
CA ALA G 464 -20.45 -51.13 -9.39
C ALA G 464 -20.85 -51.32 -10.84
N SER G 465 -19.98 -50.96 -11.77
CA SER G 465 -20.25 -51.06 -13.22
C SER G 465 -20.42 -52.53 -13.62
N GLY G 466 -21.13 -52.81 -14.70
CA GLY G 466 -21.26 -54.16 -15.28
C GLY G 466 -21.89 -55.14 -14.30
N ASN G 467 -23.01 -54.74 -13.68
CA ASN G 467 -23.77 -55.60 -12.74
C ASN G 467 -25.24 -55.56 -13.18
N LYS G 468 -26.11 -56.32 -12.51
CA LYS G 468 -27.55 -56.39 -12.79
C LYS G 468 -28.30 -55.60 -11.70
N PHE G 469 -27.65 -54.63 -11.07
CA PHE G 469 -28.28 -53.82 -9.98
C PHE G 469 -29.50 -53.10 -10.56
N SER G 470 -30.52 -52.87 -9.74
CA SER G 470 -31.80 -52.31 -10.23
C SER G 470 -32.42 -51.36 -9.21
N GLY G 471 -33.54 -50.75 -9.61
CA GLY G 471 -34.36 -49.94 -8.72
C GLY G 471 -33.90 -48.50 -8.72
N SER G 472 -34.58 -47.67 -7.94
CA SER G 472 -34.21 -46.26 -7.73
C SER G 472 -32.96 -46.22 -6.87
N LEU G 473 -32.17 -45.16 -7.03
CA LEU G 473 -31.03 -44.90 -6.11
C LEU G 473 -31.62 -44.59 -4.74
N PRO G 474 -31.06 -45.15 -3.66
CA PRO G 474 -31.47 -44.78 -2.31
C PRO G 474 -31.25 -43.28 -2.10
N ASP G 475 -32.16 -42.63 -1.36
CA ASP G 475 -32.05 -41.18 -1.07
C ASP G 475 -30.82 -40.96 -0.19
N SER G 476 -30.48 -41.93 0.65
CA SER G 476 -29.33 -41.84 1.58
C SER G 476 -28.03 -41.66 0.78
N LEU G 477 -27.96 -42.21 -0.43
CA LEU G 477 -26.73 -42.20 -1.28
C LEU G 477 -26.26 -40.75 -1.47
N MET G 478 -27.19 -39.79 -1.50
CA MET G 478 -26.91 -38.34 -1.71
C MET G 478 -26.43 -37.68 -0.42
N SER G 479 -26.44 -38.39 0.71
CA SER G 479 -25.93 -37.91 2.02
C SER G 479 -24.41 -38.10 2.08
N LEU G 480 -23.83 -38.83 1.11
CA LEU G 480 -22.39 -39.18 1.06
C LEU G 480 -21.63 -38.00 0.44
N GLY G 481 -21.10 -37.09 1.26
CA GLY G 481 -20.48 -35.83 0.77
C GLY G 481 -18.97 -35.93 0.70
N GLU G 482 -18.43 -37.12 0.98
CA GLU G 482 -16.99 -37.42 0.84
C GLU G 482 -16.79 -38.26 -0.42
N LEU G 483 -17.88 -38.47 -1.16
CA LEU G 483 -17.87 -39.36 -2.34
C LEU G 483 -17.24 -38.60 -3.52
N GLY G 484 -16.19 -39.17 -4.10
CA GLY G 484 -15.42 -38.58 -5.20
C GLY G 484 -15.68 -39.29 -6.52
N THR G 485 -16.04 -40.57 -6.47
CA THR G 485 -16.38 -41.35 -7.69
C THR G 485 -17.67 -42.15 -7.45
N LEU G 486 -18.67 -41.95 -8.30
CA LEU G 486 -19.89 -42.80 -8.38
C LEU G 486 -19.97 -43.34 -9.81
N ASP G 487 -19.62 -44.61 -10.01
CA ASP G 487 -19.72 -45.27 -11.34
C ASP G 487 -20.69 -46.43 -11.21
N LEU G 488 -21.92 -46.26 -11.71
CA LEU G 488 -22.99 -47.27 -11.70
C LEU G 488 -23.35 -47.64 -13.14
N HIS G 489 -22.42 -47.43 -14.07
CA HIS G 489 -22.69 -47.63 -15.51
C HIS G 489 -22.87 -49.12 -15.78
N GLY G 490 -23.67 -49.46 -16.79
CA GLY G 490 -23.88 -50.85 -17.23
C GLY G 490 -24.72 -51.64 -16.24
N ASN G 491 -25.72 -50.99 -15.63
CA ASN G 491 -26.66 -51.65 -14.68
C ASN G 491 -28.08 -51.50 -15.23
N GLN G 492 -29.08 -51.75 -14.40
CA GLN G 492 -30.52 -51.66 -14.73
C GLN G 492 -31.18 -50.68 -13.76
N PHE G 493 -30.41 -49.72 -13.27
CA PHE G 493 -30.91 -48.70 -12.31
C PHE G 493 -31.99 -47.89 -13.01
N SER G 494 -33.06 -47.61 -12.28
CA SER G 494 -34.23 -46.87 -12.79
C SER G 494 -34.52 -45.70 -11.85
N GLY G 495 -35.50 -44.87 -12.19
CA GLY G 495 -35.96 -43.77 -11.34
C GLY G 495 -35.34 -42.45 -11.74
N GLU G 496 -35.50 -41.43 -10.90
CA GLU G 496 -35.08 -40.04 -11.23
C GLU G 496 -33.94 -39.62 -10.31
N LEU G 497 -33.10 -38.69 -10.78
CA LEU G 497 -32.11 -38.00 -9.92
C LEU G 497 -32.84 -36.88 -9.18
N THR G 498 -32.42 -36.57 -7.96
CA THR G 498 -33.10 -35.58 -7.09
C THR G 498 -32.17 -34.38 -6.88
N SER G 499 -32.69 -33.34 -6.24
CA SER G 499 -31.96 -32.09 -5.93
C SER G 499 -30.86 -32.38 -4.90
N GLY G 500 -30.96 -33.52 -4.21
CA GLY G 500 -30.00 -33.94 -3.17
C GLY G 500 -28.61 -34.17 -3.72
N ILE G 501 -28.47 -34.28 -5.03
CA ILE G 501 -27.16 -34.45 -5.70
C ILE G 501 -26.28 -33.24 -5.36
N LYS G 502 -26.90 -32.15 -4.91
CA LYS G 502 -26.21 -30.91 -4.44
C LYS G 502 -25.22 -31.27 -3.33
N SER G 503 -25.53 -32.28 -2.51
CA SER G 503 -24.70 -32.69 -1.35
C SER G 503 -23.44 -33.43 -1.82
N TRP G 504 -23.36 -33.84 -3.08
CA TRP G 504 -22.14 -34.47 -3.63
C TRP G 504 -21.12 -33.38 -3.99
N LYS G 505 -20.71 -32.59 -3.00
CA LYS G 505 -19.83 -31.41 -3.18
C LYS G 505 -18.40 -31.83 -3.51
N LYS G 506 -18.00 -33.08 -3.21
CA LYS G 506 -16.62 -33.57 -3.41
C LYS G 506 -16.59 -34.60 -4.56
N LEU G 507 -17.65 -34.69 -5.36
CA LEU G 507 -17.75 -35.69 -6.45
C LEU G 507 -17.02 -35.17 -7.70
N ASN G 508 -16.03 -35.93 -8.16
CA ASN G 508 -15.24 -35.61 -9.38
C ASN G 508 -15.87 -36.31 -10.59
N GLU G 509 -16.36 -37.52 -10.40
CA GLU G 509 -16.90 -38.35 -11.51
C GLU G 509 -18.29 -38.90 -11.16
N LEU G 510 -19.25 -38.71 -12.07
CA LEU G 510 -20.59 -39.34 -11.99
C LEU G 510 -20.83 -40.07 -13.30
N ASN G 511 -20.84 -41.40 -13.27
CA ASN G 511 -21.15 -42.22 -14.47
C ASN G 511 -22.40 -43.04 -14.17
N LEU G 512 -23.53 -42.68 -14.76
CA LEU G 512 -24.81 -43.40 -14.58
C LEU G 512 -25.26 -43.93 -15.94
N ALA G 513 -24.30 -44.21 -16.83
CA ALA G 513 -24.59 -44.55 -18.23
C ALA G 513 -25.15 -45.97 -18.33
N ASP G 514 -25.82 -46.27 -19.45
CA ASP G 514 -26.33 -47.62 -19.77
C ASP G 514 -27.16 -48.09 -18.57
N ASN G 515 -28.11 -47.26 -18.17
CA ASN G 515 -29.09 -47.59 -17.11
C ASN G 515 -30.49 -47.28 -17.66
N GLU G 516 -31.51 -47.33 -16.82
CA GLU G 516 -32.91 -47.03 -17.23
C GLU G 516 -33.38 -45.82 -16.43
N PHE G 517 -32.48 -44.87 -16.18
CA PHE G 517 -32.79 -43.64 -15.42
C PHE G 517 -33.75 -42.78 -16.24
N THR G 518 -34.76 -42.22 -15.60
CA THR G 518 -35.79 -41.36 -16.22
C THR G 518 -35.80 -40.03 -15.48
N GLY G 519 -36.40 -39.00 -16.07
CA GLY G 519 -36.63 -37.72 -15.36
C GLY G 519 -35.70 -36.65 -15.89
N LYS G 520 -35.68 -35.50 -15.23
CA LYS G 520 -34.92 -34.31 -15.70
C LYS G 520 -33.58 -34.31 -14.97
N ILE G 521 -32.53 -33.83 -15.65
CA ILE G 521 -31.20 -33.61 -15.03
C ILE G 521 -31.40 -32.49 -14.02
N PRO G 522 -31.14 -32.73 -12.72
CA PRO G 522 -31.41 -31.72 -11.69
C PRO G 522 -30.60 -30.47 -12.03
N ASP G 523 -31.16 -29.29 -11.75
CA ASP G 523 -30.49 -27.99 -11.99
C ASP G 523 -29.32 -27.86 -11.03
N GLU G 524 -29.29 -28.72 -10.01
CA GLU G 524 -28.27 -28.69 -8.93
C GLU G 524 -26.98 -29.36 -9.41
N ILE G 525 -26.94 -29.88 -10.63
CA ILE G 525 -25.72 -30.54 -11.21
C ILE G 525 -24.56 -29.52 -11.22
N GLY G 526 -24.83 -28.25 -11.49
CA GLY G 526 -23.83 -27.16 -11.55
C GLY G 526 -23.27 -26.82 -10.18
N SER G 527 -23.98 -27.17 -9.10
CA SER G 527 -23.54 -26.91 -7.71
C SER G 527 -22.38 -27.84 -7.32
N LEU G 528 -22.08 -28.87 -8.10
CA LEU G 528 -20.97 -29.83 -7.83
C LEU G 528 -19.66 -29.18 -8.24
N SER G 529 -18.95 -28.61 -7.26
CA SER G 529 -17.73 -27.78 -7.44
C SER G 529 -16.64 -28.54 -8.19
N VAL G 530 -16.43 -29.82 -7.84
CA VAL G 530 -15.24 -30.58 -8.33
C VAL G 530 -15.64 -31.57 -9.43
N LEU G 531 -16.88 -31.51 -9.95
CA LEU G 531 -17.30 -32.41 -11.05
C LEU G 531 -16.57 -32.03 -12.34
N ASN G 532 -15.74 -32.94 -12.86
CA ASN G 532 -14.98 -32.74 -14.12
C ASN G 532 -15.39 -33.79 -15.15
N TYR G 533 -16.09 -34.84 -14.72
CA TYR G 533 -16.47 -35.96 -15.60
C TYR G 533 -17.93 -36.36 -15.34
N LEU G 534 -18.78 -36.22 -16.37
CA LEU G 534 -20.22 -36.57 -16.31
C LEU G 534 -20.60 -37.45 -17.51
N ASP G 535 -21.13 -38.65 -17.25
CA ASP G 535 -21.70 -39.53 -18.30
C ASP G 535 -23.08 -39.96 -17.82
N LEU G 536 -24.12 -39.43 -18.47
CA LEU G 536 -25.52 -39.83 -18.23
C LEU G 536 -26.06 -40.40 -19.53
N SER G 537 -25.16 -40.85 -20.40
CA SER G 537 -25.51 -41.40 -21.73
C SER G 537 -26.26 -42.73 -21.54
N GLY G 538 -27.03 -43.15 -22.55
CA GLY G 538 -27.71 -44.46 -22.53
C GLY G 538 -28.70 -44.54 -21.38
N ASN G 539 -29.58 -43.55 -21.29
CA ASN G 539 -30.65 -43.49 -20.28
C ASN G 539 -31.89 -42.88 -20.96
N MET G 540 -32.91 -42.53 -20.18
CA MET G 540 -34.15 -41.93 -20.71
C MET G 540 -34.38 -40.58 -20.04
N PHE G 541 -33.29 -39.86 -19.78
CA PHE G 541 -33.31 -38.50 -19.18
C PHE G 541 -34.04 -37.57 -20.15
N SER G 542 -34.97 -36.78 -19.63
CA SER G 542 -35.87 -35.94 -20.46
C SER G 542 -35.82 -34.49 -19.98
N GLY G 543 -36.23 -33.56 -20.84
CA GLY G 543 -36.35 -32.14 -20.48
C GLY G 543 -35.22 -31.33 -21.09
N LYS G 544 -35.08 -30.07 -20.68
CA LYS G 544 -34.01 -29.17 -21.19
C LYS G 544 -32.74 -29.43 -20.36
N ILE G 545 -31.58 -29.37 -21.01
CA ILE G 545 -30.26 -29.48 -20.34
C ILE G 545 -30.11 -28.26 -19.44
N PRO G 546 -29.82 -28.44 -18.12
CA PRO G 546 -29.74 -27.31 -17.20
C PRO G 546 -28.68 -26.29 -17.63
N VAL G 547 -28.96 -25.00 -17.44
CA VAL G 547 -28.00 -23.88 -17.72
C VAL G 547 -26.85 -23.94 -16.71
N SER G 548 -27.07 -24.59 -15.55
CA SER G 548 -26.07 -24.81 -14.47
C SER G 548 -24.83 -25.51 -15.03
N LEU G 549 -25.01 -26.40 -16.01
CA LEU G 549 -23.91 -27.23 -16.58
C LEU G 549 -22.82 -26.31 -17.15
N GLN G 550 -23.19 -25.10 -17.58
CA GLN G 550 -22.24 -24.10 -18.16
C GLN G 550 -21.24 -23.68 -17.09
N SER G 551 -21.69 -23.55 -15.84
CA SER G 551 -20.87 -23.13 -14.68
C SER G 551 -19.77 -24.17 -14.38
N LEU G 552 -19.96 -25.44 -14.75
CA LEU G 552 -18.98 -26.53 -14.49
C LEU G 552 -17.92 -26.52 -15.58
N LYS G 553 -16.65 -26.75 -15.20
CA LYS G 553 -15.55 -26.97 -16.17
C LYS G 553 -15.38 -28.49 -16.35
N LEU G 554 -15.99 -29.06 -17.39
CA LEU G 554 -16.07 -30.53 -17.56
C LEU G 554 -15.13 -30.98 -18.66
N ASN G 555 -14.18 -31.86 -18.32
CA ASN G 555 -13.20 -32.43 -19.27
C ASN G 555 -13.85 -33.56 -20.05
N GLN G 556 -14.88 -34.21 -19.50
CA GLN G 556 -15.70 -35.24 -20.19
C GLN G 556 -17.18 -34.99 -19.93
N LEU G 557 -18.00 -34.88 -20.98
CA LEU G 557 -19.48 -34.80 -20.86
C LEU G 557 -20.13 -35.67 -21.95
N ASN G 558 -21.03 -36.57 -21.55
CA ASN G 558 -21.89 -37.36 -22.49
C ASN G 558 -23.31 -37.38 -21.94
N LEU G 559 -24.23 -36.71 -22.65
CA LEU G 559 -25.68 -36.76 -22.37
C LEU G 559 -26.36 -37.41 -23.57
N SER G 560 -25.58 -38.16 -24.34
CA SER G 560 -26.04 -38.78 -25.61
C SER G 560 -27.02 -39.93 -25.32
N TYR G 561 -27.82 -40.27 -26.33
CA TYR G 561 -28.78 -41.40 -26.29
C TYR G 561 -29.65 -41.25 -25.04
N ASN G 562 -30.34 -40.11 -24.95
CA ASN G 562 -31.36 -39.82 -23.91
C ASN G 562 -32.59 -39.20 -24.61
N ARG G 563 -33.55 -38.72 -23.83
CA ARG G 563 -34.80 -38.10 -24.35
C ARG G 563 -34.75 -36.58 -24.14
N LEU G 564 -33.55 -36.01 -24.03
CA LEU G 564 -33.38 -34.56 -23.73
C LEU G 564 -33.92 -33.76 -24.90
N SER G 565 -34.52 -32.60 -24.61
CA SER G 565 -35.24 -31.76 -25.62
C SER G 565 -34.83 -30.30 -25.45
N GLY G 566 -35.06 -29.48 -26.49
CA GLY G 566 -34.86 -28.02 -26.44
C GLY G 566 -33.62 -27.58 -27.21
N ASP G 567 -33.05 -26.43 -26.84
CA ASP G 567 -31.83 -25.83 -27.45
C ASP G 567 -30.68 -25.95 -26.45
N LEU G 568 -29.46 -26.23 -26.93
CA LEU G 568 -28.25 -26.39 -26.09
C LEU G 568 -27.93 -25.03 -25.46
N PRO G 569 -27.62 -24.95 -24.15
CA PRO G 569 -26.99 -23.76 -23.58
C PRO G 569 -25.79 -23.37 -24.44
N PRO G 570 -25.64 -22.08 -24.79
CA PRO G 570 -24.72 -21.67 -25.85
C PRO G 570 -23.27 -22.12 -25.59
N SER G 571 -22.84 -22.16 -24.33
CA SER G 571 -21.48 -22.61 -23.92
C SER G 571 -21.19 -24.01 -24.47
N LEU G 572 -22.23 -24.87 -24.59
CA LEU G 572 -22.14 -26.31 -24.95
C LEU G 572 -22.30 -26.50 -26.46
N ALA G 573 -22.38 -25.41 -27.22
CA ALA G 573 -22.67 -25.44 -28.67
C ALA G 573 -21.38 -25.66 -29.47
N LYS G 574 -20.24 -25.88 -28.81
CA LYS G 574 -18.90 -25.92 -29.45
C LYS G 574 -18.68 -27.30 -30.09
N ASP G 575 -17.67 -27.40 -30.97
CA ASP G 575 -17.32 -28.64 -31.73
C ASP G 575 -16.77 -29.70 -30.78
N MET G 576 -16.19 -29.30 -29.65
CA MET G 576 -15.67 -30.26 -28.63
C MET G 576 -16.84 -31.08 -28.07
N TYR G 577 -18.03 -30.50 -27.99
CA TYR G 577 -19.25 -31.16 -27.43
C TYR G 577 -20.07 -31.79 -28.57
N LYS G 578 -19.45 -32.01 -29.73
CA LYS G 578 -20.07 -32.61 -30.94
C LYS G 578 -20.72 -33.96 -30.62
N ASN G 579 -20.00 -34.85 -29.94
CA ASN G 579 -20.48 -36.23 -29.68
C ASN G 579 -21.18 -36.32 -28.33
N SER G 580 -21.29 -35.22 -27.58
CA SER G 580 -21.87 -35.21 -26.21
C SER G 580 -23.41 -35.28 -26.24
N PHE G 581 -24.06 -34.85 -27.32
CA PHE G 581 -25.55 -34.70 -27.33
C PHE G 581 -26.21 -35.51 -28.45
N ILE G 582 -25.48 -36.43 -29.09
CA ILE G 582 -26.04 -37.28 -30.20
C ILE G 582 -27.14 -38.18 -29.60
N GLY G 583 -28.14 -38.55 -30.41
CA GLY G 583 -29.17 -39.50 -30.00
C GLY G 583 -30.23 -38.87 -29.11
N ASN G 584 -30.20 -37.54 -28.93
CA ASN G 584 -31.31 -36.77 -28.30
C ASN G 584 -32.08 -36.06 -29.40
N PRO G 585 -33.23 -36.62 -29.84
CA PRO G 585 -33.95 -36.08 -31.00
C PRO G 585 -34.50 -34.66 -30.80
N GLY G 586 -35.10 -34.38 -29.64
CA GLY G 586 -35.66 -33.06 -29.30
C GLY G 586 -34.64 -31.95 -29.43
N LEU G 587 -33.34 -32.31 -29.37
CA LEU G 587 -32.22 -31.39 -29.08
C LEU G 587 -31.67 -30.81 -30.39
N CYS G 588 -31.65 -29.47 -30.46
CA CYS G 588 -31.19 -28.64 -31.59
C CYS G 588 -30.17 -27.61 -31.08
N GLY G 589 -28.97 -27.61 -31.67
CA GLY G 589 -27.87 -26.68 -31.33
C GLY G 589 -27.05 -26.37 -32.57
N ASP G 590 -26.15 -25.37 -32.49
CA ASP G 590 -25.29 -24.91 -33.61
C ASP G 590 -24.09 -25.87 -33.74
N ILE G 591 -24.36 -27.18 -33.90
CA ILE G 591 -23.35 -28.24 -34.18
C ILE G 591 -23.82 -29.00 -35.44
N LYS G 592 -22.91 -29.21 -36.40
CA LYS G 592 -23.20 -29.88 -37.69
C LYS G 592 -23.48 -31.36 -37.39
N GLY G 593 -24.75 -31.79 -37.53
CA GLY G 593 -25.21 -33.14 -37.19
C GLY G 593 -26.18 -33.15 -36.03
N LEU G 594 -26.23 -32.09 -35.21
CA LEU G 594 -27.04 -32.05 -33.96
C LEU G 594 -28.52 -31.95 -34.31
N CYS G 595 -28.88 -31.27 -35.40
CA CYS G 595 -30.29 -30.90 -35.74
C CYS G 595 -30.34 -30.23 -37.10
N ASN H 8 5.86 -48.69 -7.79
CA ASN H 8 6.45 -48.58 -9.17
C ASN H 8 6.91 -47.14 -9.40
N LEU H 9 7.41 -46.83 -10.60
CA LEU H 9 7.95 -45.49 -10.94
C LEU H 9 6.86 -44.44 -10.72
N GLU H 10 5.65 -44.72 -11.20
CA GLU H 10 4.53 -43.75 -11.16
C GLU H 10 4.19 -43.45 -9.69
N GLY H 11 4.10 -44.48 -8.85
CA GLY H 11 3.80 -44.31 -7.41
C GLY H 11 4.87 -43.50 -6.71
N ASP H 12 6.14 -43.77 -7.03
CA ASP H 12 7.30 -43.05 -6.46
C ASP H 12 7.19 -41.55 -6.83
N ALA H 13 6.93 -41.27 -8.11
CA ALA H 13 6.78 -39.89 -8.62
C ALA H 13 5.67 -39.17 -7.85
N LEU H 14 4.50 -39.81 -7.68
CA LEU H 14 3.35 -39.16 -6.99
C LEU H 14 3.69 -39.00 -5.51
N HIS H 15 4.45 -39.93 -4.93
CA HIS H 15 4.83 -39.83 -3.51
C HIS H 15 5.74 -38.63 -3.34
N THR H 16 6.72 -38.45 -4.24
CA THR H 16 7.62 -37.28 -4.21
C THR H 16 6.76 -36.01 -4.21
N LEU H 17 5.71 -35.96 -5.04
CA LEU H 17 4.78 -34.79 -5.07
C LEU H 17 4.17 -34.63 -3.67
N ARG H 18 3.73 -35.73 -3.06
CA ARG H 18 3.08 -35.69 -1.74
C ARG H 18 4.02 -35.05 -0.72
N VAL H 19 5.31 -35.40 -0.77
CA VAL H 19 6.33 -34.96 0.23
C VAL H 19 6.52 -33.44 0.12
N THR H 20 6.46 -32.85 -1.09
CA THR H 20 6.70 -31.40 -1.35
C THR H 20 5.39 -30.60 -1.25
N LEU H 21 4.24 -31.27 -1.17
CA LEU H 21 2.93 -30.59 -1.00
C LEU H 21 2.65 -30.50 0.50
N VAL H 22 1.96 -29.44 0.91
CA VAL H 22 1.42 -29.28 2.29
C VAL H 22 -0.07 -29.65 2.24
N ASP H 23 -0.50 -30.57 3.11
CA ASP H 23 -1.79 -31.28 2.98
C ASP H 23 -2.55 -31.20 4.29
N PRO H 24 -3.10 -30.02 4.67
CA PRO H 24 -3.77 -29.87 5.96
C PRO H 24 -5.00 -30.76 6.15
N ASN H 25 -5.72 -31.10 5.07
CA ASN H 25 -6.96 -31.92 5.15
C ASN H 25 -6.64 -33.41 4.98
N ASN H 26 -5.36 -33.76 4.74
CA ASN H 26 -4.90 -35.17 4.64
C ASN H 26 -5.58 -35.88 3.47
N VAL H 27 -5.76 -35.16 2.36
CA VAL H 27 -6.39 -35.73 1.13
C VAL H 27 -5.46 -36.79 0.55
N LEU H 28 -4.17 -36.80 0.91
CA LEU H 28 -3.18 -37.71 0.30
C LEU H 28 -2.86 -38.87 1.24
N GLN H 29 -3.68 -39.10 2.27
CA GLN H 29 -3.41 -40.13 3.30
C GLN H 29 -3.37 -41.52 2.64
N SER H 30 -4.14 -41.75 1.57
CA SER H 30 -4.23 -43.07 0.90
C SER H 30 -2.96 -43.35 0.09
N TRP H 31 -2.09 -42.35 -0.07
CA TRP H 31 -0.90 -42.44 -0.96
C TRP H 31 0.21 -43.23 -0.26
N ASP H 32 0.02 -44.54 -0.12
CA ASP H 32 0.99 -45.46 0.52
C ASP H 32 2.07 -45.84 -0.50
N PRO H 33 3.33 -45.41 -0.32
CA PRO H 33 4.39 -45.72 -1.29
C PRO H 33 4.73 -47.22 -1.36
N THR H 34 4.32 -47.99 -0.33
CA THR H 34 4.60 -49.45 -0.22
C THR H 34 3.64 -50.23 -1.13
N LEU H 35 2.59 -49.61 -1.66
CA LEU H 35 1.70 -50.24 -2.66
C LEU H 35 2.46 -50.34 -3.99
N VAL H 36 2.29 -51.45 -4.70
CA VAL H 36 3.02 -51.74 -5.96
C VAL H 36 2.65 -50.70 -7.02
N ASN H 37 1.38 -50.30 -7.08
CA ASN H 37 0.87 -49.27 -8.02
C ASN H 37 0.10 -48.22 -7.23
N PRO H 38 0.01 -46.98 -7.74
CA PRO H 38 -0.75 -45.92 -7.07
C PRO H 38 -2.24 -45.95 -7.41
N CYS H 39 -2.71 -46.98 -8.10
CA CYS H 39 -4.08 -47.07 -8.68
C CYS H 39 -5.13 -47.14 -7.57
N THR H 40 -4.83 -47.82 -6.47
CA THR H 40 -5.76 -47.99 -5.31
C THR H 40 -5.82 -46.72 -4.47
N TRP H 41 -4.88 -45.80 -4.71
CA TRP H 41 -4.84 -44.48 -4.02
C TRP H 41 -6.11 -43.70 -4.39
N PHE H 42 -6.70 -42.98 -3.43
CA PHE H 42 -7.81 -42.04 -3.73
C PHE H 42 -7.20 -40.85 -4.47
N HIS H 43 -7.99 -40.23 -5.36
CA HIS H 43 -7.61 -39.03 -6.16
C HIS H 43 -6.71 -39.44 -7.32
N VAL H 44 -6.42 -40.74 -7.46
CA VAL H 44 -5.60 -41.28 -8.59
C VAL H 44 -6.45 -42.31 -9.32
N THR H 45 -6.54 -42.20 -10.64
CA THR H 45 -7.26 -43.17 -11.52
C THR H 45 -6.26 -43.78 -12.51
N CYS H 46 -6.29 -45.11 -12.66
CA CYS H 46 -5.38 -45.86 -13.58
C CYS H 46 -6.17 -46.46 -14.74
N ASN H 47 -5.47 -46.82 -15.82
CA ASN H 47 -6.06 -47.50 -17.00
C ASN H 47 -6.10 -49.00 -16.73
N ASN H 48 -6.51 -49.80 -17.71
CA ASN H 48 -6.63 -51.28 -17.60
C ASN H 48 -5.23 -51.89 -17.49
N GLU H 49 -4.20 -51.15 -17.89
CA GLU H 49 -2.78 -51.60 -17.80
C GLU H 49 -2.17 -51.07 -16.49
N ASN H 50 -3.02 -50.51 -15.60
CA ASN H 50 -2.67 -49.98 -14.24
C ASN H 50 -1.63 -48.87 -14.34
N SER H 51 -1.76 -48.00 -15.33
CA SER H 51 -0.95 -46.76 -15.48
C SER H 51 -1.82 -45.55 -15.18
N VAL H 52 -1.30 -44.56 -14.47
CA VAL H 52 -2.10 -43.39 -14.03
C VAL H 52 -2.58 -42.65 -15.29
N ILE H 53 -3.88 -42.38 -15.37
CA ILE H 53 -4.49 -41.59 -16.47
C ILE H 53 -5.07 -40.29 -15.90
N ARG H 54 -5.42 -40.26 -14.61
CA ARG H 54 -6.03 -39.06 -13.96
C ARG H 54 -5.47 -38.85 -12.56
N VAL H 55 -5.15 -37.59 -12.23
CA VAL H 55 -4.87 -37.14 -10.83
C VAL H 55 -5.88 -36.01 -10.54
N ASP H 56 -6.78 -36.23 -9.57
CA ASP H 56 -7.90 -35.30 -9.31
C ASP H 56 -7.77 -34.74 -7.90
N LEU H 57 -7.11 -33.57 -7.77
CA LEU H 57 -6.77 -32.98 -6.45
C LEU H 57 -7.20 -31.51 -6.39
N GLY H 58 -8.27 -31.12 -7.09
CA GLY H 58 -8.81 -29.74 -7.05
C GLY H 58 -9.58 -29.47 -5.77
N ASN H 59 -9.54 -28.23 -5.29
CA ASN H 59 -10.23 -27.76 -4.07
C ASN H 59 -9.85 -28.64 -2.88
N ALA H 60 -8.55 -28.88 -2.68
CA ALA H 60 -8.01 -29.77 -1.63
C ALA H 60 -7.28 -28.97 -0.54
N GLU H 61 -7.27 -27.64 -0.64
CA GLU H 61 -6.54 -26.74 0.30
C GLU H 61 -5.06 -27.13 0.32
N LEU H 62 -4.55 -27.63 -0.80
CA LEU H 62 -3.14 -28.04 -0.95
C LEU H 62 -2.27 -26.80 -1.13
N SER H 63 -1.15 -26.76 -0.41
CA SER H 63 -0.11 -25.71 -0.52
C SER H 63 1.18 -26.43 -0.91
N GLY H 64 2.21 -25.68 -1.29
CA GLY H 64 3.53 -26.27 -1.57
C GLY H 64 3.90 -26.09 -3.02
N HIS H 65 4.80 -26.91 -3.51
CA HIS H 65 5.32 -26.77 -4.91
C HIS H 65 5.20 -28.10 -5.61
N LEU H 66 5.04 -28.04 -6.93
CA LEU H 66 5.02 -29.24 -7.79
C LEU H 66 6.45 -29.73 -7.95
N VAL H 67 6.59 -30.94 -8.45
CA VAL H 67 7.90 -31.62 -8.62
C VAL H 67 8.08 -31.94 -10.10
N PRO H 68 9.32 -31.97 -10.61
CA PRO H 68 9.58 -32.36 -11.99
C PRO H 68 9.18 -33.82 -12.27
N GLU H 69 9.03 -34.63 -11.22
CA GLU H 69 8.87 -36.10 -11.35
C GLU H 69 7.46 -36.44 -11.87
N LEU H 70 6.55 -35.46 -11.96
CA LEU H 70 5.20 -35.65 -12.54
C LEU H 70 5.34 -36.05 -14.01
N GLY H 71 6.47 -35.69 -14.66
CA GLY H 71 6.75 -36.00 -16.08
C GLY H 71 6.83 -37.49 -16.37
N VAL H 72 7.10 -38.31 -15.36
CA VAL H 72 7.21 -39.80 -15.48
C VAL H 72 5.86 -40.40 -15.89
N LEU H 73 4.73 -39.75 -15.52
CA LEU H 73 3.37 -40.29 -15.74
C LEU H 73 3.00 -40.10 -17.22
N LYS H 74 3.60 -40.90 -18.11
CA LYS H 74 3.48 -40.76 -19.58
C LYS H 74 2.02 -40.89 -20.02
N ASN H 75 1.26 -41.81 -19.44
CA ASN H 75 -0.12 -42.13 -19.86
C ASN H 75 -1.12 -41.20 -19.17
N LEU H 76 -0.64 -40.23 -18.38
CA LEU H 76 -1.53 -39.26 -17.71
C LEU H 76 -2.30 -38.48 -18.78
N GLN H 77 -3.62 -38.35 -18.62
CA GLN H 77 -4.53 -37.61 -19.54
CA GLN H 77 -4.53 -37.61 -19.54
C GLN H 77 -5.11 -36.37 -18.85
N TYR H 78 -5.39 -36.46 -17.55
CA TYR H 78 -6.01 -35.32 -16.84
C TYR H 78 -5.24 -35.03 -15.57
N LEU H 79 -4.66 -33.83 -15.48
CA LEU H 79 -4.00 -33.32 -14.26
C LEU H 79 -4.84 -32.19 -13.67
N GLU H 80 -5.51 -32.45 -12.54
CA GLU H 80 -6.46 -31.48 -11.95
C GLU H 80 -5.93 -31.05 -10.58
N LEU H 81 -5.25 -29.90 -10.53
CA LEU H 81 -4.62 -29.36 -9.30
C LEU H 81 -5.17 -27.96 -9.02
N TYR H 82 -6.37 -27.66 -9.52
CA TYR H 82 -6.97 -26.31 -9.48
C TYR H 82 -7.56 -26.00 -8.09
N SER H 83 -7.94 -24.74 -7.87
CA SER H 83 -8.54 -24.23 -6.60
C SER H 83 -7.72 -24.70 -5.40
N ASN H 84 -6.40 -24.48 -5.43
CA ASN H 84 -5.48 -24.76 -4.30
C ASN H 84 -4.59 -23.54 -4.13
N ASN H 85 -3.60 -23.60 -3.22
CA ASN H 85 -2.62 -22.51 -3.02
C ASN H 85 -1.22 -23.00 -3.41
N ILE H 86 -1.12 -23.90 -4.38
CA ILE H 86 0.19 -24.44 -4.84
C ILE H 86 0.99 -23.29 -5.42
N THR H 87 2.24 -23.14 -4.99
CA THR H 87 3.10 -21.98 -5.34
C THR H 87 4.30 -22.47 -6.15
N GLY H 88 5.08 -21.52 -6.66
CA GLY H 88 6.34 -21.82 -7.36
C GLY H 88 6.11 -22.05 -8.85
N PRO H 89 7.13 -22.53 -9.58
CA PRO H 89 7.06 -22.67 -11.03
C PRO H 89 6.22 -23.84 -11.53
N ILE H 90 5.78 -23.76 -12.78
CA ILE H 90 5.18 -24.91 -13.50
C ILE H 90 6.34 -25.69 -14.07
N PRO H 91 6.55 -26.96 -13.64
CA PRO H 91 7.70 -27.72 -14.08
C PRO H 91 7.75 -27.89 -15.61
N SER H 92 8.94 -27.75 -16.19
CA SER H 92 9.18 -27.97 -17.63
C SER H 92 8.86 -29.43 -17.99
N ASN H 93 9.02 -30.35 -17.04
CA ASN H 93 8.89 -31.79 -17.32
C ASN H 93 7.42 -32.15 -17.57
N LEU H 94 6.50 -31.26 -17.26
CA LEU H 94 5.07 -31.45 -17.59
C LEU H 94 4.90 -31.57 -19.10
N GLY H 95 5.88 -31.09 -19.87
CA GLY H 95 5.91 -31.24 -21.33
C GLY H 95 6.13 -32.68 -21.74
N ASN H 96 6.68 -33.51 -20.84
CA ASN H 96 6.96 -34.94 -21.13
C ASN H 96 5.67 -35.77 -20.97
N LEU H 97 4.60 -35.17 -20.46
CA LEU H 97 3.25 -35.81 -20.36
C LEU H 97 2.61 -35.79 -21.74
N THR H 98 3.03 -36.68 -22.64
CA THR H 98 2.63 -36.70 -24.07
C THR H 98 1.12 -36.89 -24.21
N ASN H 99 0.53 -37.76 -23.41
CA ASN H 99 -0.90 -38.15 -23.58
C ASN H 99 -1.82 -37.20 -22.81
N LEU H 100 -1.28 -36.13 -22.23
CA LEU H 100 -2.07 -35.18 -21.42
C LEU H 100 -3.14 -34.53 -22.32
N VAL H 101 -4.37 -34.48 -21.81
CA VAL H 101 -5.54 -33.88 -22.49
C VAL H 101 -5.97 -32.62 -21.74
N SER H 102 -5.80 -32.60 -20.41
CA SER H 102 -6.20 -31.45 -19.56
C SER H 102 -5.06 -31.06 -18.61
N LEU H 103 -4.69 -29.78 -18.60
CA LEU H 103 -3.76 -29.20 -17.61
C LEU H 103 -4.51 -28.09 -16.89
N ASP H 104 -5.16 -28.42 -15.78
CA ASP H 104 -5.96 -27.46 -14.98
C ASP H 104 -5.20 -27.08 -13.72
N LEU H 105 -4.42 -26.01 -13.79
CA LEU H 105 -3.60 -25.49 -12.66
C LEU H 105 -4.18 -24.16 -12.20
N TYR H 106 -5.43 -23.87 -12.57
CA TYR H 106 -6.03 -22.55 -12.34
C TYR H 106 -6.36 -22.37 -10.85
N LEU H 107 -6.63 -21.11 -10.48
CA LEU H 107 -6.98 -20.72 -9.09
C LEU H 107 -5.93 -21.26 -8.13
N ASN H 108 -4.66 -20.99 -8.44
CA ASN H 108 -3.47 -21.32 -7.60
C ASN H 108 -2.57 -20.09 -7.58
N SER H 109 -1.43 -20.16 -6.89
CA SER H 109 -0.45 -19.05 -6.79
C SER H 109 0.83 -19.39 -7.57
N PHE H 110 0.73 -20.16 -8.65
CA PHE H 110 1.90 -20.50 -9.51
C PHE H 110 2.53 -19.20 -10.01
N SER H 111 3.86 -19.16 -10.03
CA SER H 111 4.63 -17.99 -10.51
C SER H 111 5.61 -18.46 -11.58
N GLY H 112 6.30 -17.51 -12.21
CA GLY H 112 7.32 -17.80 -13.22
C GLY H 112 6.71 -17.99 -14.61
N PRO H 113 7.51 -18.47 -15.58
CA PRO H 113 7.07 -18.59 -16.96
C PRO H 113 6.13 -19.77 -17.22
N ILE H 114 5.35 -19.66 -18.29
CA ILE H 114 4.67 -20.82 -18.92
C ILE H 114 5.74 -21.56 -19.71
N PRO H 115 6.08 -22.82 -19.35
CA PRO H 115 7.16 -23.52 -20.03
C PRO H 115 6.89 -23.67 -21.55
N GLU H 116 7.92 -23.52 -22.37
CA GLU H 116 7.84 -23.73 -23.84
C GLU H 116 7.55 -25.21 -24.10
N SER H 117 7.93 -26.07 -23.15
CA SER H 117 7.76 -27.54 -23.21
C SER H 117 6.27 -27.90 -23.38
N LEU H 118 5.36 -27.07 -22.90
CA LEU H 118 3.90 -27.35 -22.94
C LEU H 118 3.44 -27.44 -24.39
N GLY H 119 4.21 -26.89 -25.32
CA GLY H 119 3.93 -27.03 -26.77
C GLY H 119 4.02 -28.46 -27.23
N LYS H 120 4.83 -29.27 -26.56
CA LYS H 120 5.07 -30.69 -26.93
C LYS H 120 3.85 -31.56 -26.54
N LEU H 121 2.87 -30.99 -25.83
CA LEU H 121 1.61 -31.69 -25.44
C LEU H 121 0.68 -31.75 -26.65
N SER H 122 0.93 -32.71 -27.56
CA SER H 122 0.24 -32.88 -28.87
C SER H 122 -1.27 -33.08 -28.70
N LYS H 123 -1.72 -33.77 -27.64
CA LYS H 123 -3.14 -34.19 -27.51
C LYS H 123 -3.91 -33.25 -26.57
N LEU H 124 -3.30 -32.15 -26.12
CA LEU H 124 -3.93 -31.28 -25.09
C LEU H 124 -5.16 -30.63 -25.70
N ARG H 125 -6.29 -30.66 -24.97
CA ARG H 125 -7.56 -30.03 -25.39
C ARG H 125 -7.90 -28.89 -24.42
N PHE H 126 -7.46 -28.98 -23.16
CA PHE H 126 -7.75 -27.97 -22.13
C PHE H 126 -6.46 -27.46 -21.49
N LEU H 127 -6.27 -26.14 -21.50
CA LEU H 127 -5.17 -25.48 -20.78
C LEU H 127 -5.76 -24.32 -19.98
N ARG H 128 -6.03 -24.54 -18.70
CA ARG H 128 -6.56 -23.49 -17.81
C ARG H 128 -5.52 -23.16 -16.74
N LEU H 129 -4.77 -22.07 -16.96
CA LEU H 129 -3.70 -21.59 -16.04
C LEU H 129 -4.15 -20.26 -15.46
N ASN H 130 -5.45 -19.98 -15.51
CA ASN H 130 -6.03 -18.67 -15.11
C ASN H 130 -5.93 -18.50 -13.60
N ASN H 131 -6.11 -17.27 -13.13
CA ASN H 131 -6.12 -16.87 -11.69
C ASN H 131 -4.85 -17.42 -11.02
N ASN H 132 -3.71 -17.16 -11.63
CA ASN H 132 -2.35 -17.46 -11.09
C ASN H 132 -1.53 -16.16 -11.18
N SER H 133 -0.28 -16.20 -10.74
CA SER H 133 0.68 -15.07 -10.78
C SER H 133 1.75 -15.34 -11.85
N LEU H 134 1.42 -16.07 -12.91
CA LEU H 134 2.40 -16.43 -13.97
C LEU H 134 2.86 -15.15 -14.66
N THR H 135 4.16 -15.06 -14.97
CA THR H 135 4.80 -13.88 -15.60
C THR H 135 5.49 -14.33 -16.89
N GLY H 136 5.86 -13.39 -17.74
CA GLY H 136 6.59 -13.68 -18.99
C GLY H 136 5.67 -13.64 -20.18
N SER H 137 6.14 -14.12 -21.32
CA SER H 137 5.37 -14.15 -22.59
C SER H 137 4.70 -15.52 -22.75
N ILE H 138 3.65 -15.56 -23.56
CA ILE H 138 2.93 -16.82 -23.90
C ILE H 138 3.72 -17.53 -24.99
N PRO H 139 4.21 -18.76 -24.74
CA PRO H 139 5.01 -19.48 -25.73
C PRO H 139 4.27 -19.64 -27.06
N MET H 140 5.01 -19.48 -28.17
CA MET H 140 4.45 -19.62 -29.53
C MET H 140 4.20 -21.12 -29.82
N SER H 141 4.89 -21.99 -29.08
CA SER H 141 4.79 -23.47 -29.24
C SER H 141 3.34 -23.93 -29.05
N LEU H 142 2.58 -23.23 -28.20
CA LEU H 142 1.19 -23.59 -27.85
C LEU H 142 0.30 -23.53 -29.10
N THR H 143 0.72 -22.79 -30.13
CA THR H 143 -0.01 -22.69 -31.42
C THR H 143 0.09 -24.02 -32.16
N ASN H 144 1.15 -24.79 -31.92
CA ASN H 144 1.40 -26.09 -32.62
C ASN H 144 0.57 -27.21 -31.97
N ILE H 145 -0.16 -26.93 -30.89
CA ILE H 145 -1.11 -27.91 -30.27
C ILE H 145 -2.42 -27.82 -31.05
N THR H 146 -2.60 -28.69 -32.02
CA THR H 146 -3.76 -28.71 -32.96
C THR H 146 -5.05 -29.03 -32.19
N THR H 147 -4.96 -29.88 -31.18
CA THR H 147 -6.12 -30.42 -30.42
C THR H 147 -6.68 -29.37 -29.45
N LEU H 148 -5.98 -28.28 -29.21
CA LEU H 148 -6.37 -27.32 -28.14
C LEU H 148 -7.75 -26.75 -28.47
N GLN H 149 -8.68 -26.80 -27.52
CA GLN H 149 -10.08 -26.32 -27.70
C GLN H 149 -10.44 -25.31 -26.59
N VAL H 150 -9.87 -25.43 -25.40
CA VAL H 150 -10.11 -24.49 -24.27
C VAL H 150 -8.76 -23.91 -23.80
N LEU H 151 -8.66 -22.58 -23.75
CA LEU H 151 -7.49 -21.85 -23.19
C LEU H 151 -7.98 -20.74 -22.26
N ASP H 152 -7.46 -20.67 -21.04
CA ASP H 152 -7.71 -19.52 -20.13
C ASP H 152 -6.39 -19.16 -19.44
N LEU H 153 -5.76 -18.10 -19.91
CA LEU H 153 -4.52 -17.53 -19.30
C LEU H 153 -4.87 -16.22 -18.61
N SER H 154 -6.15 -16.01 -18.32
CA SER H 154 -6.67 -14.75 -17.74
C SER H 154 -6.21 -14.60 -16.29
N ASN H 155 -6.28 -13.37 -15.77
CA ASN H 155 -5.99 -13.06 -14.34
C ASN H 155 -4.60 -13.60 -14.00
N ASN H 156 -3.63 -13.28 -14.86
CA ASN H 156 -2.19 -13.57 -14.63
C ASN H 156 -1.42 -12.25 -14.81
N ARG H 157 -0.10 -12.30 -14.67
CA ARG H 157 0.80 -11.14 -14.84
C ARG H 157 1.64 -11.33 -16.11
N LEU H 158 1.08 -11.98 -17.14
CA LEU H 158 1.84 -12.28 -18.40
C LEU H 158 1.99 -10.98 -19.19
N SER H 159 2.99 -10.93 -20.07
CA SER H 159 3.36 -9.74 -20.85
C SER H 159 3.81 -10.16 -22.25
N GLY H 160 3.62 -9.30 -23.24
CA GLY H 160 4.19 -9.48 -24.59
C GLY H 160 3.13 -9.85 -25.61
N SER H 161 3.57 -10.36 -26.76
CA SER H 161 2.71 -10.69 -27.92
C SER H 161 1.79 -11.86 -27.57
N VAL H 162 0.53 -11.79 -27.99
CA VAL H 162 -0.44 -12.92 -27.89
C VAL H 162 -0.54 -13.55 -29.27
N PRO H 163 -0.20 -14.86 -29.43
CA PRO H 163 -0.26 -15.48 -30.75
C PRO H 163 -1.70 -15.51 -31.29
N ASP H 164 -1.85 -15.36 -32.60
CA ASP H 164 -3.17 -15.35 -33.29
C ASP H 164 -3.21 -16.49 -34.32
N ASN H 165 -2.19 -17.36 -34.36
CA ASN H 165 -2.11 -18.43 -35.39
C ASN H 165 -2.29 -19.81 -34.74
N GLY H 166 -2.57 -20.82 -35.58
CA GLY H 166 -2.84 -22.20 -35.16
C GLY H 166 -4.05 -22.27 -34.25
N SER H 167 -3.95 -22.98 -33.13
CA SER H 167 -5.05 -23.17 -32.14
C SER H 167 -5.54 -21.80 -31.65
N PHE H 168 -4.64 -20.84 -31.51
CA PHE H 168 -4.93 -19.49 -30.96
C PHE H 168 -5.83 -18.71 -31.94
N SER H 169 -5.92 -19.15 -33.20
CA SER H 169 -6.74 -18.49 -34.24
C SER H 169 -8.20 -18.35 -33.75
N LEU H 170 -8.70 -19.36 -33.05
CA LEU H 170 -10.12 -19.45 -32.63
C LEU H 170 -10.33 -18.72 -31.29
N PHE H 171 -9.27 -18.35 -30.57
CA PHE H 171 -9.39 -17.96 -29.15
C PHE H 171 -9.86 -16.51 -29.05
N THR H 172 -10.80 -16.27 -28.13
CA THR H 172 -11.42 -14.96 -27.85
C THR H 172 -10.55 -14.17 -26.87
N PRO H 173 -10.81 -12.86 -26.69
CA PRO H 173 -10.10 -12.06 -25.68
C PRO H 173 -10.26 -12.50 -24.22
N ILE H 174 -11.36 -13.17 -23.88
CA ILE H 174 -11.65 -13.58 -22.46
C ILE H 174 -10.54 -14.49 -21.95
N SER H 175 -9.91 -15.24 -22.85
CA SER H 175 -8.80 -16.18 -22.54
C SER H 175 -7.58 -15.42 -22.00
N PHE H 176 -7.28 -14.24 -22.54
CA PHE H 176 -6.02 -13.50 -22.23
C PHE H 176 -6.27 -12.26 -21.37
N ALA H 177 -7.44 -12.16 -20.73
CA ALA H 177 -7.87 -10.95 -19.99
C ALA H 177 -7.05 -10.74 -18.71
N ASN H 178 -7.01 -9.48 -18.24
CA ASN H 178 -6.43 -9.06 -16.95
C ASN H 178 -4.99 -9.58 -16.82
N ASN H 179 -4.13 -9.18 -17.77
CA ASN H 179 -2.69 -9.50 -17.76
C ASN H 179 -1.91 -8.17 -17.80
N LEU H 180 -0.65 -8.19 -17.41
CA LEU H 180 0.16 -6.97 -17.13
C LEU H 180 0.30 -6.12 -18.39
N ASP H 181 0.85 -6.68 -19.46
CA ASP H 181 1.22 -5.90 -20.67
C ASP H 181 1.12 -6.80 -21.89
N LEU H 182 -0.06 -7.31 -22.18
CA LEU H 182 -0.27 -8.21 -23.34
C LEU H 182 -0.56 -7.32 -24.55
N CYS H 183 0.25 -7.46 -25.60
CA CYS H 183 0.07 -6.74 -26.88
C CYS H 183 -0.36 -7.76 -27.93
N GLY H 184 -1.29 -7.39 -28.81
CA GLY H 184 -1.63 -8.23 -29.96
C GLY H 184 -3.02 -7.90 -30.49
N PRO H 185 -3.47 -8.56 -31.59
CA PRO H 185 -4.81 -8.35 -32.13
CA PRO H 185 -4.81 -8.35 -32.13
C PRO H 185 -5.97 -8.62 -31.15
N VAL H 186 -5.85 -9.66 -30.31
CA VAL H 186 -6.92 -10.03 -29.34
C VAL H 186 -7.03 -8.92 -28.29
N THR H 187 -5.91 -8.28 -27.96
CA THR H 187 -5.83 -7.18 -26.96
C THR H 187 -6.15 -5.86 -27.64
N SER H 188 -6.59 -4.87 -26.85
CA SER H 188 -6.75 -3.45 -27.27
C SER H 188 -5.41 -2.95 -27.86
N HIS H 189 -4.33 -3.04 -27.09
CA HIS H 189 -3.02 -2.44 -27.43
C HIS H 189 -2.36 -3.23 -28.54
N PRO H 190 -2.08 -2.66 -29.73
CA PRO H 190 -1.30 -3.37 -30.75
C PRO H 190 0.16 -3.44 -30.31
N CYS H 191 0.94 -4.38 -30.87
CA CYS H 191 2.35 -4.61 -30.48
C CYS H 191 3.23 -3.54 -31.09
N PRO H 192 4.34 -3.15 -30.41
CA PRO H 192 5.29 -2.17 -30.95
C PRO H 192 5.40 -2.19 -32.48
N LEU I 2 17.13 -45.04 5.03
CA LEU I 2 17.45 -45.38 6.44
C LEU I 2 16.25 -46.09 7.08
N VAL I 3 16.07 -47.38 6.77
CA VAL I 3 15.06 -48.28 7.39
C VAL I 3 15.79 -49.37 8.15
N SER I 5 16.92 -53.13 9.60
CA SER I 5 17.06 -54.40 8.88
C SER I 5 15.81 -55.26 9.09
N GLY I 6 15.29 -55.85 8.01
CA GLY I 6 14.09 -56.72 8.03
C GLY I 6 13.39 -56.73 6.68
N ASN I 8 10.98 -56.33 3.27
CA ASN I 8 10.38 -55.22 2.56
C ASN I 8 8.87 -55.44 2.49
N PRO I 9 8.04 -54.58 3.12
CA PRO I 9 6.61 -54.83 3.24
C PRO I 9 5.78 -54.30 2.07
N LEU I 10 6.18 -54.60 0.83
CA LEU I 10 5.42 -54.20 -0.38
C LEU I 10 4.16 -55.07 -0.49
N HIS I 11 3.03 -54.48 -0.87
CA HIS I 11 1.73 -55.17 -0.90
C HIS I 11 0.86 -54.56 -2.01
N ASN I 12 -0.26 -55.22 -2.32
CA ASN I 12 -1.21 -54.81 -3.39
C ASN I 12 -2.41 -54.12 -2.74
N SER J 2 28.32 -14.45 88.92
CA SER J 2 28.41 -13.44 87.83
C SER J 2 28.70 -14.11 86.48
N SER J 3 29.34 -15.29 86.48
CA SER J 3 29.62 -16.10 85.26
C SER J 3 28.30 -16.56 84.61
N MET J 4 27.22 -16.66 85.38
CA MET J 4 25.86 -17.07 84.91
C MET J 4 25.00 -15.84 84.56
N ASP J 5 25.55 -14.62 84.62
CA ASP J 5 24.84 -13.36 84.28
C ASP J 5 24.67 -13.28 82.76
N ASN J 6 23.58 -12.67 82.28
CA ASN J 6 23.24 -12.53 80.84
C ASN J 6 22.86 -11.07 80.57
N GLN J 7 22.99 -10.63 79.33
CA GLN J 7 22.52 -9.28 78.90
C GLN J 7 21.41 -9.49 77.88
N ASP J 8 20.59 -10.51 78.10
CA ASP J 8 19.53 -10.93 77.14
C ASP J 8 18.56 -9.77 76.90
N GLY J 9 18.21 -9.01 77.95
CA GLY J 9 17.32 -7.83 77.84
C GLY J 9 17.90 -6.79 76.89
N PHE J 10 19.20 -6.51 77.03
CA PHE J 10 19.93 -5.55 76.16
C PHE J 10 19.86 -6.04 74.72
N ILE J 11 20.11 -7.34 74.51
CA ILE J 11 20.17 -7.95 73.16
C ILE J 11 18.80 -7.79 72.49
N LEU J 12 17.73 -8.07 73.22
CA LEU J 12 16.35 -8.02 72.67
C LEU J 12 15.96 -6.55 72.40
N GLN J 13 16.41 -5.63 73.24
CA GLN J 13 16.18 -4.17 73.03
C GLN J 13 16.87 -3.76 71.73
N GLN J 14 18.08 -4.28 71.47
CA GLN J 14 18.81 -4.01 70.21
C GLN J 14 18.00 -4.58 69.02
N VAL J 15 17.41 -5.76 69.18
CA VAL J 15 16.54 -6.38 68.13
C VAL J 15 15.37 -5.43 67.84
N LYS J 16 14.75 -4.89 68.89
CA LYS J 16 13.57 -3.99 68.78
C LYS J 16 13.93 -2.75 67.97
N LEU J 17 15.09 -2.14 68.28
CA LEU J 17 15.60 -0.93 67.58
C LEU J 17 15.81 -1.24 66.10
N SER J 18 16.36 -2.43 65.78
CA SER J 18 16.69 -2.86 64.39
C SER J 18 15.42 -2.95 63.52
N LEU J 19 14.32 -3.41 64.09
CA LEU J 19 13.07 -3.67 63.32
C LEU J 19 12.11 -2.50 63.51
N ASP J 20 11.25 -2.28 62.51
CA ASP J 20 10.16 -1.28 62.54
C ASP J 20 8.91 -1.94 63.11
N ASP J 21 8.24 -1.28 64.05
CA ASP J 21 7.07 -1.81 64.78
C ASP J 21 5.93 -0.80 64.71
N PRO J 22 5.31 -0.63 63.53
CA PRO J 22 4.24 0.35 63.34
C PRO J 22 3.07 0.09 64.31
N ASP J 23 2.72 -1.17 64.51
CA ASP J 23 1.50 -1.56 65.28
C ASP J 23 1.89 -1.80 66.74
N SER J 24 3.08 -1.36 67.16
CA SER J 24 3.52 -1.31 68.58
C SER J 24 3.31 -2.66 69.27
N TYR J 25 3.72 -3.76 68.63
CA TYR J 25 3.61 -5.14 69.19
C TYR J 25 4.72 -5.40 70.23
N LEU J 26 5.75 -4.55 70.28
CA LEU J 26 6.90 -4.75 71.19
C LEU J 26 6.86 -3.68 72.29
N SER J 27 5.68 -3.14 72.59
CA SER J 27 5.50 -2.13 73.66
C SER J 27 5.76 -2.75 75.04
N SER J 28 5.43 -4.04 75.23
CA SER J 28 5.73 -4.80 76.47
C SER J 28 7.22 -4.78 76.78
N TRP J 29 8.05 -4.57 75.77
CA TRP J 29 9.53 -4.64 75.89
C TRP J 29 10.05 -3.36 76.56
N ASN J 30 9.96 -3.30 77.89
CA ASN J 30 10.32 -2.08 78.66
C ASN J 30 11.80 -2.15 79.03
N SER J 31 12.61 -1.21 78.54
CA SER J 31 14.06 -1.14 78.84
C SER J 31 14.28 -1.21 80.34
N ASN J 32 13.44 -0.53 81.11
CA ASN J 32 13.59 -0.42 82.58
C ASN J 32 13.50 -1.82 83.18
N ASP J 33 12.66 -2.70 82.61
CA ASP J 33 12.44 -4.07 83.15
C ASP J 33 13.80 -4.77 83.24
N ALA J 34 14.09 -5.34 84.40
CA ALA J 34 15.35 -6.07 84.69
C ALA J 34 15.47 -7.31 83.80
N SER J 35 14.39 -8.08 83.70
CA SER J 35 14.37 -9.37 82.96
C SER J 35 13.46 -9.25 81.75
N PRO J 36 13.87 -9.81 80.59
CA PRO J 36 13.03 -9.81 79.41
C PRO J 36 12.01 -10.96 79.42
N CYS J 37 12.05 -11.80 80.45
CA CYS J 37 11.34 -13.10 80.48
C CYS J 37 9.81 -12.93 80.37
N ARG J 38 9.24 -11.83 80.89
CA ARG J 38 7.78 -11.59 80.90
C ARG J 38 7.35 -10.71 79.72
N TRP J 39 8.30 -10.27 78.89
CA TRP J 39 8.03 -9.51 77.65
C TRP J 39 7.22 -10.39 76.68
N SER J 40 6.41 -9.78 75.83
CA SER J 40 5.54 -10.47 74.85
C SER J 40 6.41 -11.21 73.83
N GLY J 41 6.13 -12.49 73.60
CA GLY J 41 6.85 -13.33 72.62
C GLY J 41 8.13 -13.91 73.19
N VAL J 42 8.52 -13.50 74.41
CA VAL J 42 9.80 -13.95 75.02
C VAL J 42 9.50 -15.00 76.09
N SER J 43 10.18 -16.15 76.01
CA SER J 43 10.05 -17.25 76.98
C SER J 43 11.45 -17.57 77.50
N CYS J 44 11.67 -17.47 78.81
CA CYS J 44 12.97 -17.83 79.41
C CYS J 44 13.03 -19.32 79.76
N ALA J 45 12.11 -19.85 80.56
CA ALA J 45 11.87 -21.32 80.73
C ALA J 45 12.98 -22.06 81.49
N GLY J 46 14.22 -21.54 81.53
CA GLY J 46 15.36 -22.15 82.25
C GLY J 46 15.52 -21.58 83.65
N ASP J 47 16.43 -22.16 84.44
CA ASP J 47 16.73 -21.77 85.85
C ASP J 47 17.02 -20.27 85.89
N PHE J 48 17.97 -19.79 85.08
CA PHE J 48 18.42 -18.38 85.01
C PHE J 48 17.41 -17.54 84.21
N SER J 49 17.73 -16.27 83.98
CA SER J 49 16.84 -15.32 83.24
C SER J 49 17.28 -15.31 81.78
N SER J 50 17.51 -16.50 81.21
CA SER J 50 18.06 -16.69 79.85
C SER J 50 16.89 -16.95 78.90
N VAL J 51 16.79 -16.18 77.83
CA VAL J 51 15.73 -16.35 76.81
C VAL J 51 15.99 -17.67 76.08
N THR J 52 14.96 -18.49 75.91
CA THR J 52 15.05 -19.82 75.25
C THR J 52 14.21 -19.83 73.97
N SER J 53 13.13 -19.04 73.94
CA SER J 53 12.24 -18.96 72.76
C SER J 53 11.80 -17.52 72.53
N VAL J 54 11.83 -17.07 71.27
CA VAL J 54 11.27 -15.75 70.86
C VAL J 54 10.32 -16.00 69.67
N ASP J 55 9.03 -15.70 69.87
CA ASP J 55 7.99 -15.79 68.82
C ASP J 55 7.41 -14.40 68.57
N LEU J 56 7.77 -13.79 67.45
CA LEU J 56 7.30 -12.46 67.04
C LEU J 56 6.43 -12.61 65.80
N SER J 57 5.69 -13.71 65.71
CA SER J 57 4.84 -14.03 64.53
C SER J 57 3.71 -13.00 64.44
N SER J 58 3.39 -12.56 63.22
CA SER J 58 2.22 -11.70 62.90
C SER J 58 2.25 -10.40 63.71
N ALA J 59 3.39 -9.72 63.75
CA ALA J 59 3.58 -8.48 64.55
C ALA J 59 3.83 -7.28 63.63
N ASN J 60 3.67 -7.47 62.32
CA ASN J 60 3.87 -6.40 61.32
C ASN J 60 5.25 -5.77 61.54
N LEU J 61 6.26 -6.60 61.86
CA LEU J 61 7.65 -6.12 62.09
C LEU J 61 8.39 -6.09 60.74
N ALA J 62 9.04 -4.98 60.44
CA ALA J 62 9.72 -4.77 59.14
C ALA J 62 11.19 -4.44 59.37
N GLY J 63 12.05 -4.99 58.53
CA GLY J 63 13.51 -4.72 58.58
C GLY J 63 14.30 -6.00 58.31
N PRO J 64 15.63 -5.93 58.30
CA PRO J 64 16.46 -7.10 58.05
C PRO J 64 16.48 -8.03 59.27
N PHE J 65 16.91 -9.27 59.11
CA PHE J 65 17.03 -10.25 60.22
C PHE J 65 17.94 -9.68 61.29
N PRO J 66 17.51 -9.65 62.57
CA PRO J 66 18.34 -9.15 63.68
C PRO J 66 19.42 -10.15 64.13
N SER J 67 20.62 -10.08 63.55
CA SER J 67 21.78 -10.97 63.85
C SER J 67 22.23 -10.82 65.31
N VAL J 68 21.82 -9.73 65.99
CA VAL J 68 22.14 -9.49 67.43
C VAL J 68 21.47 -10.60 68.26
N ILE J 69 20.32 -11.10 67.81
CA ILE J 69 19.51 -12.10 68.57
C ILE J 69 20.36 -13.35 68.82
N CYS J 70 21.32 -13.63 67.95
CA CYS J 70 22.24 -14.80 68.07
C CYS J 70 23.09 -14.69 69.34
N ARG J 71 23.18 -13.50 69.93
CA ARG J 71 23.91 -13.27 71.20
C ARG J 71 23.08 -13.77 72.39
N LEU J 72 21.80 -14.09 72.20
CA LEU J 72 21.01 -14.87 73.18
C LEU J 72 21.56 -16.29 73.14
N SER J 73 22.35 -16.67 74.14
CA SER J 73 23.16 -17.92 74.12
C SER J 73 22.27 -19.17 74.13
N ASN J 74 21.14 -19.12 74.82
CA ASN J 74 20.28 -20.32 75.04
C ASN J 74 19.00 -20.24 74.20
N LEU J 75 18.94 -19.36 73.20
CA LEU J 75 17.79 -19.33 72.25
C LEU J 75 17.79 -20.61 71.44
N ALA J 76 16.70 -21.37 71.52
CA ALA J 76 16.52 -22.65 70.80
C ALA J 76 15.38 -22.54 69.80
N HIS J 77 14.48 -21.56 69.97
CA HIS J 77 13.29 -21.42 69.10
C HIS J 77 13.11 -19.96 68.68
N LEU J 78 13.13 -19.69 67.38
CA LEU J 78 12.87 -18.32 66.85
C LEU J 78 11.81 -18.40 65.75
N SER J 79 10.71 -17.67 65.91
CA SER J 79 9.66 -17.53 64.87
C SER J 79 9.46 -16.05 64.55
N LEU J 80 9.64 -15.70 63.28
CA LEU J 80 9.35 -14.35 62.75
C LEU J 80 8.29 -14.50 61.66
N TYR J 81 7.40 -15.48 61.82
CA TYR J 81 6.37 -15.84 60.82
C TYR J 81 5.49 -14.63 60.54
N ASN J 82 5.07 -14.44 59.27
CA ASN J 82 4.03 -13.45 58.89
C ASN J 82 4.50 -12.05 59.32
N ASN J 83 5.74 -11.69 59.02
CA ASN J 83 6.27 -10.32 59.24
C ASN J 83 6.82 -9.82 57.91
N SER J 84 7.42 -8.63 57.89
CA SER J 84 7.97 -8.00 56.68
C SER J 84 9.50 -7.93 56.78
N ILE J 85 10.13 -8.98 57.34
CA ILE J 85 11.62 -9.10 57.35
C ILE J 85 12.11 -9.09 55.89
N ASN J 86 13.06 -8.20 55.58
CA ASN J 86 13.52 -7.98 54.19
C ASN J 86 15.02 -8.18 54.11
N SER J 87 15.58 -8.05 52.90
CA SER J 87 17.02 -8.15 52.61
C SER J 87 17.47 -9.62 52.66
N THR J 88 18.78 -9.86 52.47
CA THR J 88 19.36 -11.22 52.42
C THR J 88 19.37 -11.80 53.85
N LEU J 89 19.31 -13.13 53.97
CA LEU J 89 19.52 -13.80 55.27
C LEU J 89 21.02 -13.77 55.55
N PRO J 90 21.47 -13.21 56.69
CA PRO J 90 22.90 -13.03 56.94
C PRO J 90 23.58 -14.39 57.18
N LEU J 91 24.82 -14.52 56.73
CA LEU J 91 25.63 -15.75 56.94
C LEU J 91 26.00 -15.86 58.42
N ASN J 92 25.90 -14.77 59.16
CA ASN J 92 26.25 -14.73 60.61
C ASN J 92 25.10 -15.34 61.44
N ILE J 93 24.05 -15.84 60.79
CA ILE J 93 22.92 -16.51 61.49
C ILE J 93 23.44 -17.77 62.18
N ALA J 94 24.55 -18.33 61.68
CA ALA J 94 25.22 -19.52 62.25
C ALA J 94 25.62 -19.29 63.71
N ALA J 95 25.82 -18.03 64.11
CA ALA J 95 26.11 -17.65 65.50
C ALA J 95 25.00 -18.12 66.44
N CYS J 96 23.76 -18.29 65.94
CA CYS J 96 22.62 -18.84 66.71
C CYS J 96 22.82 -20.36 66.84
N LYS J 97 23.88 -20.78 67.53
CA LYS J 97 24.38 -22.18 67.50
C LYS J 97 23.47 -23.09 68.34
N SER J 98 22.56 -22.53 69.12
CA SER J 98 21.65 -23.30 70.02
C SER J 98 20.26 -23.43 69.42
N LEU J 99 20.01 -22.81 68.27
CA LEU J 99 18.67 -22.84 67.59
C LEU J 99 18.29 -24.25 67.19
N GLN J 100 17.11 -24.69 67.60
CA GLN J 100 16.52 -25.99 67.17
C GLN J 100 15.43 -25.70 66.15
N THR J 101 14.71 -24.58 66.33
CA THR J 101 13.59 -24.19 65.44
C THR J 101 13.82 -22.78 64.88
N LEU J 102 13.75 -22.65 63.55
CA LEU J 102 13.82 -21.34 62.87
C LEU J 102 12.64 -21.23 61.89
N ASP J 103 11.65 -20.40 62.23
CA ASP J 103 10.51 -20.10 61.33
C ASP J 103 10.66 -18.66 60.84
N LEU J 104 11.06 -18.49 59.59
CA LEU J 104 11.17 -17.15 58.95
C LEU J 104 10.19 -17.13 57.78
N SER J 105 9.12 -17.93 57.87
CA SER J 105 8.15 -18.13 56.77
C SER J 105 7.26 -16.89 56.63
N GLN J 106 6.73 -16.68 55.42
CA GLN J 106 5.79 -15.59 55.10
C GLN J 106 6.45 -14.25 55.47
N ASN J 107 7.67 -14.04 55.00
CA ASN J 107 8.41 -12.76 55.13
C ASN J 107 8.85 -12.35 53.74
N LEU J 108 9.65 -11.28 53.61
CA LEU J 108 10.05 -10.74 52.29
C LEU J 108 11.55 -10.96 52.08
N LEU J 109 12.13 -12.00 52.71
CA LEU J 109 13.58 -12.28 52.59
C LEU J 109 13.91 -12.69 51.15
N THR J 110 15.03 -12.22 50.63
CA THR J 110 15.41 -12.36 49.20
C THR J 110 16.87 -12.78 49.10
N GLY J 111 17.29 -13.24 47.93
CA GLY J 111 18.69 -13.60 47.63
C GLY J 111 18.97 -15.07 47.78
N GLU J 112 20.24 -15.46 47.80
CA GLU J 112 20.67 -16.87 47.88
C GLU J 112 20.52 -17.34 49.33
N LEU J 113 20.23 -18.62 49.54
CA LEU J 113 20.15 -19.22 50.90
C LEU J 113 21.54 -19.17 51.51
N PRO J 114 21.68 -18.71 52.78
CA PRO J 114 22.95 -18.81 53.48
C PRO J 114 23.35 -20.27 53.68
N GLN J 115 24.59 -20.61 53.33
CA GLN J 115 25.12 -21.99 53.48
C GLN J 115 25.39 -22.26 54.96
N THR J 116 25.58 -21.18 55.72
CA THR J 116 25.98 -21.21 57.15
C THR J 116 24.84 -21.77 58.01
N LEU J 117 23.64 -21.91 57.45
CA LEU J 117 22.49 -22.52 58.15
C LEU J 117 22.82 -23.95 58.58
N ALA J 118 23.56 -24.68 57.76
CA ALA J 118 23.97 -26.08 58.02
C ALA J 118 25.03 -26.12 59.13
N ASP J 119 25.67 -24.99 59.40
CA ASP J 119 26.71 -24.82 60.45
C ASP J 119 26.04 -24.63 61.81
N ILE J 120 24.70 -24.57 61.84
CA ILE J 120 23.94 -24.63 63.12
C ILE J 120 23.68 -26.10 63.42
N PRO J 121 24.42 -26.72 64.37
CA PRO J 121 24.32 -28.16 64.62
C PRO J 121 22.99 -28.61 65.24
N THR J 122 22.38 -27.76 66.06
CA THR J 122 21.16 -28.04 66.85
C THR J 122 19.88 -27.97 66.01
N LEU J 123 19.94 -27.45 64.78
CA LEU J 123 18.72 -27.14 63.98
C LEU J 123 17.96 -28.42 63.68
N VAL J 124 16.66 -28.42 63.99
CA VAL J 124 15.74 -29.57 63.75
C VAL J 124 14.71 -29.15 62.69
N HIS J 125 14.25 -27.91 62.76
CA HIS J 125 13.14 -27.38 61.93
C HIS J 125 13.59 -26.11 61.20
N LEU J 126 13.57 -26.12 59.87
CA LEU J 126 13.82 -24.89 59.09
C LEU J 126 12.62 -24.67 58.17
N ASP J 127 11.90 -23.57 58.39
CA ASP J 127 10.77 -23.14 57.53
C ASP J 127 11.13 -21.77 56.96
N LEU J 128 11.41 -21.72 55.67
CA LEU J 128 11.69 -20.46 54.94
C LEU J 128 10.62 -20.27 53.85
N THR J 129 9.42 -20.78 54.07
CA THR J 129 8.30 -20.77 53.08
C THR J 129 7.83 -19.33 52.86
N GLY J 130 7.27 -19.05 51.68
CA GLY J 130 6.67 -17.74 51.37
C GLY J 130 7.70 -16.63 51.46
N ASN J 131 8.89 -16.85 50.89
CA ASN J 131 9.95 -15.82 50.80
C ASN J 131 10.38 -15.80 49.33
N ASN J 132 11.34 -14.95 48.98
CA ASN J 132 11.79 -14.78 47.58
C ASN J 132 13.23 -15.26 47.44
N PHE J 133 13.62 -16.28 48.20
CA PHE J 133 14.97 -16.89 48.10
C PHE J 133 15.15 -17.41 46.68
N SER J 134 16.36 -17.26 46.15
CA SER J 134 16.68 -17.59 44.74
C SER J 134 17.98 -18.35 44.69
N GLY J 135 18.29 -18.92 43.53
CA GLY J 135 19.59 -19.56 43.25
C GLY J 135 19.57 -21.05 43.56
N ASP J 136 20.76 -21.63 43.70
CA ASP J 136 20.90 -23.08 43.99
C ASP J 136 20.75 -23.29 45.50
N ILE J 137 20.18 -24.44 45.88
CA ILE J 137 20.21 -24.90 47.29
C ILE J 137 21.67 -25.16 47.63
N PRO J 138 22.22 -24.55 48.71
CA PRO J 138 23.63 -24.70 49.05
C PRO J 138 23.99 -26.16 49.35
N ALA J 139 25.22 -26.58 49.00
CA ALA J 139 25.71 -27.98 49.17
C ALA J 139 25.92 -28.29 50.65
N SER J 140 26.06 -27.25 51.46
CA SER J 140 26.15 -27.35 52.93
C SER J 140 24.93 -28.09 53.46
N PHE J 141 23.80 -27.98 52.75
CA PHE J 141 22.48 -28.49 53.20
C PHE J 141 22.50 -30.02 53.28
N GLY J 142 23.38 -30.69 52.54
CA GLY J 142 23.58 -32.15 52.64
C GLY J 142 24.26 -32.54 53.96
N LYS J 143 24.90 -31.59 54.65
CA LYS J 143 25.69 -31.86 55.88
C LYS J 143 24.91 -31.50 57.14
N PHE J 144 23.61 -31.21 57.04
CA PHE J 144 22.74 -30.95 58.21
C PHE J 144 22.82 -32.19 59.12
N GLU J 145 23.06 -31.96 60.41
CA GLU J 145 23.38 -33.03 61.38
C GLU J 145 22.12 -33.60 62.02
N ASN J 146 21.13 -32.74 62.29
CA ASN J 146 19.97 -33.12 63.14
C ASN J 146 18.65 -32.61 62.55
N LEU J 147 18.65 -32.08 61.32
CA LEU J 147 17.44 -31.45 60.74
C LEU J 147 16.42 -32.53 60.40
N GLU J 148 15.17 -32.31 60.78
CA GLU J 148 14.05 -33.24 60.50
C GLU J 148 13.10 -32.62 59.48
N VAL J 149 13.02 -31.30 59.43
CA VAL J 149 12.08 -30.56 58.53
C VAL J 149 12.86 -29.53 57.71
N LEU J 150 12.78 -29.62 56.39
CA LEU J 150 13.31 -28.57 55.48
C LEU J 150 12.16 -28.09 54.62
N SER J 151 11.68 -26.87 54.84
CA SER J 151 10.62 -26.28 54.00
C SER J 151 11.16 -25.06 53.27
N LEU J 152 11.24 -25.16 51.94
CA LEU J 152 11.67 -24.05 51.06
C LEU J 152 10.54 -23.79 50.06
N VAL J 153 9.30 -24.00 50.48
CA VAL J 153 8.09 -23.94 49.60
C VAL J 153 7.84 -22.47 49.24
N TYR J 154 7.27 -22.24 48.06
CA TYR J 154 6.85 -20.91 47.57
C TYR J 154 8.00 -19.92 47.73
N ASN J 155 9.18 -20.31 47.25
CA ASN J 155 10.34 -19.41 47.10
C ASN J 155 10.63 -19.29 45.61
N LEU J 156 11.75 -18.70 45.23
CA LEU J 156 12.06 -18.44 43.81
C LEU J 156 13.31 -19.22 43.38
N LEU J 157 13.53 -20.40 43.97
CA LEU J 157 14.77 -21.18 43.73
C LEU J 157 14.78 -21.67 42.28
N ASP J 158 15.86 -21.40 41.55
CA ASP J 158 15.96 -21.58 40.08
C ASP J 158 16.91 -22.74 39.74
N GLY J 159 17.45 -23.41 40.75
CA GLY J 159 18.45 -24.49 40.58
C GLY J 159 17.81 -25.83 40.30
N THR J 160 18.65 -26.85 40.13
CA THR J 160 18.18 -28.25 39.94
C THR J 160 17.93 -28.81 41.33
N ILE J 161 16.99 -29.74 41.49
CA ILE J 161 16.73 -30.40 42.79
C ILE J 161 18.00 -31.14 43.17
N PRO J 162 18.62 -30.86 44.34
CA PRO J 162 19.93 -31.42 44.67
C PRO J 162 19.92 -32.85 45.22
N PRO J 163 20.73 -33.76 44.65
CA PRO J 163 20.82 -35.14 45.14
C PRO J 163 21.41 -35.27 46.56
N PHE J 164 22.20 -34.29 46.99
CA PHE J 164 22.87 -34.30 48.31
C PHE J 164 21.84 -34.16 49.44
N LEU J 165 20.63 -33.69 49.13
CA LEU J 165 19.56 -33.53 50.14
C LEU J 165 19.12 -34.91 50.64
N GLY J 166 19.36 -35.97 49.86
CA GLY J 166 19.07 -37.36 50.25
C GLY J 166 19.99 -37.85 51.35
N ASN J 167 21.06 -37.10 51.65
CA ASN J 167 22.12 -37.45 52.63
C ASN J 167 21.71 -36.99 54.03
N ILE J 168 20.58 -36.28 54.20
CA ILE J 168 20.12 -35.87 55.54
C ILE J 168 19.28 -37.02 56.13
N SER J 169 19.94 -37.95 56.84
CA SER J 169 19.34 -39.18 57.42
C SER J 169 18.21 -38.82 58.39
N THR J 170 18.40 -37.76 59.16
CA THR J 170 17.45 -37.31 60.21
C THR J 170 16.17 -36.73 59.59
N LEU J 171 16.18 -36.38 58.30
CA LEU J 171 15.06 -35.66 57.64
C LEU J 171 13.79 -36.51 57.67
N LYS J 172 12.68 -35.90 58.07
CA LYS J 172 11.33 -36.52 58.15
C LYS J 172 10.41 -35.87 57.14
N MET J 173 10.66 -34.60 56.79
CA MET J 173 9.84 -33.87 55.79
C MET J 173 10.75 -33.10 54.83
N LEU J 174 10.64 -33.37 53.52
CA LEU J 174 11.29 -32.57 52.46
C LEU J 174 10.21 -31.84 51.67
N ASN J 175 10.06 -30.55 51.93
CA ASN J 175 8.98 -29.70 51.36
C ASN J 175 9.65 -28.64 50.48
N LEU J 176 9.67 -28.87 49.16
CA LEU J 176 10.35 -27.97 48.19
C LEU J 176 9.35 -27.50 47.14
N SER J 177 8.05 -27.57 47.44
CA SER J 177 6.97 -27.36 46.45
C SER J 177 6.91 -25.92 45.96
N TYR J 178 6.27 -25.73 44.79
CA TYR J 178 5.94 -24.41 44.19
C TYR J 178 7.20 -23.55 44.14
N ASN J 179 8.28 -24.11 43.56
CA ASN J 179 9.55 -23.38 43.33
C ASN J 179 9.89 -23.47 41.85
N PRO J 180 10.40 -22.37 41.24
CA PRO J 180 10.70 -22.34 39.81
C PRO J 180 12.04 -23.02 39.48
N PHE J 181 12.17 -24.31 39.81
CA PHE J 181 13.46 -25.05 39.68
C PHE J 181 13.77 -25.30 38.20
N SER J 182 15.05 -25.38 37.88
CA SER J 182 15.51 -25.88 36.57
C SER J 182 14.92 -27.28 36.40
N PRO J 183 14.42 -27.64 35.20
CA PRO J 183 13.88 -28.97 35.00
C PRO J 183 14.88 -29.99 35.54
N SER J 184 14.45 -30.82 36.50
CA SER J 184 15.33 -31.74 37.26
C SER J 184 14.63 -33.08 37.45
N ARG J 185 15.38 -34.17 37.43
CA ARG J 185 14.81 -35.51 37.70
C ARG J 185 14.87 -35.75 39.20
N ILE J 186 13.96 -36.59 39.69
CA ILE J 186 13.91 -36.90 41.15
C ILE J 186 15.17 -37.67 41.46
N PRO J 187 16.05 -37.13 42.34
CA PRO J 187 17.29 -37.80 42.70
C PRO J 187 16.99 -39.20 43.23
N PRO J 188 17.63 -40.26 42.70
CA PRO J 188 17.44 -41.61 43.24
C PRO J 188 17.94 -41.73 44.67
N GLU J 189 18.85 -40.85 45.08
CA GLU J 189 19.47 -40.85 46.43
C GLU J 189 18.43 -40.41 47.48
N PHE J 190 17.29 -39.88 47.05
CA PHE J 190 16.16 -39.50 47.94
C PHE J 190 15.55 -40.75 48.57
N GLY J 191 15.79 -41.92 47.98
CA GLY J 191 15.34 -43.23 48.49
C GLY J 191 16.04 -43.62 49.77
N ASN J 192 17.13 -42.92 50.10
CA ASN J 192 18.00 -43.22 51.26
C ASN J 192 17.56 -42.38 52.46
N LEU J 193 16.55 -41.52 52.31
CA LEU J 193 15.98 -40.74 53.44
C LEU J 193 15.07 -41.67 54.22
N THR J 194 15.64 -42.56 55.03
CA THR J 194 14.91 -43.69 55.65
C THR J 194 13.81 -43.18 56.60
N ASN J 195 14.04 -42.05 57.28
CA ASN J 195 13.09 -41.55 58.32
C ASN J 195 12.06 -40.60 57.69
N LEU J 196 12.13 -40.38 56.37
CA LEU J 196 11.26 -39.38 55.69
C LEU J 196 9.81 -39.87 55.78
N GLU J 197 8.93 -38.97 56.21
CA GLU J 197 7.47 -39.21 56.30
C GLU J 197 6.74 -38.41 55.22
N VAL J 198 7.30 -37.28 54.79
CA VAL J 198 6.65 -36.41 53.77
C VAL J 198 7.67 -36.01 52.69
N MET J 199 7.33 -36.28 51.44
CA MET J 199 8.04 -35.78 50.24
C MET J 199 7.05 -34.94 49.44
N TRP J 200 7.19 -33.62 49.49
CA TRP J 200 6.24 -32.67 48.86
C TRP J 200 6.99 -31.91 47.78
N LEU J 201 6.86 -32.37 46.53
CA LEU J 201 7.58 -31.81 45.37
C LEU J 201 6.57 -31.47 44.28
N THR J 202 5.46 -30.82 44.63
CA THR J 202 4.43 -30.36 43.66
C THR J 202 4.93 -29.10 42.98
N GLU J 203 4.77 -29.02 41.66
CA GLU J 203 5.18 -27.82 40.88
C GLU J 203 6.65 -27.52 41.13
N CYS J 204 7.49 -28.55 41.03
CA CYS J 204 8.97 -28.42 41.17
C CYS J 204 9.62 -28.64 39.81
N HIS J 205 8.86 -28.58 38.73
CA HIS J 205 9.37 -28.72 37.34
C HIS J 205 10.14 -30.04 37.24
N LEU J 206 9.63 -31.09 37.87
CA LEU J 206 10.26 -32.43 37.89
C LEU J 206 10.06 -33.08 36.53
N VAL J 207 11.13 -33.66 35.99
CA VAL J 207 11.12 -34.37 34.68
C VAL J 207 11.68 -35.77 34.92
N GLY J 208 11.50 -36.70 33.98
CA GLY J 208 12.10 -38.04 34.06
C GLY J 208 11.18 -39.04 34.70
N GLN J 209 11.71 -40.22 35.05
CA GLN J 209 10.90 -41.33 35.61
C GLN J 209 10.88 -41.20 37.13
N ILE J 210 9.89 -41.78 37.78
CA ILE J 210 9.89 -41.90 39.26
C ILE J 210 10.93 -42.97 39.60
N PRO J 211 11.95 -42.66 40.44
CA PRO J 211 12.96 -43.65 40.78
C PRO J 211 12.38 -44.82 41.60
N ASP J 212 12.83 -46.04 41.32
CA ASP J 212 12.38 -47.25 42.06
C ASP J 212 12.90 -47.16 43.50
N SER J 213 13.95 -46.39 43.75
CA SER J 213 14.54 -46.20 45.10
C SER J 213 13.48 -45.67 46.07
N LEU J 214 12.50 -44.90 45.60
CA LEU J 214 11.50 -44.26 46.48
C LEU J 214 10.71 -45.32 47.25
N GLY J 215 10.66 -46.55 46.73
CA GLY J 215 9.94 -47.67 47.37
C GLY J 215 10.56 -48.05 48.70
N GLN J 216 11.82 -47.69 48.94
CA GLN J 216 12.55 -48.06 50.19
C GLN J 216 12.11 -47.20 51.37
N LEU J 217 11.28 -46.17 51.13
CA LEU J 217 10.87 -45.22 52.20
C LEU J 217 9.68 -45.82 52.96
N SER J 218 9.96 -46.78 53.82
CA SER J 218 8.95 -47.50 54.65
C SER J 218 8.15 -46.51 55.50
N LYS J 219 8.77 -45.43 55.97
CA LYS J 219 8.14 -44.52 56.96
C LYS J 219 7.36 -43.41 56.26
N LEU J 220 7.41 -43.35 54.92
CA LEU J 220 6.72 -42.26 54.15
C LEU J 220 5.21 -42.37 54.36
N VAL J 221 4.57 -41.24 54.61
CA VAL J 221 3.10 -41.11 54.83
C VAL J 221 2.48 -40.37 53.63
N ASP J 222 3.19 -39.36 53.09
CA ASP J 222 2.70 -38.56 51.94
C ASP J 222 3.77 -38.51 50.84
N LEU J 223 3.41 -38.92 49.63
CA LEU J 223 4.24 -38.76 48.42
C LEU J 223 3.48 -37.82 47.47
N ASP J 224 3.93 -36.57 47.33
CA ASP J 224 3.30 -35.60 46.39
C ASP J 224 4.33 -35.25 45.32
N LEU J 225 4.14 -35.80 44.12
CA LEU J 225 5.01 -35.52 42.96
C LEU J 225 4.12 -34.94 41.86
N ALA J 226 3.03 -34.28 42.26
CA ALA J 226 1.96 -33.82 41.34
C ALA J 226 2.38 -32.54 40.62
N LEU J 227 1.64 -32.18 39.56
CA LEU J 227 1.84 -30.92 38.81
C LEU J 227 3.31 -30.82 38.40
N ASN J 228 3.85 -31.90 37.87
CA ASN J 228 5.23 -31.96 37.33
C ASN J 228 5.11 -32.61 35.96
N ASP J 229 6.21 -32.83 35.25
CA ASP J 229 6.19 -33.39 33.88
C ASP J 229 6.90 -34.75 33.91
N LEU J 230 6.62 -35.57 34.93
CA LEU J 230 7.25 -36.90 35.08
C LEU J 230 6.70 -37.83 34.00
N VAL J 231 7.55 -38.69 33.47
CA VAL J 231 7.21 -39.66 32.40
C VAL J 231 7.55 -41.06 32.92
N GLY J 232 7.01 -42.09 32.28
CA GLY J 232 7.33 -43.48 32.65
C GLY J 232 6.19 -44.11 33.38
N HIS J 233 6.41 -45.31 33.92
CA HIS J 233 5.36 -46.09 34.64
C HIS J 233 5.36 -45.68 36.11
N ILE J 234 4.24 -45.88 36.79
CA ILE J 234 4.23 -45.83 38.28
C ILE J 234 5.08 -47.01 38.72
N PRO J 235 6.22 -46.80 39.43
CA PRO J 235 7.10 -47.90 39.82
C PRO J 235 6.37 -48.95 40.65
N PRO J 236 6.52 -50.24 40.32
CA PRO J 236 5.95 -51.33 41.11
C PRO J 236 6.52 -51.40 42.53
N SER J 237 7.74 -50.89 42.73
CA SER J 237 8.48 -50.89 44.01
C SER J 237 7.71 -50.06 45.06
N LEU J 238 6.80 -49.20 44.63
CA LEU J 238 6.05 -48.29 45.52
C LEU J 238 5.13 -49.08 46.44
N GLY J 239 4.98 -50.40 46.21
CA GLY J 239 4.30 -51.32 47.14
C GLY J 239 5.07 -51.47 48.45
N GLY J 240 6.32 -50.98 48.47
CA GLY J 240 7.22 -51.04 49.63
C GLY J 240 7.00 -49.86 50.57
N LEU J 241 6.18 -48.88 50.18
CA LEU J 241 5.85 -47.73 51.06
C LEU J 241 4.85 -48.22 52.11
N THR J 242 5.33 -48.94 53.12
CA THR J 242 4.46 -49.67 54.08
C THR J 242 3.53 -48.70 54.81
N ASN J 243 3.99 -47.50 55.15
CA ASN J 243 3.22 -46.59 56.05
C ASN J 243 2.56 -45.47 55.25
N VAL J 244 2.58 -45.52 53.91
CA VAL J 244 2.04 -44.43 53.06
C VAL J 244 0.51 -44.34 53.23
N VAL J 245 -0.01 -43.13 53.33
CA VAL J 245 -1.47 -42.87 53.46
C VAL J 245 -1.96 -42.14 52.20
N GLN J 246 -1.13 -41.25 51.67
CA GLN J 246 -1.50 -40.37 50.54
C GLN J 246 -0.43 -40.45 49.45
N ILE J 247 -0.83 -40.72 48.21
CA ILE J 247 0.07 -40.67 47.03
C ILE J 247 -0.58 -39.73 46.02
N GLU J 248 0.11 -38.65 45.66
CA GLU J 248 -0.39 -37.63 44.69
C GLU J 248 0.56 -37.62 43.51
N LEU J 249 0.11 -38.09 42.35
CA LEU J 249 0.93 -38.20 41.13
C LEU J 249 0.17 -37.55 39.98
N TYR J 250 -0.75 -36.64 40.28
CA TYR J 250 -1.72 -36.10 39.28
C TYR J 250 -1.04 -35.06 38.38
N ASN J 251 -1.56 -34.95 37.17
CA ASN J 251 -1.15 -33.97 36.13
C ASN J 251 0.33 -34.12 35.80
N ASN J 252 0.79 -35.36 35.67
CA ASN J 252 2.13 -35.70 35.13
C ASN J 252 1.92 -36.27 33.73
N SER J 253 2.99 -36.74 33.08
CA SER J 253 2.93 -37.40 31.75
C SER J 253 3.17 -38.91 31.93
N LEU J 254 2.80 -39.44 33.09
CA LEU J 254 3.03 -40.87 33.43
C LEU J 254 2.17 -41.73 32.53
N THR J 255 2.74 -42.84 32.06
CA THR J 255 2.10 -43.84 31.18
C THR J 255 2.18 -45.19 31.87
N GLY J 256 1.55 -46.21 31.31
CA GLY J 256 1.66 -47.59 31.82
C GLY J 256 0.46 -47.95 32.67
N GLU J 257 0.53 -49.05 33.42
CA GLU J 257 -0.62 -49.56 34.18
C GLU J 257 -0.44 -49.20 35.64
N ILE J 258 -1.56 -49.10 36.35
CA ILE J 258 -1.53 -48.91 37.82
C ILE J 258 -1.01 -50.22 38.39
N PRO J 259 0.12 -50.21 39.14
CA PRO J 259 0.72 -51.45 39.63
C PRO J 259 -0.15 -52.14 40.67
N PRO J 260 -0.36 -53.48 40.54
CA PRO J 260 -1.15 -54.25 41.49
C PRO J 260 -0.50 -54.30 42.87
N GLU J 261 0.79 -53.96 42.95
CA GLU J 261 1.59 -53.99 44.20
C GLU J 261 1.12 -52.86 45.12
N LEU J 262 0.42 -51.85 44.61
CA LEU J 262 -0.16 -50.78 45.46
C LEU J 262 -1.19 -51.39 46.42
N GLY J 263 -1.67 -52.59 46.14
CA GLY J 263 -2.57 -53.34 47.04
C GLY J 263 -1.87 -53.70 48.34
N ASN J 264 -0.54 -53.77 48.32
CA ASN J 264 0.27 -54.12 49.52
C ASN J 264 0.32 -52.95 50.49
N LEU J 265 -0.10 -51.75 50.06
CA LEU J 265 -0.06 -50.53 50.90
C LEU J 265 -1.29 -50.50 51.81
N LYS J 266 -1.19 -51.11 52.99
CA LYS J 266 -2.34 -51.29 53.92
C LYS J 266 -2.85 -49.94 54.41
N SER J 267 -1.97 -48.96 54.66
CA SER J 267 -2.31 -47.66 55.29
C SER J 267 -2.77 -46.64 54.25
N LEU J 268 -2.67 -46.96 52.94
CA LEU J 268 -3.07 -46.04 51.84
C LEU J 268 -4.57 -45.76 51.92
N ARG J 269 -4.95 -44.49 51.91
CA ARG J 269 -6.37 -44.04 51.92
C ARG J 269 -6.66 -43.12 50.75
N LEU J 270 -5.66 -42.37 50.27
CA LEU J 270 -5.86 -41.34 49.22
C LEU J 270 -4.88 -41.57 48.07
N LEU J 271 -5.41 -41.81 46.88
CA LEU J 271 -4.61 -41.91 45.64
C LEU J 271 -5.21 -40.96 44.59
N ASP J 272 -4.38 -40.12 43.97
CA ASP J 272 -4.78 -39.28 42.82
C ASP J 272 -3.67 -39.41 41.77
N ALA J 273 -3.92 -40.15 40.69
CA ALA J 273 -3.01 -40.25 39.52
C ALA J 273 -3.77 -39.77 38.29
N SER J 274 -4.65 -38.77 38.47
N SER J 274 -4.63 -38.75 38.48
CA SER J 274 -5.52 -38.20 37.42
CA SER J 274 -5.51 -38.19 37.43
C SER J 274 -4.68 -37.43 36.41
C SER J 274 -4.69 -37.40 36.42
N MET J 275 -5.28 -37.08 35.26
CA MET J 275 -4.63 -36.26 34.19
C MET J 275 -3.25 -36.83 33.90
N ASN J 276 -3.18 -38.14 33.69
CA ASN J 276 -1.96 -38.86 33.24
C ASN J 276 -2.36 -39.65 32.00
N GLN J 277 -1.42 -40.36 31.37
CA GLN J 277 -1.71 -41.19 30.17
C GLN J 277 -1.74 -42.67 30.60
N LEU J 278 -2.14 -42.95 31.84
CA LEU J 278 -2.16 -44.34 32.38
C LEU J 278 -3.14 -45.17 31.57
N THR J 279 -2.79 -46.42 31.29
CA THR J 279 -3.53 -47.36 30.41
C THR J 279 -3.80 -48.64 31.19
N GLY J 280 -4.58 -49.54 30.63
CA GLY J 280 -4.83 -50.86 31.23
C GLY J 280 -6.03 -50.80 32.15
N LYS J 281 -6.15 -51.77 33.07
CA LYS J 281 -7.35 -51.95 33.94
C LYS J 281 -7.00 -51.43 35.34
N ILE J 282 -8.00 -51.01 36.12
CA ILE J 282 -7.81 -50.66 37.56
C ILE J 282 -7.62 -51.98 38.31
N PRO J 283 -6.49 -52.18 39.02
CA PRO J 283 -6.24 -53.44 39.73
C PRO J 283 -7.22 -53.69 40.89
N ASP J 284 -7.66 -54.94 41.03
CA ASP J 284 -8.59 -55.36 42.10
C ASP J 284 -7.91 -55.17 43.45
N GLU J 285 -6.62 -55.44 43.50
CA GLU J 285 -5.83 -55.49 44.75
C GLU J 285 -5.80 -54.10 45.37
N LEU J 286 -5.68 -53.05 44.56
CA LEU J 286 -5.77 -51.64 45.02
C LEU J 286 -7.17 -51.39 45.57
N CYS J 287 -8.18 -51.84 44.83
CA CYS J 287 -9.61 -51.61 45.18
C CYS J 287 -9.95 -52.38 46.46
N ARG J 288 -9.23 -53.46 46.76
CA ARG J 288 -9.38 -54.22 48.03
C ARG J 288 -8.92 -53.37 49.22
N VAL J 289 -7.97 -52.46 49.02
CA VAL J 289 -7.49 -51.54 50.09
C VAL J 289 -8.65 -50.64 50.51
N PRO J 290 -8.85 -50.41 51.83
CA PRO J 290 -9.95 -49.57 52.32
C PRO J 290 -9.73 -48.06 52.06
N LEU J 291 -9.80 -47.65 50.80
CA LEU J 291 -9.46 -46.27 50.33
C LEU J 291 -10.53 -45.27 50.79
N GLU J 292 -10.13 -44.00 50.95
CA GLU J 292 -11.05 -42.86 51.27
C GLU J 292 -11.36 -42.08 49.99
N SER J 293 -10.33 -41.78 49.19
CA SER J 293 -10.43 -41.09 47.89
C SER J 293 -9.66 -41.88 46.83
N LEU J 294 -10.32 -42.30 45.75
CA LEU J 294 -9.64 -42.86 44.56
C LEU J 294 -9.97 -41.99 43.36
N ASN J 295 -8.99 -41.21 42.90
CA ASN J 295 -9.14 -40.32 41.72
C ASN J 295 -8.17 -40.78 40.65
N LEU J 296 -8.69 -41.32 39.56
CA LEU J 296 -7.88 -41.76 38.39
C LEU J 296 -8.49 -41.15 37.14
N TYR J 297 -8.99 -39.92 37.23
CA TYR J 297 -9.76 -39.29 36.12
C TYR J 297 -8.83 -38.85 34.99
N GLU J 298 -9.39 -38.75 33.80
CA GLU J 298 -8.71 -38.22 32.59
C GLU J 298 -7.44 -39.05 32.30
N ASN J 299 -7.58 -40.37 32.29
CA ASN J 299 -6.49 -41.29 31.86
C ASN J 299 -6.99 -42.06 30.64
N ASN J 300 -6.24 -43.05 30.16
CA ASN J 300 -6.68 -43.94 29.06
C ASN J 300 -6.93 -45.35 29.61
N LEU J 301 -7.44 -45.44 30.84
CA LEU J 301 -7.71 -46.73 31.51
C LEU J 301 -8.93 -47.36 30.86
N GLU J 302 -9.03 -48.69 30.94
CA GLU J 302 -10.13 -49.48 30.34
C GLU J 302 -10.52 -50.56 31.32
N GLY J 303 -11.57 -51.31 30.99
CA GLY J 303 -11.96 -52.49 31.78
C GLY J 303 -12.95 -52.13 32.87
N GLU J 304 -13.43 -53.15 33.57
CA GLU J 304 -14.47 -52.96 34.61
C GLU J 304 -13.81 -52.36 35.84
N LEU J 305 -14.56 -51.54 36.58
CA LEU J 305 -14.15 -51.06 37.92
C LEU J 305 -14.33 -52.24 38.87
N PRO J 306 -13.27 -52.72 39.56
CA PRO J 306 -13.40 -53.84 40.47
C PRO J 306 -14.43 -53.55 41.58
N ALA J 307 -15.22 -54.58 41.94
CA ALA J 307 -16.33 -54.50 42.92
C ALA J 307 -15.77 -54.34 44.33
N SER J 308 -14.49 -54.71 44.53
CA SER J 308 -13.79 -54.63 45.83
C SER J 308 -13.87 -53.21 46.41
N ILE J 309 -14.03 -52.20 45.55
CA ILE J 309 -14.03 -50.77 45.99
C ILE J 309 -15.24 -50.51 46.90
N ALA J 310 -16.36 -51.21 46.69
CA ALA J 310 -17.59 -51.03 47.49
C ALA J 310 -17.36 -51.51 48.92
N LEU J 311 -16.41 -52.44 49.10
CA LEU J 311 -16.10 -53.05 50.42
C LEU J 311 -15.53 -51.99 51.36
N SER J 312 -14.74 -51.03 50.84
CA SER J 312 -14.10 -50.00 51.69
C SER J 312 -15.16 -49.29 52.54
N PRO J 313 -14.93 -49.21 53.86
CA PRO J 313 -15.82 -48.49 54.75
C PRO J 313 -15.51 -46.99 54.87
N ASN J 314 -14.48 -46.51 54.19
CA ASN J 314 -13.96 -45.12 54.35
C ASN J 314 -14.15 -44.28 53.08
N LEU J 315 -14.72 -44.85 52.02
CA LEU J 315 -14.71 -44.21 50.67
C LEU J 315 -15.76 -43.10 50.62
N TYR J 316 -15.31 -41.86 50.43
CA TYR J 316 -16.17 -40.67 50.27
C TYR J 316 -15.99 -40.06 48.86
N GLU J 317 -14.92 -40.43 48.14
CA GLU J 317 -14.58 -39.78 46.86
C GLU J 317 -14.13 -40.82 45.85
N ILE J 318 -14.86 -40.95 44.75
CA ILE J 318 -14.43 -41.78 43.59
C ILE J 318 -14.63 -40.93 42.33
N ARG J 319 -13.53 -40.49 41.73
CA ARG J 319 -13.54 -39.68 40.49
C ARG J 319 -12.70 -40.40 39.44
N ILE J 320 -13.35 -41.09 38.52
CA ILE J 320 -12.67 -41.93 37.48
C ILE J 320 -13.17 -41.51 36.10
N PHE J 321 -13.60 -40.25 35.96
CA PHE J 321 -14.19 -39.71 34.70
C PHE J 321 -13.11 -39.58 33.61
N GLY J 322 -13.51 -39.52 32.34
CA GLY J 322 -12.59 -39.31 31.22
C GLY J 322 -11.76 -40.55 30.91
N ASN J 323 -12.32 -41.73 31.14
CA ASN J 323 -11.63 -43.02 30.86
C ASN J 323 -12.53 -43.86 29.95
N ARG J 324 -12.03 -45.00 29.49
CA ARG J 324 -12.76 -45.94 28.61
C ARG J 324 -13.31 -47.10 29.44
N LEU J 325 -13.53 -46.89 30.74
CA LEU J 325 -13.95 -47.98 31.65
C LEU J 325 -15.34 -48.48 31.25
N THR J 326 -15.54 -49.79 31.34
CA THR J 326 -16.71 -50.53 30.82
C THR J 326 -17.37 -51.30 31.97
N GLY J 327 -18.54 -51.88 31.69
CA GLY J 327 -19.24 -52.76 32.63
C GLY J 327 -20.14 -51.97 33.55
N GLY J 328 -20.50 -52.53 34.71
CA GLY J 328 -21.44 -51.91 35.66
C GLY J 328 -20.73 -51.40 36.88
N LEU J 329 -21.33 -50.44 37.56
CA LEU J 329 -20.85 -49.93 38.87
C LEU J 329 -21.13 -51.03 39.91
N PRO J 330 -20.26 -51.18 40.92
CA PRO J 330 -20.44 -52.20 41.95
C PRO J 330 -21.84 -52.13 42.57
N LYS J 331 -22.55 -53.26 42.67
CA LYS J 331 -23.94 -53.35 43.18
C LYS J 331 -24.03 -52.75 44.60
N ASP J 332 -22.99 -52.97 45.40
CA ASP J 332 -22.99 -52.59 46.84
C ASP J 332 -22.35 -51.21 47.04
N LEU J 333 -22.13 -50.43 45.96
CA LEU J 333 -21.41 -49.14 46.06
C LEU J 333 -22.27 -48.14 46.85
N GLY J 334 -21.69 -47.53 47.88
CA GLY J 334 -22.37 -46.53 48.73
C GLY J 334 -23.04 -47.17 49.92
N LEU J 335 -23.19 -48.50 49.91
CA LEU J 335 -23.88 -49.26 50.98
C LEU J 335 -23.01 -49.25 52.23
N ASN J 336 -21.69 -49.46 52.08
CA ASN J 336 -20.75 -49.66 53.21
C ASN J 336 -19.89 -48.43 53.47
N SER J 337 -19.99 -47.38 52.66
CA SER J 337 -19.08 -46.20 52.69
C SER J 337 -19.89 -44.92 52.78
N PRO J 338 -19.36 -43.86 53.43
CA PRO J 338 -20.00 -42.55 53.42
C PRO J 338 -19.75 -41.77 52.12
N LEU J 339 -20.27 -42.27 51.00
CA LEU J 339 -19.99 -41.69 49.66
C LEU J 339 -20.53 -40.26 49.62
N ARG J 340 -19.69 -39.33 49.15
CA ARG J 340 -20.03 -37.89 49.04
C ARG J 340 -19.95 -37.46 47.58
N TRP J 341 -18.89 -37.86 46.87
CA TRP J 341 -18.66 -37.43 45.47
C TRP J 341 -18.43 -38.65 44.58
N LEU J 342 -19.31 -38.87 43.61
CA LEU J 342 -19.14 -39.93 42.58
C LEU J 342 -19.10 -39.27 41.19
N ASP J 343 -17.99 -39.44 40.47
CA ASP J 343 -17.85 -38.94 39.08
C ASP J 343 -17.35 -40.08 38.19
N VAL J 344 -18.25 -40.69 37.44
CA VAL J 344 -17.92 -41.80 36.48
C VAL J 344 -18.21 -41.30 35.07
N SER J 345 -18.26 -39.98 34.90
CA SER J 345 -18.69 -39.32 33.63
C SER J 345 -17.71 -39.61 32.49
N GLU J 346 -18.20 -39.56 31.24
CA GLU J 346 -17.40 -39.74 29.99
C GLU J 346 -16.64 -41.07 30.06
N ASN J 347 -17.34 -42.15 30.44
CA ASN J 347 -16.88 -43.56 30.42
C ASN J 347 -17.90 -44.38 29.62
N GLU J 348 -17.63 -45.67 29.43
CA GLU J 348 -18.54 -46.58 28.69
C GLU J 348 -19.29 -47.49 29.66
N PHE J 349 -19.57 -47.02 30.88
CA PHE J 349 -20.29 -47.81 31.92
C PHE J 349 -21.73 -48.07 31.49
N SER J 350 -22.26 -49.24 31.86
CA SER J 350 -23.59 -49.72 31.44
C SER J 350 -24.34 -50.30 32.63
N GLY J 351 -25.63 -50.60 32.43
CA GLY J 351 -26.46 -51.31 33.41
C GLY J 351 -27.19 -50.37 34.34
N ASP J 352 -27.88 -50.91 35.33
CA ASP J 352 -28.64 -50.11 36.32
C ASP J 352 -27.62 -49.40 37.23
N LEU J 353 -28.01 -48.26 37.75
CA LEU J 353 -27.28 -47.59 38.86
C LEU J 353 -27.35 -48.50 40.09
N PRO J 354 -26.29 -48.53 40.93
CA PRO J 354 -26.39 -49.19 42.23
C PRO J 354 -27.53 -48.59 43.06
N ALA J 355 -28.24 -49.45 43.81
CA ALA J 355 -29.51 -49.12 44.48
C ALA J 355 -29.29 -48.17 45.67
N ASP J 356 -28.20 -48.34 46.42
CA ASP J 356 -28.00 -47.62 47.70
C ASP J 356 -26.67 -46.86 47.66
N LEU J 357 -26.59 -45.85 46.80
CA LEU J 357 -25.41 -44.94 46.72
C LEU J 357 -25.45 -43.97 47.88
N CYS J 358 -26.64 -43.51 48.28
CA CYS J 358 -26.84 -42.51 49.36
C CYS J 358 -27.25 -43.22 50.65
N ALA J 359 -26.80 -44.45 50.86
CA ALA J 359 -27.17 -45.27 52.03
C ALA J 359 -26.75 -44.55 53.31
N LYS J 360 -25.56 -43.96 53.32
CA LYS J 360 -24.97 -43.33 54.54
C LYS J 360 -25.47 -41.87 54.65
N GLY J 361 -26.17 -41.37 53.63
CA GLY J 361 -26.85 -40.06 53.65
C GLY J 361 -25.88 -38.91 53.45
N GLU J 362 -24.76 -39.13 52.75
CA GLU J 362 -23.68 -38.12 52.62
C GLU J 362 -23.45 -37.73 51.15
N LEU J 363 -24.14 -38.35 50.18
CA LEU J 363 -23.89 -38.12 48.74
C LEU J 363 -24.30 -36.69 48.40
N GLU J 364 -23.35 -35.90 47.88
CA GLU J 364 -23.55 -34.49 47.48
C GLU J 364 -23.57 -34.38 45.96
N GLU J 365 -22.63 -35.05 45.29
CA GLU J 365 -22.49 -34.93 43.81
C GLU J 365 -22.57 -36.29 43.16
N LEU J 366 -23.59 -36.48 42.30
CA LEU J 366 -23.77 -37.70 41.50
C LEU J 366 -23.57 -37.33 40.04
N LEU J 367 -22.44 -37.71 39.45
CA LEU J 367 -22.10 -37.27 38.07
C LEU J 367 -21.78 -38.52 37.24
N ILE J 368 -22.69 -38.88 36.34
CA ILE J 368 -22.58 -40.13 35.52
C ILE J 368 -22.73 -39.80 34.04
N ILE J 369 -22.51 -38.54 33.64
CA ILE J 369 -22.86 -38.05 32.27
C ILE J 369 -22.03 -38.80 31.24
N HIS J 370 -22.58 -38.97 30.04
CA HIS J 370 -21.89 -39.55 28.85
C HIS J 370 -21.48 -41.00 29.13
N ASN J 371 -22.41 -41.77 29.71
CA ASN J 371 -22.26 -43.24 29.88
C ASN J 371 -23.49 -43.90 29.26
N SER J 372 -23.63 -45.22 29.37
CA SER J 372 -24.72 -46.00 28.76
C SER J 372 -25.62 -46.61 29.83
N PHE J 373 -25.75 -45.94 30.98
CA PHE J 373 -26.54 -46.43 32.13
C PHE J 373 -28.01 -46.50 31.74
N SER J 374 -28.67 -47.57 32.17
CA SER J 374 -30.06 -47.90 31.77
C SER J 374 -30.93 -48.07 33.01
N GLY J 375 -32.24 -48.12 32.81
CA GLY J 375 -33.17 -48.44 33.89
C GLY J 375 -33.73 -47.19 34.51
N VAL J 376 -34.29 -47.32 35.71
CA VAL J 376 -34.95 -46.17 36.42
C VAL J 376 -33.96 -45.60 37.43
N ILE J 377 -34.24 -44.38 37.89
CA ILE J 377 -33.52 -43.76 39.04
C ILE J 377 -33.91 -44.58 40.26
N PRO J 378 -32.91 -45.11 41.02
CA PRO J 378 -33.19 -45.83 42.26
C PRO J 378 -34.03 -44.96 43.20
N GLU J 379 -35.09 -45.53 43.77
CA GLU J 379 -36.07 -44.78 44.59
C GLU J 379 -35.39 -44.27 45.87
N SER J 380 -34.31 -44.93 46.31
CA SER J 380 -33.54 -44.55 47.51
C SER J 380 -33.10 -43.08 47.39
N LEU J 381 -32.73 -42.68 46.18
CA LEU J 381 -32.16 -41.34 45.90
C LEU J 381 -33.22 -40.26 46.15
N ALA J 382 -34.50 -40.63 46.23
CA ALA J 382 -35.60 -39.69 46.56
C ALA J 382 -35.43 -39.17 47.99
N ASP J 383 -34.75 -39.92 48.85
CA ASP J 383 -34.53 -39.51 50.26
C ASP J 383 -33.08 -39.02 50.45
N CYS J 384 -32.31 -38.87 49.38
CA CYS J 384 -30.92 -38.34 49.45
C CYS J 384 -30.94 -36.81 49.44
N ARG J 385 -31.25 -36.21 50.58
CA ARG J 385 -31.40 -34.74 50.74
C ARG J 385 -30.01 -34.09 50.73
N SER J 386 -28.97 -34.90 50.95
CA SER J 386 -27.54 -34.51 50.92
C SER J 386 -27.13 -33.99 49.53
N LEU J 387 -27.80 -34.44 48.48
CA LEU J 387 -27.40 -34.17 47.07
C LEU J 387 -27.49 -32.67 46.77
N THR J 388 -26.47 -32.14 46.11
CA THR J 388 -26.39 -30.71 45.67
C THR J 388 -26.27 -30.63 44.16
N ARG J 389 -25.64 -31.63 43.53
CA ARG J 389 -25.43 -31.66 42.06
C ARG J 389 -25.79 -33.04 41.49
N ILE J 390 -26.74 -33.07 40.57
CA ILE J 390 -27.17 -34.32 39.88
C ILE J 390 -26.97 -34.12 38.40
N ARG J 391 -26.06 -34.87 37.80
CA ARG J 391 -25.80 -34.85 36.34
C ARG J 391 -25.88 -36.28 35.82
N LEU J 392 -27.08 -36.70 35.41
CA LEU J 392 -27.40 -38.08 34.93
C LEU J 392 -27.57 -38.03 33.41
N ALA J 393 -27.19 -36.92 32.77
CA ALA J 393 -27.48 -36.63 31.36
C ALA J 393 -26.66 -37.54 30.44
N TYR J 394 -27.10 -37.65 29.18
CA TYR J 394 -26.44 -38.39 28.09
C TYR J 394 -26.23 -39.85 28.51
N ASN J 395 -27.29 -40.46 29.03
CA ASN J 395 -27.36 -41.91 29.39
C ASN J 395 -28.63 -42.50 28.74
N ARG J 396 -28.91 -43.78 28.98
CA ARG J 396 -30.03 -44.53 28.35
C ARG J 396 -31.12 -44.79 29.38
N PHE J 397 -31.26 -43.92 30.38
CA PHE J 397 -32.23 -44.08 31.49
C PHE J 397 -33.65 -43.94 30.96
N SER J 398 -34.59 -44.60 31.63
CA SER J 398 -36.02 -44.65 31.24
C SER J 398 -36.87 -44.53 32.50
N GLY J 399 -38.19 -44.42 32.33
CA GLY J 399 -39.15 -44.52 33.43
C GLY J 399 -39.40 -43.18 34.09
N SER J 400 -40.43 -43.09 34.92
CA SER J 400 -40.78 -41.86 35.65
C SER J 400 -39.63 -41.51 36.60
N VAL J 401 -39.45 -40.22 36.88
CA VAL J 401 -38.52 -39.75 37.93
C VAL J 401 -39.20 -39.98 39.27
N PRO J 402 -38.51 -40.58 40.26
CA PRO J 402 -39.06 -40.72 41.59
C PRO J 402 -39.59 -39.39 42.11
N THR J 403 -40.73 -39.40 42.80
CA THR J 403 -41.49 -38.18 43.20
C THR J 403 -40.62 -37.28 44.08
N GLY J 404 -39.94 -37.84 45.09
CA GLY J 404 -39.10 -37.07 46.04
C GLY J 404 -37.88 -36.46 45.37
N PHE J 405 -37.32 -37.13 44.35
CA PHE J 405 -36.08 -36.73 43.64
C PHE J 405 -36.25 -35.30 43.09
N TRP J 406 -37.45 -34.96 42.64
CA TRP J 406 -37.82 -33.61 42.14
C TRP J 406 -37.63 -32.58 43.25
N GLY J 407 -37.97 -32.93 44.49
CA GLY J 407 -38.09 -31.97 45.60
C GLY J 407 -36.91 -31.98 46.56
N LEU J 408 -35.78 -32.61 46.20
CA LEU J 408 -34.58 -32.64 47.07
C LEU J 408 -34.16 -31.20 47.37
N PRO J 409 -34.00 -30.84 48.67
CA PRO J 409 -33.86 -29.44 49.07
C PRO J 409 -32.57 -28.71 48.66
N HIS J 410 -31.43 -29.40 48.66
CA HIS J 410 -30.09 -28.76 48.50
C HIS J 410 -29.59 -28.85 47.06
N VAL J 411 -30.38 -29.46 46.16
CA VAL J 411 -29.97 -29.62 44.74
C VAL J 411 -29.99 -28.23 44.09
N ASN J 412 -28.88 -27.89 43.42
CA ASN J 412 -28.69 -26.62 42.67
C ASN J 412 -28.83 -26.89 41.18
N LEU J 413 -28.28 -28.02 40.73
CA LEU J 413 -28.36 -28.45 39.31
C LEU J 413 -29.02 -29.82 39.24
N LEU J 414 -30.08 -29.95 38.44
CA LEU J 414 -30.70 -31.25 38.08
C LEU J 414 -30.61 -31.40 36.57
N GLU J 415 -29.70 -32.24 36.07
CA GLU J 415 -29.56 -32.50 34.61
C GLU J 415 -29.95 -33.95 34.31
N LEU J 416 -31.04 -34.12 33.55
CA LEU J 416 -31.57 -35.45 33.13
C LEU J 416 -31.61 -35.49 31.60
N VAL J 417 -30.86 -34.59 30.97
CA VAL J 417 -30.91 -34.31 29.50
C VAL J 417 -30.47 -35.55 28.72
N ASN J 418 -31.03 -35.72 27.52
CA ASN J 418 -30.68 -36.79 26.55
C ASN J 418 -30.84 -38.17 27.21
N ASN J 419 -31.97 -38.39 27.88
CA ASN J 419 -32.38 -39.73 28.36
C ASN J 419 -33.79 -39.99 27.80
N SER J 420 -34.40 -41.11 28.17
CA SER J 420 -35.77 -41.50 27.75
C SER J 420 -36.72 -41.43 28.95
N PHE J 421 -36.43 -40.56 29.91
CA PHE J 421 -37.27 -40.39 31.13
C PHE J 421 -38.68 -40.02 30.69
N SER J 422 -39.68 -40.58 31.38
CA SER J 422 -41.11 -40.39 31.07
C SER J 422 -41.81 -39.81 32.31
N GLY J 423 -43.09 -39.52 32.18
CA GLY J 423 -43.91 -39.08 33.32
C GLY J 423 -43.96 -37.57 33.38
N GLU J 424 -44.27 -37.04 34.55
CA GLU J 424 -44.51 -35.58 34.74
C GLU J 424 -43.52 -35.04 35.77
N ILE J 425 -43.31 -33.74 35.81
CA ILE J 425 -42.66 -33.06 36.95
C ILE J 425 -43.67 -33.06 38.09
N SER J 426 -43.30 -33.61 39.25
CA SER J 426 -44.21 -33.74 40.41
C SER J 426 -44.40 -32.37 41.05
N LYS J 427 -45.45 -32.21 41.86
CA LYS J 427 -45.72 -30.96 42.64
C LYS J 427 -44.63 -30.82 43.71
N SER J 428 -43.90 -31.91 43.98
CA SER J 428 -42.80 -31.98 44.97
C SER J 428 -41.67 -31.03 44.56
N ILE J 429 -41.60 -30.61 43.30
CA ILE J 429 -40.54 -29.69 42.79
C ILE J 429 -40.51 -28.43 43.66
N GLY J 430 -41.65 -28.05 44.24
CA GLY J 430 -41.79 -26.84 45.06
C GLY J 430 -40.81 -26.84 46.23
N GLY J 431 -40.44 -28.02 46.72
CA GLY J 431 -39.54 -28.20 47.86
C GLY J 431 -38.07 -28.05 47.49
N ALA J 432 -37.75 -28.03 46.20
CA ALA J 432 -36.37 -27.85 45.68
C ALA J 432 -35.98 -26.38 45.84
N SER J 433 -35.76 -25.96 47.08
CA SER J 433 -35.49 -24.55 47.44
C SER J 433 -34.23 -24.04 46.73
N ASN J 434 -33.20 -24.88 46.61
CA ASN J 434 -31.87 -24.44 46.14
C ASN J 434 -31.70 -24.68 44.64
N LEU J 435 -32.72 -25.21 43.97
CA LEU J 435 -32.63 -25.46 42.51
C LEU J 435 -32.43 -24.12 41.81
N SER J 436 -31.34 -24.00 41.04
CA SER J 436 -31.06 -22.83 40.20
C SER J 436 -31.19 -23.23 38.73
N LEU J 437 -30.64 -24.39 38.37
CA LEU J 437 -30.60 -24.84 36.96
C LEU J 437 -31.36 -26.15 36.81
N LEU J 438 -32.42 -26.15 35.99
CA LEU J 438 -33.21 -27.36 35.67
C LEU J 438 -33.09 -27.63 34.17
N ILE J 439 -32.40 -28.70 33.79
CA ILE J 439 -32.22 -29.09 32.36
C ILE J 439 -32.79 -30.50 32.16
N LEU J 440 -33.93 -30.60 31.48
CA LEU J 440 -34.69 -31.87 31.27
C LEU J 440 -34.88 -32.08 29.77
N SER J 441 -34.02 -31.47 28.96
CA SER J 441 -34.18 -31.42 27.49
C SER J 441 -33.94 -32.80 26.88
N ASN J 442 -34.59 -33.07 25.74
CA ASN J 442 -34.47 -34.29 24.93
C ASN J 442 -34.81 -35.53 25.78
N ASN J 443 -36.00 -35.54 26.38
CA ASN J 443 -36.56 -36.70 27.09
C ASN J 443 -37.97 -36.94 26.56
N GLU J 444 -38.71 -37.86 27.17
CA GLU J 444 -40.09 -38.24 26.78
C GLU J 444 -41.06 -37.74 27.86
N PHE J 445 -40.70 -36.69 28.61
CA PHE J 445 -41.53 -36.12 29.69
C PHE J 445 -42.85 -35.63 29.11
N THR J 446 -43.92 -35.78 29.89
CA THR J 446 -45.30 -35.43 29.46
C THR J 446 -45.96 -34.61 30.56
N GLY J 447 -47.12 -34.05 30.25
CA GLY J 447 -47.99 -33.38 31.24
C GLY J 447 -47.77 -31.88 31.23
N SER J 448 -48.55 -31.16 32.02
CA SER J 448 -48.40 -29.69 32.20
C SER J 448 -47.23 -29.45 33.15
N LEU J 449 -46.58 -28.29 33.03
CA LEU J 449 -45.60 -27.83 34.03
C LEU J 449 -46.37 -27.53 35.31
N PRO J 450 -45.93 -28.05 36.46
CA PRO J 450 -46.63 -27.85 37.72
C PRO J 450 -46.60 -26.37 38.14
N GLU J 451 -47.68 -25.91 38.80
CA GLU J 451 -47.78 -24.52 39.32
C GLU J 451 -46.64 -24.28 40.31
N GLU J 452 -46.22 -25.32 41.02
CA GLU J 452 -45.22 -25.25 42.11
C GLU J 452 -43.82 -24.95 41.55
N ILE J 453 -43.62 -25.03 40.22
CA ILE J 453 -42.33 -24.63 39.58
C ILE J 453 -42.09 -23.14 39.82
N GLY J 454 -43.18 -22.35 39.95
CA GLY J 454 -43.12 -20.91 40.25
C GLY J 454 -42.67 -20.63 41.66
N SER J 455 -42.80 -21.59 42.58
CA SER J 455 -42.36 -21.44 44.00
C SER J 455 -40.83 -21.37 44.05
N LEU J 456 -40.15 -21.93 43.05
CA LEU J 456 -38.66 -21.91 42.93
C LEU J 456 -38.23 -20.52 42.44
N ASP J 457 -38.25 -19.52 43.31
CA ASP J 457 -37.94 -18.11 42.93
C ASP J 457 -36.50 -18.04 42.41
N ASN J 458 -35.59 -18.79 43.03
CA ASN J 458 -34.14 -18.74 42.74
C ASN J 458 -33.80 -19.61 41.52
N LEU J 459 -34.80 -20.10 40.80
CA LEU J 459 -34.58 -20.81 39.52
C LEU J 459 -34.05 -19.79 38.50
N ASN J 460 -32.94 -20.14 37.86
CA ASN J 460 -32.21 -19.25 36.93
C ASN J 460 -32.32 -19.80 35.51
N GLN J 461 -32.45 -21.12 35.37
CA GLN J 461 -32.60 -21.75 34.05
C GLN J 461 -33.67 -22.83 34.08
N LEU J 462 -34.60 -22.77 33.11
CA LEU J 462 -35.53 -23.87 32.81
C LEU J 462 -35.36 -24.26 31.35
N SER J 463 -34.75 -25.41 31.09
CA SER J 463 -34.55 -25.92 29.72
C SER J 463 -35.19 -27.30 29.59
N ALA J 464 -36.30 -27.41 28.86
CA ALA J 464 -37.09 -28.65 28.72
C ALA J 464 -37.40 -28.90 27.24
N SER J 465 -36.45 -28.60 26.37
CA SER J 465 -36.61 -28.76 24.90
C SER J 465 -36.77 -30.24 24.56
N GLY J 466 -37.40 -30.54 23.43
CA GLY J 466 -37.50 -31.92 22.91
C GLY J 466 -38.20 -32.86 23.88
N ASN J 467 -39.35 -32.44 24.41
CA ASN J 467 -40.18 -33.25 25.32
C ASN J 467 -41.62 -33.23 24.79
N LYS J 468 -42.52 -33.97 25.44
CA LYS J 468 -43.95 -34.06 25.07
C LYS J 468 -44.77 -33.21 26.06
N PHE J 469 -44.16 -32.21 26.70
CA PHE J 469 -44.87 -31.35 27.69
C PHE J 469 -46.03 -30.65 26.99
N SER J 470 -47.11 -30.39 27.72
CA SER J 470 -48.35 -29.83 27.12
C SER J 470 -49.02 -28.83 28.05
N GLY J 471 -50.09 -28.22 27.54
CA GLY J 471 -50.97 -27.36 28.34
C GLY J 471 -50.50 -25.93 28.30
N SER J 472 -51.23 -25.06 28.99
CA SER J 472 -50.87 -23.63 29.15
C SER J 472 -49.70 -23.56 30.10
N LEU J 473 -48.89 -22.52 29.97
CA LEU J 473 -47.83 -22.24 30.96
C LEU J 473 -48.50 -21.89 32.28
N PRO J 474 -48.01 -22.42 33.42
CA PRO J 474 -48.51 -22.01 34.72
C PRO J 474 -48.31 -20.51 34.90
N ASP J 475 -49.26 -19.84 35.56
CA ASP J 475 -49.18 -18.38 35.83
C ASP J 475 -48.02 -18.12 36.76
N SER J 476 -47.72 -19.06 37.65
CA SER J 476 -46.63 -18.94 38.64
C SER J 476 -45.29 -18.79 37.92
N LEU J 477 -45.13 -19.37 36.73
CA LEU J 477 -43.86 -19.37 35.96
C LEU J 477 -43.38 -17.93 35.76
N MET J 478 -44.32 -16.98 35.64
CA MET J 478 -44.02 -15.53 35.39
C MET J 478 -43.61 -14.83 36.69
N SER J 479 -43.71 -15.51 37.84
CA SER J 479 -43.28 -14.98 39.16
C SER J 479 -41.77 -15.18 39.33
N LEU J 480 -41.13 -15.92 38.42
CA LEU J 480 -39.69 -16.26 38.49
C LEU J 480 -38.88 -15.11 37.88
N GLY J 481 -38.41 -14.17 38.71
CA GLY J 481 -37.74 -12.94 38.23
C GLY J 481 -36.23 -13.06 38.26
N GLU J 482 -35.73 -14.25 38.63
CA GLU J 482 -34.29 -14.57 38.61
C GLU J 482 -34.02 -15.45 37.40
N LEU J 483 -35.04 -15.68 36.58
CA LEU J 483 -34.96 -16.62 35.45
C LEU J 483 -34.26 -15.91 34.29
N GLY J 484 -33.17 -16.51 33.80
CA GLY J 484 -32.33 -15.96 32.73
C GLY J 484 -32.47 -16.72 31.44
N THR J 485 -32.84 -18.00 31.51
CA THR J 485 -33.10 -18.83 30.29
C THR J 485 -34.41 -19.61 30.48
N LEU J 486 -35.36 -19.43 29.55
CA LEU J 486 -36.56 -20.28 29.41
C LEU J 486 -36.55 -20.89 28.01
N ASP J 487 -36.19 -22.15 27.88
CA ASP J 487 -36.19 -22.87 26.59
C ASP J 487 -37.17 -24.03 26.68
N LEU J 488 -38.36 -23.87 26.09
CA LEU J 488 -39.43 -24.89 26.07
C LEU J 488 -39.68 -25.32 24.64
N HIS J 489 -38.68 -25.17 23.76
CA HIS J 489 -38.84 -25.43 22.31
C HIS J 489 -39.02 -26.93 22.09
N GLY J 490 -39.75 -27.31 21.05
CA GLY J 490 -39.93 -28.72 20.66
C GLY J 490 -40.85 -29.45 21.62
N ASN J 491 -41.89 -28.78 22.11
CA ASN J 491 -42.90 -29.39 23.02
C ASN J 491 -44.27 -29.26 22.36
N GLN J 492 -45.34 -29.48 23.14
CA GLN J 492 -46.75 -29.37 22.71
C GLN J 492 -47.45 -28.36 23.59
N PHE J 493 -46.71 -27.37 24.10
CA PHE J 493 -47.27 -26.31 24.96
C PHE J 493 -48.28 -25.52 24.14
N SER J 494 -49.40 -25.20 24.77
CA SER J 494 -50.52 -24.48 24.15
C SER J 494 -50.87 -23.27 25.00
N GLY J 495 -51.79 -22.46 24.52
CA GLY J 495 -52.34 -21.33 25.30
C GLY J 495 -51.69 -20.03 24.89
N GLU J 496 -51.92 -18.97 25.66
CA GLU J 496 -51.46 -17.60 25.31
C GLU J 496 -50.39 -17.15 26.30
N LEU J 497 -49.52 -16.23 25.87
CA LEU J 497 -48.60 -15.52 26.78
C LEU J 497 -49.37 -14.37 27.42
N THR J 498 -49.04 -14.01 28.66
CA THR J 498 -49.79 -12.99 29.43
C THR J 498 -48.90 -11.77 29.66
N SER J 499 -49.48 -10.71 30.24
CA SER J 499 -48.77 -9.44 30.56
C SER J 499 -47.76 -9.68 31.68
N GLY J 500 -47.90 -10.80 32.41
CA GLY J 500 -47.02 -11.17 33.53
C GLY J 500 -45.59 -11.43 33.09
N ILE J 501 -45.36 -11.60 31.79
CA ILE J 501 -44.00 -11.81 31.22
C ILE J 501 -43.15 -10.59 31.57
N LYS J 502 -43.79 -9.47 31.93
CA LYS J 502 -43.13 -8.22 32.38
C LYS J 502 -42.21 -8.52 33.57
N SER J 503 -42.57 -9.50 34.41
CA SER J 503 -41.84 -9.86 35.65
C SER J 503 -40.54 -10.61 35.30
N TRP J 504 -40.37 -11.08 34.06
CA TRP J 504 -39.12 -11.74 33.64
C TRP J 504 -38.06 -10.67 33.31
N LYS J 505 -37.73 -9.83 34.28
CA LYS J 505 -36.81 -8.68 34.13
C LYS J 505 -35.36 -9.13 33.94
N LYS J 506 -35.00 -10.36 34.32
CA LYS J 506 -33.61 -10.88 34.23
C LYS J 506 -33.50 -11.95 33.14
N LEU J 507 -34.51 -12.07 32.27
CA LEU J 507 -34.54 -13.11 31.21
C LEU J 507 -33.71 -12.66 30.01
N ASN J 508 -32.69 -13.44 29.63
CA ASN J 508 -31.82 -13.17 28.47
C ASN J 508 -32.36 -13.91 27.25
N GLU J 509 -32.87 -15.12 27.45
CA GLU J 509 -33.34 -15.99 26.34
C GLU J 509 -34.75 -16.50 26.61
N LEU J 510 -35.64 -16.35 25.62
CA LEU J 510 -36.99 -16.97 25.62
C LEU J 510 -37.13 -17.76 24.33
N ASN J 511 -37.15 -19.09 24.41
CA ASN J 511 -37.36 -19.96 23.23
C ASN J 511 -38.63 -20.77 23.48
N LEU J 512 -39.71 -20.43 22.77
CA LEU J 512 -41.01 -21.14 22.89
C LEU J 512 -41.35 -21.73 21.52
N ALA J 513 -40.33 -22.06 20.74
CA ALA J 513 -40.51 -22.47 19.32
C ALA J 513 -41.07 -23.89 19.24
N ASP J 514 -41.64 -24.25 18.10
CA ASP J 514 -42.15 -25.60 17.81
C ASP J 514 -43.07 -26.01 18.95
N ASN J 515 -44.04 -25.16 19.25
CA ASN J 515 -45.11 -25.43 20.25
C ASN J 515 -46.45 -25.16 19.57
N GLU J 516 -47.54 -25.19 20.33
CA GLU J 516 -48.89 -24.89 19.81
C GLU J 516 -49.41 -23.64 20.52
N PHE J 517 -48.52 -22.68 20.80
CA PHE J 517 -48.89 -21.41 21.47
C PHE J 517 -49.78 -20.59 20.52
N THR J 518 -50.83 -20.01 21.07
CA THR J 518 -51.79 -19.16 20.33
C THR J 518 -51.83 -17.80 21.01
N GLY J 519 -52.37 -16.80 20.32
CA GLY J 519 -52.66 -15.49 20.95
C GLY J 519 -51.69 -14.45 20.45
N LYS J 520 -51.72 -13.27 21.05
CA LYS J 520 -50.92 -12.10 20.59
C LYS J 520 -49.65 -12.06 21.44
N ILE J 521 -48.54 -11.64 20.83
CA ILE J 521 -47.27 -11.37 21.55
C ILE J 521 -47.56 -10.21 22.49
N PRO J 522 -47.41 -10.39 23.82
CA PRO J 522 -47.77 -9.35 24.77
C PRO J 522 -46.94 -8.10 24.45
N ASP J 523 -47.52 -6.91 24.63
CA ASP J 523 -46.81 -5.63 24.39
C ASP J 523 -45.72 -5.46 25.45
N GLU J 524 -45.76 -6.28 26.50
CA GLU J 524 -44.83 -6.22 27.65
C GLU J 524 -43.52 -6.93 27.31
N ILE J 525 -43.39 -7.50 26.10
CA ILE J 525 -42.14 -8.18 25.64
C ILE J 525 -40.97 -7.17 25.70
N GLY J 526 -41.21 -5.90 25.35
CA GLY J 526 -40.21 -4.83 25.32
C GLY J 526 -39.75 -4.43 26.73
N SER J 527 -40.54 -4.73 27.75
CA SER J 527 -40.22 -4.43 29.17
C SER J 527 -39.08 -5.33 29.68
N LEU J 528 -38.73 -6.41 28.96
CA LEU J 528 -37.65 -7.34 29.36
C LEU J 528 -36.30 -6.71 29.01
N SER J 529 -35.67 -6.08 30.01
CA SER J 529 -34.44 -5.26 29.87
C SER J 529 -33.29 -6.06 29.25
N VAL J 530 -33.11 -7.32 29.67
CA VAL J 530 -31.89 -8.10 29.30
C VAL J 530 -32.21 -9.12 28.22
N LEU J 531 -33.40 -9.11 27.61
CA LEU J 531 -33.75 -10.05 26.52
C LEU J 531 -32.92 -9.71 25.28
N ASN J 532 -32.06 -10.64 24.86
CA ASN J 532 -31.21 -10.48 23.66
C ASN J 532 -31.54 -11.58 22.64
N TYR J 533 -32.27 -12.61 23.06
CA TYR J 533 -32.59 -13.77 22.19
C TYR J 533 -34.06 -14.15 22.34
N LEU J 534 -34.83 -14.07 21.25
CA LEU J 534 -36.28 -14.42 21.21
C LEU J 534 -36.56 -15.34 20.03
N ASP J 535 -37.10 -16.53 20.30
CA ASP J 535 -37.59 -17.46 19.26
C ASP J 535 -39.02 -17.87 19.64
N LEU J 536 -40.00 -17.37 18.89
CA LEU J 536 -41.42 -17.75 19.04
C LEU J 536 -41.87 -18.38 17.72
N SER J 537 -40.89 -18.87 16.94
CA SER J 537 -41.13 -19.49 15.62
C SER J 537 -41.89 -20.80 15.81
N GLY J 538 -42.59 -21.27 14.77
CA GLY J 538 -43.28 -22.58 14.80
C GLY J 538 -44.35 -22.60 15.87
N ASN J 539 -45.23 -21.61 15.85
CA ASN J 539 -46.38 -21.50 16.77
C ASN J 539 -47.56 -20.92 15.97
N MET J 540 -48.63 -20.53 16.66
CA MET J 540 -49.84 -19.97 16.01
C MET J 540 -50.10 -18.58 16.60
N PHE J 541 -49.03 -17.86 16.91
CA PHE J 541 -49.09 -16.47 17.44
C PHE J 541 -49.72 -15.58 16.38
N SER J 542 -50.69 -14.75 16.78
CA SER J 542 -51.52 -13.95 15.85
C SER J 542 -51.49 -12.48 16.26
N GLY J 543 -51.83 -11.60 15.33
CA GLY J 543 -51.98 -10.17 15.61
C GLY J 543 -50.81 -9.38 15.06
N LYS J 544 -50.72 -8.10 15.41
CA LYS J 544 -49.62 -7.22 14.96
C LYS J 544 -48.43 -7.42 15.90
N ILE J 545 -47.21 -7.39 15.35
CA ILE J 545 -45.95 -7.48 16.13
C ILE J 545 -45.86 -6.22 17.00
N PRO J 546 -45.69 -6.35 18.33
CA PRO J 546 -45.68 -5.18 19.21
C PRO J 546 -44.57 -4.18 18.83
N VAL J 547 -44.87 -2.89 18.95
CA VAL J 547 -43.88 -1.78 18.71
C VAL J 547 -42.82 -1.80 19.81
N SER J 548 -43.13 -2.41 20.96
CA SER J 548 -42.22 -2.59 22.12
C SER J 548 -40.94 -3.32 21.70
N LEU J 549 -41.05 -4.24 20.74
CA LEU J 549 -39.92 -5.08 20.28
C LEU J 549 -38.78 -4.20 19.78
N GLN J 550 -39.10 -3.01 19.27
CA GLN J 550 -38.11 -2.03 18.74
C GLN J 550 -37.20 -1.56 19.88
N SER J 551 -37.75 -1.42 21.09
CA SER J 551 -37.04 -0.96 22.31
C SER J 551 -36.03 -2.00 22.80
N LEU J 552 -36.11 -3.24 22.35
CA LEU J 552 -35.16 -4.32 22.74
C LEU J 552 -34.02 -4.31 21.72
N LYS J 553 -32.78 -4.52 22.19
CA LYS J 553 -31.61 -4.79 21.31
C LYS J 553 -31.44 -6.31 21.22
N LEU J 554 -31.97 -6.94 20.18
CA LEU J 554 -32.04 -8.42 20.06
C LEU J 554 -31.02 -8.91 19.05
N ASN J 555 -30.11 -9.77 19.48
CA ASN J 555 -29.05 -10.38 18.64
C ASN J 555 -29.66 -11.55 17.84
N GLN J 556 -30.73 -12.16 18.35
CA GLN J 556 -31.50 -13.22 17.64
C GLN J 556 -32.99 -12.96 17.77
N LEU J 557 -33.71 -12.91 16.64
CA LEU J 557 -35.19 -12.81 16.62
C LEU J 557 -35.76 -13.76 15.55
N ASN J 558 -36.70 -14.63 15.93
CA ASN J 558 -37.48 -15.46 14.98
C ASN J 558 -38.95 -15.47 15.41
N LEU J 559 -39.80 -14.83 14.61
CA LEU J 559 -41.27 -14.86 14.76
C LEU J 559 -41.86 -15.57 13.55
N SER J 560 -41.02 -16.37 12.87
CA SER J 560 -41.38 -17.05 11.61
C SER J 560 -42.37 -18.18 11.87
N TYR J 561 -43.10 -18.57 10.82
CA TYR J 561 -44.06 -19.70 10.85
C TYR J 561 -45.02 -19.50 12.02
N ASN J 562 -45.71 -18.36 11.99
CA ASN J 562 -46.81 -18.00 12.93
C ASN J 562 -47.98 -17.43 12.13
N ARG J 563 -48.99 -16.90 12.80
CA ARG J 563 -50.19 -16.30 12.17
C ARG J 563 -50.14 -14.78 12.31
N LEU J 564 -48.95 -14.20 12.47
CA LEU J 564 -48.79 -12.74 12.71
C LEU J 564 -49.26 -11.99 11.47
N SER J 565 -49.88 -10.82 11.66
CA SER J 565 -50.52 -10.02 10.58
C SER J 565 -50.10 -8.56 10.69
N GLY J 566 -50.24 -7.80 9.60
CA GLY J 566 -50.01 -6.35 9.57
C GLY J 566 -48.71 -5.97 8.87
N ASP J 567 -48.15 -4.80 9.21
CA ASP J 567 -46.88 -4.26 8.68
C ASP J 567 -45.81 -4.34 9.78
N LEU J 568 -44.56 -4.63 9.43
CA LEU J 568 -43.44 -4.74 10.41
C LEU J 568 -43.17 -3.35 10.98
N PRO J 569 -42.99 -3.20 12.32
CA PRO J 569 -42.40 -1.98 12.88
C PRO J 569 -41.14 -1.63 12.10
N PRO J 570 -40.96 -0.35 11.70
CA PRO J 570 -39.96 0.02 10.70
C PRO J 570 -38.53 -0.42 11.10
N SER J 571 -38.21 -0.41 12.39
CA SER J 571 -36.89 -0.86 12.93
C SER J 571 -36.56 -2.28 12.44
N LEU J 572 -37.60 -3.13 12.27
CA LEU J 572 -37.48 -4.58 11.98
C LEU J 572 -37.54 -4.83 10.47
N ALA J 573 -37.54 -3.78 9.66
CA ALA J 573 -37.76 -3.89 8.20
C ALA J 573 -36.44 -4.16 7.48
N LYS J 574 -35.34 -4.32 8.22
CA LYS J 574 -33.97 -4.40 7.65
C LYS J 574 -33.71 -5.82 7.12
N ASP J 575 -32.62 -5.98 6.35
CA ASP J 575 -32.22 -7.25 5.70
C ASP J 575 -31.75 -8.26 6.75
N MET J 576 -31.26 -7.79 7.90
CA MET J 576 -30.82 -8.67 9.01
C MET J 576 -32.03 -9.47 9.53
N TYR J 577 -33.23 -8.90 9.48
CA TYR J 577 -34.49 -9.53 9.96
C TYR J 577 -35.22 -10.21 8.79
N LYS J 578 -34.50 -10.50 7.70
CA LYS J 578 -35.03 -11.13 6.47
C LYS J 578 -35.71 -12.47 6.79
N ASN J 579 -35.05 -13.33 7.57
CA ASN J 579 -35.54 -14.69 7.85
C ASN J 579 -36.33 -14.73 9.16
N SER J 580 -36.50 -13.59 9.84
CA SER J 580 -37.18 -13.52 11.16
C SER J 580 -38.71 -13.60 11.00
N PHE J 581 -39.28 -13.21 9.87
CA PHE J 581 -40.77 -13.07 9.73
C PHE J 581 -41.34 -13.93 8.59
N ILE J 582 -40.57 -14.89 8.07
CA ILE J 582 -41.05 -15.78 6.96
C ILE J 582 -42.17 -16.66 7.51
N GLY J 583 -43.10 -17.07 6.66
CA GLY J 583 -44.18 -18.01 7.02
C GLY J 583 -45.30 -17.34 7.80
N ASN J 584 -45.28 -16.01 7.90
CA ASN J 584 -46.43 -15.22 8.42
C ASN J 584 -47.11 -14.56 7.22
N PRO J 585 -48.23 -15.13 6.72
CA PRO J 585 -48.87 -14.63 5.49
C PRO J 585 -49.40 -13.21 5.59
N GLY J 586 -50.07 -12.85 6.70
CA GLY J 586 -50.64 -11.51 6.93
C GLY J 586 -49.58 -10.44 6.91
N LEU J 587 -48.29 -10.82 6.99
CA LEU J 587 -47.19 -9.89 7.33
C LEU J 587 -46.56 -9.37 6.04
N CYS J 588 -46.52 -8.05 5.90
CA CYS J 588 -45.97 -7.30 4.74
C CYS J 588 -44.98 -6.23 5.25
N GLY J 589 -43.77 -6.23 4.72
CA GLY J 589 -42.73 -5.23 5.03
C GLY J 589 -41.82 -4.99 3.84
N ASP J 590 -40.93 -4.00 3.94
CA ASP J 590 -39.94 -3.62 2.89
C ASP J 590 -38.76 -4.60 2.95
N ILE J 591 -39.03 -5.91 2.83
CA ILE J 591 -38.03 -7.00 2.72
C ILE J 591 -38.36 -7.82 1.47
N LYS J 592 -37.34 -8.17 0.67
CA LYS J 592 -37.48 -9.02 -0.56
C LYS J 592 -37.93 -10.42 -0.13
N GLY J 593 -39.18 -10.79 -0.46
CA GLY J 593 -39.81 -12.06 -0.04
C GLY J 593 -41.00 -11.82 0.87
N LEU J 594 -40.95 -10.77 1.71
CA LEU J 594 -42.06 -10.36 2.63
C LEU J 594 -43.06 -9.47 1.86
N ASN K 8 -10.94 -26.14 32.15
CA ASN K 8 -10.23 -26.07 30.84
C ASN K 8 -9.76 -24.64 30.60
N LEU K 9 -9.15 -24.37 29.44
CA LEU K 9 -8.59 -23.05 29.10
C LEU K 9 -9.69 -22.00 29.17
N GLU K 10 -10.86 -22.29 28.61
CA GLU K 10 -11.99 -21.32 28.52
C GLU K 10 -12.44 -20.97 29.94
N GLY K 11 -12.61 -21.97 30.80
CA GLY K 11 -13.02 -21.76 32.21
C GLY K 11 -12.01 -20.92 32.95
N ASP K 12 -10.72 -21.19 32.76
CA ASP K 12 -9.61 -20.44 33.40
C ASP K 12 -9.70 -18.97 32.97
N ALA K 13 -9.84 -18.72 31.67
CA ALA K 13 -9.96 -17.36 31.10
C ALA K 13 -11.14 -16.62 31.76
N LEU K 14 -12.31 -17.26 31.86
CA LEU K 14 -13.51 -16.61 32.42
C LEU K 14 -13.29 -16.39 33.92
N HIS K 15 -12.58 -17.31 34.59
CA HIS K 15 -12.31 -17.17 36.04
C HIS K 15 -11.42 -15.95 36.24
N THR K 16 -10.39 -15.80 35.41
CA THR K 16 -9.49 -14.62 35.42
C THR K 16 -10.35 -13.36 35.35
N LEU K 17 -11.34 -13.33 34.47
CA LEU K 17 -12.26 -12.16 34.32
C LEU K 17 -12.96 -11.97 35.67
N ARG K 18 -13.45 -13.05 36.27
CA ARG K 18 -14.19 -12.98 37.55
C ARG K 18 -13.32 -12.29 38.62
N VAL K 19 -12.03 -12.64 38.66
CA VAL K 19 -11.08 -12.17 39.70
C VAL K 19 -10.90 -10.64 39.58
N THR K 20 -10.88 -10.10 38.35
CA THR K 20 -10.62 -8.65 38.07
C THR K 20 -11.93 -7.85 38.05
N LEU K 21 -13.08 -8.52 38.06
CA LEU K 21 -14.40 -7.84 38.12
C LEU K 21 -14.79 -7.72 39.59
N VAL K 22 -15.52 -6.65 39.93
CA VAL K 22 -16.18 -6.47 41.26
C VAL K 22 -17.65 -6.85 41.09
N ASP K 23 -18.13 -7.75 41.95
CA ASP K 23 -19.41 -8.47 41.76
C ASP K 23 -20.25 -8.36 43.02
N PRO K 24 -20.82 -7.17 43.32
CA PRO K 24 -21.57 -6.99 44.57
C PRO K 24 -22.80 -7.88 44.71
N ASN K 25 -23.45 -8.29 43.62
CA ASN K 25 -24.68 -9.14 43.64
C ASN K 25 -24.31 -10.63 43.55
N ASN K 26 -23.02 -10.96 43.42
CA ASN K 26 -22.54 -12.36 43.37
C ASN K 26 -23.15 -13.11 42.19
N VAL K 27 -23.27 -12.43 41.06
CA VAL K 27 -23.78 -12.97 39.76
C VAL K 27 -22.85 -14.09 39.29
N LEU K 28 -21.58 -14.09 39.73
CA LEU K 28 -20.55 -15.01 39.19
C LEU K 28 -20.28 -16.14 40.19
N GLN K 29 -21.16 -16.34 41.17
CA GLN K 29 -20.92 -17.34 42.25
C GLN K 29 -20.85 -18.76 41.64
N SER K 30 -21.57 -19.00 40.55
CA SER K 30 -21.64 -20.31 39.83
C SER K 30 -20.32 -20.62 39.14
N TRP K 31 -19.43 -19.64 39.02
CA TRP K 31 -18.19 -19.76 38.23
C TRP K 31 -17.14 -20.53 39.02
N ASP K 32 -17.34 -21.84 39.19
CA ASP K 32 -16.43 -22.75 39.93
C ASP K 32 -15.28 -23.14 39.01
N PRO K 33 -14.03 -22.71 39.27
CA PRO K 33 -12.91 -23.04 38.38
C PRO K 33 -12.57 -24.54 38.38
N THR K 34 -13.05 -25.29 39.39
CA THR K 34 -12.78 -26.74 39.56
C THR K 34 -13.68 -27.56 38.63
N LEU K 35 -14.69 -26.94 38.00
CA LEU K 35 -15.50 -27.62 36.95
C LEU K 35 -14.64 -27.75 35.69
N VAL K 36 -14.76 -28.88 35.00
CA VAL K 36 -13.94 -29.21 33.81
C VAL K 36 -14.21 -28.18 32.70
N ASN K 37 -15.47 -27.79 32.52
CA ASN K 37 -15.90 -26.79 31.50
C ASN K 37 -16.74 -25.73 32.20
N PRO K 38 -16.79 -24.50 31.65
CA PRO K 38 -17.58 -23.42 32.24
C PRO K 38 -19.05 -23.46 31.79
N CYS K 39 -19.46 -24.52 31.09
CA CYS K 39 -20.78 -24.63 30.41
C CYS K 39 -21.91 -24.66 31.43
N THR K 40 -21.70 -25.31 32.58
CA THR K 40 -22.71 -25.47 33.66
C THR K 40 -22.82 -24.17 34.46
N TRP K 41 -21.88 -23.25 34.28
CA TRP K 41 -21.89 -21.91 34.93
C TRP K 41 -23.12 -21.16 34.44
N PHE K 42 -23.77 -20.41 35.33
CA PHE K 42 -24.86 -19.48 34.93
C PHE K 42 -24.20 -18.30 34.21
N HIS K 43 -24.92 -17.69 33.27
CA HIS K 43 -24.49 -16.53 32.46
C HIS K 43 -23.51 -16.98 31.37
N VAL K 44 -23.22 -18.27 31.28
CA VAL K 44 -22.31 -18.84 30.24
C VAL K 44 -23.10 -19.90 29.47
N THR K 45 -23.08 -19.83 28.15
CA THR K 45 -23.72 -20.83 27.25
C THR K 45 -22.65 -21.46 26.35
N CYS K 46 -22.66 -22.79 26.23
CA CYS K 46 -21.69 -23.56 25.41
C CYS K 46 -22.39 -24.20 24.20
N ASN K 47 -21.60 -24.58 23.19
CA ASN K 47 -22.11 -25.28 21.98
C ASN K 47 -22.17 -26.78 22.28
N ASN K 48 -22.51 -27.61 21.30
CA ASN K 48 -22.62 -29.08 21.45
C ASN K 48 -21.25 -29.69 21.68
N GLU K 49 -20.18 -28.97 21.33
CA GLU K 49 -18.78 -29.41 21.55
C GLU K 49 -18.28 -28.83 22.88
N ASN K 50 -19.17 -28.24 23.68
CA ASN K 50 -18.93 -27.68 25.04
C ASN K 50 -17.88 -26.58 25.00
N SER K 51 -17.94 -25.72 23.98
CA SER K 51 -17.11 -24.50 23.86
C SER K 51 -18.03 -23.29 24.06
N VAL K 52 -17.56 -22.27 24.79
CA VAL K 52 -18.40 -21.09 25.13
C VAL K 52 -18.78 -20.39 23.82
N ILE K 53 -20.07 -20.13 23.64
CA ILE K 53 -20.60 -19.37 22.48
C ILE K 53 -21.23 -18.06 22.97
N ARG K 54 -21.67 -18.00 24.23
CA ARG K 54 -22.34 -16.79 24.79
C ARG K 54 -21.88 -16.52 26.22
N VAL K 55 -21.59 -15.27 26.55
CA VAL K 55 -21.42 -14.77 27.94
C VAL K 55 -22.45 -13.64 28.13
N ASP K 56 -23.42 -13.84 29.01
CA ASP K 56 -24.56 -12.91 29.18
C ASP K 56 -24.53 -12.30 30.58
N LEU K 57 -23.90 -11.14 30.73
CA LEU K 57 -23.65 -10.49 32.04
C LEU K 57 -24.11 -9.03 32.03
N GLY K 58 -25.12 -8.68 31.23
CA GLY K 58 -25.67 -7.30 31.20
C GLY K 58 -26.55 -7.00 32.40
N ASN K 59 -26.55 -5.74 32.85
CA ASN K 59 -27.34 -5.23 33.99
C ASN K 59 -27.04 -6.07 35.23
N ALA K 60 -25.76 -6.29 35.53
CA ALA K 60 -25.31 -7.15 36.66
C ALA K 60 -24.67 -6.32 37.77
N GLU K 61 -24.65 -4.98 37.64
CA GLU K 61 -24.00 -4.06 38.62
C GLU K 61 -22.52 -4.43 38.75
N LEU K 62 -21.93 -4.96 37.68
CA LEU K 62 -20.50 -5.37 37.65
C LEU K 62 -19.63 -4.12 37.51
N SER K 63 -18.57 -4.04 38.30
CA SER K 63 -17.53 -2.99 38.25
C SER K 63 -16.20 -3.69 37.98
N GLY K 64 -15.16 -2.95 37.66
CA GLY K 64 -13.82 -3.53 37.49
C GLY K 64 -13.34 -3.40 36.05
N HIS K 65 -12.41 -4.24 35.66
CA HIS K 65 -11.72 -4.15 34.36
C HIS K 65 -11.82 -5.46 33.63
N LEU K 66 -11.88 -5.43 32.31
CA LEU K 66 -11.83 -6.65 31.48
C LEU K 66 -10.39 -7.14 31.45
N VAL K 67 -10.21 -8.37 31.00
CA VAL K 67 -8.89 -9.05 30.94
C VAL K 67 -8.61 -9.40 29.49
N PRO K 68 -7.34 -9.42 29.05
CA PRO K 68 -7.00 -9.87 27.71
C PRO K 68 -7.36 -11.34 27.46
N GLU K 69 -7.58 -12.12 28.52
CA GLU K 69 -7.75 -13.59 28.43
C GLU K 69 -9.12 -13.95 27.84
N LEU K 70 -10.00 -12.97 27.64
CA LEU K 70 -11.30 -13.20 26.96
C LEU K 70 -11.05 -13.63 25.51
N GLY K 71 -9.88 -13.29 24.94
CA GLY K 71 -9.50 -13.63 23.55
C GLY K 71 -9.37 -15.13 23.32
N VAL K 72 -9.16 -15.92 24.38
CA VAL K 72 -9.02 -17.40 24.32
C VAL K 72 -10.33 -18.04 23.83
N LEU K 73 -11.49 -17.41 24.09
CA LEU K 73 -12.82 -17.98 23.77
C LEU K 73 -13.07 -17.84 22.27
N LYS K 74 -12.41 -18.68 21.47
CA LYS K 74 -12.42 -18.59 19.98
C LYS K 74 -13.84 -18.74 19.42
N ASN K 75 -14.64 -19.66 19.98
CA ASN K 75 -15.99 -19.99 19.43
C ASN K 75 -17.04 -19.04 20.02
N LEU K 76 -16.63 -18.05 20.82
CA LEU K 76 -17.57 -17.06 21.39
C LEU K 76 -18.26 -16.31 20.25
N GLN K 77 -19.59 -16.20 20.32
CA GLN K 77 -20.43 -15.49 19.30
CA GLN K 77 -20.42 -15.48 19.30
C GLN K 77 -21.06 -14.23 19.92
N TYR K 78 -21.44 -14.29 21.19
CA TYR K 78 -22.12 -13.14 21.82
C TYR K 78 -21.43 -12.80 23.14
N LEU K 79 -20.86 -11.60 23.24
CA LEU K 79 -20.31 -11.05 24.50
C LEU K 79 -21.20 -9.91 24.98
N GLU K 80 -21.94 -10.14 26.05
CA GLU K 80 -22.94 -9.16 26.55
C GLU K 80 -22.53 -8.69 27.94
N LEU K 81 -21.85 -7.53 28.00
CA LEU K 81 -21.33 -6.94 29.26
C LEU K 81 -21.91 -5.55 29.46
N TYR K 82 -23.07 -5.27 28.86
CA TYR K 82 -23.69 -3.93 28.82
C TYR K 82 -24.38 -3.58 30.14
N SER K 83 -24.80 -2.32 30.29
CA SER K 83 -25.49 -1.78 31.49
C SER K 83 -24.76 -2.20 32.78
N ASN K 84 -23.44 -1.97 32.83
CA ASN K 84 -22.61 -2.20 34.05
C ASN K 84 -21.73 -0.96 34.25
N ASN K 85 -20.83 -0.99 35.23
CA ASN K 85 -19.87 0.12 35.47
C ASN K 85 -18.44 -0.38 35.20
N ILE K 86 -18.26 -1.30 34.27
CA ILE K 86 -16.91 -1.85 33.93
C ILE K 86 -16.07 -0.70 33.37
N THR K 87 -14.86 -0.53 33.88
CA THR K 87 -13.99 0.63 33.57
C THR K 87 -12.73 0.14 32.86
N GLY K 88 -11.92 1.08 32.39
CA GLY K 88 -10.61 0.78 31.79
C GLY K 88 -10.73 0.51 30.30
N PRO K 89 -9.65 0.03 29.66
CA PRO K 89 -9.62 -0.14 28.21
C PRO K 89 -10.40 -1.36 27.68
N ILE K 90 -10.75 -1.32 26.40
CA ILE K 90 -11.28 -2.50 25.67
C ILE K 90 -10.06 -3.29 25.21
N PRO K 91 -9.88 -4.54 25.69
CA PRO K 91 -8.68 -5.31 25.34
C PRO K 91 -8.53 -5.52 23.82
N SER K 92 -7.31 -5.38 23.33
CA SER K 92 -6.96 -5.64 21.91
C SER K 92 -7.25 -7.11 21.57
N ASN K 93 -7.15 -8.01 22.56
CA ASN K 93 -7.24 -9.47 22.31
C ASN K 93 -8.68 -9.85 21.96
N LEU K 94 -9.64 -8.95 22.19
CA LEU K 94 -11.05 -9.18 21.77
C LEU K 94 -11.10 -9.33 20.26
N GLY K 95 -10.08 -8.87 19.54
CA GLY K 95 -9.95 -9.06 18.09
C GLY K 95 -9.69 -10.51 17.74
N ASN K 96 -9.21 -11.31 18.70
CA ASN K 96 -8.90 -12.75 18.48
C ASN K 96 -10.18 -13.58 18.57
N LEU K 97 -11.31 -12.97 18.98
CA LEU K 97 -12.63 -13.63 19.00
C LEU K 97 -13.18 -13.68 17.58
N THR K 98 -12.69 -14.61 16.74
CA THR K 98 -12.98 -14.66 15.29
C THR K 98 -14.48 -14.87 15.05
N ASN K 99 -15.13 -15.73 15.84
CA ASN K 99 -16.53 -16.14 15.58
C ASN K 99 -17.50 -15.16 16.23
N LEU K 100 -17.01 -14.05 16.81
CA LEU K 100 -17.87 -13.09 17.53
C LEU K 100 -18.87 -12.49 16.55
N VAL K 101 -20.13 -12.43 16.96
CA VAL K 101 -21.26 -11.85 16.18
C VAL K 101 -21.73 -10.58 16.87
N SER K 102 -21.66 -10.52 18.20
CA SER K 102 -22.12 -9.35 18.99
C SER K 102 -21.05 -8.93 20.01
N LEU K 103 -20.69 -7.64 20.00
CA LEU K 103 -19.84 -7.02 21.05
C LEU K 103 -20.65 -5.89 21.68
N ASP K 104 -21.39 -6.20 22.74
CA ASP K 104 -22.26 -5.23 23.44
C ASP K 104 -21.59 -4.80 24.75
N LEU K 105 -20.82 -3.72 24.69
CA LEU K 105 -20.10 -3.17 25.88
C LEU K 105 -20.71 -1.83 26.25
N TYR K 106 -21.93 -1.57 25.77
CA TYR K 106 -22.57 -0.24 25.92
C TYR K 106 -23.00 -0.02 27.37
N LEU K 107 -23.33 1.23 27.69
CA LEU K 107 -23.78 1.67 29.02
C LEU K 107 -22.80 1.18 30.08
N ASN K 108 -21.50 1.45 29.86
CA ASN K 108 -20.39 1.16 30.80
C ASN K 108 -19.50 2.40 30.86
N SER K 109 -18.42 2.35 31.64
CA SER K 109 -17.46 3.48 31.78
C SER K 109 -16.12 3.13 31.11
N PHE K 110 -16.13 2.33 30.05
CA PHE K 110 -14.90 1.99 29.28
C PHE K 110 -14.25 3.27 28.79
N SER K 111 -12.93 3.34 28.87
CA SER K 111 -12.14 4.50 28.43
C SER K 111 -11.07 4.03 27.44
N GLY K 112 -10.35 4.96 26.83
CA GLY K 112 -9.25 4.66 25.91
C GLY K 112 -9.77 4.43 24.49
N PRO K 113 -8.90 3.92 23.59
CA PRO K 113 -9.25 3.76 22.18
C PRO K 113 -10.13 2.55 21.89
N ILE K 114 -10.83 2.61 20.77
CA ILE K 114 -11.46 1.42 20.13
C ILE K 114 -10.32 0.67 19.44
N PRO K 115 -10.00 -0.57 19.85
CA PRO K 115 -8.88 -1.30 19.26
C PRO K 115 -9.04 -1.49 17.75
N GLU K 116 -7.94 -1.36 17.00
CA GLU K 116 -7.91 -1.60 15.53
C GLU K 116 -8.15 -3.09 15.29
N SER K 117 -7.83 -3.92 16.28
CA SER K 117 -7.99 -5.40 16.24
C SER K 117 -9.45 -5.79 15.98
N LEU K 118 -10.41 -4.95 16.38
CA LEU K 118 -11.85 -5.25 16.24
C LEU K 118 -12.21 -5.38 14.76
N GLY K 119 -11.38 -4.85 13.86
CA GLY K 119 -11.54 -5.02 12.41
C GLY K 119 -11.43 -6.48 12.00
N LYS K 120 -10.65 -7.27 12.74
CA LYS K 120 -10.39 -8.69 12.44
C LYS K 120 -11.61 -9.55 12.77
N LEU K 121 -12.65 -8.97 13.39
CA LEU K 121 -13.93 -9.67 13.69
C LEU K 121 -14.77 -9.79 12.42
N SER K 122 -14.45 -10.77 11.57
CA SER K 122 -15.04 -11.00 10.23
C SER K 122 -16.56 -11.22 10.30
N LYS K 123 -17.08 -11.88 11.34
CA LYS K 123 -18.51 -12.30 11.38
C LYS K 123 -19.34 -11.33 12.22
N LEU K 124 -18.76 -10.22 12.69
CA LEU K 124 -19.47 -9.32 13.63
C LEU K 124 -20.66 -8.69 12.92
N ARG K 125 -21.83 -8.70 13.57
CA ARG K 125 -23.08 -8.10 13.05
C ARG K 125 -23.48 -6.93 13.95
N PHE K 126 -23.13 -7.00 15.23
CA PHE K 126 -23.50 -5.95 16.22
C PHE K 126 -22.26 -5.43 16.92
N LEU K 127 -22.08 -4.10 16.89
CA LEU K 127 -21.04 -3.41 17.66
C LEU K 127 -21.69 -2.22 18.38
N ARG K 128 -22.06 -2.42 19.64
CA ARG K 128 -22.68 -1.35 20.46
C ARG K 128 -21.71 -0.97 21.59
N LEU K 129 -20.97 0.12 21.39
CA LEU K 129 -19.98 0.64 22.37
C LEU K 129 -20.48 1.99 22.88
N ASN K 130 -21.78 2.24 22.73
CA ASN K 130 -22.40 3.55 23.05
C ASN K 130 -22.43 3.77 24.57
N ASN K 131 -22.66 5.01 24.98
CA ASN K 131 -22.78 5.45 26.40
C ASN K 131 -21.57 4.93 27.18
N ASN K 132 -20.37 5.18 26.64
CA ASN K 132 -19.06 4.93 27.30
C ASN K 132 -18.26 6.23 27.25
N SER K 133 -17.03 6.22 27.77
CA SER K 133 -16.08 7.36 27.76
C SER K 133 -14.94 7.07 26.79
N LEU K 134 -15.18 6.31 25.72
CA LEU K 134 -14.13 5.94 24.75
C LEU K 134 -13.63 7.20 24.06
N THR K 135 -12.32 7.30 23.84
CA THR K 135 -11.64 8.47 23.24
C THR K 135 -10.85 7.99 22.02
N GLY K 136 -10.43 8.91 21.17
CA GLY K 136 -9.61 8.58 20.00
C GLY K 136 -10.45 8.58 18.74
N SER K 137 -9.88 8.07 17.64
CA SER K 137 -10.56 8.00 16.32
C SER K 137 -11.20 6.63 16.15
N ILE K 138 -12.17 6.53 15.25
CA ILE K 138 -12.86 5.27 14.91
C ILE K 138 -11.97 4.53 13.91
N PRO K 139 -11.49 3.31 14.23
CA PRO K 139 -10.62 2.58 13.31
C PRO K 139 -11.25 2.38 11.93
N MET K 140 -10.46 2.52 10.87
CA MET K 140 -10.94 2.33 9.48
C MET K 140 -11.11 0.82 9.22
N SER K 141 -10.47 -0.02 10.02
CA SER K 141 -10.56 -1.51 9.92
C SER K 141 -12.02 -1.97 10.01
N LEU K 142 -12.83 -1.26 10.78
CA LEU K 142 -14.25 -1.62 11.04
C LEU K 142 -15.04 -1.61 9.73
N THR K 143 -14.55 -0.89 8.72
CA THR K 143 -15.18 -0.82 7.38
C THR K 143 -15.01 -2.18 6.67
N ASN K 144 -13.96 -2.93 7.00
CA ASN K 144 -13.65 -4.24 6.37
C ASN K 144 -14.52 -5.35 6.98
N ILE K 145 -15.33 -5.05 8.00
CA ILE K 145 -16.31 -6.03 8.57
C ILE K 145 -17.57 -5.98 7.70
N THR K 146 -17.68 -6.89 6.73
CA THR K 146 -18.76 -6.95 5.73
C THR K 146 -20.09 -7.26 6.42
N THR K 147 -20.07 -8.10 7.46
CA THR K 147 -21.28 -8.63 8.13
C THR K 147 -21.92 -7.56 9.03
N LEU K 148 -21.24 -6.45 9.29
CA LEU K 148 -21.70 -5.47 10.30
C LEU K 148 -23.06 -4.92 9.85
N GLN K 149 -24.07 -4.96 10.73
CA GLN K 149 -25.44 -4.48 10.45
C GLN K 149 -25.89 -3.45 11.48
N VAL K 150 -25.40 -3.53 12.72
CA VAL K 150 -25.73 -2.56 13.80
C VAL K 150 -24.43 -1.96 14.35
N LEU K 151 -24.33 -0.62 14.37
CA LEU K 151 -23.21 0.13 14.98
C LEU K 151 -23.77 1.26 15.83
N ASP K 152 -23.35 1.37 17.08
CA ASP K 152 -23.70 2.53 17.94
C ASP K 152 -22.44 2.93 18.72
N LEU K 153 -21.78 4.00 18.27
CA LEU K 153 -20.60 4.59 18.96
C LEU K 153 -21.02 5.91 19.58
N SER K 154 -22.33 6.11 19.75
CA SER K 154 -22.91 7.38 20.26
C SER K 154 -22.56 7.59 21.74
N ASN K 155 -22.67 8.82 22.22
CA ASN K 155 -22.51 9.17 23.66
C ASN K 155 -21.14 8.67 24.11
N ASN K 156 -20.11 8.99 23.34
CA ASN K 156 -18.69 8.72 23.67
C ASN K 156 -17.92 10.04 23.51
N ARG K 157 -16.62 10.01 23.76
CA ARG K 157 -15.71 11.18 23.62
C ARG K 157 -14.78 10.95 22.42
N LEU K 158 -15.24 10.26 21.38
CA LEU K 158 -14.41 9.94 20.19
C LEU K 158 -14.20 11.22 19.37
N SER K 159 -13.13 11.26 18.58
CA SER K 159 -12.73 12.44 17.77
C SER K 159 -12.17 11.98 16.43
N GLY K 160 -12.29 12.81 15.40
CA GLY K 160 -11.62 12.59 14.11
C GLY K 160 -12.60 12.19 13.02
N SER K 161 -12.07 11.66 11.91
CA SER K 161 -12.85 11.31 10.71
C SER K 161 -13.78 10.13 11.02
N VAL K 162 -15.00 10.17 10.48
CA VAL K 162 -15.96 9.04 10.53
C VAL K 162 -15.94 8.36 9.17
N PRO K 163 -15.57 7.07 9.07
CA PRO K 163 -15.52 6.40 7.77
C PRO K 163 -16.91 6.33 7.13
N ASP K 164 -16.95 6.44 5.80
CA ASP K 164 -18.21 6.42 5.02
C ASP K 164 -18.18 5.25 4.02
N ASN K 165 -17.16 4.39 4.08
CA ASN K 165 -16.99 3.28 3.11
C ASN K 165 -17.22 1.92 3.79
N GLY K 166 -17.43 0.89 2.97
CA GLY K 166 -17.72 -0.49 3.41
C GLY K 166 -18.99 -0.54 4.22
N SER K 167 -18.97 -1.22 5.37
CA SER K 167 -20.12 -1.38 6.29
C SER K 167 -20.67 -0.02 6.70
N PHE K 168 -19.79 0.96 6.88
CA PHE K 168 -20.14 2.32 7.36
C PHE K 168 -20.95 3.07 6.31
N SER K 169 -20.95 2.59 5.05
CA SER K 169 -21.70 3.22 3.94
C SER K 169 -23.18 3.35 4.31
N LEU K 170 -23.72 2.35 5.00
CA LEU K 170 -25.18 2.26 5.31
C LEU K 170 -25.49 3.00 6.61
N PHE K 171 -24.49 3.41 7.39
CA PHE K 171 -24.73 3.83 8.80
C PHE K 171 -25.18 5.30 8.82
N THR K 172 -26.19 5.59 9.63
CA THR K 172 -26.83 6.91 9.79
C THR K 172 -26.06 7.72 10.82
N PRO K 173 -26.36 9.03 10.98
CA PRO K 173 -25.78 9.84 12.04
C PRO K 173 -26.06 9.40 13.48
N ILE K 174 -27.16 8.71 13.75
CA ILE K 174 -27.56 8.31 15.14
C ILE K 174 -26.46 7.45 15.76
N SER K 175 -25.74 6.70 14.93
CA SER K 175 -24.65 5.79 15.35
C SER K 175 -23.49 6.59 15.96
N PHE K 176 -23.17 7.77 15.41
CA PHE K 176 -21.95 8.52 15.80
C PHE K 176 -22.28 9.78 16.62
N ALA K 177 -23.50 9.89 17.17
CA ALA K 177 -23.99 11.10 17.84
C ALA K 177 -23.27 11.36 19.17
N ASN K 178 -23.29 12.62 19.61
CA ASN K 178 -22.79 13.10 20.92
C ASN K 178 -21.35 12.61 21.17
N ASN K 179 -20.44 12.98 20.27
CA ASN K 179 -18.98 12.68 20.40
C ASN K 179 -18.23 14.01 20.38
N LEU K 180 -16.99 14.02 20.88
CA LEU K 180 -16.22 15.25 21.18
C LEU K 180 -16.00 16.07 19.91
N ASP K 181 -15.36 15.49 18.89
CA ASP K 181 -14.92 16.24 17.70
C ASP K 181 -14.91 15.30 16.50
N LEU K 182 -16.07 14.76 16.16
CA LEU K 182 -16.19 13.85 15.00
C LEU K 182 -16.41 14.69 13.74
N CYS K 183 -15.52 14.53 12.77
CA CYS K 183 -15.60 15.22 11.45
C CYS K 183 -15.95 14.17 10.41
N GLY K 184 -16.81 14.51 9.45
CA GLY K 184 -17.04 13.65 8.29
C GLY K 184 -18.38 13.97 7.63
N PRO K 185 -18.72 13.30 6.50
CA PRO K 185 -20.02 13.45 5.86
CA PRO K 185 -20.03 13.47 5.87
C PRO K 185 -21.25 13.15 6.76
N VAL K 186 -21.15 12.14 7.62
CA VAL K 186 -22.28 11.74 8.52
C VAL K 186 -22.51 12.86 9.53
N THR K 187 -21.43 13.55 9.94
CA THR K 187 -21.47 14.65 10.94
C THR K 187 -21.78 15.95 10.21
N SER K 188 -22.29 16.95 10.93
CA SER K 188 -22.43 18.36 10.46
C SER K 188 -21.07 18.87 9.97
N HIS K 189 -20.06 18.83 10.84
CA HIS K 189 -18.74 19.45 10.60
C HIS K 189 -17.96 18.66 9.56
N PRO K 190 -17.60 19.22 8.39
CA PRO K 190 -16.72 18.52 7.45
C PRO K 190 -15.29 18.48 8.01
N CYS K 191 -14.46 17.57 7.52
CA CYS K 191 -13.09 17.35 8.03
C CYS K 191 -12.17 18.44 7.50
N PRO K 192 -11.14 18.84 8.27
CA PRO K 192 -10.16 19.85 7.83
C PRO K 192 -9.93 19.86 6.32
N LEU L 2 -0.74 -21.91 45.82
CA LEU L 2 -0.20 -23.04 46.64
C LEU L 2 -1.33 -23.68 47.48
N VAL L 3 -2.01 -24.68 46.92
CA VAL L 3 -2.99 -25.56 47.64
C VAL L 3 -2.19 -26.50 48.55
N SER L 5 -1.03 -30.20 50.15
CA SER L 5 -0.87 -31.51 49.55
C SER L 5 -2.13 -32.35 49.76
N GLY L 6 -2.61 -33.00 48.70
CA GLY L 6 -3.85 -33.80 48.70
C GLY L 6 -4.50 -33.80 47.32
N ASN L 8 -6.65 -33.60 43.72
CA ASN L 8 -7.18 -32.53 42.91
C ASN L 8 -8.69 -32.72 42.72
N PRO L 9 -9.53 -31.81 43.23
CA PRO L 9 -10.98 -32.03 43.27
C PRO L 9 -11.72 -31.57 42.00
N LEU L 10 -11.23 -31.95 40.81
CA LEU L 10 -11.89 -31.62 39.52
C LEU L 10 -13.16 -32.48 39.38
N HIS L 11 -14.24 -31.88 38.89
CA HIS L 11 -15.56 -32.56 38.80
C HIS L 11 -16.35 -31.98 37.62
N ASN L 12 -17.44 -32.64 37.26
CA ASN L 12 -18.34 -32.23 36.15
C ASN L 12 -19.58 -31.56 36.72
#